data_7UM0
#
_entry.id   7UM0
#
_cell.length_a   1.00
_cell.length_b   1.00
_cell.length_c   1.00
_cell.angle_alpha   90.00
_cell.angle_beta   90.00
_cell.angle_gamma   90.00
#
_symmetry.space_group_name_H-M   'P 1'
#
loop_
_entity.id
_entity.type
_entity.pdbx_description
1 polymer 'DNA-directed RNA polymerase subunit'
2 polymer "DNA-directed RNA polymerase beta' subunit"
3 polymer 'DNA-directed RNA polymerase beta subunit'
4 polymer 'DNA-directed RNA polymerase'
5 polymer 'DNA-directed RNA polymerase'
6 polymer "DNA (5'-D(P*GP*UP*U)-3')"
7 non-polymer 'ZINC ION'
#
loop_
_entity_poly.entity_id
_entity_poly.type
_entity_poly.pdbx_seq_one_letter_code
_entity_poly.pdbx_strand_id
1 'polypeptide(L)'
;MDILENYVSFDEQARDINIAFDKLFGRDDISHMNNFSINKRSYYNCLDQISDDLNLVLNKYNDLAYSLLEIRYNMATKEN
YTHMEFYSDIERLFIKNEKLLNVISDIVEEEYDLDLNQASKGKKINIELQVTDNLNKIYLKSSVLMRILIPILCDFNCDD
DINEVLVYDIFKEVIKSFDDGKKNALNKLYKIIYSRVFETKYSDVVIWTYLKNMSTDLMIIVKDYFKVIIKKIFPKLKHN
SSVISYLDVVIKQKLKYLFTFKYPISYKPLKAETTDDEELSEQERMEINLLRNDQGNSIINECSIKQEIAKIKKKYNVTD
EVMKEFINGRELNSIQIYLVKIYYSNKFKVNSNKNDIFYLLYGMTRELGEMNFSIIPEILSCAIAPNVRKMNNRKKLVDK
IIHSDKYSYLLKSYLPIKNILDKNNVILQLMTIKNAKFMNKENKEVDFSTDHLAEEVLDMLLCI
;
A
2 'polypeptide(L)'
;MGSSHHHHHHSSGENLYFQGHHMGKKLSLIDFNEIYNEENLITRANPIENHEFSDDGIYSERIFGSYNEDDDDKDIDTIG
WINIEPYYIINPILFTIIKKCIPSINKIINYQQSIDQNGENIDLTEEIGEDDYIGLVKFKDNFDDLLEKYTDKKKYQKEY
DFLIENHDKIFINKLPVFSHKLRPATLLTGSKGKVLAFDEINNYYNFVIEYINQINEGVVSDDSIDLLLLPLLYNMQFYA
NNILTRIISEYLRGKKGFLRKNIMGSRINFSARNVITPLIGHPIDEVAMPYKTFAELYKFQLINLISKVKGINYNEALKF
WEKGILGFNQELYNYMEELITKTKGGCTFLLNRNPTISIGSILYLKIGLIKKDYKDLTLGISNNLLSALSGDYDGDVLNI
IPVFDNKMKEHFSLLSPQNFLVDRNNGRFNGDFDLQKDQILGIFILNN
;
d
3 'polypeptide(L)'
;MISNFRKFHGNKNQEKFNENLILNKENESILNYLDPICKTLEIIPEITYLGSSVEPINKVYKFNKEEKTSDIERSELQLI
KMSFLIEKDDKKEEINKFIYFPKLIDSQYFIINGNRYYPIYQLLDSGTYRTNKALTLKTLLMPIVLREKKETFDDINGET
HTMLNVDLDLFKSKVPFLIYFFSKFGFEGTLEYFGLQDLIHVLMKEDLDQLDEDEINDNVIFMITKNISLVVDKNFFSNK
NNQIIIATLLNCFNTRIKIDKIYEKDYWVKKLGGYFTTNNSNKQEKGEGIILSFERILDEWTKKILRTEEKNKEDIYSVV
RWMINNYLALVKQDNMNLANKRIRLYEYLLHPLLIKFSKGTYRVLNNRNSNKFEKIKTIFSNIQEGFLVKKIINNELLRY
DNSVNSISLFTLILRYTQSGPQSPFSSNSTNNKLRGLHPSYLGRLGLTSTSAGDPGASGSLTPFLELPENSYMHFTEEPE
INLNIDDISIDEVIES
;
c
4 'polypeptide(L)'
;MEKTYNLNDILLSNEYEKIKEDIKEEIINDMASKKVKYSNTSEFAKNDFLKDEFIDLVVDGETYEITYGNLITLLIVARP
FNHFKVPMTEDLLFDLSDLKEYQNYYTTLLEHFGYSNEIKSIIKDVISELAIFSGDINVTFGNTVSIKSLIDLGNKVKRF
RELLHYRLPNDEALEFNDIEAIIKKNLDEIMKILSETDNMLRYYIDSGAGINSKQFGQVLSLVGSKPDLFGKIIPYPINT
SFLRGLDVRSFYINALGARKALITNYQQVRNSGYLTRKISMLLMDTKLIDLDDCGSHENNYLSINVENKDVLKRFSKRSY
LNNNGELVEIDINDESLIGQVIKIPSPTTCASNEGVCRKCYGKLFDINKDLNIGMIAVLLLTDPLTQRLLSAKHLLETRS
SKIDWGTNFEENFIVNRNLIYPKVYNGTVIIKEDDFKEDEETEEQVFDTFTLKSGNRFISISSPMRLFLNKDLKKQLDES
FYNIEEMQFEIPLNKLDEGDSFATFIMDNNELSKPLREIKDLIETNKYIKDHNVNEVVNYFIYLLNESGINIQSVHSELI
IREMMKLDDSDRTQFKNDKMPDYEIFRITDANLKGDSLSRSLLFEQVKKQLTTLDYDTFNKTKSSILDKLL
;
D
5 'polypeptide(L)'
;MDDISVIKNEDYEGSHRFLAEELLMPNANKTDGNRSTMFCSHLAQAVTLQKAEPPLVYTNFENQVGKYSTAGYRKANSNY
KVIEKIYKNDYNYVLIVQDQETGEYTLFERAECEFLTEHYGFQWDNDKIDSLKKDDTIEKDTVLYKNTCYDENMNFGYGV
NLNAAYFSYKNETLEDAIVISESAAKKLGTFSVNKVKVSVNTNDILLNLYGDNENYKGFPDIGEHIKNQIIASRRRFDYN
TALYELKNLNEMRDSDTPFFADGKIVDIEIFSNVPEEELKVQKYNEQVLYYINKQKEFSNNVYQKLKKIVEGKDNNVSDK
LLHFYNNCKMRIDENISYTYQNSKFSGFIMEFTILEEEPLNKGSKITGRYGNKGVISKILPDDQMPTVAEGRFKGLKADI
CLNPLGVFNRLNPSQLIEQELNWIAKFIRKDMEEAGSNEEKVSILLDFLNRVNKEETELMEEFINSLNKTELEEFLNDII
ENGIPICQKPFFGNIGLDELWELYNHYDHIDYFKCEGISTPLIIGEIYMVRLKHEPHSKFSARSTSFMNLRGLPAKSKNF
KEHKDLYSKTPVRIGNMEISNLSLTNEMGSIMDMLNSYSNNETNRRELIMQLLTGNPFDTNIDLSDVESGTSKILKSLFT
CLGLSIDDVEEEWENKLNGKVEDEK
;
C
6 'polydeoxyribonucleotide' (DG)(DU)(DU) B
#
# COMPACT_ATOMS: atom_id res chain seq x y z
N ASN A 6 -54.91 -62.95 -16.47
CA ASN A 6 -54.17 -61.69 -16.57
C ASN A 6 -54.99 -60.62 -17.28
N TYR A 7 -54.71 -59.36 -16.94
CA TYR A 7 -55.42 -58.23 -17.52
C TYR A 7 -54.50 -57.11 -17.99
N VAL A 8 -53.21 -57.18 -17.68
CA VAL A 8 -52.28 -56.09 -17.88
C VAL A 8 -51.51 -56.32 -19.18
N SER A 9 -51.29 -55.24 -19.94
CA SER A 9 -50.39 -55.27 -21.09
C SER A 9 -49.86 -53.86 -21.29
N PHE A 10 -48.54 -53.72 -21.32
CA PHE A 10 -47.96 -52.39 -21.50
C PHE A 10 -47.61 -52.15 -22.96
N ASP A 11 -48.05 -51.01 -23.48
CA ASP A 11 -47.78 -50.61 -24.86
C ASP A 11 -46.71 -49.53 -24.83
N GLU A 12 -45.53 -49.86 -25.37
CA GLU A 12 -44.44 -48.90 -25.39
C GLU A 12 -44.69 -47.79 -26.40
N GLN A 13 -45.36 -48.11 -27.51
CA GLN A 13 -45.65 -47.10 -28.53
C GLN A 13 -46.55 -46.00 -27.97
N ALA A 14 -47.59 -46.37 -27.24
CA ALA A 14 -48.41 -45.39 -26.54
C ALA A 14 -47.81 -45.00 -25.20
N ARG A 15 -46.74 -45.67 -24.77
CA ARG A 15 -46.07 -45.38 -23.49
C ARG A 15 -47.06 -45.49 -22.34
N ASP A 16 -47.97 -46.46 -22.42
CA ASP A 16 -49.05 -46.59 -21.47
C ASP A 16 -49.16 -48.04 -21.01
N ILE A 17 -50.04 -48.26 -20.03
CA ILE A 17 -50.33 -49.60 -19.52
C ILE A 17 -51.84 -49.80 -19.56
N ASN A 18 -52.29 -50.83 -20.29
CA ASN A 18 -53.71 -51.10 -20.45
C ASN A 18 -54.13 -52.29 -19.59
N ILE A 19 -55.20 -52.10 -18.83
CA ILE A 19 -55.75 -53.13 -17.95
C ILE A 19 -57.10 -53.54 -18.49
N ALA A 20 -57.35 -54.85 -18.58
CA ALA A 20 -58.59 -55.39 -19.08
C ALA A 20 -59.66 -55.25 -18.00
N PHE A 21 -60.22 -54.04 -17.90
CA PHE A 21 -61.28 -53.79 -16.94
C PHE A 21 -62.55 -54.56 -17.29
N ASP A 22 -62.82 -54.74 -18.59
CA ASP A 22 -63.95 -55.56 -19.00
C ASP A 22 -63.83 -56.99 -18.49
N LYS A 23 -62.61 -57.52 -18.39
CA LYS A 23 -62.40 -58.80 -17.73
C LYS A 23 -62.27 -58.66 -16.22
N LEU A 24 -61.85 -57.49 -15.75
CA LEU A 24 -61.72 -57.28 -14.30
C LEU A 24 -63.07 -57.36 -13.60
N PHE A 25 -64.04 -56.58 -14.08
CA PHE A 25 -65.35 -56.56 -13.44
C PHE A 25 -66.51 -56.47 -14.43
N GLY A 26 -66.24 -56.45 -15.73
CA GLY A 26 -67.31 -56.30 -16.72
C GLY A 26 -67.82 -54.89 -16.91
N ARG A 27 -67.27 -53.90 -16.22
CA ARG A 27 -67.72 -52.53 -16.39
C ARG A 27 -66.87 -51.81 -17.42
N ASP A 28 -67.52 -51.27 -18.45
CA ASP A 28 -66.84 -50.61 -19.55
C ASP A 28 -66.77 -49.10 -19.37
N ASP A 29 -67.26 -48.57 -18.26
CA ASP A 29 -67.16 -47.13 -18.02
C ASP A 29 -65.70 -46.71 -17.91
N ILE A 30 -64.88 -47.50 -17.23
CA ILE A 30 -63.45 -47.25 -17.18
C ILE A 30 -62.74 -47.66 -18.47
N SER A 31 -63.30 -48.61 -19.23
CA SER A 31 -62.65 -49.08 -20.45
C SER A 31 -62.47 -47.96 -21.47
N HIS A 32 -63.23 -46.87 -21.33
CA HIS A 32 -63.06 -45.73 -22.22
C HIS A 32 -61.67 -45.11 -22.08
N MET A 33 -61.21 -44.96 -20.84
CA MET A 33 -59.88 -44.44 -20.53
C MET A 33 -59.08 -45.43 -19.69
N ASN A 34 -59.20 -46.71 -20.04
CA ASN A 34 -58.57 -47.78 -19.26
C ASN A 34 -57.06 -47.67 -19.28
N ASN A 35 -56.51 -46.95 -20.25
CA ASN A 35 -55.06 -46.84 -20.36
C ASN A 35 -54.51 -45.90 -19.28
N PHE A 36 -53.44 -46.36 -18.62
CA PHE A 36 -52.72 -45.59 -17.61
C PHE A 36 -51.51 -44.94 -18.27
N SER A 37 -51.43 -43.62 -18.16
CA SER A 37 -50.41 -42.87 -18.86
C SER A 37 -49.12 -42.81 -18.04
N ILE A 38 -47.99 -42.73 -18.76
CA ILE A 38 -46.67 -42.60 -18.17
C ILE A 38 -45.99 -41.38 -18.79
N ASN A 39 -45.45 -40.50 -17.94
CA ASN A 39 -44.83 -39.28 -18.43
C ASN A 39 -43.35 -39.20 -18.04
N LYS A 40 -43.04 -39.50 -16.78
CA LYS A 40 -41.68 -39.37 -16.28
C LYS A 40 -40.75 -40.38 -16.95
N ARG A 41 -39.49 -40.00 -17.13
CA ARG A 41 -38.59 -40.75 -17.98
C ARG A 41 -38.11 -42.05 -17.33
N SER A 42 -38.10 -42.12 -16.00
CA SER A 42 -37.64 -43.35 -15.33
C SER A 42 -38.61 -44.49 -15.61
N TYR A 43 -39.90 -44.25 -15.38
CA TYR A 43 -40.90 -45.26 -15.73
C TYR A 43 -41.01 -45.43 -17.24
N TYR A 44 -40.82 -44.34 -17.99
CA TYR A 44 -40.76 -44.44 -19.44
C TYR A 44 -39.60 -45.34 -19.88
N ASN A 45 -38.61 -45.53 -19.02
CA ASN A 45 -37.49 -46.40 -19.36
C ASN A 45 -37.73 -47.83 -18.90
N CYS A 46 -38.35 -48.00 -17.73
CA CYS A 46 -38.49 -49.34 -17.14
C CYS A 46 -39.97 -49.64 -16.83
N LEU A 47 -40.85 -49.39 -17.81
CA LEU A 47 -42.24 -49.82 -17.69
C LEU A 47 -42.46 -51.27 -18.14
N ASP A 48 -41.70 -52.21 -17.57
CA ASP A 48 -41.92 -53.63 -17.81
C ASP A 48 -42.06 -54.39 -16.49
N GLN A 49 -41.16 -54.16 -15.53
CA GLN A 49 -41.32 -54.75 -14.22
C GLN A 49 -42.59 -54.24 -13.54
N ILE A 50 -43.08 -53.07 -13.94
CA ILE A 50 -44.34 -52.57 -13.42
C ILE A 50 -45.47 -53.53 -13.78
N SER A 51 -45.56 -53.89 -15.06
CA SER A 51 -46.58 -54.84 -15.49
C SER A 51 -46.34 -56.22 -14.88
N ASP A 52 -45.07 -56.61 -14.77
CA ASP A 52 -44.76 -57.90 -14.16
C ASP A 52 -45.26 -57.96 -12.72
N ASP A 53 -45.04 -56.89 -11.95
CA ASP A 53 -45.49 -56.87 -10.56
C ASP A 53 -47.01 -56.76 -10.48
N LEU A 54 -47.63 -56.01 -11.41
CA LEU A 54 -49.09 -56.03 -11.52
C LEU A 54 -49.60 -57.45 -11.63
N ASN A 55 -49.02 -58.24 -12.54
CA ASN A 55 -49.44 -59.62 -12.71
C ASN A 55 -49.16 -60.46 -11.46
N LEU A 56 -47.95 -60.30 -10.90
CA LEU A 56 -47.53 -61.17 -9.79
C LEU A 56 -48.29 -60.85 -8.51
N VAL A 57 -48.88 -59.65 -8.43
CA VAL A 57 -49.69 -59.30 -7.26
C VAL A 57 -51.17 -59.47 -7.52
N LEU A 58 -51.60 -59.54 -8.78
CA LEU A 58 -53.00 -59.74 -9.11
C LEU A 58 -53.38 -61.19 -9.30
N ASN A 59 -52.40 -62.07 -9.56
CA ASN A 59 -52.71 -63.46 -9.84
C ASN A 59 -53.18 -64.20 -8.59
N LYS A 60 -52.69 -63.80 -7.41
CA LYS A 60 -52.98 -64.58 -6.21
C LYS A 60 -54.46 -64.57 -5.86
N TYR A 61 -55.12 -63.41 -5.95
CA TYR A 61 -56.55 -63.34 -5.69
C TYR A 61 -57.07 -61.99 -6.17
N ASN A 62 -58.40 -61.90 -6.29
CA ASN A 62 -59.06 -60.77 -6.94
C ASN A 62 -59.49 -59.67 -5.98
N ASP A 63 -59.39 -59.88 -4.67
CA ASP A 63 -59.73 -58.78 -3.77
C ASP A 63 -58.70 -57.67 -3.84
N LEU A 64 -57.44 -57.99 -4.15
CA LEU A 64 -56.50 -56.95 -4.55
C LEU A 64 -56.85 -56.38 -5.91
N ALA A 65 -57.30 -57.24 -6.83
CA ALA A 65 -57.79 -56.72 -8.11
C ALA A 65 -58.99 -55.81 -7.89
N TYR A 66 -59.92 -56.22 -7.03
CA TYR A 66 -61.08 -55.38 -6.75
C TYR A 66 -60.67 -54.11 -6.01
N SER A 67 -59.61 -54.16 -5.22
CA SER A 67 -59.11 -52.97 -4.52
C SER A 67 -58.52 -51.97 -5.51
N LEU A 68 -57.73 -52.46 -6.47
CA LEU A 68 -57.24 -51.59 -7.54
C LEU A 68 -58.41 -51.03 -8.35
N LEU A 69 -59.46 -51.84 -8.51
CA LEU A 69 -60.67 -51.36 -9.16
C LEU A 69 -61.29 -50.22 -8.37
N GLU A 70 -61.34 -50.34 -7.04
CA GLU A 70 -61.87 -49.25 -6.23
C GLU A 70 -61.04 -47.99 -6.42
N ILE A 71 -59.71 -48.14 -6.41
CA ILE A 71 -58.83 -47.01 -6.63
C ILE A 71 -59.18 -46.30 -7.94
N ARG A 72 -59.18 -47.05 -9.04
CA ARG A 72 -59.37 -46.41 -10.34
C ARG A 72 -60.78 -45.85 -10.47
N TYR A 73 -61.78 -46.57 -9.92
CA TYR A 73 -63.16 -46.13 -10.00
C TYR A 73 -63.37 -44.84 -9.20
N ASN A 74 -62.68 -44.71 -8.07
CA ASN A 74 -62.86 -43.52 -7.24
C ASN A 74 -62.15 -42.31 -7.83
N MET A 75 -60.95 -42.51 -8.37
CA MET A 75 -60.33 -41.40 -9.11
C MET A 75 -61.14 -41.01 -10.33
N ALA A 76 -61.62 -41.98 -11.11
CA ALA A 76 -62.35 -41.64 -12.33
C ALA A 76 -63.67 -40.95 -12.01
N THR A 77 -64.47 -41.55 -11.11
CA THR A 77 -65.74 -40.94 -10.73
C THR A 77 -65.52 -39.63 -9.99
N LYS A 78 -64.51 -39.58 -9.13
CA LYS A 78 -64.19 -38.41 -8.31
C LYS A 78 -62.74 -38.02 -8.62
N GLU A 79 -62.55 -37.23 -9.66
CA GLU A 79 -61.22 -36.73 -9.98
C GLU A 79 -60.80 -35.62 -9.02
N ASN A 80 -61.76 -34.84 -8.54
CA ASN A 80 -61.50 -33.77 -7.60
C ASN A 80 -60.93 -34.32 -6.30
N TYR A 81 -59.76 -33.84 -5.92
CA TYR A 81 -59.08 -34.32 -4.72
C TYR A 81 -58.09 -33.26 -4.26
N THR A 82 -58.32 -32.71 -3.08
CA THR A 82 -57.32 -31.87 -2.45
C THR A 82 -56.15 -32.72 -1.97
N HIS A 83 -55.10 -32.04 -1.52
CA HIS A 83 -53.96 -32.77 -0.96
C HIS A 83 -54.40 -33.67 0.18
N MET A 84 -55.11 -33.10 1.16
CA MET A 84 -55.60 -33.89 2.29
C MET A 84 -56.60 -34.94 1.82
N GLU A 85 -57.50 -34.57 0.90
CA GLU A 85 -58.52 -35.51 0.44
C GLU A 85 -57.88 -36.70 -0.27
N PHE A 86 -56.98 -36.42 -1.22
CA PHE A 86 -56.33 -37.48 -1.96
C PHE A 86 -55.49 -38.35 -1.03
N TYR A 87 -54.75 -37.73 -0.10
CA TYR A 87 -53.94 -38.49 0.84
C TYR A 87 -54.81 -39.42 1.68
N SER A 88 -55.91 -38.89 2.23
CA SER A 88 -56.78 -39.69 3.10
C SER A 88 -57.41 -40.84 2.32
N ASP A 89 -57.87 -40.59 1.09
CA ASP A 89 -58.48 -41.68 0.34
C ASP A 89 -57.45 -42.73 -0.08
N ILE A 90 -56.22 -42.30 -0.36
CA ILE A 90 -55.16 -43.26 -0.63
C ILE A 90 -54.92 -44.14 0.60
N GLU A 91 -54.91 -43.53 1.79
CA GLU A 91 -54.82 -44.33 3.01
C GLU A 91 -55.97 -45.32 3.10
N ARG A 92 -57.20 -44.85 2.86
CA ARG A 92 -58.38 -45.69 3.05
C ARG A 92 -58.40 -46.87 2.10
N LEU A 93 -57.96 -46.67 0.85
CA LEU A 93 -58.23 -47.68 -0.18
C LEU A 93 -57.12 -48.72 -0.27
N PHE A 94 -55.86 -48.30 -0.15
CA PHE A 94 -54.73 -49.23 -0.22
C PHE A 94 -53.89 -49.30 1.04
N ILE A 95 -53.49 -48.15 1.59
CA ILE A 95 -52.48 -48.14 2.66
C ILE A 95 -52.98 -48.87 3.90
N LYS A 96 -54.24 -48.63 4.28
CA LYS A 96 -54.78 -49.20 5.51
C LYS A 96 -55.54 -50.50 5.27
N ASN A 97 -55.37 -51.11 4.09
CA ASN A 97 -55.94 -52.42 3.81
C ASN A 97 -54.94 -53.48 4.26
N GLU A 98 -55.20 -54.06 5.44
CA GLU A 98 -54.25 -55.01 6.03
C GLU A 98 -54.16 -56.30 5.22
N LYS A 99 -55.23 -56.68 4.53
CA LYS A 99 -55.21 -57.89 3.73
C LYS A 99 -54.11 -57.82 2.67
N LEU A 100 -53.94 -56.66 2.05
CA LEU A 100 -52.87 -56.47 1.08
C LEU A 100 -51.51 -56.69 1.73
N LEU A 101 -51.31 -56.14 2.94
CA LEU A 101 -50.03 -56.33 3.63
C LEU A 101 -49.77 -57.80 3.92
N ASN A 102 -50.78 -58.51 4.42
CA ASN A 102 -50.61 -59.92 4.75
C ASN A 102 -50.26 -60.72 3.50
N VAL A 103 -51.00 -60.51 2.41
CA VAL A 103 -50.77 -61.33 1.23
C VAL A 103 -49.44 -60.99 0.57
N ILE A 104 -49.03 -59.71 0.59
CA ILE A 104 -47.76 -59.35 -0.01
C ILE A 104 -46.61 -59.92 0.81
N SER A 105 -46.75 -59.91 2.14
CA SER A 105 -45.75 -60.55 2.99
C SER A 105 -45.66 -62.03 2.69
N ASP A 106 -46.81 -62.70 2.57
CA ASP A 106 -46.83 -64.14 2.31
C ASP A 106 -46.20 -64.46 0.96
N ILE A 107 -46.43 -63.63 -0.04
CA ILE A 107 -45.93 -63.95 -1.38
C ILE A 107 -44.47 -63.54 -1.55
N VAL A 108 -43.97 -62.59 -0.75
CA VAL A 108 -42.62 -62.09 -0.95
C VAL A 108 -41.61 -62.77 -0.03
N GLU A 109 -41.99 -63.11 1.21
CA GLU A 109 -41.01 -63.62 2.16
C GLU A 109 -40.46 -64.98 1.75
N GLU A 110 -41.16 -65.70 0.87
CA GLU A 110 -40.73 -67.05 0.52
C GLU A 110 -39.46 -67.03 -0.33
N GLU A 111 -39.36 -66.09 -1.28
CA GLU A 111 -38.30 -66.15 -2.28
C GLU A 111 -36.94 -65.79 -1.70
N TYR A 112 -36.91 -65.09 -0.57
CA TYR A 112 -35.65 -64.59 -0.02
C TYR A 112 -34.71 -65.74 0.31
N ASP A 113 -33.52 -65.74 -0.30
CA ASP A 113 -32.58 -66.85 -0.16
C ASP A 113 -31.24 -66.37 0.37
N LEU A 114 -30.80 -65.19 -0.03
CA LEU A 114 -29.52 -64.67 0.43
C LEU A 114 -29.52 -64.52 1.95
N ASP A 115 -28.48 -65.03 2.59
CA ASP A 115 -28.39 -65.05 4.05
C ASP A 115 -27.09 -64.41 4.48
N LEU A 116 -27.16 -63.14 4.88
CA LEU A 116 -25.99 -62.42 5.37
C LEU A 116 -25.69 -62.70 6.83
N ASN A 117 -26.57 -63.41 7.54
CA ASN A 117 -26.34 -63.68 8.95
C ASN A 117 -25.07 -64.51 9.15
N GLN A 118 -24.95 -65.64 8.45
CA GLN A 118 -23.76 -66.45 8.58
C GLN A 118 -22.59 -65.90 7.77
N ALA A 119 -22.87 -65.00 6.83
CA ALA A 119 -21.79 -64.38 6.05
C ALA A 119 -21.07 -63.31 6.84
N SER A 120 -21.80 -62.59 7.70
CA SER A 120 -21.21 -61.52 8.48
C SER A 120 -20.62 -61.99 9.80
N LYS A 121 -20.71 -63.29 10.11
CA LYS A 121 -20.13 -63.80 11.34
C LYS A 121 -18.62 -63.60 11.38
N GLY A 122 -17.95 -63.89 10.27
CA GLY A 122 -16.50 -63.72 10.19
C GLY A 122 -16.09 -62.32 9.80
N LYS A 123 -17.03 -61.53 9.28
CA LYS A 123 -16.71 -60.18 8.83
C LYS A 123 -16.62 -59.22 10.01
N LYS A 124 -16.01 -58.07 9.75
CA LYS A 124 -15.89 -56.99 10.73
C LYS A 124 -16.64 -55.77 10.21
N ILE A 125 -17.57 -55.26 11.02
CA ILE A 125 -18.38 -54.12 10.63
C ILE A 125 -18.84 -53.40 11.89
N ASN A 126 -19.21 -52.12 11.72
CA ASN A 126 -19.64 -51.32 12.85
C ASN A 126 -21.08 -51.64 13.23
N ILE A 127 -21.43 -51.31 14.47
CA ILE A 127 -22.78 -51.58 14.96
C ILE A 127 -23.81 -50.74 14.23
N GLU A 128 -23.51 -49.46 14.03
CA GLU A 128 -24.52 -48.54 13.47
C GLU A 128 -24.79 -48.84 12.00
N LEU A 129 -23.77 -49.25 11.25
CA LEU A 129 -23.93 -49.47 9.81
C LEU A 129 -24.29 -50.91 9.46
N GLN A 130 -24.27 -51.83 10.43
CA GLN A 130 -24.60 -53.22 10.14
C GLN A 130 -26.07 -53.35 9.76
N VAL A 131 -26.34 -54.23 8.80
CA VAL A 131 -27.68 -54.45 8.28
C VAL A 131 -28.10 -55.87 8.60
N THR A 132 -29.23 -56.01 9.29
CA THR A 132 -29.80 -57.32 9.59
C THR A 132 -30.69 -57.77 8.44
N ASP A 133 -30.97 -59.08 8.42
CA ASP A 133 -31.80 -59.64 7.36
C ASP A 133 -33.24 -59.12 7.43
N ASN A 134 -33.75 -58.85 8.63
CA ASN A 134 -35.11 -58.37 8.78
C ASN A 134 -35.29 -57.02 8.07
N LEU A 135 -34.30 -56.13 8.20
CA LEU A 135 -34.36 -54.86 7.51
C LEU A 135 -34.38 -55.05 5.99
N ASN A 136 -33.60 -56.00 5.49
CA ASN A 136 -33.59 -56.27 4.06
C ASN A 136 -34.96 -56.77 3.59
N LYS A 137 -35.57 -57.69 4.35
CA LYS A 137 -36.90 -58.17 4.01
C LYS A 137 -37.92 -57.04 4.01
N ILE A 138 -37.84 -56.16 5.02
CA ILE A 138 -38.77 -55.04 5.09
C ILE A 138 -38.61 -54.12 3.89
N TYR A 139 -37.35 -53.82 3.53
CA TYR A 139 -37.10 -52.95 2.39
C TYR A 139 -37.65 -53.55 1.10
N LEU A 140 -37.38 -54.85 0.87
CA LEU A 140 -37.86 -55.49 -0.35
C LEU A 140 -39.39 -55.54 -0.39
N LYS A 141 -40.01 -55.87 0.74
CA LYS A 141 -41.47 -55.91 0.79
C LYS A 141 -42.07 -54.54 0.53
N SER A 142 -41.47 -53.49 1.09
CA SER A 142 -41.95 -52.14 0.83
C SER A 142 -41.76 -51.75 -0.63
N SER A 143 -40.65 -52.16 -1.24
CA SER A 143 -40.37 -51.77 -2.62
C SER A 143 -41.33 -52.47 -3.58
N VAL A 144 -41.76 -53.69 -3.25
CA VAL A 144 -42.72 -54.37 -4.12
C VAL A 144 -44.02 -53.58 -4.19
N LEU A 145 -44.52 -53.16 -3.03
CA LEU A 145 -45.74 -52.35 -3.01
C LEU A 145 -45.48 -50.97 -3.63
N MET A 146 -44.24 -50.48 -3.49
CA MET A 146 -43.83 -49.27 -4.19
C MET A 146 -44.08 -49.38 -5.68
N ARG A 147 -43.56 -50.46 -6.29
CA ARG A 147 -43.72 -50.65 -7.72
C ARG A 147 -45.18 -50.84 -8.11
N ILE A 148 -45.93 -51.60 -7.30
CA ILE A 148 -47.33 -51.84 -7.69
C ILE A 148 -48.14 -50.55 -7.58
N LEU A 149 -47.78 -49.66 -6.65
CA LEU A 149 -48.50 -48.40 -6.48
C LEU A 149 -48.03 -47.31 -7.43
N ILE A 150 -46.87 -47.49 -8.07
CA ILE A 150 -46.35 -46.46 -8.98
C ILE A 150 -47.38 -45.97 -10.00
N PRO A 151 -48.11 -46.84 -10.73
CA PRO A 151 -49.00 -46.33 -11.78
C PRO A 151 -50.06 -45.34 -11.30
N ILE A 152 -50.68 -45.64 -10.15
CA ILE A 152 -51.77 -44.80 -9.67
C ILE A 152 -51.25 -43.43 -9.26
N LEU A 153 -50.11 -43.38 -8.58
CA LEU A 153 -49.54 -42.08 -8.19
C LEU A 153 -48.94 -41.36 -9.39
N CYS A 154 -48.67 -42.08 -10.48
CA CYS A 154 -48.42 -41.41 -11.74
C CYS A 154 -49.72 -40.83 -12.30
N ASP A 155 -50.85 -41.46 -12.00
CA ASP A 155 -52.15 -40.93 -12.42
C ASP A 155 -52.58 -39.73 -11.59
N PHE A 156 -51.83 -39.40 -10.54
CA PHE A 156 -52.15 -38.23 -9.72
C PHE A 156 -51.99 -36.97 -10.57
N ASN A 157 -53.05 -36.16 -10.63
CA ASN A 157 -53.19 -35.17 -11.67
C ASN A 157 -52.95 -33.72 -11.24
N CYS A 158 -52.44 -33.47 -10.05
CA CYS A 158 -52.21 -32.09 -9.63
C CYS A 158 -50.80 -31.63 -10.06
N ASP A 159 -50.37 -30.50 -9.52
CA ASP A 159 -49.16 -29.84 -9.98
C ASP A 159 -47.91 -30.66 -9.65
N ASP A 160 -46.89 -30.50 -10.50
CA ASP A 160 -45.71 -31.37 -10.44
C ASP A 160 -44.92 -31.17 -9.16
N ASP A 161 -44.85 -29.93 -8.66
CA ASP A 161 -44.21 -29.70 -7.37
C ASP A 161 -44.95 -30.46 -6.27
N ILE A 162 -46.25 -30.27 -6.17
CA ILE A 162 -47.04 -31.02 -5.20
C ILE A 162 -47.15 -32.49 -5.58
N ASN A 163 -47.05 -32.82 -6.87
CA ASN A 163 -46.92 -34.23 -7.24
C ASN A 163 -45.72 -34.86 -6.54
N GLU A 164 -44.55 -34.23 -6.66
CA GLU A 164 -43.36 -34.75 -6.00
C GLU A 164 -43.53 -34.79 -4.49
N VAL A 165 -44.11 -33.73 -3.92
CA VAL A 165 -44.29 -33.68 -2.47
C VAL A 165 -45.15 -34.85 -1.99
N LEU A 166 -46.30 -35.04 -2.63
CA LEU A 166 -47.24 -36.08 -2.21
C LEU A 166 -46.68 -37.47 -2.45
N VAL A 167 -45.97 -37.66 -3.56
CA VAL A 167 -45.33 -38.94 -3.83
C VAL A 167 -44.32 -39.28 -2.74
N TYR A 168 -43.46 -38.31 -2.41
CA TYR A 168 -42.45 -38.56 -1.39
C TYR A 168 -43.06 -38.82 -0.02
N ASP A 169 -44.13 -38.09 0.32
CA ASP A 169 -44.81 -38.34 1.59
C ASP A 169 -45.46 -39.73 1.62
N ILE A 170 -46.11 -40.12 0.52
CA ILE A 170 -46.74 -41.45 0.48
C ILE A 170 -45.69 -42.54 0.60
N PHE A 171 -44.51 -42.32 -0.01
CA PHE A 171 -43.47 -43.34 0.05
C PHE A 171 -42.92 -43.46 1.46
N LYS A 172 -42.59 -42.32 2.08
CA LYS A 172 -42.10 -42.35 3.45
C LYS A 172 -43.17 -42.82 4.43
N GLU A 173 -44.44 -42.77 4.03
CA GLU A 173 -45.50 -43.26 4.91
C GLU A 173 -45.67 -44.77 4.77
N VAL A 174 -45.60 -45.30 3.54
CA VAL A 174 -45.71 -46.74 3.38
C VAL A 174 -44.48 -47.43 3.94
N ILE A 175 -43.32 -46.74 3.95
CA ILE A 175 -42.13 -47.32 4.57
C ILE A 175 -42.37 -47.59 6.05
N LYS A 176 -42.97 -46.63 6.75
CA LYS A 176 -43.31 -46.83 8.15
C LYS A 176 -44.46 -47.82 8.31
N SER A 177 -45.42 -47.80 7.38
CA SER A 177 -46.57 -48.69 7.48
C SER A 177 -46.14 -50.16 7.41
N PHE A 178 -45.19 -50.47 6.51
CA PHE A 178 -44.65 -51.82 6.45
C PHE A 178 -43.86 -52.17 7.71
N ASP A 179 -43.41 -51.19 8.47
CA ASP A 179 -42.66 -51.40 9.71
C ASP A 179 -43.52 -51.17 10.95
N ASP A 180 -44.85 -51.07 10.78
CA ASP A 180 -45.78 -50.90 11.89
C ASP A 180 -45.49 -49.62 12.69
N GLY A 181 -44.98 -48.59 12.03
CA GLY A 181 -44.78 -47.31 12.66
C GLY A 181 -43.61 -47.22 13.63
N LYS A 182 -42.68 -48.17 13.59
CA LYS A 182 -41.55 -48.13 14.50
C LYS A 182 -40.59 -46.98 14.18
N LYS A 183 -40.61 -46.47 12.94
CA LYS A 183 -39.79 -45.33 12.55
C LYS A 183 -38.30 -45.62 12.75
N ASN A 184 -37.86 -46.74 12.18
CA ASN A 184 -36.48 -47.19 12.35
C ASN A 184 -35.73 -47.34 11.03
N ALA A 185 -36.35 -47.97 10.03
CA ALA A 185 -35.65 -48.24 8.77
C ALA A 185 -35.27 -46.96 8.07
N LEU A 186 -36.13 -45.94 8.13
CA LEU A 186 -35.80 -44.65 7.54
C LEU A 186 -34.56 -44.06 8.16
N ASN A 187 -34.45 -44.14 9.49
CA ASN A 187 -33.26 -43.63 10.16
C ASN A 187 -32.02 -44.45 9.81
N LYS A 188 -32.17 -45.78 9.67
CA LYS A 188 -31.04 -46.60 9.26
C LYS A 188 -30.54 -46.20 7.87
N LEU A 189 -31.47 -46.00 6.94
CA LEU A 189 -31.08 -45.56 5.60
C LEU A 189 -30.42 -44.20 5.63
N TYR A 190 -30.95 -43.28 6.45
CA TYR A 190 -30.32 -41.98 6.58
C TYR A 190 -28.90 -42.10 7.12
N LYS A 191 -28.70 -42.98 8.10
CA LYS A 191 -27.35 -43.17 8.64
C LYS A 191 -26.41 -43.73 7.57
N ILE A 192 -26.88 -44.68 6.77
CA ILE A 192 -26.04 -45.23 5.71
C ILE A 192 -25.64 -44.13 4.72
N ILE A 193 -26.62 -43.34 4.27
CA ILE A 193 -26.33 -42.28 3.31
C ILE A 193 -25.38 -41.26 3.91
N TYR A 194 -25.62 -40.88 5.16
CA TYR A 194 -24.78 -39.89 5.83
C TYR A 194 -23.35 -40.38 5.92
N SER A 195 -23.16 -41.64 6.31
CA SER A 195 -21.80 -42.18 6.42
C SER A 195 -21.10 -42.18 5.07
N ARG A 196 -21.79 -42.69 4.04
CA ARG A 196 -21.16 -42.77 2.73
C ARG A 196 -20.80 -41.39 2.18
N VAL A 197 -21.67 -40.41 2.38
CA VAL A 197 -21.40 -39.07 1.88
C VAL A 197 -20.27 -38.40 2.68
N PHE A 198 -20.32 -38.52 4.00
CA PHE A 198 -19.40 -37.81 4.88
C PHE A 198 -18.03 -38.48 4.97
N GLU A 199 -17.86 -39.68 4.40
CA GLU A 199 -16.56 -40.30 4.38
C GLU A 199 -15.50 -39.42 3.70
N THR A 200 -15.91 -38.59 2.75
CA THR A 200 -14.99 -37.78 1.96
C THR A 200 -14.98 -36.32 2.36
N LYS A 201 -15.07 -36.02 3.66
CA LYS A 201 -15.08 -34.62 4.08
C LYS A 201 -13.72 -33.96 3.89
N TYR A 202 -12.64 -34.67 4.21
CA TYR A 202 -11.30 -34.10 4.13
C TYR A 202 -10.55 -34.47 2.86
N SER A 203 -11.06 -35.43 2.08
CA SER A 203 -10.32 -35.89 0.91
C SER A 203 -10.42 -34.92 -0.26
N ASP A 204 -11.48 -34.14 -0.35
CA ASP A 204 -11.75 -33.26 -1.48
C ASP A 204 -12.09 -31.86 -1.01
N VAL A 205 -11.24 -31.32 -0.13
CA VAL A 205 -11.50 -30.00 0.46
C VAL A 205 -11.54 -28.92 -0.61
N VAL A 206 -10.79 -29.07 -1.69
CA VAL A 206 -10.73 -28.04 -2.72
C VAL A 206 -12.10 -27.83 -3.35
N ILE A 207 -12.75 -28.93 -3.76
CA ILE A 207 -14.09 -28.82 -4.35
C ILE A 207 -15.10 -28.40 -3.31
N TRP A 208 -15.00 -28.95 -2.09
CA TRP A 208 -15.94 -28.56 -1.04
C TRP A 208 -15.82 -27.09 -0.69
N THR A 209 -14.71 -26.45 -1.05
CA THR A 209 -14.57 -25.01 -0.87
C THR A 209 -15.07 -24.24 -2.07
N TYR A 210 -14.71 -24.67 -3.28
CA TYR A 210 -15.13 -23.94 -4.48
C TYR A 210 -16.63 -24.00 -4.66
N LEU A 211 -17.24 -25.16 -4.40
CA LEU A 211 -18.69 -25.33 -4.56
C LEU A 211 -19.48 -24.52 -3.55
N LYS A 212 -18.83 -23.97 -2.52
CA LYS A 212 -19.56 -23.13 -1.57
C LYS A 212 -20.05 -21.85 -2.22
N ASN A 213 -19.38 -21.40 -3.30
CA ASN A 213 -19.86 -20.24 -4.02
C ASN A 213 -21.25 -20.48 -4.60
N MET A 214 -21.45 -21.65 -5.20
CA MET A 214 -22.79 -22.12 -5.53
C MET A 214 -23.51 -22.51 -4.23
N SER A 215 -24.84 -22.42 -4.25
CA SER A 215 -25.60 -22.72 -3.04
C SER A 215 -25.63 -24.22 -2.76
N THR A 216 -24.50 -24.77 -2.31
CA THR A 216 -24.42 -26.18 -1.97
C THR A 216 -23.49 -26.37 -0.78
N ASP A 217 -23.71 -27.46 -0.04
CA ASP A 217 -22.89 -27.81 1.10
C ASP A 217 -23.12 -29.28 1.40
N LEU A 218 -22.60 -29.75 2.54
CA LEU A 218 -22.71 -31.16 2.89
C LEU A 218 -24.15 -31.55 3.21
N MET A 219 -24.81 -30.78 4.08
CA MET A 219 -26.12 -31.21 4.60
C MET A 219 -27.20 -31.11 3.51
N ILE A 220 -27.17 -30.04 2.71
CA ILE A 220 -28.14 -29.88 1.64
C ILE A 220 -27.99 -31.01 0.62
N ILE A 221 -26.75 -31.33 0.26
CA ILE A 221 -26.51 -32.43 -0.68
C ILE A 221 -26.99 -33.74 -0.07
N VAL A 222 -26.78 -33.92 1.24
CA VAL A 222 -27.23 -35.14 1.91
C VAL A 222 -28.74 -35.28 1.81
N LYS A 223 -29.46 -34.21 2.11
CA LYS A 223 -30.92 -34.27 2.05
C LYS A 223 -31.41 -34.49 0.62
N ASP A 224 -30.79 -33.81 -0.35
CA ASP A 224 -31.18 -33.98 -1.74
C ASP A 224 -30.96 -35.42 -2.19
N TYR A 225 -29.82 -36.00 -1.83
CA TYR A 225 -29.54 -37.38 -2.22
C TYR A 225 -30.49 -38.34 -1.54
N PHE A 226 -30.85 -38.08 -0.28
CA PHE A 226 -31.82 -38.93 0.40
C PHE A 226 -33.16 -38.90 -0.32
N LYS A 227 -33.60 -37.70 -0.71
CA LYS A 227 -34.86 -37.58 -1.44
C LYS A 227 -34.80 -38.31 -2.77
N VAL A 228 -33.68 -38.16 -3.50
CA VAL A 228 -33.55 -38.81 -4.80
C VAL A 228 -33.53 -40.33 -4.64
N ILE A 229 -32.82 -40.83 -3.63
CA ILE A 229 -32.77 -42.27 -3.39
C ILE A 229 -34.16 -42.81 -3.09
N ILE A 230 -34.91 -42.10 -2.26
CA ILE A 230 -36.26 -42.57 -1.93
C ILE A 230 -37.16 -42.55 -3.16
N LYS A 231 -37.06 -41.48 -3.96
CA LYS A 231 -37.99 -41.32 -5.08
C LYS A 231 -37.71 -42.28 -6.23
N LYS A 232 -36.45 -42.42 -6.64
CA LYS A 232 -36.15 -43.06 -7.92
C LYS A 232 -35.47 -44.41 -7.80
N ILE A 233 -34.51 -44.57 -6.88
CA ILE A 233 -33.71 -45.79 -6.86
C ILE A 233 -34.54 -46.99 -6.40
N PHE A 234 -35.34 -46.82 -5.35
CA PHE A 234 -36.09 -47.94 -4.80
C PHE A 234 -36.99 -48.65 -5.82
N PRO A 235 -37.68 -47.97 -6.75
CA PRO A 235 -38.46 -48.72 -7.75
C PRO A 235 -37.66 -49.75 -8.53
N LYS A 236 -36.40 -49.45 -8.86
CA LYS A 236 -35.56 -50.39 -9.59
C LYS A 236 -34.90 -51.35 -8.60
N LEU A 237 -35.67 -52.35 -8.18
CA LEU A 237 -35.16 -53.38 -7.28
C LEU A 237 -35.65 -54.75 -7.77
N LYS A 238 -34.91 -55.79 -7.37
CA LYS A 238 -35.22 -57.15 -7.77
C LYS A 238 -35.25 -58.04 -6.54
N HIS A 239 -36.22 -58.95 -6.51
CA HIS A 239 -36.26 -59.94 -5.44
C HIS A 239 -35.13 -60.94 -5.59
N ASN A 240 -34.85 -61.66 -4.51
CA ASN A 240 -33.72 -62.59 -4.44
C ASN A 240 -32.40 -61.87 -4.74
N SER A 241 -32.28 -60.65 -4.23
CA SER A 241 -31.12 -59.82 -4.49
C SER A 241 -30.83 -58.93 -3.29
N SER A 242 -29.59 -58.46 -3.21
CA SER A 242 -29.17 -57.59 -2.13
C SER A 242 -29.59 -56.14 -2.40
N VAL A 243 -29.45 -55.31 -1.37
CA VAL A 243 -29.84 -53.91 -1.44
C VAL A 243 -28.68 -52.98 -1.11
N ILE A 244 -27.89 -53.32 -0.10
CA ILE A 244 -26.84 -52.41 0.39
C ILE A 244 -25.79 -52.16 -0.68
N SER A 245 -25.38 -53.20 -1.41
CA SER A 245 -24.38 -53.03 -2.45
C SER A 245 -24.91 -52.13 -3.57
N TYR A 246 -26.16 -52.33 -3.97
CA TYR A 246 -26.79 -51.47 -4.96
C TYR A 246 -26.78 -50.02 -4.52
N LEU A 247 -27.19 -49.78 -3.27
CA LEU A 247 -27.24 -48.40 -2.76
C LEU A 247 -25.85 -47.78 -2.72
N ASP A 248 -24.85 -48.52 -2.25
CA ASP A 248 -23.50 -47.99 -2.20
C ASP A 248 -22.99 -47.64 -3.59
N VAL A 249 -23.21 -48.53 -4.56
CA VAL A 249 -22.72 -48.27 -5.92
C VAL A 249 -23.38 -47.04 -6.50
N VAL A 250 -24.70 -46.92 -6.36
CA VAL A 250 -25.39 -45.78 -6.96
C VAL A 250 -25.00 -44.48 -6.25
N ILE A 251 -24.82 -44.52 -4.94
CA ILE A 251 -24.42 -43.31 -4.22
C ILE A 251 -23.03 -42.86 -4.66
N LYS A 252 -22.09 -43.79 -4.77
CA LYS A 252 -20.74 -43.43 -5.20
C LYS A 252 -20.76 -42.88 -6.62
N GLN A 253 -21.53 -43.50 -7.51
CA GLN A 253 -21.60 -43.03 -8.89
C GLN A 253 -22.18 -41.63 -8.96
N LYS A 254 -23.26 -41.36 -8.22
CA LYS A 254 -23.85 -40.03 -8.22
C LYS A 254 -22.88 -39.00 -7.63
N LEU A 255 -22.13 -39.39 -6.60
CA LEU A 255 -21.15 -38.48 -6.01
C LEU A 255 -20.08 -38.11 -7.03
N LYS A 256 -19.57 -39.09 -7.75
CA LYS A 256 -18.57 -38.80 -8.78
C LYS A 256 -19.15 -37.92 -9.87
N TYR A 257 -20.39 -38.19 -10.27
CA TYR A 257 -21.05 -37.38 -11.30
C TYR A 257 -21.18 -35.93 -10.85
N LEU A 258 -21.56 -35.71 -9.59
CA LEU A 258 -21.63 -34.36 -9.07
C LEU A 258 -20.26 -33.71 -9.04
N PHE A 259 -19.23 -34.45 -8.64
CA PHE A 259 -17.88 -33.88 -8.53
C PHE A 259 -17.36 -33.44 -9.89
N THR A 260 -17.56 -34.26 -10.93
CA THR A 260 -17.07 -33.94 -12.27
C THR A 260 -18.22 -33.40 -13.10
N PHE A 261 -18.26 -32.08 -13.29
CA PHE A 261 -19.32 -31.44 -14.04
C PHE A 261 -18.83 -30.10 -14.59
N LYS A 262 -19.56 -29.59 -15.56
CA LYS A 262 -19.25 -28.30 -16.20
C LYS A 262 -20.38 -27.32 -15.87
N TYR A 263 -20.10 -26.39 -14.98
CA TYR A 263 -21.12 -25.42 -14.59
C TYR A 263 -21.19 -24.27 -15.59
N PRO A 264 -22.38 -23.71 -15.80
CA PRO A 264 -22.56 -22.70 -16.85
C PRO A 264 -21.83 -21.40 -16.56
N ILE A 265 -22.04 -20.83 -15.37
CA ILE A 265 -21.47 -19.54 -15.01
C ILE A 265 -20.35 -19.77 -14.01
N SER A 266 -19.12 -19.47 -14.42
CA SER A 266 -17.99 -19.59 -13.51
C SER A 266 -18.01 -18.46 -12.49
N TYR A 267 -17.58 -18.77 -11.28
CA TYR A 267 -17.58 -17.83 -10.17
C TYR A 267 -16.15 -17.49 -9.78
N LYS A 268 -15.94 -16.24 -9.37
CA LYS A 268 -14.63 -15.78 -8.93
C LYS A 268 -14.82 -14.61 -7.97
N PRO A 269 -14.97 -14.90 -6.68
CA PRO A 269 -15.19 -13.81 -5.71
C PRO A 269 -13.94 -12.97 -5.53
N LEU A 270 -14.14 -11.65 -5.56
CA LEU A 270 -13.04 -10.72 -5.34
C LEU A 270 -12.57 -10.79 -3.89
N LYS A 271 -11.27 -10.56 -3.70
CA LYS A 271 -10.65 -10.72 -2.39
C LYS A 271 -11.16 -9.67 -1.41
N ALA A 272 -10.83 -9.88 -0.14
CA ALA A 272 -11.31 -9.00 0.92
C ALA A 272 -10.80 -7.57 0.73
N GLU A 273 -9.50 -7.43 0.41
CA GLU A 273 -8.91 -6.11 0.26
C GLU A 273 -7.65 -6.22 -0.59
N THR A 274 -7.42 -5.20 -1.41
CA THR A 274 -6.22 -5.15 -2.23
C THR A 274 -5.00 -4.89 -1.36
N THR A 275 -3.86 -5.48 -1.73
CA THR A 275 -2.65 -5.34 -0.93
C THR A 275 -2.14 -3.91 -0.92
N ASP A 276 -2.11 -3.26 -2.10
CA ASP A 276 -1.52 -1.93 -2.19
C ASP A 276 -2.34 -0.90 -1.40
N ASP A 277 -3.65 -0.86 -1.62
CA ASP A 277 -4.56 0.04 -0.92
C ASP A 277 -4.23 1.51 -1.14
N GLU A 278 -3.43 1.82 -2.16
CA GLU A 278 -3.10 3.19 -2.50
C GLU A 278 -2.97 3.33 -4.01
N GLU A 279 -3.74 4.26 -4.57
CA GLU A 279 -3.73 4.64 -5.99
C GLU A 279 -4.23 3.54 -6.92
N LEU A 280 -4.58 2.36 -6.40
CA LEU A 280 -5.08 1.28 -7.23
C LEU A 280 -5.67 0.20 -6.33
N SER A 281 -6.69 -0.48 -6.82
CA SER A 281 -7.33 -1.57 -6.10
C SER A 281 -8.25 -2.32 -7.06
N GLU A 282 -8.28 -3.64 -6.92
CA GLU A 282 -9.16 -4.45 -7.77
C GLU A 282 -10.62 -4.10 -7.52
N GLN A 283 -10.99 -3.90 -6.24
CA GLN A 283 -12.33 -3.41 -5.95
C GLN A 283 -12.56 -2.04 -6.57
N GLU A 284 -11.56 -1.16 -6.49
CA GLU A 284 -11.66 0.14 -7.15
C GLU A 284 -11.83 -0.02 -8.66
N ARG A 285 -11.15 -1.00 -9.25
CA ARG A 285 -11.26 -1.22 -10.69
C ARG A 285 -12.66 -1.70 -11.06
N MET A 286 -13.22 -2.65 -10.30
CA MET A 286 -14.56 -3.10 -10.63
C MET A 286 -15.61 -2.05 -10.30
N GLU A 287 -15.30 -1.10 -9.44
CA GLU A 287 -16.18 0.06 -9.28
C GLU A 287 -16.09 1.02 -10.45
N ILE A 288 -14.89 1.31 -10.96
CA ILE A 288 -14.80 2.23 -12.09
C ILE A 288 -15.35 1.57 -13.34
N ASN A 289 -15.47 0.25 -13.35
CA ASN A 289 -16.21 -0.42 -14.43
C ASN A 289 -17.66 0.05 -14.46
N LEU A 290 -18.25 0.35 -13.30
CA LEU A 290 -19.65 0.78 -13.20
C LEU A 290 -19.69 2.13 -12.46
N LEU A 291 -19.67 3.22 -13.21
CA LEU A 291 -19.68 4.56 -12.65
C LEU A 291 -20.79 5.38 -13.28
N ARG A 292 -21.25 6.39 -12.53
CA ARG A 292 -22.32 7.26 -12.98
C ARG A 292 -21.73 8.53 -13.61
N ASN A 293 -22.59 9.29 -14.30
CA ASN A 293 -22.17 10.48 -15.02
C ASN A 293 -21.84 11.61 -14.04
N ASP A 294 -21.44 12.75 -14.60
CA ASP A 294 -21.08 13.92 -13.81
C ASP A 294 -22.34 14.74 -13.51
N GLN A 295 -22.16 15.94 -12.95
CA GLN A 295 -23.30 16.73 -12.51
C GLN A 295 -23.22 18.17 -13.03
N GLY A 296 -22.01 18.65 -13.29
CA GLY A 296 -21.84 20.04 -13.67
C GLY A 296 -22.53 20.38 -14.98
N ASN A 297 -22.35 19.52 -16.00
CA ASN A 297 -22.98 19.79 -17.29
C ASN A 297 -24.50 19.75 -17.18
N SER A 298 -25.04 18.80 -16.42
CA SER A 298 -26.48 18.73 -16.23
C SER A 298 -27.01 19.98 -15.55
N ILE A 299 -26.32 20.46 -14.51
CA ILE A 299 -26.75 21.66 -13.82
C ILE A 299 -26.70 22.86 -14.75
N ILE A 300 -25.64 22.97 -15.55
CA ILE A 300 -25.52 24.09 -16.48
C ILE A 300 -26.65 24.06 -17.50
N ASN A 301 -26.96 22.86 -18.04
CA ASN A 301 -28.03 22.76 -19.01
C ASN A 301 -29.38 23.14 -18.40
N GLU A 302 -29.65 22.67 -17.19
CA GLU A 302 -30.91 22.99 -16.53
C GLU A 302 -31.02 24.49 -16.27
N CYS A 303 -29.92 25.11 -15.82
CA CYS A 303 -29.94 26.56 -15.58
C CYS A 303 -30.11 27.33 -16.88
N SER A 304 -29.54 26.82 -17.98
CA SER A 304 -29.75 27.46 -19.28
C SER A 304 -31.21 27.39 -19.68
N ILE A 305 -31.86 26.25 -19.45
CA ILE A 305 -33.28 26.14 -19.75
C ILE A 305 -34.08 27.13 -18.91
N LYS A 306 -33.75 27.24 -17.63
CA LYS A 306 -34.46 28.17 -16.75
C LYS A 306 -34.29 29.61 -17.22
N GLN A 307 -33.07 30.00 -17.58
CA GLN A 307 -32.82 31.35 -18.07
C GLN A 307 -33.58 31.60 -19.37
N GLU A 308 -33.61 30.61 -20.27
CA GLU A 308 -34.29 30.79 -21.54
C GLU A 308 -35.80 30.95 -21.34
N ILE A 309 -36.39 30.15 -20.46
CA ILE A 309 -37.83 30.28 -20.23
C ILE A 309 -38.13 31.60 -19.53
N ALA A 310 -37.24 32.05 -18.65
CA ALA A 310 -37.44 33.36 -18.02
C ALA A 310 -37.39 34.48 -19.04
N LYS A 311 -36.44 34.42 -19.98
CA LYS A 311 -36.36 35.44 -21.02
C LYS A 311 -37.59 35.38 -21.93
N ILE A 312 -38.08 34.18 -22.22
CA ILE A 312 -39.28 34.04 -23.03
C ILE A 312 -40.48 34.69 -22.33
N LYS A 313 -40.60 34.47 -21.03
CA LYS A 313 -41.64 35.15 -20.26
C LYS A 313 -41.48 36.66 -20.33
N LYS A 314 -40.24 37.14 -20.16
CA LYS A 314 -40.00 38.58 -20.10
C LYS A 314 -40.34 39.27 -21.42
N LYS A 315 -39.96 38.66 -22.54
CA LYS A 315 -40.03 39.37 -23.82
C LYS A 315 -41.47 39.68 -24.22
N TYR A 316 -42.36 38.69 -24.13
CA TYR A 316 -43.72 38.82 -24.62
C TYR A 316 -44.73 39.07 -23.51
N ASN A 317 -44.27 39.44 -22.31
CA ASN A 317 -45.11 39.71 -21.14
C ASN A 317 -46.26 38.71 -21.01
N VAL A 318 -45.97 37.43 -21.25
CA VAL A 318 -47.01 36.41 -21.22
C VAL A 318 -47.48 36.19 -19.78
N THR A 319 -48.78 35.97 -19.63
CA THR A 319 -49.39 35.66 -18.34
C THR A 319 -49.88 34.22 -18.36
N ASP A 320 -50.26 33.73 -17.17
CA ASP A 320 -50.70 32.34 -17.06
C ASP A 320 -52.03 32.11 -17.75
N GLU A 321 -52.84 33.17 -17.87
CA GLU A 321 -54.12 33.03 -18.57
C GLU A 321 -53.91 32.70 -20.04
N VAL A 322 -52.87 33.28 -20.65
CA VAL A 322 -52.56 32.93 -22.04
C VAL A 322 -52.23 31.45 -22.15
N MET A 323 -51.44 30.93 -21.21
CA MET A 323 -51.12 29.51 -21.23
C MET A 323 -52.36 28.66 -21.03
N LYS A 324 -53.26 29.07 -20.13
CA LYS A 324 -54.49 28.30 -19.93
C LYS A 324 -55.33 28.25 -21.21
N GLU A 325 -55.46 29.38 -21.90
CA GLU A 325 -56.26 29.41 -23.12
C GLU A 325 -55.52 28.81 -24.31
N PHE A 326 -54.21 28.62 -24.22
CA PHE A 326 -53.43 28.08 -25.33
C PHE A 326 -53.15 26.59 -25.23
N ILE A 327 -53.02 26.05 -24.02
CA ILE A 327 -52.71 24.63 -23.86
C ILE A 327 -53.90 23.76 -24.23
N ASN A 328 -55.11 24.18 -23.85
CA ASN A 328 -56.35 23.41 -24.01
C ASN A 328 -56.28 22.05 -23.32
N GLY A 329 -55.31 21.85 -22.44
CA GLY A 329 -55.20 20.61 -21.70
C GLY A 329 -54.68 19.43 -22.49
N ARG A 330 -54.22 19.63 -23.72
CA ARG A 330 -53.76 18.53 -24.54
C ARG A 330 -52.44 17.98 -24.01
N GLU A 331 -52.24 16.68 -24.25
CA GLU A 331 -51.02 16.00 -23.81
C GLU A 331 -49.89 16.28 -24.81
N LEU A 332 -48.78 15.57 -24.66
CA LEU A 332 -47.59 15.78 -25.49
C LEU A 332 -47.48 14.65 -26.51
N ASN A 333 -47.43 15.02 -27.79
CA ASN A 333 -47.18 14.04 -28.84
C ASN A 333 -45.74 14.13 -29.33
N SER A 334 -45.32 13.11 -30.06
CA SER A 334 -43.90 12.95 -30.38
C SER A 334 -43.41 13.99 -31.38
N ILE A 335 -44.24 14.33 -32.37
CA ILE A 335 -43.77 15.15 -33.48
C ILE A 335 -43.46 16.58 -33.01
N GLN A 336 -44.32 17.13 -32.16
CA GLN A 336 -44.07 18.47 -31.65
C GLN A 336 -42.80 18.50 -30.80
N ILE A 337 -42.57 17.45 -30.01
CA ILE A 337 -41.35 17.37 -29.22
C ILE A 337 -40.14 17.32 -30.13
N TYR A 338 -40.22 16.52 -31.20
CA TYR A 338 -39.11 16.41 -32.14
C TYR A 338 -38.81 17.76 -32.79
N LEU A 339 -39.84 18.47 -33.23
CA LEU A 339 -39.62 19.77 -33.87
C LEU A 339 -39.02 20.78 -32.89
N VAL A 340 -39.54 20.82 -31.66
CA VAL A 340 -39.01 21.73 -30.66
C VAL A 340 -37.54 21.41 -30.38
N LYS A 341 -37.20 20.12 -30.32
CA LYS A 341 -35.80 19.75 -30.16
C LYS A 341 -34.97 20.19 -31.35
N ILE A 342 -35.53 20.12 -32.55
CA ILE A 342 -34.80 20.49 -33.75
C ILE A 342 -34.44 21.97 -33.75
N TYR A 343 -35.42 22.84 -33.51
CA TYR A 343 -35.16 24.27 -33.68
C TYR A 343 -34.26 24.82 -32.58
N TYR A 344 -34.53 24.49 -31.33
CA TYR A 344 -33.76 24.99 -30.20
C TYR A 344 -32.56 24.13 -29.87
N SER A 345 -32.00 23.44 -30.85
CA SER A 345 -30.90 22.52 -30.59
C SER A 345 -29.60 23.26 -30.30
N ASN A 346 -29.33 24.34 -31.03
CA ASN A 346 -28.02 24.99 -30.92
C ASN A 346 -27.81 25.62 -29.55
N LYS A 347 -28.84 26.28 -29.01
CA LYS A 347 -28.68 26.96 -27.73
C LYS A 347 -28.60 25.97 -26.57
N PHE A 348 -29.48 24.97 -26.55
CA PHE A 348 -29.55 24.05 -25.42
C PHE A 348 -30.24 22.77 -25.90
N LYS A 349 -30.63 21.92 -24.95
CA LYS A 349 -31.35 20.69 -25.23
C LYS A 349 -32.64 20.66 -24.43
N VAL A 350 -33.61 19.90 -24.93
CA VAL A 350 -34.95 19.87 -24.35
C VAL A 350 -34.98 18.87 -23.20
N ASN A 351 -35.53 19.29 -22.06
CA ASN A 351 -35.64 18.46 -20.88
C ASN A 351 -36.99 17.74 -20.89
N SER A 352 -37.34 17.11 -19.76
CA SER A 352 -38.53 16.27 -19.65
C SER A 352 -39.70 16.96 -18.96
N ASN A 353 -39.50 18.14 -18.39
CA ASN A 353 -40.59 18.84 -17.71
C ASN A 353 -41.58 19.38 -18.73
N LYS A 354 -42.86 19.06 -18.55
CA LYS A 354 -43.85 19.40 -19.56
C LYS A 354 -44.17 20.89 -19.57
N ASN A 355 -44.14 21.54 -18.40
CA ASN A 355 -44.44 22.97 -18.35
C ASN A 355 -43.42 23.78 -19.13
N ASP A 356 -42.14 23.48 -18.94
CA ASP A 356 -41.10 24.15 -19.69
C ASP A 356 -41.23 23.86 -21.18
N ILE A 357 -41.57 22.62 -21.53
CA ILE A 357 -41.75 22.26 -22.93
C ILE A 357 -42.87 23.08 -23.56
N PHE A 358 -43.97 23.27 -22.84
CA PHE A 358 -45.07 24.04 -23.39
C PHE A 358 -44.74 25.53 -23.48
N TYR A 359 -43.98 26.07 -22.54
CA TYR A 359 -43.52 27.45 -22.67
C TYR A 359 -42.64 27.61 -23.91
N LEU A 360 -41.70 26.68 -24.09
CA LEU A 360 -40.85 26.71 -25.27
C LEU A 360 -41.65 26.52 -26.54
N LEU A 361 -42.77 25.79 -26.47
CA LEU A 361 -43.62 25.62 -27.64
C LEU A 361 -44.38 26.90 -27.96
N TYR A 362 -44.80 27.64 -26.94
CA TYR A 362 -45.41 28.94 -27.19
C TYR A 362 -44.39 29.89 -27.83
N GLY A 363 -43.16 29.87 -27.34
CA GLY A 363 -42.10 30.63 -28.00
C GLY A 363 -41.85 30.16 -29.42
N MET A 364 -41.90 28.84 -29.63
CA MET A 364 -41.82 28.24 -30.95
C MET A 364 -42.82 28.89 -31.89
N THR A 365 -44.09 28.87 -31.48
CA THR A 365 -45.17 29.37 -32.31
C THR A 365 -45.02 30.86 -32.58
N ARG A 366 -44.70 31.65 -31.54
CA ARG A 366 -44.55 33.08 -31.75
C ARG A 366 -43.39 33.38 -32.71
N GLU A 367 -42.22 32.78 -32.47
CA GLU A 367 -41.04 33.09 -33.26
C GLU A 367 -41.22 32.66 -34.71
N LEU A 368 -41.85 31.51 -34.96
CA LEU A 368 -42.03 31.05 -36.33
C LEU A 368 -43.34 31.52 -36.95
N GLY A 369 -44.15 32.28 -36.23
CA GLY A 369 -45.27 32.95 -36.85
C GLY A 369 -44.92 34.38 -37.24
N GLU A 370 -44.02 35.00 -36.47
CA GLU A 370 -43.56 36.33 -36.84
C GLU A 370 -42.66 36.32 -38.08
N MET A 371 -42.11 35.17 -38.45
CA MET A 371 -41.30 35.05 -39.65
C MET A 371 -42.22 34.83 -40.85
N ASN A 372 -41.63 34.48 -41.99
CA ASN A 372 -42.42 34.24 -43.20
C ASN A 372 -43.10 32.87 -43.18
N PHE A 373 -42.73 31.99 -42.26
CA PHE A 373 -43.32 30.67 -42.21
C PHE A 373 -44.79 30.77 -41.81
N SER A 374 -45.62 29.91 -42.40
CA SER A 374 -47.04 29.92 -42.10
C SER A 374 -47.59 28.54 -41.72
N ILE A 375 -47.11 27.48 -42.37
CA ILE A 375 -47.67 26.15 -42.16
C ILE A 375 -47.30 25.62 -40.78
N ILE A 376 -46.03 25.77 -40.40
CA ILE A 376 -45.49 25.17 -39.18
C ILE A 376 -46.20 25.68 -37.93
N PRO A 377 -46.42 26.99 -37.76
CA PRO A 377 -47.18 27.44 -36.57
C PRO A 377 -48.58 26.85 -36.50
N GLU A 378 -49.27 26.76 -37.64
CA GLU A 378 -50.62 26.18 -37.65
C GLU A 378 -50.57 24.71 -37.27
N ILE A 379 -49.57 23.98 -37.76
CA ILE A 379 -49.45 22.55 -37.44
C ILE A 379 -49.16 22.37 -35.96
N LEU A 380 -48.26 23.19 -35.41
CA LEU A 380 -47.88 23.04 -34.01
C LEU A 380 -48.90 23.64 -33.05
N SER A 381 -49.88 24.40 -33.58
CA SER A 381 -50.85 25.06 -32.70
C SER A 381 -51.69 24.03 -31.95
N CYS A 382 -52.46 23.22 -32.68
CA CYS A 382 -53.38 22.28 -32.09
C CYS A 382 -52.73 20.90 -31.95
N ALA A 383 -53.53 19.89 -31.62
CA ALA A 383 -53.03 18.54 -31.41
C ALA A 383 -52.88 17.82 -32.75
N ILE A 384 -52.35 16.60 -32.68
CA ILE A 384 -52.08 15.79 -33.86
C ILE A 384 -52.96 14.55 -33.85
N ALA A 385 -52.96 13.81 -34.96
CA ALA A 385 -53.68 12.56 -35.04
C ALA A 385 -53.02 11.51 -34.15
N PRO A 386 -53.82 10.59 -33.59
CA PRO A 386 -53.22 9.56 -32.72
C PRO A 386 -52.21 8.67 -33.43
N ASN A 387 -52.40 8.42 -34.72
CA ASN A 387 -51.54 7.52 -35.48
C ASN A 387 -50.93 8.29 -36.66
N VAL A 388 -49.72 7.91 -37.04
CA VAL A 388 -49.07 8.49 -38.21
C VAL A 388 -49.46 7.67 -39.44
N ARG A 389 -49.97 8.35 -40.46
CA ARG A 389 -50.38 7.69 -41.68
C ARG A 389 -49.17 7.07 -42.38
N LYS A 390 -49.41 5.97 -43.09
CA LYS A 390 -48.39 5.33 -43.91
C LYS A 390 -48.62 5.73 -45.36
N MET A 391 -47.54 5.85 -46.12
CA MET A 391 -47.60 6.32 -47.49
C MET A 391 -46.49 5.63 -48.29
N ASN A 392 -46.66 5.59 -49.61
CA ASN A 392 -45.69 4.96 -50.48
C ASN A 392 -44.46 5.85 -50.64
N ASN A 393 -43.62 5.50 -51.63
CA ASN A 393 -42.38 6.25 -51.85
C ASN A 393 -42.67 7.71 -52.21
N ARG A 394 -43.77 7.95 -52.92
CA ARG A 394 -44.11 9.28 -53.43
C ARG A 394 -42.96 9.88 -54.22
N LYS A 395 -42.37 9.07 -55.11
CA LYS A 395 -41.17 9.48 -55.83
C LYS A 395 -41.39 10.76 -56.62
N LYS A 396 -42.62 10.99 -57.09
CA LYS A 396 -42.91 12.21 -57.85
C LYS A 396 -42.67 13.46 -57.00
N LEU A 397 -43.26 13.50 -55.81
CA LEU A 397 -42.98 14.61 -54.90
C LEU A 397 -41.55 14.53 -54.38
N VAL A 398 -41.04 13.31 -54.18
CA VAL A 398 -39.63 13.15 -53.83
C VAL A 398 -38.74 13.70 -54.93
N ASP A 399 -39.12 13.46 -56.19
CA ASP A 399 -38.38 14.05 -57.30
C ASP A 399 -38.45 15.57 -57.26
N LYS A 400 -39.64 16.11 -56.95
CA LYS A 400 -39.78 17.56 -56.87
C LYS A 400 -38.87 18.15 -55.81
N ILE A 401 -38.82 17.53 -54.63
CA ILE A 401 -37.98 18.07 -53.55
C ILE A 401 -36.50 17.87 -53.87
N ILE A 402 -36.13 16.75 -54.50
CA ILE A 402 -34.75 16.46 -54.80
C ILE A 402 -34.21 17.43 -55.84
N HIS A 403 -34.98 17.64 -56.91
CA HIS A 403 -34.56 18.54 -57.98
C HIS A 403 -34.54 20.00 -57.53
N SER A 404 -35.20 20.31 -56.42
CA SER A 404 -35.15 21.66 -55.86
C SER A 404 -33.74 21.99 -55.38
N ASP A 405 -33.36 23.26 -55.53
CA ASP A 405 -32.01 23.67 -55.16
C ASP A 405 -31.80 23.62 -53.66
N LYS A 406 -32.89 23.64 -52.89
CA LYS A 406 -32.76 23.59 -51.44
C LYS A 406 -32.25 22.23 -50.97
N TYR A 407 -32.71 21.15 -51.59
CA TYR A 407 -32.21 19.82 -51.25
C TYR A 407 -30.72 19.70 -51.57
N SER A 408 -30.31 20.21 -52.73
CA SER A 408 -28.90 20.20 -53.09
C SER A 408 -28.08 21.02 -52.12
N TYR A 409 -28.58 22.20 -51.74
CA TYR A 409 -27.89 23.02 -50.75
C TYR A 409 -27.76 22.33 -49.40
N LEU A 410 -28.80 21.64 -48.95
CA LEU A 410 -28.74 20.86 -47.73
C LEU A 410 -27.70 19.74 -47.83
N LEU A 411 -27.65 19.05 -48.97
CA LEU A 411 -26.66 17.99 -49.14
C LEU A 411 -25.25 18.55 -49.21
N LYS A 412 -25.08 19.79 -49.68
CA LYS A 412 -23.75 20.38 -49.75
C LYS A 412 -23.09 20.51 -48.39
N SER A 413 -23.87 20.54 -47.31
CA SER A 413 -23.33 20.49 -45.96
C SER A 413 -23.28 19.08 -45.39
N TYR A 414 -24.05 18.15 -45.94
CA TYR A 414 -24.03 16.76 -45.52
C TYR A 414 -23.22 15.86 -46.43
N LEU A 415 -22.48 16.45 -47.38
CA LEU A 415 -21.72 15.64 -48.34
C LEU A 415 -20.68 14.73 -47.69
N PRO A 416 -19.87 15.17 -46.71
CA PRO A 416 -18.83 14.25 -46.18
C PRO A 416 -19.37 12.94 -45.64
N ILE A 417 -20.54 12.94 -45.03
CA ILE A 417 -21.17 11.72 -44.52
C ILE A 417 -22.33 11.39 -45.44
N LYS A 418 -22.18 10.33 -46.22
CA LYS A 418 -23.18 10.01 -47.24
C LYS A 418 -23.76 8.62 -47.09
N ASN A 419 -22.96 7.62 -46.69
CA ASN A 419 -23.46 6.26 -46.59
C ASN A 419 -24.57 6.14 -45.56
N ILE A 420 -24.42 6.79 -44.42
CA ILE A 420 -25.46 6.73 -43.38
C ILE A 420 -26.76 7.33 -43.88
N LEU A 421 -26.67 8.50 -44.53
CA LEU A 421 -27.87 9.14 -45.06
C LEU A 421 -28.52 8.27 -46.15
N ASP A 422 -27.70 7.67 -47.01
CA ASP A 422 -28.23 6.79 -48.05
C ASP A 422 -28.92 5.58 -47.43
N LYS A 423 -28.42 5.11 -46.29
CA LYS A 423 -29.02 3.96 -45.64
C LYS A 423 -30.33 4.34 -44.95
N ASN A 424 -30.39 5.52 -44.35
CA ASN A 424 -31.52 5.92 -43.51
C ASN A 424 -32.47 6.88 -44.20
N ASN A 425 -31.96 7.84 -44.97
CA ASN A 425 -32.76 8.90 -45.57
C ASN A 425 -33.57 9.64 -44.51
N VAL A 426 -32.83 10.22 -43.55
CA VAL A 426 -33.47 10.92 -42.45
C VAL A 426 -34.22 12.15 -42.95
N ILE A 427 -33.69 12.81 -43.99
CA ILE A 427 -34.41 13.92 -44.59
C ILE A 427 -35.74 13.45 -45.16
N LEU A 428 -35.72 12.31 -45.84
CA LEU A 428 -36.97 11.72 -46.34
C LEU A 428 -37.86 11.30 -45.18
N GLN A 429 -37.26 10.84 -44.07
CA GLN A 429 -38.05 10.50 -42.90
C GLN A 429 -38.82 11.71 -42.37
N LEU A 430 -38.14 12.85 -42.29
CA LEU A 430 -38.82 14.07 -41.85
C LEU A 430 -39.86 14.51 -42.86
N MET A 431 -39.54 14.40 -44.15
CA MET A 431 -40.50 14.73 -45.20
C MET A 431 -41.74 13.84 -45.17
N THR A 432 -41.64 12.63 -44.63
CA THR A 432 -42.80 11.75 -44.55
C THR A 432 -43.72 12.09 -43.39
N ILE A 433 -43.61 13.30 -42.82
CA ILE A 433 -44.55 13.72 -41.78
C ILE A 433 -45.81 14.30 -42.40
N LYS A 434 -45.77 14.57 -43.71
CA LYS A 434 -46.93 15.11 -44.43
C LYS A 434 -48.15 14.20 -44.30
N ASN A 435 -47.94 12.89 -44.26
CA ASN A 435 -49.05 11.94 -44.28
C ASN A 435 -49.96 12.10 -43.07
N ALA A 436 -49.36 12.34 -41.90
CA ALA A 436 -50.12 12.42 -40.67
C ALA A 436 -51.12 13.59 -40.72
N LYS A 437 -52.30 13.33 -40.17
CA LYS A 437 -53.39 14.31 -40.14
C LYS A 437 -53.27 15.20 -38.91
N PHE A 438 -53.98 16.33 -38.96
CA PHE A 438 -54.03 17.27 -37.85
C PHE A 438 -55.43 17.83 -37.74
N MET A 439 -55.90 17.98 -36.50
CA MET A 439 -57.24 18.50 -36.22
C MET A 439 -57.12 19.76 -35.38
N ASN A 440 -57.91 20.78 -35.73
CA ASN A 440 -57.89 22.05 -35.03
C ASN A 440 -58.67 21.94 -33.72
N LYS A 441 -58.83 23.08 -33.05
CA LYS A 441 -59.63 23.14 -31.84
C LYS A 441 -61.12 22.93 -32.10
N GLU A 442 -61.55 23.01 -33.36
CA GLU A 442 -62.93 22.76 -33.74
C GLU A 442 -63.13 21.37 -34.33
N ASN A 443 -62.14 20.49 -34.19
CA ASN A 443 -62.14 19.10 -34.67
C ASN A 443 -62.15 19.00 -36.19
N LYS A 444 -62.10 20.13 -36.91
CA LYS A 444 -62.04 20.08 -38.36
C LYS A 444 -60.65 19.67 -38.81
N GLU A 445 -60.60 18.73 -39.76
CA GLU A 445 -59.32 18.26 -40.28
C GLU A 445 -58.60 19.37 -41.01
N VAL A 446 -57.34 19.58 -40.67
CA VAL A 446 -56.56 20.67 -41.26
C VAL A 446 -55.99 20.22 -42.59
N ASP A 447 -56.21 21.03 -43.62
CA ASP A 447 -55.66 20.77 -44.95
C ASP A 447 -54.30 21.42 -45.08
N PHE A 448 -53.34 20.66 -45.63
CA PHE A 448 -51.96 21.12 -45.77
C PHE A 448 -51.52 20.92 -47.21
N SER A 449 -50.90 21.95 -47.78
CA SER A 449 -50.34 21.83 -49.12
C SER A 449 -49.04 21.04 -49.08
N THR A 450 -48.95 20.01 -49.91
CA THR A 450 -47.79 19.12 -49.88
C THR A 450 -46.51 19.87 -50.24
N ASP A 451 -46.52 20.57 -51.37
CA ASP A 451 -45.34 21.30 -51.80
C ASP A 451 -45.00 22.42 -50.82
N HIS A 452 -46.01 23.13 -50.32
CA HIS A 452 -45.76 24.18 -49.33
C HIS A 452 -45.16 23.60 -48.06
N LEU A 453 -45.69 22.47 -47.59
CA LEU A 453 -45.12 21.84 -46.40
C LEU A 453 -43.67 21.43 -46.63
N ALA A 454 -43.38 20.86 -47.81
CA ALA A 454 -42.00 20.47 -48.12
C ALA A 454 -41.07 21.67 -48.12
N GLU A 455 -41.50 22.76 -48.76
CA GLU A 455 -40.66 23.96 -48.83
C GLU A 455 -40.43 24.54 -47.43
N GLU A 456 -41.48 24.60 -46.62
CA GLU A 456 -41.32 25.15 -45.27
C GLU A 456 -40.40 24.27 -44.42
N VAL A 457 -40.53 22.95 -44.52
CA VAL A 457 -39.67 22.06 -43.75
C VAL A 457 -38.22 22.21 -44.21
N LEU A 458 -38.00 22.33 -45.52
CA LEU A 458 -36.65 22.48 -46.04
C LEU A 458 -36.03 23.81 -45.57
N ASP A 459 -36.83 24.88 -45.58
CA ASP A 459 -36.35 26.17 -45.10
C ASP A 459 -36.03 26.11 -43.61
N MET A 460 -36.87 25.41 -42.85
CA MET A 460 -36.62 25.19 -41.42
C MET A 460 -35.30 24.48 -41.21
N LEU A 461 -35.04 23.44 -42.00
CA LEU A 461 -33.76 22.73 -41.88
C LEU A 461 -32.59 23.63 -42.26
N LEU A 462 -32.76 24.48 -43.28
CA LEU A 462 -31.69 25.39 -43.67
C LEU A 462 -31.40 26.40 -42.58
N CYS A 463 -32.43 26.88 -41.89
CA CYS A 463 -32.28 27.91 -40.86
C CYS A 463 -32.15 27.32 -39.45
N ILE A 464 -31.53 26.15 -39.32
CA ILE A 464 -31.34 25.55 -38.00
C ILE A 464 -30.34 26.38 -37.20
N MET B 23 -30.42 15.84 22.23
CA MET B 23 -29.42 16.39 23.15
C MET B 23 -28.35 15.35 23.48
N GLY B 24 -28.77 14.11 23.70
CA GLY B 24 -27.84 13.04 23.99
C GLY B 24 -28.17 11.76 23.25
N LYS B 25 -27.21 11.25 22.49
CA LYS B 25 -27.40 10.01 21.74
C LYS B 25 -27.42 8.81 22.68
N LYS B 26 -28.30 7.85 22.39
CA LYS B 26 -28.46 6.66 23.20
C LYS B 26 -28.64 5.45 22.29
N LEU B 27 -28.03 4.33 22.66
CA LEU B 27 -28.10 3.09 21.90
C LEU B 27 -28.92 2.06 22.69
N SER B 28 -29.75 1.30 21.97
CA SER B 28 -30.60 0.31 22.61
C SER B 28 -31.01 -0.73 21.56
N LEU B 29 -31.63 -1.80 22.05
CA LEU B 29 -32.06 -2.88 21.18
C LEU B 29 -33.30 -2.47 20.37
N ILE B 30 -33.62 -3.27 19.36
CA ILE B 30 -34.75 -3.02 18.48
C ILE B 30 -35.52 -4.32 18.27
N ASP B 31 -36.76 -4.19 17.83
CA ASP B 31 -37.63 -5.32 17.55
C ASP B 31 -37.88 -5.40 16.05
N PHE B 32 -37.64 -6.58 15.47
CA PHE B 32 -37.78 -6.76 14.03
C PHE B 32 -39.23 -6.79 13.58
N ASN B 33 -40.12 -7.36 14.38
CA ASN B 33 -41.49 -7.60 13.94
C ASN B 33 -42.31 -6.33 13.79
N GLU B 34 -41.82 -5.18 14.23
CA GLU B 34 -42.59 -3.95 14.15
C GLU B 34 -42.37 -3.21 12.83
N ILE B 35 -41.15 -3.22 12.30
CA ILE B 35 -40.84 -2.51 11.06
C ILE B 35 -40.88 -3.41 9.84
N TYR B 36 -41.28 -4.67 10.01
CA TYR B 36 -41.33 -5.60 8.88
C TYR B 36 -42.34 -5.14 7.83
N ASN B 37 -41.93 -5.21 6.56
CA ASN B 37 -42.78 -4.84 5.44
C ASN B 37 -43.06 -6.09 4.62
N GLU B 38 -44.35 -6.41 4.47
CA GLU B 38 -44.74 -7.62 3.75
C GLU B 38 -44.59 -7.47 2.24
N GLU B 39 -44.59 -6.24 1.72
CA GLU B 39 -44.64 -6.04 0.28
C GLU B 39 -43.41 -6.63 -0.42
N ASN B 40 -42.23 -6.43 0.15
CA ASN B 40 -40.99 -6.89 -0.45
C ASN B 40 -40.35 -7.96 0.43
N LEU B 41 -40.04 -9.11 -0.18
CA LEU B 41 -39.32 -10.17 0.50
C LEU B 41 -38.68 -11.06 -0.55
N ILE B 42 -37.67 -11.83 -0.15
CA ILE B 42 -36.78 -12.52 -1.09
C ILE B 42 -36.97 -14.02 -0.93
N THR B 43 -37.32 -14.69 -2.04
CA THR B 43 -37.42 -16.16 -2.10
C THR B 43 -36.88 -16.61 -3.46
N ARG B 44 -35.59 -16.95 -3.49
CA ARG B 44 -34.96 -17.48 -4.70
C ARG B 44 -33.57 -18.00 -4.32
N ALA B 45 -33.11 -19.01 -5.06
CA ALA B 45 -31.81 -19.62 -4.82
C ALA B 45 -30.76 -19.11 -5.79
N ASN B 46 -31.00 -19.24 -7.09
CA ASN B 46 -30.02 -18.83 -8.09
C ASN B 46 -30.18 -17.34 -8.40
N PRO B 47 -29.18 -16.51 -8.14
CA PRO B 47 -29.30 -15.08 -8.46
C PRO B 47 -29.39 -14.81 -9.96
N ILE B 48 -28.98 -15.75 -10.80
CA ILE B 48 -28.88 -15.53 -12.24
C ILE B 48 -29.80 -16.50 -12.97
N GLU B 49 -30.59 -15.97 -13.90
CA GLU B 49 -31.48 -16.79 -14.70
C GLU B 49 -31.59 -16.18 -16.09
N ASN B 50 -31.51 -17.02 -17.12
CA ASN B 50 -31.58 -16.59 -18.51
C ASN B 50 -30.51 -15.55 -18.82
N HIS B 51 -29.30 -15.79 -18.30
CA HIS B 51 -28.13 -14.95 -18.58
C HIS B 51 -28.37 -13.50 -18.17
N GLU B 52 -29.05 -13.32 -17.05
CA GLU B 52 -29.28 -11.98 -16.50
C GLU B 52 -29.62 -12.12 -15.02
N PHE B 53 -29.55 -11.00 -14.31
CA PHE B 53 -29.89 -10.99 -12.90
C PHE B 53 -31.38 -11.29 -12.72
N SER B 54 -31.69 -12.09 -11.70
CA SER B 54 -33.06 -12.52 -11.49
C SER B 54 -33.91 -11.37 -10.94
N ASP B 55 -35.18 -11.67 -10.71
CA ASP B 55 -36.12 -10.69 -10.18
C ASP B 55 -36.42 -10.88 -8.70
N ASP B 56 -36.21 -12.09 -8.16
CA ASP B 56 -36.49 -12.37 -6.75
C ASP B 56 -35.24 -12.85 -6.01
N GLY B 57 -34.06 -12.64 -6.58
CA GLY B 57 -32.82 -13.05 -5.96
C GLY B 57 -32.24 -11.99 -5.04
N ILE B 58 -31.00 -12.21 -4.65
CA ILE B 58 -30.31 -11.24 -3.80
C ILE B 58 -30.03 -9.95 -4.57
N TYR B 59 -29.65 -10.06 -5.83
CA TYR B 59 -29.34 -8.92 -6.67
C TYR B 59 -30.55 -8.42 -7.45
N SER B 60 -31.74 -8.60 -6.89
CA SER B 60 -32.97 -8.24 -7.59
C SER B 60 -33.04 -6.75 -7.86
N GLU B 61 -33.63 -6.40 -9.00
CA GLU B 61 -33.81 -5.01 -9.40
C GLU B 61 -35.15 -4.43 -8.96
N ARG B 62 -36.13 -5.29 -8.64
CA ARG B 62 -37.43 -4.80 -8.23
C ARG B 62 -37.37 -4.13 -6.86
N ILE B 63 -36.60 -4.68 -5.95
CA ILE B 63 -36.56 -4.21 -4.57
C ILE B 63 -35.43 -3.21 -4.38
N PHE B 64 -34.20 -3.65 -4.62
CA PHE B 64 -33.04 -2.83 -4.29
C PHE B 64 -32.77 -1.75 -5.33
N GLY B 65 -33.35 -1.87 -6.52
CA GLY B 65 -33.19 -0.87 -7.55
C GLY B 65 -32.25 -1.30 -8.65
N SER B 66 -31.81 -0.33 -9.43
CA SER B 66 -30.93 -0.57 -10.57
C SER B 66 -29.52 -0.06 -10.27
N TYR B 67 -28.55 -0.61 -10.99
CA TYR B 67 -27.15 -0.26 -10.75
C TYR B 67 -26.76 1.04 -11.44
N ASN B 68 -26.85 1.05 -12.77
CA ASN B 68 -26.37 2.17 -13.58
C ASN B 68 -27.52 2.99 -14.17
N GLU B 69 -28.71 2.88 -13.58
CA GLU B 69 -29.89 3.61 -14.03
C GLU B 69 -30.31 4.57 -12.92
N ASP B 70 -30.42 5.85 -13.26
CA ASP B 70 -30.87 6.86 -12.31
C ASP B 70 -32.37 7.11 -12.39
N ASP B 71 -33.08 6.42 -13.29
CA ASP B 71 -34.52 6.61 -13.40
C ASP B 71 -35.30 5.94 -12.28
N ASP B 72 -34.75 4.86 -11.70
CA ASP B 72 -35.48 4.16 -10.64
C ASP B 72 -35.67 5.04 -9.41
N ASP B 73 -34.62 5.77 -9.01
CA ASP B 73 -34.65 6.65 -7.84
C ASP B 73 -35.03 5.88 -6.58
N LYS B 74 -34.20 4.89 -6.26
CA LYS B 74 -34.39 4.06 -5.07
C LYS B 74 -33.35 4.43 -4.03
N ASP B 75 -33.81 4.84 -2.85
CA ASP B 75 -32.91 5.20 -1.77
C ASP B 75 -32.17 3.98 -1.24
N ILE B 76 -30.97 4.21 -0.71
CA ILE B 76 -30.18 3.14 -0.11
C ILE B 76 -30.86 2.55 1.12
N ASP B 77 -31.62 3.37 1.86
CA ASP B 77 -32.26 2.91 3.09
C ASP B 77 -33.24 1.77 2.85
N THR B 78 -33.68 1.55 1.61
CA THR B 78 -34.55 0.42 1.32
C THR B 78 -33.88 -0.88 1.73
N ILE B 79 -34.62 -1.73 2.44
CA ILE B 79 -34.09 -2.93 3.05
C ILE B 79 -35.02 -4.09 2.73
N GLY B 80 -34.47 -5.31 2.69
CA GLY B 80 -35.23 -6.49 2.40
C GLY B 80 -35.40 -7.40 3.61
N TRP B 81 -36.39 -8.29 3.51
CA TRP B 81 -36.73 -9.20 4.60
C TRP B 81 -36.70 -10.64 4.10
N ILE B 82 -36.32 -11.56 4.99
CA ILE B 82 -36.40 -13.00 4.75
C ILE B 82 -37.28 -13.60 5.83
N ASN B 83 -38.26 -14.39 5.41
CA ASN B 83 -39.27 -14.93 6.32
C ASN B 83 -38.85 -16.32 6.79
N ILE B 84 -38.88 -16.52 8.10
CA ILE B 84 -38.61 -17.81 8.72
C ILE B 84 -39.77 -18.12 9.66
N GLU B 85 -40.40 -19.28 9.46
CA GLU B 85 -41.56 -19.66 10.25
C GLU B 85 -41.77 -21.16 10.13
N PRO B 86 -42.33 -21.81 11.15
CA PRO B 86 -42.70 -21.23 12.43
C PRO B 86 -41.58 -21.32 13.47
N TYR B 87 -40.41 -21.78 13.03
CA TYR B 87 -39.29 -21.97 13.93
C TYR B 87 -38.67 -20.63 14.33
N TYR B 88 -37.86 -20.67 15.39
CA TYR B 88 -37.23 -19.48 15.92
C TYR B 88 -35.72 -19.70 16.03
N ILE B 89 -34.98 -18.59 16.06
CA ILE B 89 -33.53 -18.62 16.14
C ILE B 89 -33.10 -17.70 17.28
N ILE B 90 -31.95 -18.00 17.87
CA ILE B 90 -31.37 -17.11 18.87
C ILE B 90 -30.83 -15.87 18.18
N ASN B 91 -31.13 -14.70 18.74
CA ASN B 91 -30.71 -13.44 18.16
C ASN B 91 -29.19 -13.39 18.05
N PRO B 92 -28.63 -13.18 16.85
CA PRO B 92 -27.17 -13.21 16.70
C PRO B 92 -26.45 -12.19 17.57
N ILE B 93 -27.03 -11.02 17.80
CA ILE B 93 -26.35 -10.00 18.60
C ILE B 93 -26.22 -10.44 20.04
N LEU B 94 -27.24 -11.13 20.56
CA LEU B 94 -27.24 -11.58 21.95
C LEU B 94 -26.55 -12.93 22.15
N PHE B 95 -26.10 -13.57 21.07
CA PHE B 95 -25.54 -14.92 21.21
C PHE B 95 -24.27 -14.93 22.05
N THR B 96 -23.39 -13.94 21.85
CA THR B 96 -22.14 -13.92 22.60
C THR B 96 -22.39 -13.67 24.09
N ILE B 97 -23.46 -12.94 24.42
CA ILE B 97 -23.80 -12.73 25.82
C ILE B 97 -24.31 -14.01 26.45
N ILE B 98 -25.18 -14.73 25.74
CA ILE B 98 -25.74 -15.97 26.30
C ILE B 98 -24.66 -17.03 26.43
N LYS B 99 -23.70 -17.05 25.49
CA LYS B 99 -22.61 -18.02 25.57
C LYS B 99 -21.76 -17.80 26.81
N LYS B 100 -21.80 -16.61 27.39
CA LYS B 100 -21.08 -16.33 28.62
C LYS B 100 -21.94 -16.52 29.86
N CYS B 101 -23.26 -16.28 29.75
CA CYS B 101 -24.14 -16.45 30.90
C CYS B 101 -24.19 -17.91 31.33
N ILE B 102 -24.31 -18.82 30.37
CA ILE B 102 -24.21 -20.25 30.64
C ILE B 102 -23.22 -20.83 29.64
N PRO B 103 -22.46 -21.87 30.01
CA PRO B 103 -21.48 -22.42 29.07
C PRO B 103 -22.01 -23.58 28.25
N SER B 104 -21.19 -24.09 27.33
CA SER B 104 -21.51 -25.27 26.53
C SER B 104 -22.81 -25.08 25.73
N ILE B 105 -22.97 -23.91 25.13
CA ILE B 105 -24.12 -23.69 24.26
C ILE B 105 -23.90 -24.37 22.92
N ASN B 106 -22.64 -24.59 22.53
CA ASN B 106 -22.36 -25.23 21.25
C ASN B 106 -22.71 -26.70 21.25
N LYS B 107 -22.74 -27.36 22.41
CA LYS B 107 -23.06 -28.77 22.52
C LYS B 107 -24.40 -29.02 23.19
N ILE B 108 -25.27 -28.01 23.25
CA ILE B 108 -26.57 -28.15 23.87
C ILE B 108 -27.72 -27.92 22.91
N ILE B 109 -27.45 -27.46 21.68
CA ILE B 109 -28.50 -27.23 20.69
C ILE B 109 -28.23 -28.11 19.46
N ASN B 110 -27.58 -29.24 19.67
CA ASN B 110 -27.19 -30.14 18.59
C ASN B 110 -27.75 -31.53 18.85
N TYR B 111 -28.04 -32.25 17.77
CA TYR B 111 -28.64 -33.58 17.86
C TYR B 111 -27.58 -34.63 17.51
N GLN B 112 -27.39 -35.58 18.42
CA GLN B 112 -26.40 -36.65 18.25
C GLN B 112 -26.98 -38.00 18.68
N GLN B 113 -28.20 -38.28 18.23
CA GLN B 113 -28.86 -39.53 18.59
C GLN B 113 -28.13 -40.71 17.97
N SER B 114 -27.85 -41.73 18.78
CA SER B 114 -27.21 -42.94 18.30
C SER B 114 -28.27 -43.99 17.97
N ILE B 115 -27.82 -45.17 17.53
CA ILE B 115 -28.74 -46.22 17.12
C ILE B 115 -28.03 -47.57 17.24
N ASP B 116 -28.81 -48.60 17.52
CA ASP B 116 -28.35 -49.98 17.54
C ASP B 116 -28.58 -50.60 16.16
N GLN B 117 -28.43 -51.93 16.07
CA GLN B 117 -28.60 -52.60 14.79
C GLN B 117 -30.05 -52.50 14.31
N ASN B 118 -31.01 -52.85 15.17
CA ASN B 118 -32.40 -52.87 14.75
C ASN B 118 -33.00 -51.47 14.62
N GLY B 119 -32.65 -50.56 15.53
CA GLY B 119 -33.18 -49.23 15.49
C GLY B 119 -33.47 -48.63 16.85
N GLU B 120 -33.45 -49.47 17.88
CA GLU B 120 -33.67 -48.99 19.24
C GLU B 120 -32.56 -48.03 19.64
N ASN B 121 -32.95 -46.90 20.22
CA ASN B 121 -31.97 -45.88 20.61
C ASN B 121 -31.09 -46.38 21.75
N ILE B 122 -29.83 -45.99 21.71
CA ILE B 122 -28.86 -46.31 22.76
C ILE B 122 -28.56 -45.02 23.52
N ASP B 123 -28.84 -45.02 24.82
CA ASP B 123 -28.66 -43.83 25.66
C ASP B 123 -27.24 -43.82 26.21
N LEU B 124 -26.40 -42.95 25.65
CA LEU B 124 -25.03 -42.75 26.11
C LEU B 124 -24.90 -41.51 26.99
N THR B 125 -25.98 -41.13 27.67
CA THR B 125 -26.02 -39.91 28.46
C THR B 125 -25.22 -40.00 29.75
N GLU B 126 -24.56 -41.13 30.02
CA GLU B 126 -23.78 -41.25 31.25
C GLU B 126 -22.64 -40.25 31.29
N GLU B 127 -21.93 -40.08 30.17
CA GLU B 127 -20.84 -39.12 30.12
C GLU B 127 -21.35 -37.69 30.03
N ILE B 128 -22.42 -37.46 29.27
CA ILE B 128 -22.96 -36.13 29.07
C ILE B 128 -23.73 -35.70 30.31
N GLY B 129 -24.07 -34.40 30.39
CA GLY B 129 -24.76 -33.87 31.54
C GLY B 129 -26.23 -34.25 31.57
N GLU B 130 -26.94 -33.69 32.56
CA GLU B 130 -28.35 -34.02 32.73
C GLU B 130 -29.18 -33.53 31.55
N ASP B 131 -28.88 -32.34 31.04
CA ASP B 131 -29.61 -31.75 29.92
C ASP B 131 -28.62 -31.39 28.82
N ASP B 132 -28.48 -32.28 27.85
CA ASP B 132 -27.60 -32.05 26.71
C ASP B 132 -28.21 -32.72 25.49
N TYR B 133 -28.00 -32.10 24.32
CA TYR B 133 -28.52 -32.61 23.05
C TYR B 133 -30.04 -32.76 23.10
N ILE B 134 -30.72 -31.61 23.24
CA ILE B 134 -32.17 -31.59 23.34
C ILE B 134 -32.84 -31.03 22.09
N GLY B 135 -32.12 -30.27 21.27
CA GLY B 135 -32.71 -29.68 20.09
C GLY B 135 -33.15 -28.24 20.32
N LEU B 136 -33.01 -27.41 19.29
CA LEU B 136 -33.31 -25.99 19.44
C LEU B 136 -34.80 -25.77 19.67
N VAL B 137 -35.66 -26.50 18.95
CA VAL B 137 -37.10 -26.31 19.08
C VAL B 137 -37.60 -26.64 20.47
N LYS B 138 -36.87 -27.45 21.23
CA LYS B 138 -37.19 -27.68 22.63
C LYS B 138 -36.46 -26.73 23.56
N PHE B 139 -35.35 -26.14 23.11
CA PHE B 139 -34.61 -25.19 23.92
C PHE B 139 -35.43 -23.95 24.22
N LYS B 140 -36.13 -23.43 23.20
CA LYS B 140 -36.91 -22.21 23.37
C LYS B 140 -38.06 -22.41 24.35
N ASP B 141 -38.73 -23.56 24.28
CA ASP B 141 -39.91 -23.78 25.11
C ASP B 141 -39.56 -23.79 26.60
N ASN B 142 -38.44 -24.39 26.97
CA ASN B 142 -38.03 -24.53 28.36
C ASN B 142 -36.81 -23.67 28.67
N PHE B 143 -36.74 -22.48 28.08
CA PHE B 143 -35.60 -21.59 28.32
C PHE B 143 -35.59 -21.05 29.75
N ASP B 144 -36.77 -20.73 30.30
CA ASP B 144 -36.84 -20.13 31.62
C ASP B 144 -36.29 -21.06 32.69
N ASP B 145 -36.64 -22.35 32.62
CA ASP B 145 -36.17 -23.30 33.62
C ASP B 145 -34.71 -23.66 33.40
N LEU B 146 -34.25 -23.68 32.15
CA LEU B 146 -32.88 -24.11 31.86
C LEU B 146 -31.85 -23.11 32.36
N LEU B 147 -32.22 -21.83 32.46
CA LEU B 147 -31.25 -20.81 32.85
C LEU B 147 -30.77 -21.01 34.28
N GLU B 148 -31.68 -21.34 35.20
CA GLU B 148 -31.35 -21.32 36.62
C GLU B 148 -30.30 -22.36 37.01
N LYS B 149 -30.10 -23.39 36.20
CA LYS B 149 -29.19 -24.47 36.61
C LYS B 149 -27.73 -24.05 36.51
N TYR B 150 -27.36 -23.30 35.47
CA TYR B 150 -25.96 -23.01 35.18
C TYR B 150 -25.71 -21.52 35.08
N THR B 151 -26.21 -20.75 36.04
CA THR B 151 -25.92 -19.32 36.13
C THR B 151 -25.22 -19.03 37.45
N ASP B 152 -24.09 -18.34 37.37
CA ASP B 152 -23.31 -18.00 38.55
C ASP B 152 -23.72 -16.61 39.03
N LYS B 153 -24.22 -16.53 40.26
CA LYS B 153 -24.71 -15.27 40.80
C LYS B 153 -23.62 -14.40 41.40
N LYS B 154 -22.41 -14.93 41.59
CA LYS B 154 -21.31 -14.14 42.14
C LYS B 154 -20.29 -13.73 41.11
N LYS B 155 -20.47 -14.11 39.84
CA LYS B 155 -19.53 -13.74 38.78
C LYS B 155 -20.20 -13.12 37.56
N TYR B 156 -21.47 -13.42 37.30
CA TYR B 156 -22.20 -12.90 36.14
C TYR B 156 -23.50 -12.24 36.59
N GLN B 157 -23.43 -11.44 37.65
CA GLN B 157 -24.62 -10.80 38.17
C GLN B 157 -25.21 -9.80 37.18
N LYS B 158 -24.35 -9.03 36.51
CA LYS B 158 -24.83 -8.02 35.58
C LYS B 158 -25.54 -8.64 34.39
N GLU B 159 -24.99 -9.72 33.84
CA GLU B 159 -25.58 -10.35 32.67
C GLU B 159 -26.95 -10.94 32.98
N TYR B 160 -27.11 -11.55 34.16
CA TYR B 160 -28.36 -12.20 34.50
C TYR B 160 -29.51 -11.20 34.54
N ASP B 161 -29.30 -10.04 35.14
CA ASP B 161 -30.36 -9.04 35.22
C ASP B 161 -30.71 -8.48 33.85
N PHE B 162 -29.73 -8.38 32.95
CA PHE B 162 -29.98 -7.80 31.63
C PHE B 162 -30.95 -8.64 30.83
N LEU B 163 -30.81 -9.97 30.89
CA LEU B 163 -31.68 -10.83 30.09
C LEU B 163 -33.11 -10.85 30.61
N ILE B 164 -33.30 -10.64 31.91
CA ILE B 164 -34.65 -10.63 32.46
C ILE B 164 -35.45 -9.44 31.92
N GLU B 165 -34.80 -8.29 31.79
CA GLU B 165 -35.50 -7.10 31.31
C GLU B 165 -35.92 -7.26 29.85
N ASN B 166 -34.99 -7.67 28.99
CA ASN B 166 -35.27 -7.83 27.56
C ASN B 166 -35.41 -9.32 27.27
N HIS B 167 -36.63 -9.83 27.45
CA HIS B 167 -36.92 -11.23 27.24
C HIS B 167 -37.64 -11.50 25.92
N ASP B 168 -38.29 -10.49 25.33
CA ASP B 168 -39.06 -10.70 24.12
C ASP B 168 -38.18 -10.86 22.88
N LYS B 169 -37.02 -10.18 22.84
CA LYS B 169 -36.18 -10.16 21.66
C LYS B 169 -35.14 -11.29 21.65
N ILE B 170 -35.29 -12.30 22.51
CA ILE B 170 -34.34 -13.41 22.51
C ILE B 170 -34.47 -14.22 21.23
N PHE B 171 -35.69 -14.52 20.81
CA PHE B 171 -35.95 -15.33 19.63
C PHE B 171 -36.51 -14.44 18.52
N ILE B 172 -35.84 -14.44 17.37
CA ILE B 172 -36.25 -13.61 16.25
C ILE B 172 -37.01 -14.45 15.24
N ASN B 173 -37.67 -13.78 14.30
CA ASN B 173 -38.46 -14.44 13.28
C ASN B 173 -38.03 -14.11 11.86
N LYS B 174 -37.57 -12.90 11.59
CA LYS B 174 -37.20 -12.48 10.25
C LYS B 174 -35.80 -11.86 10.28
N LEU B 175 -35.01 -12.19 9.27
CA LEU B 175 -33.63 -11.72 9.18
C LEU B 175 -33.50 -10.72 8.05
N PRO B 176 -33.10 -9.47 8.32
CA PRO B 176 -33.05 -8.46 7.27
C PRO B 176 -31.82 -8.61 6.38
N VAL B 177 -31.84 -7.87 5.28
CA VAL B 177 -30.71 -7.79 4.35
C VAL B 177 -30.74 -6.43 3.67
N PHE B 178 -29.60 -5.75 3.68
CA PHE B 178 -29.52 -4.40 3.12
C PHE B 178 -29.30 -4.44 1.62
N SER B 179 -29.30 -3.27 1.00
CA SER B 179 -29.28 -3.18 -0.46
C SER B 179 -27.92 -3.56 -1.01
N HIS B 180 -27.89 -3.84 -2.31
CA HIS B 180 -26.67 -4.25 -2.99
C HIS B 180 -25.79 -3.08 -3.41
N LYS B 181 -26.21 -1.85 -3.14
CA LYS B 181 -25.37 -0.71 -3.48
C LYS B 181 -24.04 -0.75 -2.72
N LEU B 182 -24.01 -1.42 -1.58
CA LEU B 182 -22.79 -1.52 -0.79
C LEU B 182 -22.00 -2.79 -1.06
N ARG B 183 -22.60 -3.78 -1.71
CA ARG B 183 -21.92 -5.03 -2.06
C ARG B 183 -22.14 -5.28 -3.55
N PRO B 184 -21.39 -4.59 -4.40
CA PRO B 184 -21.64 -4.68 -5.84
C PRO B 184 -21.26 -6.03 -6.41
N ALA B 185 -21.85 -6.33 -7.58
CA ALA B 185 -21.56 -7.56 -8.31
C ALA B 185 -21.75 -7.29 -9.79
N THR B 186 -20.77 -7.70 -10.59
CA THR B 186 -20.75 -7.43 -12.02
C THR B 186 -20.93 -8.72 -12.80
N LEU B 187 -21.70 -8.65 -13.89
CA LEU B 187 -21.95 -9.77 -14.79
C LEU B 187 -21.18 -9.61 -16.09
N LEU B 188 -19.95 -9.12 -16.01
CA LEU B 188 -19.13 -8.94 -17.19
C LEU B 188 -18.91 -10.27 -17.91
N THR B 189 -18.97 -10.24 -19.24
CA THR B 189 -18.90 -11.43 -20.05
C THR B 189 -17.59 -11.46 -20.85
N GLY B 190 -17.14 -12.67 -21.17
CA GLY B 190 -15.93 -12.86 -21.94
C GLY B 190 -16.08 -14.00 -22.92
N SER B 191 -15.08 -14.12 -23.79
CA SER B 191 -15.10 -15.20 -24.79
C SER B 191 -15.05 -16.57 -24.13
N LYS B 192 -14.24 -16.72 -23.08
CA LYS B 192 -14.11 -18.00 -22.40
C LYS B 192 -15.37 -18.39 -21.64
N GLY B 193 -16.28 -17.44 -21.43
CA GLY B 193 -17.50 -17.71 -20.70
C GLY B 193 -17.83 -16.56 -19.76
N LYS B 194 -19.09 -16.52 -19.34
CA LYS B 194 -19.54 -15.46 -18.45
C LYS B 194 -18.87 -15.58 -17.09
N VAL B 195 -18.41 -14.44 -16.56
CA VAL B 195 -17.70 -14.38 -15.29
C VAL B 195 -18.49 -13.49 -14.34
N LEU B 196 -18.72 -13.99 -13.13
CA LEU B 196 -19.45 -13.26 -12.10
C LEU B 196 -18.54 -13.04 -10.91
N ALA B 197 -18.41 -11.78 -10.50
CA ALA B 197 -17.58 -11.42 -9.36
C ALA B 197 -18.41 -10.60 -8.38
N PHE B 198 -18.26 -10.89 -7.09
CA PHE B 198 -19.04 -10.22 -6.06
C PHE B 198 -18.22 -10.15 -4.78
N ASP B 199 -18.77 -9.46 -3.79
CA ASP B 199 -18.14 -9.41 -2.49
C ASP B 199 -18.44 -10.69 -1.71
N GLU B 200 -17.60 -10.97 -0.72
CA GLU B 200 -17.66 -12.25 -0.03
C GLU B 200 -18.94 -12.41 0.79
N ILE B 201 -19.52 -11.31 1.27
CA ILE B 201 -20.68 -11.39 2.14
C ILE B 201 -21.85 -12.05 1.44
N ASN B 202 -21.91 -11.95 0.11
CA ASN B 202 -23.05 -12.48 -0.63
C ASN B 202 -23.17 -13.99 -0.51
N ASN B 203 -22.06 -14.69 -0.25
CA ASN B 203 -22.10 -16.14 -0.17
C ASN B 203 -22.97 -16.61 1.00
N TYR B 204 -22.80 -15.98 2.17
CA TYR B 204 -23.57 -16.38 3.33
C TYR B 204 -25.04 -15.98 3.20
N TYR B 205 -25.30 -14.83 2.58
CA TYR B 205 -26.69 -14.40 2.39
C TYR B 205 -27.45 -15.37 1.50
N ASN B 206 -26.74 -16.01 0.57
CA ASN B 206 -27.38 -16.99 -0.31
C ASN B 206 -27.50 -18.35 0.35
N PHE B 207 -26.96 -18.53 1.54
CA PHE B 207 -27.02 -19.84 2.20
C PHE B 207 -28.24 -19.94 3.11
N VAL B 208 -28.57 -18.86 3.83
CA VAL B 208 -29.72 -18.90 4.73
C VAL B 208 -31.01 -19.06 3.93
N ILE B 209 -31.10 -18.40 2.78
CA ILE B 209 -32.29 -18.52 1.94
C ILE B 209 -32.45 -19.94 1.45
N GLU B 210 -31.35 -20.59 1.06
CA GLU B 210 -31.41 -21.97 0.58
C GLU B 210 -31.86 -22.92 1.68
N TYR B 211 -31.36 -22.73 2.90
CA TYR B 211 -31.72 -23.63 4.00
C TYR B 211 -33.21 -23.53 4.34
N ILE B 212 -33.70 -22.31 4.55
CA ILE B 212 -35.10 -22.14 4.93
C ILE B 212 -36.02 -22.63 3.82
N ASN B 213 -35.62 -22.44 2.56
CA ASN B 213 -36.41 -22.95 1.46
C ASN B 213 -36.50 -24.48 1.48
N GLN B 214 -35.52 -25.14 2.08
CA GLN B 214 -35.49 -26.60 2.16
C GLN B 214 -36.06 -27.14 3.46
N ILE B 215 -36.88 -26.36 4.16
CA ILE B 215 -37.46 -26.79 5.44
C ILE B 215 -38.97 -26.88 5.32
N ASN B 216 -39.55 -26.04 4.45
CA ASN B 216 -41.00 -25.92 4.34
C ASN B 216 -41.59 -26.77 3.22
N GLU B 217 -40.85 -27.73 2.69
CA GLU B 217 -41.38 -28.59 1.64
C GLU B 217 -42.55 -29.43 2.15
N GLY B 218 -42.45 -29.94 3.37
CA GLY B 218 -43.50 -30.77 3.93
C GLY B 218 -44.84 -30.07 3.99
N VAL B 219 -45.87 -30.72 3.44
CA VAL B 219 -47.22 -30.17 3.34
C VAL B 219 -48.22 -31.01 4.12
N VAL B 220 -48.26 -32.31 3.85
CA VAL B 220 -49.19 -33.19 4.53
C VAL B 220 -48.81 -33.31 6.01
N SER B 221 -49.81 -33.46 6.86
CA SER B 221 -49.57 -33.64 8.29
C SER B 221 -48.79 -34.93 8.51
N ASP B 222 -47.54 -34.80 8.92
CA ASP B 222 -46.67 -35.96 9.11
C ASP B 222 -45.69 -35.65 10.24
N ASP B 223 -45.40 -36.67 11.05
CA ASP B 223 -44.42 -36.53 12.13
C ASP B 223 -43.04 -36.63 11.53
N SER B 224 -42.40 -35.49 11.30
CA SER B 224 -41.10 -35.46 10.66
C SER B 224 -40.05 -36.13 11.53
N ILE B 225 -39.17 -36.90 10.89
CA ILE B 225 -38.09 -37.56 11.61
C ILE B 225 -37.14 -36.51 12.16
N ASP B 226 -36.79 -36.64 13.44
CA ASP B 226 -35.98 -35.63 14.10
C ASP B 226 -34.60 -35.51 13.47
N LEU B 227 -34.00 -36.64 13.08
CA LEU B 227 -32.65 -36.62 12.55
C LEU B 227 -32.55 -35.94 11.19
N LEU B 228 -33.67 -35.67 10.53
CA LEU B 228 -33.66 -35.02 9.23
C LEU B 228 -33.88 -33.52 9.30
N LEU B 229 -34.59 -33.02 10.31
CA LEU B 229 -34.93 -31.62 10.44
C LEU B 229 -34.13 -30.90 11.51
N LEU B 230 -33.96 -31.52 12.68
CA LEU B 230 -33.25 -30.87 13.78
C LEU B 230 -31.81 -30.51 13.45
N PRO B 231 -30.98 -31.38 12.85
CA PRO B 231 -29.60 -30.98 12.57
C PRO B 231 -29.48 -29.77 11.65
N LEU B 232 -30.46 -29.56 10.76
CA LEU B 232 -30.38 -28.41 9.86
C LEU B 232 -30.59 -27.10 10.60
N LEU B 233 -31.45 -27.09 11.63
CA LEU B 233 -31.69 -25.85 12.37
C LEU B 233 -30.43 -25.37 13.07
N TYR B 234 -29.69 -26.28 13.70
CA TYR B 234 -28.45 -25.89 14.37
C TYR B 234 -27.43 -25.37 13.36
N ASN B 235 -27.33 -26.00 12.19
CA ASN B 235 -26.39 -25.54 11.18
C ASN B 235 -26.75 -24.15 10.67
N MET B 236 -28.05 -23.86 10.53
CA MET B 236 -28.46 -22.55 10.06
C MET B 236 -28.05 -21.45 11.04
N GLN B 237 -28.21 -21.71 12.34
CA GLN B 237 -27.82 -20.72 13.34
C GLN B 237 -26.33 -20.43 13.29
N PHE B 238 -25.52 -21.43 12.92
CA PHE B 238 -24.08 -21.22 12.78
C PHE B 238 -23.80 -20.20 11.69
N TYR B 239 -24.49 -20.31 10.55
CA TYR B 239 -24.28 -19.37 9.46
C TYR B 239 -24.87 -18.00 9.78
N ALA B 240 -25.95 -17.94 10.54
CA ALA B 240 -26.51 -16.66 10.94
C ALA B 240 -25.54 -15.89 11.82
N ASN B 241 -24.87 -16.60 12.74
CA ASN B 241 -23.91 -15.95 13.62
C ASN B 241 -22.73 -15.38 12.84
N ASN B 242 -22.21 -16.14 11.86
CA ASN B 242 -21.06 -15.68 11.10
C ASN B 242 -21.36 -14.47 10.24
N ILE B 243 -22.63 -14.27 9.85
CA ILE B 243 -22.99 -13.10 9.06
C ILE B 243 -22.73 -11.82 9.84
N LEU B 244 -23.13 -11.80 11.13
CA LEU B 244 -22.91 -10.63 11.95
C LEU B 244 -21.44 -10.35 12.17
N THR B 245 -20.63 -11.39 12.33
CA THR B 245 -19.19 -11.18 12.48
C THR B 245 -18.58 -10.60 11.21
N ARG B 246 -19.00 -11.10 10.05
CA ARG B 246 -18.40 -10.65 8.80
C ARG B 246 -18.70 -9.18 8.52
N ILE B 247 -19.94 -8.74 8.77
CA ILE B 247 -20.29 -7.35 8.49
C ILE B 247 -19.56 -6.41 9.43
N ILE B 248 -19.37 -6.81 10.69
CA ILE B 248 -18.72 -5.94 11.66
C ILE B 248 -17.20 -5.99 11.59
N SER B 249 -16.63 -6.99 10.92
CA SER B 249 -15.19 -7.12 10.81
C SER B 249 -14.66 -6.72 9.44
N GLU B 250 -15.52 -6.21 8.56
CA GLU B 250 -15.10 -5.82 7.21
C GLU B 250 -15.62 -4.45 6.79
N TYR B 251 -16.68 -3.93 7.39
CA TYR B 251 -17.26 -2.66 6.99
C TYR B 251 -17.10 -1.55 8.02
N LEU B 252 -16.99 -1.88 9.31
CA LEU B 252 -16.94 -0.88 10.36
C LEU B 252 -15.63 -0.91 11.14
N ARG B 253 -15.22 -2.08 11.64
CA ARG B 253 -14.10 -2.14 12.56
C ARG B 253 -12.79 -1.69 11.91
N GLY B 254 -12.55 -2.11 10.66
CA GLY B 254 -11.28 -1.81 10.03
C GLY B 254 -11.06 -0.33 9.81
N LYS B 255 -9.80 0.06 9.70
CA LYS B 255 -9.47 1.45 9.43
C LYS B 255 -10.01 1.88 8.07
N LYS B 256 -9.92 1.00 7.07
CA LYS B 256 -10.53 1.24 5.77
C LYS B 256 -12.04 1.05 5.79
N GLY B 257 -12.62 0.74 6.96
CA GLY B 257 -14.05 0.56 7.05
C GLY B 257 -14.80 1.88 6.95
N PHE B 258 -16.12 1.77 6.87
CA PHE B 258 -16.96 2.93 6.65
C PHE B 258 -16.97 3.86 7.87
N LEU B 259 -16.72 3.33 9.07
CA LEU B 259 -16.86 4.15 10.26
C LEU B 259 -15.76 5.20 10.36
N ARG B 260 -14.52 4.83 10.04
CA ARG B 260 -13.39 5.73 10.19
C ARG B 260 -12.93 6.34 8.86
N LYS B 261 -13.69 6.16 7.78
CA LYS B 261 -13.34 6.74 6.50
C LYS B 261 -14.41 7.65 5.93
N ASN B 262 -15.68 7.39 6.20
CA ASN B 262 -16.78 8.15 5.61
C ASN B 262 -17.67 8.80 6.66
N ILE B 263 -17.26 8.84 7.92
CA ILE B 263 -18.10 9.42 8.97
C ILE B 263 -17.34 10.53 9.67
N MET B 264 -16.16 10.22 10.20
CA MET B 264 -15.36 11.23 10.89
C MET B 264 -14.41 11.93 9.92
N GLY B 265 -13.97 11.22 8.88
CA GLY B 265 -13.26 11.83 7.78
C GLY B 265 -14.04 11.62 6.49
N SER B 266 -13.62 12.32 5.44
CA SER B 266 -14.28 12.19 4.15
C SER B 266 -13.41 12.80 3.07
N ARG B 267 -13.63 12.35 1.83
CA ARG B 267 -13.12 13.05 0.68
C ARG B 267 -13.98 14.27 0.40
N ILE B 268 -13.49 15.17 -0.44
CA ILE B 268 -14.16 16.46 -0.61
C ILE B 268 -13.86 17.00 -2.00
N ASN B 269 -14.88 17.61 -2.62
CA ASN B 269 -14.73 18.31 -3.88
C ASN B 269 -14.10 19.68 -3.66
N PHE B 270 -13.98 20.46 -4.73
CA PHE B 270 -13.45 21.82 -4.69
C PHE B 270 -12.12 21.85 -3.93
N SER B 271 -11.13 21.16 -4.49
CA SER B 271 -9.86 21.02 -3.82
C SER B 271 -8.75 20.84 -4.84
N ALA B 272 -7.52 21.05 -4.40
CA ALA B 272 -6.35 20.91 -5.25
C ALA B 272 -5.13 20.67 -4.39
N ARG B 273 -4.05 20.22 -5.03
CA ARG B 273 -2.77 20.01 -4.37
C ARG B 273 -1.68 20.68 -5.19
N ASN B 274 -0.63 21.17 -4.53
CA ASN B 274 0.40 21.95 -5.19
C ASN B 274 1.73 21.73 -4.48
N VAL B 275 2.72 22.55 -4.84
CA VAL B 275 4.06 22.48 -4.26
C VAL B 275 4.37 23.84 -3.65
N ILE B 276 5.55 23.99 -3.07
CA ILE B 276 5.96 25.21 -2.39
C ILE B 276 7.15 25.82 -3.11
N THR B 277 7.16 27.15 -3.25
CA THR B 277 8.24 27.89 -3.89
C THR B 277 8.32 29.25 -3.21
N PRO B 278 9.50 29.68 -2.78
CA PRO B 278 9.60 30.93 -2.01
C PRO B 278 9.21 32.15 -2.86
N LEU B 279 8.66 33.15 -2.18
CA LEU B 279 8.24 34.39 -2.81
C LEU B 279 8.59 35.54 -1.88
N ILE B 280 9.07 36.64 -2.46
CA ILE B 280 9.55 37.79 -1.68
C ILE B 280 8.78 39.03 -2.12
N GLY B 281 8.98 40.11 -1.36
CA GLY B 281 8.41 41.41 -1.70
C GLY B 281 6.91 41.50 -1.62
N HIS B 282 6.30 40.94 -0.58
CA HIS B 282 4.86 41.00 -0.39
C HIS B 282 4.56 40.85 1.09
N PRO B 283 3.39 41.30 1.54
CA PRO B 283 3.01 41.11 2.95
C PRO B 283 3.00 39.64 3.34
N ILE B 284 2.93 39.40 4.65
CA ILE B 284 3.13 38.06 5.18
C ILE B 284 1.95 37.14 4.90
N ASP B 285 0.78 37.67 4.55
CA ASP B 285 -0.41 36.87 4.32
C ASP B 285 -0.95 37.07 2.91
N GLU B 286 -0.05 37.10 1.94
CA GLU B 286 -0.40 37.19 0.52
C GLU B 286 0.33 36.10 -0.23
N VAL B 287 -0.40 35.32 -1.03
CA VAL B 287 0.19 34.25 -1.81
C VAL B 287 -0.24 34.40 -3.26
N ALA B 288 0.52 33.75 -4.15
CA ALA B 288 0.24 33.77 -5.58
C ALA B 288 0.13 32.33 -6.07
N MET B 289 -1.00 32.01 -6.69
CA MET B 289 -1.28 30.66 -7.15
C MET B 289 -1.06 30.53 -8.65
N PRO B 290 -0.78 29.33 -9.13
CA PRO B 290 -0.61 29.13 -10.57
C PRO B 290 -1.88 29.44 -11.35
N TYR B 291 -1.69 29.70 -12.65
CA TYR B 291 -2.81 30.07 -13.51
C TYR B 291 -3.82 28.94 -13.63
N LYS B 292 -3.35 27.70 -13.77
CA LYS B 292 -4.25 26.59 -14.04
C LYS B 292 -5.18 26.31 -12.86
N THR B 293 -4.61 26.18 -11.66
CA THR B 293 -5.42 25.76 -10.52
C THR B 293 -6.49 26.78 -10.16
N PHE B 294 -6.15 28.07 -10.23
CA PHE B 294 -7.15 29.09 -9.92
C PHE B 294 -8.19 29.24 -11.02
N ALA B 295 -7.89 28.79 -12.23
CA ALA B 295 -8.85 28.85 -13.31
C ALA B 295 -9.87 27.71 -13.26
N GLU B 296 -9.70 26.77 -12.34
CA GLU B 296 -10.61 25.63 -12.22
C GLU B 296 -11.22 25.49 -10.84
N LEU B 297 -10.52 25.89 -9.77
CA LEU B 297 -11.13 25.89 -8.45
C LEU B 297 -12.28 26.90 -8.38
N TYR B 298 -12.04 28.12 -8.85
CA TYR B 298 -13.08 29.14 -8.93
C TYR B 298 -13.70 29.13 -10.33
N LYS B 299 -14.17 27.94 -10.74
CA LYS B 299 -14.68 27.78 -12.09
C LYS B 299 -16.10 28.31 -12.23
N PHE B 300 -16.99 27.94 -11.31
CA PHE B 300 -18.38 28.30 -11.44
C PHE B 300 -18.59 29.81 -11.38
N GLN B 301 -17.87 30.49 -10.49
CA GLN B 301 -18.01 31.94 -10.41
C GLN B 301 -17.51 32.62 -11.67
N LEU B 302 -16.54 32.02 -12.36
CA LEU B 302 -16.03 32.59 -13.60
C LEU B 302 -17.11 32.64 -14.67
N ILE B 303 -17.90 31.57 -14.80
CA ILE B 303 -18.92 31.51 -15.83
C ILE B 303 -19.99 32.57 -15.58
N ASN B 304 -20.30 32.83 -14.30
CA ASN B 304 -21.27 33.87 -13.97
C ASN B 304 -20.78 35.24 -14.42
N LEU B 305 -19.49 35.51 -14.24
CA LEU B 305 -18.94 36.80 -14.64
C LEU B 305 -18.89 36.94 -16.17
N ILE B 306 -18.54 35.86 -16.87
CA ILE B 306 -18.45 35.91 -18.32
C ILE B 306 -19.85 36.08 -18.93
N SER B 307 -20.85 35.43 -18.36
CA SER B 307 -22.18 35.41 -18.97
C SER B 307 -22.77 36.80 -19.09
N LYS B 308 -22.64 37.62 -18.04
CA LYS B 308 -23.25 38.95 -18.09
C LYS B 308 -22.51 39.88 -19.02
N VAL B 309 -21.17 39.87 -18.97
CA VAL B 309 -20.38 40.79 -19.79
C VAL B 309 -20.51 40.44 -21.27
N LYS B 310 -20.34 39.17 -21.61
CA LYS B 310 -20.38 38.76 -23.01
C LYS B 310 -21.80 38.70 -23.57
N GLY B 311 -22.81 38.68 -22.71
CA GLY B 311 -24.18 38.63 -23.17
C GLY B 311 -24.59 37.35 -23.88
N ILE B 312 -24.16 36.21 -23.35
CA ILE B 312 -24.52 34.90 -23.90
C ILE B 312 -24.99 34.00 -22.77
N ASN B 313 -25.71 32.95 -23.14
CA ASN B 313 -26.21 32.00 -22.16
C ASN B 313 -25.09 31.10 -21.66
N TYR B 314 -25.42 30.22 -20.72
CA TYR B 314 -24.39 29.44 -20.03
C TYR B 314 -23.80 28.37 -20.94
N ASN B 315 -24.62 27.77 -21.81
CA ASN B 315 -24.10 26.73 -22.70
C ASN B 315 -23.05 27.28 -23.65
N GLU B 316 -23.29 28.46 -24.21
CA GLU B 316 -22.31 29.06 -25.12
C GLU B 316 -21.06 29.52 -24.38
N ALA B 317 -21.21 29.95 -23.12
CA ALA B 317 -20.06 30.43 -22.37
C ALA B 317 -19.16 29.29 -21.92
N LEU B 318 -19.72 28.09 -21.73
CA LEU B 318 -18.91 26.97 -21.26
C LEU B 318 -17.84 26.60 -22.28
N LYS B 319 -18.19 26.55 -23.56
CA LYS B 319 -17.21 26.18 -24.58
C LYS B 319 -16.15 27.27 -24.76
N PHE B 320 -16.46 28.50 -24.36
CA PHE B 320 -15.45 29.55 -24.36
C PHE B 320 -14.43 29.32 -23.26
N TRP B 321 -14.89 28.91 -22.08
CA TRP B 321 -13.96 28.61 -20.99
C TRP B 321 -13.10 27.39 -21.29
N GLU B 322 -13.63 26.44 -22.06
CA GLU B 322 -12.85 25.27 -22.43
C GLU B 322 -11.64 25.65 -23.27
N LYS B 323 -11.83 26.56 -24.24
CA LYS B 323 -10.72 26.99 -25.07
C LYS B 323 -9.76 27.90 -24.32
N GLY B 324 -10.24 28.57 -23.27
CA GLY B 324 -9.39 29.50 -22.56
C GLY B 324 -8.52 28.85 -21.50
N ILE B 325 -8.60 27.53 -21.38
CA ILE B 325 -7.79 26.83 -20.39
C ILE B 325 -6.75 25.90 -21.02
N LEU B 326 -6.92 25.53 -22.30
CA LEU B 326 -5.93 24.68 -22.96
C LEU B 326 -4.64 25.45 -23.19
N GLY B 327 -4.74 26.67 -23.69
CA GLY B 327 -3.58 27.51 -23.89
C GLY B 327 -3.82 28.88 -23.28
N PHE B 328 -2.73 29.51 -22.85
CA PHE B 328 -2.83 30.81 -22.22
C PHE B 328 -3.36 31.84 -23.20
N ASN B 329 -4.30 32.66 -22.74
CA ASN B 329 -4.86 33.73 -23.57
C ASN B 329 -4.98 35.02 -22.77
N GLN B 330 -5.64 36.02 -23.34
CA GLN B 330 -5.73 37.33 -22.71
C GLN B 330 -7.15 37.75 -22.35
N GLU B 331 -8.14 37.33 -23.13
CA GLU B 331 -9.52 37.72 -22.83
C GLU B 331 -9.97 37.16 -21.49
N LEU B 332 -9.62 35.91 -21.20
CA LEU B 332 -10.01 35.30 -19.93
C LEU B 332 -9.28 35.95 -18.76
N TYR B 333 -8.01 36.32 -18.98
CA TYR B 333 -7.20 36.85 -17.88
C TYR B 333 -7.76 38.18 -17.37
N ASN B 334 -8.28 39.01 -18.27
CA ASN B 334 -8.82 40.30 -17.84
C ASN B 334 -10.00 40.13 -16.89
N TYR B 335 -10.88 39.18 -17.19
CA TYR B 335 -11.98 38.89 -16.27
C TYR B 335 -11.47 38.25 -14.99
N MET B 336 -10.37 37.49 -15.08
CA MET B 336 -9.82 36.85 -13.88
C MET B 336 -9.31 37.87 -12.88
N GLU B 337 -8.60 38.90 -13.36
CA GLU B 337 -7.98 39.86 -12.46
C GLU B 337 -9.04 40.67 -11.71
N GLU B 338 -10.13 41.04 -12.38
CA GLU B 338 -11.16 41.85 -11.73
C GLU B 338 -11.86 41.08 -10.62
N LEU B 339 -11.92 39.75 -10.72
CA LEU B 339 -12.65 38.97 -9.72
C LEU B 339 -11.98 39.06 -8.35
N ILE B 340 -10.65 39.03 -8.30
CA ILE B 340 -9.93 39.05 -7.03
C ILE B 340 -9.76 40.45 -6.47
N THR B 341 -10.29 41.47 -7.13
CA THR B 341 -10.16 42.85 -6.68
C THR B 341 -11.45 43.41 -6.10
N LYS B 342 -12.60 43.11 -6.71
CA LYS B 342 -13.87 43.69 -6.29
C LYS B 342 -14.65 42.84 -5.30
N THR B 343 -14.33 41.56 -5.19
CA THR B 343 -15.09 40.68 -4.31
C THR B 343 -14.84 41.07 -2.85
N LYS B 344 -15.80 40.73 -1.99
CA LYS B 344 -15.72 41.10 -0.58
C LYS B 344 -14.74 40.19 0.14
N GLY B 345 -13.82 40.79 0.90
CA GLY B 345 -12.85 40.06 1.67
C GLY B 345 -11.71 39.43 0.89
N GLY B 346 -11.81 39.37 -0.44
CA GLY B 346 -10.79 38.71 -1.23
C GLY B 346 -10.90 37.21 -1.20
N CYS B 347 -10.60 36.55 -2.32
CA CYS B 347 -10.68 35.10 -2.36
C CYS B 347 -9.69 34.50 -1.39
N THR B 348 -10.16 33.51 -0.61
CA THR B 348 -9.35 32.92 0.44
C THR B 348 -9.48 31.41 0.39
N PHE B 349 -8.57 30.72 1.08
CA PHE B 349 -8.59 29.27 1.13
C PHE B 349 -7.87 28.80 2.39
N LEU B 350 -8.11 27.54 2.75
CA LEU B 350 -7.46 26.90 3.88
C LEU B 350 -6.31 26.04 3.35
N LEU B 351 -5.10 26.28 3.85
CA LEU B 351 -3.93 25.53 3.45
C LEU B 351 -3.42 24.72 4.63
N ASN B 352 -3.28 23.41 4.43
CA ASN B 352 -2.78 22.53 5.49
C ASN B 352 -1.59 21.73 5.00
N ARG B 353 -1.14 20.77 5.79
CA ARG B 353 0.01 19.95 5.42
C ARG B 353 -0.19 18.55 5.97
N ASN B 354 0.13 17.55 5.16
CA ASN B 354 -0.03 16.16 5.56
C ASN B 354 1.30 15.64 6.09
N PRO B 355 1.37 15.21 7.37
CA PRO B 355 0.28 15.25 8.34
C PRO B 355 0.35 16.47 9.25
N THR B 356 -0.76 16.78 9.93
CA THR B 356 -0.80 17.89 10.87
C THR B 356 -0.68 17.37 12.29
N ILE B 357 0.36 17.79 13.00
CA ILE B 357 0.58 17.37 14.38
C ILE B 357 0.89 18.58 15.24
N SER B 358 1.17 19.72 14.61
CA SER B 358 1.60 20.92 15.32
C SER B 358 0.54 22.00 15.17
N ILE B 359 0.50 22.89 16.16
CA ILE B 359 -0.43 24.01 16.12
C ILE B 359 -0.05 24.94 14.99
N GLY B 360 -1.05 25.38 14.23
CA GLY B 360 -0.81 26.23 13.08
C GLY B 360 -0.43 25.51 11.82
N SER B 361 -0.52 24.18 11.78
CA SER B 361 -0.24 23.44 10.56
C SER B 361 -1.28 23.70 9.47
N ILE B 362 -2.41 24.28 9.83
CA ILE B 362 -3.45 24.66 8.88
C ILE B 362 -3.79 26.13 9.10
N LEU B 363 -3.75 26.92 8.02
CA LEU B 363 -3.88 28.36 8.10
C LEU B 363 -5.05 28.82 7.24
N TYR B 364 -5.25 30.14 7.18
CA TYR B 364 -6.30 30.78 6.41
C TYR B 364 -5.67 32.00 5.73
N LEU B 365 -5.22 31.81 4.49
CA LEU B 365 -4.46 32.83 3.78
C LEU B 365 -5.37 33.59 2.81
N LYS B 366 -4.75 34.48 2.03
CA LYS B 366 -5.45 35.30 1.06
C LYS B 366 -4.71 35.26 -0.27
N ILE B 367 -5.41 35.64 -1.34
CA ILE B 367 -4.88 35.64 -2.68
C ILE B 367 -4.68 37.07 -3.14
N GLY B 368 -3.50 37.37 -3.66
CA GLY B 368 -3.18 38.73 -4.08
C GLY B 368 -2.45 38.85 -5.39
N LEU B 369 -2.11 37.74 -6.02
CA LEU B 369 -1.36 37.76 -7.27
C LEU B 369 -1.62 36.49 -8.06
N ILE B 370 -1.57 36.61 -9.39
CA ILE B 370 -1.74 35.50 -10.30
C ILE B 370 -0.55 35.48 -11.26
N LYS B 371 0.11 34.33 -11.36
CA LYS B 371 1.29 34.23 -12.22
C LYS B 371 0.89 34.27 -13.69
N LYS B 372 1.63 35.06 -14.47
CA LYS B 372 1.35 35.19 -15.89
C LYS B 372 1.72 33.93 -16.67
N ASP B 373 2.76 33.23 -16.25
CA ASP B 373 3.24 32.08 -16.99
C ASP B 373 2.22 30.95 -16.98
N TYR B 374 2.17 30.22 -18.11
CA TYR B 374 1.32 29.05 -18.22
C TYR B 374 1.99 27.78 -17.76
N LYS B 375 3.31 27.67 -17.94
CA LYS B 375 4.03 26.46 -17.54
C LYS B 375 4.35 26.43 -16.06
N ASP B 376 4.19 27.55 -15.35
CA ASP B 376 4.46 27.58 -13.92
C ASP B 376 3.35 26.84 -13.17
N LEU B 377 3.76 25.94 -12.27
CA LEU B 377 2.80 25.15 -11.49
C LEU B 377 3.25 25.07 -10.04
N THR B 378 3.68 26.19 -9.47
CA THR B 378 4.17 26.24 -8.10
C THR B 378 3.45 27.35 -7.34
N LEU B 379 3.17 27.09 -6.07
CA LEU B 379 2.53 28.06 -5.20
C LEU B 379 3.60 28.91 -4.52
N GLY B 380 3.49 30.23 -4.67
CA GLY B 380 4.46 31.15 -4.11
C GLY B 380 3.99 31.74 -2.80
N ILE B 381 4.71 31.42 -1.73
CA ILE B 381 4.41 31.91 -0.39
C ILE B 381 5.63 32.61 0.16
N SER B 382 5.44 33.30 1.28
CA SER B 382 6.53 34.02 1.92
C SER B 382 7.44 33.05 2.68
N ASN B 383 8.57 33.58 3.15
CA ASN B 383 9.54 32.74 3.85
C ASN B 383 9.25 32.66 5.34
N ASN B 384 8.75 33.74 5.93
CA ASN B 384 8.45 33.72 7.36
C ASN B 384 7.34 32.72 7.69
N LEU B 385 6.32 32.65 6.85
CA LEU B 385 5.21 31.74 7.09
C LEU B 385 5.63 30.28 6.97
N LEU B 386 6.78 30.00 6.37
CA LEU B 386 7.22 28.61 6.18
C LEU B 386 7.46 27.93 7.52
N SER B 387 8.07 28.64 8.47
CA SER B 387 8.44 28.02 9.74
C SER B 387 7.21 27.56 10.53
N ALA B 388 6.07 28.19 10.32
CA ALA B 388 4.86 27.79 11.03
C ALA B 388 4.45 26.36 10.66
N LEU B 389 4.53 26.02 9.38
CA LEU B 389 4.19 24.67 8.94
C LEU B 389 5.24 23.64 9.32
N SER B 390 6.40 24.08 9.81
CA SER B 390 7.50 23.18 10.20
C SER B 390 7.97 22.33 9.02
N GLY B 391 7.82 22.86 7.82
CA GLY B 391 8.24 22.16 6.62
C GLY B 391 9.41 22.83 5.92
N ASP B 392 9.64 22.46 4.66
CA ASP B 392 10.71 23.05 3.87
C ASP B 392 10.41 22.81 2.40
N TYR B 393 11.31 23.30 1.54
CA TYR B 393 11.13 23.22 0.10
C TYR B 393 11.66 21.91 -0.48
N ASP B 394 11.74 20.85 0.32
CA ASP B 394 12.24 19.56 -0.17
C ASP B 394 11.36 18.97 -1.27
N GLY B 395 10.11 19.40 -1.37
CA GLY B 395 9.23 18.89 -2.41
C GLY B 395 7.95 18.27 -1.88
N ASP B 396 7.53 18.69 -0.68
CA ASP B 396 6.29 18.21 -0.12
C ASP B 396 5.09 18.76 -0.87
N VAL B 397 3.95 18.10 -0.73
CA VAL B 397 2.72 18.46 -1.44
C VAL B 397 1.67 18.86 -0.42
N LEU B 398 1.12 20.06 -0.58
CA LEU B 398 0.09 20.59 0.30
C LEU B 398 -1.29 20.40 -0.30
N ASN B 399 -2.31 20.64 0.51
CA ASN B 399 -3.70 20.56 0.08
C ASN B 399 -4.34 21.94 0.23
N ILE B 400 -5.08 22.35 -0.78
CA ILE B 400 -5.71 23.67 -0.83
C ILE B 400 -7.22 23.48 -0.90
N ILE B 401 -7.94 24.14 0.01
CA ILE B 401 -9.39 24.06 0.04
C ILE B 401 -9.97 25.46 0.12
N PRO B 402 -10.64 25.95 -0.93
CA PRO B 402 -11.22 27.29 -0.88
C PRO B 402 -12.45 27.33 0.01
N VAL B 403 -12.78 28.55 0.44
CA VAL B 403 -13.98 28.80 1.24
C VAL B 403 -14.84 29.81 0.49
N PHE B 404 -16.16 29.61 0.53
CA PHE B 404 -17.07 30.38 -0.30
C PHE B 404 -18.00 31.28 0.49
N ASP B 405 -18.75 30.73 1.44
CA ASP B 405 -19.82 31.48 2.11
C ASP B 405 -19.26 32.68 2.87
N ASN B 406 -19.90 33.83 2.68
CA ASN B 406 -19.45 35.04 3.37
C ASN B 406 -19.66 34.93 4.87
N LYS B 407 -20.82 34.40 5.29
CA LYS B 407 -21.09 34.24 6.71
C LYS B 407 -20.14 33.24 7.37
N MET B 408 -19.71 32.24 6.62
CA MET B 408 -18.79 31.23 7.16
C MET B 408 -17.39 31.81 7.35
N LYS B 409 -17.03 32.83 6.58
CA LYS B 409 -15.68 33.38 6.64
C LYS B 409 -15.38 33.97 8.01
N GLU B 410 -16.35 34.68 8.60
CA GLU B 410 -16.09 35.35 9.87
C GLU B 410 -15.82 34.35 11.00
N HIS B 411 -16.37 33.14 10.89
CA HIS B 411 -16.08 32.12 11.90
C HIS B 411 -14.69 31.53 11.72
N PHE B 412 -14.18 31.51 10.49
CA PHE B 412 -12.85 30.97 10.22
C PHE B 412 -11.73 32.00 10.38
N SER B 413 -12.07 33.28 10.58
CA SER B 413 -11.04 34.30 10.71
C SER B 413 -10.16 34.09 11.93
N LEU B 414 -10.63 33.33 12.93
CA LEU B 414 -9.83 33.04 14.10
C LEU B 414 -8.61 32.19 13.78
N LEU B 415 -8.60 31.51 12.64
CA LEU B 415 -7.48 30.68 12.25
C LEU B 415 -6.47 31.41 11.37
N SER B 416 -6.66 32.70 11.12
CA SER B 416 -5.73 33.45 10.30
C SER B 416 -4.39 33.60 11.02
N PRO B 417 -3.30 33.79 10.27
CA PRO B 417 -2.00 33.97 10.92
C PRO B 417 -1.93 35.21 11.79
N GLN B 418 -2.82 36.18 11.61
CA GLN B 418 -2.86 37.33 12.50
C GLN B 418 -3.21 36.92 13.92
N ASN B 419 -4.15 35.98 14.08
CA ASN B 419 -4.57 35.54 15.40
C ASN B 419 -3.55 34.62 16.06
N PHE B 420 -2.63 34.04 15.30
CA PHE B 420 -1.59 33.18 15.86
C PHE B 420 -0.34 33.95 16.25
N LEU B 421 -0.37 35.28 16.12
CA LEU B 421 0.81 36.08 16.44
C LEU B 421 1.17 35.97 17.92
N VAL B 422 0.18 36.00 18.79
CA VAL B 422 0.41 35.85 20.22
C VAL B 422 0.49 34.37 20.55
N ASP B 423 1.41 34.01 21.43
CA ASP B 423 1.62 32.61 21.78
C ASP B 423 0.57 32.17 22.79
N ARG B 424 -0.14 31.08 22.46
CA ARG B 424 -1.16 30.56 23.37
C ARG B 424 -0.53 29.89 24.58
N ASN B 425 0.73 29.47 24.49
CA ASN B 425 1.36 28.74 25.57
C ASN B 425 1.60 29.62 26.80
N ASN B 426 2.19 30.79 26.59
CA ASN B 426 2.59 31.66 27.69
C ASN B 426 1.92 33.03 27.67
N GLY B 427 1.68 33.59 26.50
CA GLY B 427 1.17 34.94 26.38
C GLY B 427 2.18 35.94 25.86
N ARG B 428 3.39 35.51 25.51
CA ARG B 428 4.40 36.37 24.94
C ARG B 428 4.31 36.35 23.43
N PHE B 429 5.22 37.09 22.78
CA PHE B 429 5.30 37.07 21.32
C PHE B 429 5.76 35.70 20.84
N ASN B 430 5.05 35.16 19.85
CA ASN B 430 5.35 33.82 19.38
C ASN B 430 6.69 33.81 18.64
N GLY B 431 7.55 32.86 18.99
CA GLY B 431 8.86 32.77 18.37
C GLY B 431 8.86 32.21 16.96
N ASP B 432 7.82 31.44 16.60
CA ASP B 432 7.78 30.85 15.26
C ASP B 432 7.63 31.92 14.19
N PHE B 433 6.79 32.92 14.44
CA PHE B 433 6.59 34.02 13.49
C PHE B 433 7.60 35.13 13.74
N ASP B 434 8.87 34.78 13.66
CA ASP B 434 9.96 35.71 13.89
C ASP B 434 11.06 35.46 12.87
N LEU B 435 12.12 36.26 12.93
CA LEU B 435 13.25 36.08 12.02
C LEU B 435 13.89 34.73 12.24
N GLN B 436 14.16 34.01 11.15
CA GLN B 436 14.75 32.69 11.20
C GLN B 436 15.70 32.52 10.03
N LYS B 437 16.65 31.59 10.20
CA LYS B 437 17.58 31.19 9.14
C LYS B 437 18.44 32.40 8.77
N ASP B 438 18.55 32.74 7.48
CA ASP B 438 19.52 33.76 7.07
C ASP B 438 19.08 35.16 7.49
N GLN B 439 17.77 35.38 7.65
CA GLN B 439 17.29 36.73 8.01
C GLN B 439 17.84 37.17 9.37
N ILE B 440 18.14 36.22 10.26
CA ILE B 440 18.81 36.56 11.50
C ILE B 440 20.21 37.11 11.23
N LEU B 441 20.94 36.48 10.30
CA LEU B 441 22.29 36.91 10.01
C LEU B 441 22.31 38.27 9.31
N GLY B 442 21.33 38.52 8.44
CA GLY B 442 21.32 39.78 7.71
C GLY B 442 21.17 40.99 8.62
N ILE B 443 20.28 40.89 9.61
CA ILE B 443 20.08 42.00 10.54
C ILE B 443 21.33 42.23 11.39
N PHE B 444 21.98 41.15 11.82
CA PHE B 444 23.13 41.27 12.71
C PHE B 444 24.26 42.05 12.05
N ILE B 445 24.46 41.86 10.74
CA ILE B 445 25.53 42.58 10.05
C ILE B 445 25.28 44.07 10.09
N LEU B 446 24.05 44.50 9.79
CA LEU B 446 23.73 45.92 9.81
C LEU B 446 23.62 46.45 11.24
N ASN B 447 22.97 45.70 12.12
CA ASN B 447 22.69 46.19 13.46
C ASN B 447 23.97 46.46 14.25
N ASN B 448 24.94 45.56 14.14
CA ASN B 448 26.22 45.76 14.82
C ASN B 448 27.05 46.79 14.07
N MET C 1 42.97 16.82 -28.50
CA MET C 1 41.90 15.82 -28.41
C MET C 1 41.79 15.25 -27.00
N ILE C 2 40.86 15.79 -26.22
CA ILE C 2 40.67 15.31 -24.85
C ILE C 2 40.09 13.90 -24.86
N SER C 3 39.17 13.63 -25.79
CA SER C 3 38.48 12.34 -25.79
C SER C 3 39.43 11.18 -26.04
N ASN C 4 40.39 11.35 -26.96
CA ASN C 4 41.34 10.29 -27.23
C ASN C 4 42.20 9.99 -26.01
N PHE C 5 42.69 11.03 -25.33
CA PHE C 5 43.46 10.81 -24.12
C PHE C 5 42.62 10.14 -23.04
N ARG C 6 41.35 10.55 -22.91
CA ARG C 6 40.48 9.94 -21.91
C ARG C 6 40.29 8.45 -22.19
N LYS C 7 40.06 8.10 -23.46
CA LYS C 7 39.91 6.70 -23.81
C LYS C 7 41.18 5.91 -23.53
N PHE C 8 42.35 6.47 -23.88
CA PHE C 8 43.60 5.78 -23.63
C PHE C 8 43.84 5.58 -22.14
N HIS C 9 43.58 6.61 -21.34
CA HIS C 9 43.78 6.51 -19.89
C HIS C 9 42.81 5.51 -19.27
N GLY C 10 41.57 5.45 -19.79
CA GLY C 10 40.64 4.45 -19.32
C GLY C 10 41.06 3.04 -19.68
N ASN C 11 41.61 2.87 -20.88
CA ASN C 11 42.05 1.54 -21.31
C ASN C 11 43.30 1.10 -20.56
N LYS C 12 44.09 2.04 -20.05
CA LYS C 12 45.30 1.68 -19.30
C LYS C 12 45.01 1.38 -17.84
N ASN C 13 43.76 1.08 -17.48
CA ASN C 13 43.44 0.73 -16.11
C ASN C 13 43.92 -0.68 -15.79
N GLN C 14 43.79 -1.07 -14.52
CA GLN C 14 44.21 -2.39 -14.07
C GLN C 14 43.12 -3.16 -13.33
N GLU C 15 42.30 -2.50 -12.52
CA GLU C 15 41.27 -3.18 -11.74
C GLU C 15 40.00 -3.34 -12.57
N LYS C 16 40.09 -4.22 -13.56
CA LYS C 16 38.97 -4.46 -14.46
C LYS C 16 37.86 -5.25 -13.76
N PHE C 17 36.64 -5.08 -14.26
CA PHE C 17 35.49 -5.73 -13.67
C PHE C 17 35.50 -7.24 -13.95
N ASN C 18 34.62 -7.95 -13.26
CA ASN C 18 34.50 -9.40 -13.41
C ASN C 18 33.49 -9.68 -14.52
N GLU C 19 33.99 -10.14 -15.67
CA GLU C 19 33.12 -10.36 -16.82
C GLU C 19 32.16 -11.52 -16.58
N ASN C 20 32.62 -12.58 -15.92
CA ASN C 20 31.82 -13.79 -15.78
C ASN C 20 30.57 -13.54 -14.94
N LEU C 21 30.68 -12.75 -13.87
CA LEU C 21 29.55 -12.57 -12.97
C LEU C 21 28.38 -11.87 -13.66
N ILE C 22 28.68 -10.85 -14.46
CA ILE C 22 27.61 -10.03 -15.04
C ILE C 22 26.79 -10.84 -16.04
N LEU C 23 27.47 -11.56 -16.95
CA LEU C 23 26.79 -12.38 -17.95
C LEU C 23 26.64 -13.80 -17.40
N ASN C 24 25.74 -13.95 -16.44
CA ASN C 24 25.56 -15.22 -15.77
C ASN C 24 24.15 -15.76 -15.97
N LYS C 25 23.16 -14.87 -16.07
CA LYS C 25 21.77 -15.28 -16.11
C LYS C 25 21.47 -16.18 -17.31
N GLU C 26 22.23 -16.03 -18.40
CA GLU C 26 21.99 -16.85 -19.58
C GLU C 26 22.56 -18.26 -19.44
N ASN C 27 23.43 -18.50 -18.45
CA ASN C 27 23.98 -19.83 -18.26
C ASN C 27 22.98 -20.80 -17.64
N GLU C 28 22.03 -20.28 -16.86
CA GLU C 28 21.06 -21.14 -16.19
C GLU C 28 20.13 -21.81 -17.21
N SER C 29 19.81 -23.07 -16.96
CA SER C 29 18.93 -23.85 -17.82
C SER C 29 17.74 -24.35 -17.02
N ILE C 30 16.54 -24.22 -17.60
CA ILE C 30 15.33 -24.64 -16.90
C ILE C 30 15.28 -26.14 -16.71
N LEU C 31 15.81 -26.92 -17.67
CA LEU C 31 15.76 -28.36 -17.58
C LEU C 31 16.54 -28.88 -16.38
N ASN C 32 17.58 -28.16 -15.96
CA ASN C 32 18.35 -28.57 -14.80
C ASN C 32 17.51 -28.54 -13.53
N TYR C 33 16.72 -27.47 -13.36
CA TYR C 33 15.87 -27.34 -12.18
C TYR C 33 14.54 -28.06 -12.31
N LEU C 34 14.17 -28.51 -13.50
CA LEU C 34 12.85 -29.13 -13.68
C LEU C 34 12.77 -30.51 -13.03
N ASP C 35 13.88 -31.24 -12.99
CA ASP C 35 13.82 -32.64 -12.57
C ASP C 35 13.36 -32.84 -11.13
N PRO C 36 13.90 -32.14 -10.12
CA PRO C 36 13.47 -32.44 -8.73
C PRO C 36 11.99 -32.21 -8.48
N ILE C 37 11.41 -31.17 -9.09
CA ILE C 37 9.99 -30.89 -8.88
C ILE C 37 9.13 -32.02 -9.43
N CYS C 38 9.48 -32.53 -10.61
CA CYS C 38 8.75 -33.66 -11.18
C CYS C 38 8.96 -34.92 -10.34
N LYS C 39 10.19 -35.16 -9.89
CA LYS C 39 10.47 -36.35 -9.10
C LYS C 39 9.82 -36.31 -7.73
N THR C 40 9.44 -35.12 -7.25
CA THR C 40 8.70 -35.01 -6.01
C THR C 40 7.42 -35.84 -6.02
N LEU C 41 6.75 -35.93 -7.18
CA LEU C 41 5.47 -36.61 -7.28
C LEU C 41 5.57 -38.12 -7.11
N GLU C 42 6.79 -38.68 -7.08
CA GLU C 42 6.95 -40.13 -7.02
C GLU C 42 6.49 -40.76 -5.70
N ILE C 43 5.88 -40.01 -4.77
CA ILE C 43 5.47 -40.60 -3.50
C ILE C 43 4.44 -41.71 -3.73
N ILE C 44 3.48 -41.48 -4.61
CA ILE C 44 2.52 -42.54 -4.94
C ILE C 44 3.25 -43.68 -5.64
N PRO C 45 3.06 -44.93 -5.21
CA PRO C 45 3.79 -46.05 -5.84
C PRO C 45 3.50 -46.21 -7.33
N GLU C 46 2.29 -45.88 -7.78
CA GLU C 46 1.93 -46.14 -9.18
C GLU C 46 2.68 -45.22 -10.14
N ILE C 47 2.74 -43.93 -9.83
CA ILE C 47 3.29 -42.96 -10.78
C ILE C 47 4.79 -43.17 -10.93
N THR C 48 5.26 -43.21 -12.17
CA THR C 48 6.67 -43.31 -12.49
C THR C 48 7.06 -42.21 -13.46
N TYR C 49 8.19 -41.58 -13.22
CA TYR C 49 8.67 -40.48 -14.05
C TYR C 49 9.39 -41.02 -15.29
N LEU C 50 9.43 -40.19 -16.33
CA LEU C 50 10.06 -40.57 -17.59
C LEU C 50 10.88 -39.46 -18.22
N GLY C 51 11.02 -38.31 -17.56
CA GLY C 51 11.81 -37.21 -18.08
C GLY C 51 10.99 -36.16 -18.78
N SER C 52 11.66 -35.06 -19.11
CA SER C 52 11.04 -33.93 -19.80
C SER C 52 12.07 -33.28 -20.68
N SER C 53 11.61 -32.49 -21.65
CA SER C 53 12.53 -31.92 -22.63
C SER C 53 11.89 -30.69 -23.27
N VAL C 54 12.75 -29.88 -23.90
CA VAL C 54 12.28 -28.73 -24.67
C VAL C 54 12.00 -29.16 -26.11
N GLU C 55 10.85 -28.75 -26.62
CA GLU C 55 10.41 -29.12 -27.96
C GLU C 55 10.76 -28.02 -28.95
N PRO C 56 11.07 -28.39 -30.20
CA PRO C 56 11.35 -27.38 -31.22
C PRO C 56 10.11 -26.54 -31.51
N ILE C 57 10.34 -25.27 -31.84
CA ILE C 57 9.26 -24.33 -32.12
C ILE C 57 9.37 -23.70 -33.50
N ASN C 58 10.49 -23.86 -34.20
CA ASN C 58 10.65 -23.25 -35.52
C ASN C 58 9.72 -23.91 -36.53
N LYS C 59 9.00 -23.08 -37.29
CA LYS C 59 8.06 -23.58 -38.28
C LYS C 59 7.72 -22.46 -39.25
N VAL C 60 7.52 -22.84 -40.51
CA VAL C 60 7.07 -21.91 -41.55
C VAL C 60 5.58 -22.10 -41.74
N TYR C 61 4.83 -21.02 -41.56
CA TYR C 61 3.37 -21.09 -41.66
C TYR C 61 2.94 -21.35 -43.10
N LYS C 62 1.93 -22.19 -43.26
CA LYS C 62 1.33 -22.48 -44.56
C LYS C 62 -0.08 -21.91 -44.60
N PHE C 63 -0.47 -21.39 -45.77
CA PHE C 63 -1.74 -20.69 -45.90
C PHE C 63 -2.91 -21.59 -45.51
N ASN C 64 -3.79 -21.06 -44.66
CA ASN C 64 -4.92 -21.82 -44.14
C ASN C 64 -6.15 -20.92 -44.09
N LYS C 65 -7.32 -21.56 -44.02
CA LYS C 65 -8.60 -20.86 -43.89
C LYS C 65 -9.34 -21.52 -42.73
N GLU C 66 -9.01 -21.09 -41.51
CA GLU C 66 -9.63 -21.68 -40.31
C GLU C 66 -10.02 -20.64 -39.27
N GLU C 67 -10.14 -19.37 -39.67
CA GLU C 67 -10.52 -18.28 -38.77
C GLU C 67 -9.57 -18.22 -37.57
N LYS C 68 -8.30 -17.99 -37.88
CA LYS C 68 -7.27 -17.94 -36.85
C LYS C 68 -7.44 -16.70 -35.98
N THR C 69 -6.99 -16.82 -34.73
CA THR C 69 -7.04 -15.73 -33.76
C THR C 69 -5.62 -15.32 -33.40
N SER C 70 -5.33 -14.03 -33.49
CA SER C 70 -4.01 -13.50 -33.18
C SER C 70 -4.15 -12.39 -32.14
N ASP C 71 -3.12 -12.26 -31.30
CA ASP C 71 -3.12 -11.27 -30.23
C ASP C 71 -2.52 -9.97 -30.72
N ILE C 72 -3.03 -8.86 -30.16
CA ILE C 72 -2.53 -7.54 -30.53
C ILE C 72 -1.12 -7.33 -30.00
N GLU C 73 -0.87 -7.72 -28.75
CA GLU C 73 0.39 -7.44 -28.09
C GLU C 73 1.37 -8.58 -28.32
N ARG C 74 2.66 -8.27 -28.21
CA ARG C 74 3.70 -9.26 -28.46
C ARG C 74 4.15 -9.91 -27.15
N SER C 75 4.48 -11.19 -27.23
CA SER C 75 5.03 -11.94 -26.10
C SER C 75 5.86 -13.10 -26.63
N GLU C 76 6.86 -13.50 -25.86
CA GLU C 76 7.77 -14.57 -26.25
C GLU C 76 7.65 -15.71 -25.25
N LEU C 77 7.45 -16.93 -25.75
CA LEU C 77 7.28 -18.10 -24.90
C LEU C 77 8.12 -19.25 -25.45
N GLN C 78 8.19 -20.32 -24.66
CA GLN C 78 8.93 -21.52 -25.02
C GLN C 78 8.18 -22.72 -24.49
N LEU C 79 8.19 -23.82 -25.25
CA LEU C 79 7.39 -24.99 -24.93
C LEU C 79 8.25 -26.03 -24.23
N ILE C 80 7.73 -26.57 -23.11
CA ILE C 80 8.39 -27.63 -22.36
C ILE C 80 7.42 -28.79 -22.25
N LYS C 81 7.87 -29.99 -22.64
CA LYS C 81 7.04 -31.17 -22.67
C LYS C 81 7.51 -32.16 -21.61
N MET C 82 6.59 -32.59 -20.76
CA MET C 82 6.86 -33.57 -19.71
C MET C 82 6.04 -34.83 -19.96
N SER C 83 6.61 -35.97 -19.61
CA SER C 83 5.98 -37.27 -19.85
C SER C 83 5.93 -38.08 -18.56
N PHE C 84 4.79 -38.72 -18.33
CA PHE C 84 4.60 -39.62 -17.19
C PHE C 84 3.94 -40.90 -17.66
N LEU C 85 4.29 -42.00 -16.99
CA LEU C 85 3.73 -43.32 -17.29
C LEU C 85 2.92 -43.77 -16.08
N ILE C 86 1.60 -43.72 -16.18
CA ILE C 86 0.72 -44.18 -15.13
C ILE C 86 0.40 -45.65 -15.40
N GLU C 87 0.81 -46.50 -14.48
CA GLU C 87 0.67 -47.95 -14.63
C GLU C 87 -0.27 -48.49 -13.57
N LYS C 88 -1.11 -49.45 -13.97
CA LYS C 88 -2.04 -50.11 -13.06
C LYS C 88 -2.05 -51.59 -13.42
N ASP C 89 -3.06 -52.31 -12.91
CA ASP C 89 -3.14 -53.74 -13.16
C ASP C 89 -3.28 -54.03 -14.65
N ASP C 90 -4.10 -53.26 -15.35
CA ASP C 90 -4.28 -53.40 -16.79
C ASP C 90 -4.02 -52.10 -17.55
N LYS C 91 -4.40 -50.97 -16.99
CA LYS C 91 -4.21 -49.69 -17.67
C LYS C 91 -2.77 -49.20 -17.50
N LYS C 92 -2.17 -48.77 -18.60
CA LYS C 92 -0.78 -48.31 -18.63
C LYS C 92 -0.68 -47.00 -19.39
N GLU C 93 -1.53 -46.03 -19.01
CA GLU C 93 -1.64 -44.79 -19.77
C GLU C 93 -0.33 -44.00 -19.75
N GLU C 94 -0.13 -43.21 -20.80
CA GLU C 94 1.02 -42.32 -20.92
C GLU C 94 0.49 -40.90 -21.08
N ILE C 95 0.91 -39.99 -20.19
CA ILE C 95 0.42 -38.62 -20.18
C ILE C 95 1.55 -37.70 -20.60
N ASN C 96 1.31 -36.89 -21.62
CA ASN C 96 2.28 -35.92 -22.12
C ASN C 96 1.68 -34.52 -21.97
N LYS C 97 2.27 -33.74 -21.07
CA LYS C 97 1.79 -32.38 -20.80
C LYS C 97 2.76 -31.36 -21.38
N PHE C 98 2.20 -30.21 -21.76
CA PHE C 98 2.98 -29.12 -22.34
C PHE C 98 2.75 -27.85 -21.55
N ILE C 99 3.84 -27.12 -21.30
CA ILE C 99 3.80 -25.90 -20.50
C ILE C 99 4.57 -24.80 -21.21
N TYR C 100 4.09 -23.57 -21.06
CA TYR C 100 4.73 -22.39 -21.64
C TYR C 100 5.56 -21.69 -20.58
N PHE C 101 6.81 -21.38 -20.92
CA PHE C 101 7.69 -20.65 -20.03
C PHE C 101 8.37 -19.51 -20.79
N PRO C 102 8.46 -18.32 -20.20
CA PRO C 102 9.10 -17.20 -20.91
C PRO C 102 10.57 -17.46 -21.16
N LYS C 103 11.07 -16.92 -22.26
CA LYS C 103 12.46 -17.09 -22.64
C LYS C 103 13.25 -15.81 -22.39
N LEU C 104 14.53 -15.97 -22.10
CA LEU C 104 15.39 -14.84 -21.80
C LEU C 104 15.88 -14.21 -23.10
N ILE C 105 15.40 -13.00 -23.40
CA ILE C 105 15.80 -12.25 -24.58
C ILE C 105 16.75 -11.15 -24.14
N ASP C 106 17.75 -10.86 -24.97
CA ASP C 106 18.80 -9.89 -24.69
C ASP C 106 19.57 -10.23 -23.41
N SER C 107 19.44 -11.45 -22.90
CA SER C 107 20.12 -11.93 -21.70
C SER C 107 19.75 -11.13 -20.46
N GLN C 108 18.73 -10.28 -20.52
CA GLN C 108 18.43 -9.48 -19.34
C GLN C 108 16.97 -9.53 -18.91
N TYR C 109 16.02 -9.57 -19.84
CA TYR C 109 14.64 -9.38 -19.46
C TYR C 109 13.71 -10.30 -20.24
N PHE C 110 12.51 -10.47 -19.69
CA PHE C 110 11.42 -11.12 -20.37
C PHE C 110 10.46 -10.08 -20.95
N ILE C 111 9.84 -10.42 -22.08
CA ILE C 111 8.81 -9.58 -22.68
C ILE C 111 7.52 -10.37 -22.66
N ILE C 112 6.54 -9.90 -21.90
CA ILE C 112 5.24 -10.55 -21.78
C ILE C 112 4.15 -9.51 -21.95
N ASN C 113 3.23 -9.77 -22.89
CA ASN C 113 2.08 -8.89 -23.13
C ASN C 113 2.52 -7.46 -23.42
N GLY C 114 3.62 -7.32 -24.17
CA GLY C 114 4.12 -6.00 -24.51
C GLY C 114 4.84 -5.28 -23.40
N ASN C 115 4.93 -5.88 -22.21
CA ASN C 115 5.63 -5.27 -21.08
C ASN C 115 6.96 -5.98 -20.86
N ARG C 116 7.86 -5.29 -20.17
CA ARG C 116 9.20 -5.78 -19.92
C ARG C 116 9.37 -6.07 -18.43
N TYR C 117 9.95 -7.23 -18.11
CA TYR C 117 10.13 -7.66 -16.74
C TYR C 117 11.57 -8.05 -16.51
N TYR C 118 12.12 -7.62 -15.36
CA TYR C 118 13.51 -7.86 -15.01
C TYR C 118 13.57 -8.90 -13.90
N PRO C 119 14.23 -10.05 -14.11
CA PRO C 119 14.44 -10.97 -12.99
C PRO C 119 15.45 -10.40 -12.01
N ILE C 120 15.31 -10.82 -10.75
CA ILE C 120 16.19 -10.36 -9.67
C ILE C 120 16.63 -11.56 -8.86
N TYR C 121 17.87 -11.53 -8.38
CA TYR C 121 18.36 -12.56 -7.48
C TYR C 121 17.64 -12.48 -6.14
N GLN C 122 17.63 -13.60 -5.41
CA GLN C 122 17.12 -13.64 -4.06
C GLN C 122 18.18 -14.23 -3.15
N LEU C 123 18.36 -13.65 -1.97
CA LEU C 123 19.39 -14.09 -1.03
C LEU C 123 18.72 -14.80 0.15
N LEU C 124 19.21 -16.00 0.45
CA LEU C 124 18.63 -16.76 1.55
C LEU C 124 19.69 -17.66 2.17
N ASP C 125 19.47 -18.03 3.42
CA ASP C 125 20.42 -18.87 4.14
C ASP C 125 20.47 -20.27 3.55
N SER C 126 21.65 -20.89 3.63
CA SER C 126 21.83 -22.24 3.10
C SER C 126 20.98 -23.25 3.85
N GLY C 127 20.88 -23.10 5.17
CA GLY C 127 20.09 -24.02 5.98
C GLY C 127 20.81 -24.42 7.25
N THR C 128 20.17 -25.29 8.04
CA THR C 128 20.73 -25.76 9.31
C THR C 128 21.12 -24.59 10.21
N TYR C 129 20.27 -23.56 10.24
CA TYR C 129 20.54 -22.38 11.04
C TYR C 129 19.73 -22.41 12.34
N ARG C 130 19.90 -21.35 13.12
CA ARG C 130 19.36 -21.28 14.48
C ARG C 130 18.41 -20.10 14.61
N THR C 131 17.24 -20.36 15.18
CA THR C 131 16.27 -19.32 15.51
C THR C 131 15.93 -19.42 16.99
N ASN C 132 15.00 -18.56 17.43
CA ASN C 132 14.73 -18.42 18.85
C ASN C 132 14.34 -19.76 19.48
N LYS C 133 15.23 -20.30 20.31
CA LYS C 133 15.00 -21.57 21.00
C LYS C 133 14.66 -22.70 20.03
N ALA C 134 15.29 -22.70 18.86
CA ALA C 134 15.02 -23.76 17.90
C ALA C 134 16.14 -23.84 16.88
N LEU C 135 16.31 -25.03 16.31
CA LEU C 135 17.28 -25.26 15.24
C LEU C 135 16.51 -25.74 14.01
N THR C 136 16.56 -24.96 12.94
CA THR C 136 15.74 -25.23 11.78
C THR C 136 16.59 -25.46 10.54
N LEU C 137 16.10 -26.36 9.68
CA LEU C 137 16.72 -26.66 8.40
C LEU C 137 15.70 -26.41 7.30
N LYS C 138 16.03 -25.55 6.36
CA LYS C 138 15.13 -25.26 5.26
C LYS C 138 15.04 -26.44 4.31
N THR C 139 13.89 -26.57 3.65
CA THR C 139 13.62 -27.64 2.71
C THR C 139 12.64 -27.11 1.67
N LEU C 140 12.43 -27.87 0.60
CA LEU C 140 11.59 -27.41 -0.50
C LEU C 140 10.21 -27.01 -0.02
N LEU C 141 9.53 -27.90 0.71
CA LEU C 141 8.16 -27.61 1.12
C LEU C 141 7.93 -27.88 2.60
N MET C 142 8.72 -28.77 3.20
CA MET C 142 8.49 -29.19 4.58
C MET C 142 9.64 -28.74 5.47
N PRO C 143 9.48 -27.68 6.26
CA PRO C 143 10.59 -27.19 7.08
C PRO C 143 10.78 -27.96 8.37
N ILE C 144 11.54 -29.06 8.32
CA ILE C 144 11.84 -29.83 9.53
C ILE C 144 12.55 -28.94 10.53
N VAL C 145 12.10 -28.99 11.79
CA VAL C 145 12.60 -28.12 12.85
C VAL C 145 12.78 -28.94 14.11
N LEU C 146 13.87 -28.68 14.85
CA LEU C 146 14.14 -29.33 16.13
C LEU C 146 13.97 -28.29 17.24
N ARG C 147 13.24 -28.67 18.28
CA ARG C 147 12.95 -27.80 19.41
C ARG C 147 13.46 -28.44 20.69
N GLU C 148 14.08 -27.64 21.55
CA GLU C 148 14.71 -28.14 22.76
C GLU C 148 13.96 -27.64 24.00
N LYS C 149 13.86 -28.50 25.01
CA LYS C 149 13.20 -28.17 26.26
C LYS C 149 13.99 -28.78 27.42
N LYS C 150 14.17 -28.01 28.48
CA LYS C 150 14.91 -28.49 29.63
C LYS C 150 14.05 -29.41 30.50
N GLU C 151 14.72 -30.33 31.17
CA GLU C 151 14.04 -31.33 32.00
C GLU C 151 14.93 -31.67 33.18
N THR C 152 14.32 -32.26 34.21
CA THR C 152 15.01 -32.62 35.44
C THR C 152 14.89 -34.11 35.69
N PHE C 153 15.98 -34.73 36.14
CA PHE C 153 16.01 -36.16 36.40
C PHE C 153 16.74 -36.44 37.70
N ASP C 154 16.36 -37.53 38.36
CA ASP C 154 16.99 -37.97 39.59
C ASP C 154 17.49 -39.40 39.43
N ASP C 155 18.70 -39.66 39.92
CA ASP C 155 19.31 -40.97 39.82
C ASP C 155 18.88 -41.83 41.00
N ILE C 156 19.52 -42.99 41.17
CA ILE C 156 19.17 -43.89 42.26
C ILE C 156 19.50 -43.27 43.61
N ASN C 157 20.66 -42.63 43.72
CA ASN C 157 21.08 -42.03 44.99
C ASN C 157 20.38 -40.72 45.30
N GLY C 158 19.66 -40.14 44.34
CA GLY C 158 18.92 -38.92 44.56
C GLY C 158 19.56 -37.66 44.00
N GLU C 159 20.69 -37.77 43.32
CA GLU C 159 21.30 -36.61 42.70
C GLU C 159 20.43 -36.09 41.57
N THR C 160 20.26 -34.77 41.52
CA THR C 160 19.39 -34.12 40.55
C THR C 160 20.21 -33.51 39.43
N HIS C 161 19.81 -33.76 38.19
CA HIS C 161 20.46 -33.21 37.02
C HIS C 161 19.43 -32.51 36.14
N THR C 162 19.86 -31.45 35.49
CA THR C 162 19.04 -30.71 34.52
C THR C 162 19.65 -30.93 33.16
N MET C 163 18.87 -31.49 32.24
CA MET C 163 19.34 -31.82 30.90
C MET C 163 18.36 -31.28 29.86
N LEU C 164 18.59 -31.65 28.61
CA LEU C 164 17.79 -31.17 27.49
C LEU C 164 17.17 -32.34 26.75
N ASN C 165 15.96 -32.12 26.24
CA ASN C 165 15.25 -33.08 25.41
C ASN C 165 14.80 -32.40 24.14
N VAL C 166 14.93 -33.10 23.01
CA VAL C 166 14.70 -32.52 21.69
C VAL C 166 13.50 -33.22 21.05
N ASP C 167 12.62 -32.41 20.46
CA ASP C 167 11.43 -32.89 19.79
C ASP C 167 11.40 -32.36 18.36
N LEU C 168 10.90 -33.18 17.44
CA LEU C 168 10.75 -32.78 16.04
C LEU C 168 9.34 -32.24 15.84
N ASP C 169 9.23 -30.92 15.66
CA ASP C 169 7.94 -30.27 15.47
C ASP C 169 7.48 -30.48 14.03
N LEU C 170 7.13 -31.72 13.72
CA LEU C 170 6.65 -32.11 12.41
C LEU C 170 5.19 -32.54 12.50
N PHE C 171 4.43 -32.20 11.46
CA PHE C 171 3.00 -32.55 11.37
C PHE C 171 2.20 -31.99 12.55
N LYS C 172 2.57 -30.79 13.01
CA LYS C 172 1.86 -30.07 14.06
C LYS C 172 1.73 -30.92 15.33
N SER C 173 2.89 -31.36 15.83
CA SER C 173 2.91 -32.17 17.05
C SER C 173 4.32 -32.11 17.65
N LYS C 174 4.40 -32.50 18.92
CA LYS C 174 5.67 -32.59 19.64
C LYS C 174 5.94 -34.06 19.90
N VAL C 175 6.98 -34.60 19.24
CA VAL C 175 7.30 -36.02 19.32
C VAL C 175 8.78 -36.19 19.62
N PRO C 176 9.16 -37.07 20.54
CA PRO C 176 10.59 -37.34 20.76
C PRO C 176 11.25 -37.88 19.49
N PHE C 177 12.50 -37.47 19.28
CA PHE C 177 13.19 -37.82 18.05
C PHE C 177 13.71 -39.26 18.05
N LEU C 178 13.73 -39.92 19.21
CA LEU C 178 14.22 -41.29 19.28
C LEU C 178 13.15 -42.31 18.92
N ILE C 179 11.87 -41.96 19.06
CA ILE C 179 10.81 -42.93 18.81
C ILE C 179 10.73 -43.28 17.33
N TYR C 180 11.10 -42.35 16.44
CA TYR C 180 11.11 -42.67 15.02
C TYR C 180 12.10 -43.77 14.71
N PHE C 181 13.32 -43.65 15.24
CA PHE C 181 14.32 -44.69 15.05
C PHE C 181 13.89 -45.99 15.73
N PHE C 182 13.29 -45.89 16.92
CA PHE C 182 12.83 -47.09 17.62
C PHE C 182 11.74 -47.80 16.83
N SER C 183 10.92 -47.06 16.10
CA SER C 183 9.90 -47.68 15.26
C SER C 183 10.51 -48.29 14.01
N LYS C 184 11.46 -47.60 13.39
CA LYS C 184 11.99 -48.08 12.12
C LYS C 184 12.98 -49.24 12.34
N PHE C 185 14.10 -48.97 13.01
CA PHE C 185 15.14 -49.98 13.18
C PHE C 185 14.96 -50.83 14.43
N GLY C 186 14.10 -50.42 15.35
CA GLY C 186 13.94 -51.12 16.61
C GLY C 186 14.89 -50.60 17.69
N PHE C 187 14.71 -51.16 18.88
CA PHE C 187 15.56 -50.78 20.02
C PHE C 187 17.02 -51.13 19.73
N GLU C 188 17.31 -52.41 19.55
CA GLU C 188 18.67 -52.84 19.26
C GLU C 188 19.17 -52.24 17.96
N GLY C 189 18.29 -52.13 16.96
CA GLY C 189 18.68 -51.52 15.70
C GLY C 189 19.13 -50.08 15.87
N THR C 190 18.37 -49.29 16.63
CA THR C 190 18.76 -47.91 16.89
C THR C 190 20.05 -47.84 17.69
N LEU C 191 20.20 -48.72 18.69
CA LEU C 191 21.42 -48.71 19.50
C LEU C 191 22.64 -48.98 18.64
N GLU C 192 22.54 -49.96 17.73
CA GLU C 192 23.65 -50.23 16.82
C GLU C 192 23.86 -49.06 15.84
N TYR C 193 22.77 -48.48 15.34
CA TYR C 193 22.90 -47.44 14.32
C TYR C 193 23.58 -46.20 14.86
N PHE C 194 23.22 -45.77 16.08
CA PHE C 194 23.87 -44.61 16.66
C PHE C 194 25.34 -44.87 16.97
N GLY C 195 25.69 -46.11 17.26
CA GLY C 195 27.03 -46.47 17.64
C GLY C 195 27.31 -46.46 19.13
N LEU C 196 26.27 -46.38 19.96
CA LEU C 196 26.42 -46.37 21.40
C LEU C 196 25.95 -47.67 22.06
N GLN C 197 25.79 -48.74 21.28
CA GLN C 197 25.30 -50.00 21.83
C GLN C 197 26.29 -50.65 22.79
N ASP C 198 27.56 -50.26 22.73
CA ASP C 198 28.54 -50.79 23.67
C ASP C 198 28.47 -50.12 25.03
N LEU C 199 27.70 -49.05 25.17
CA LEU C 199 27.64 -48.29 26.41
C LEU C 199 26.26 -48.27 27.04
N ILE C 200 25.24 -48.80 26.37
CA ILE C 200 23.87 -48.78 26.87
C ILE C 200 23.42 -50.23 27.08
N HIS C 201 22.93 -50.52 28.29
CA HIS C 201 22.40 -51.85 28.59
C HIS C 201 21.18 -51.69 29.48
N VAL C 202 20.31 -52.70 29.44
CA VAL C 202 19.10 -52.74 30.26
C VAL C 202 19.13 -54.01 31.09
N LEU C 203 18.88 -53.86 32.40
CA LEU C 203 18.92 -54.99 33.32
C LEU C 203 17.61 -55.03 34.10
N MET C 204 17.24 -56.24 34.54
CA MET C 204 16.00 -56.45 35.26
C MET C 204 16.22 -56.27 36.75
N LYS C 205 15.18 -56.56 37.55
CA LYS C 205 15.29 -56.41 39.00
C LYS C 205 16.32 -57.37 39.58
N GLU C 206 16.30 -58.63 39.13
CA GLU C 206 17.24 -59.61 39.64
C GLU C 206 18.68 -59.25 39.28
N ASP C 207 18.89 -58.74 38.05
CA ASP C 207 20.21 -58.27 37.68
C ASP C 207 20.60 -57.02 38.46
N LEU C 208 19.62 -56.18 38.80
CA LEU C 208 19.92 -55.01 39.62
C LEU C 208 20.36 -55.42 41.02
N ASP C 209 19.77 -56.48 41.56
CA ASP C 209 20.23 -57.00 42.85
C ASP C 209 21.67 -57.49 42.76
N GLN C 210 22.03 -58.15 41.65
CA GLN C 210 23.37 -58.65 41.43
C GLN C 210 24.26 -57.64 40.71
N LEU C 211 23.96 -56.34 40.83
CA LEU C 211 24.75 -55.32 40.17
C LEU C 211 26.15 -55.25 40.74
N ASP C 212 27.10 -54.83 39.90
CA ASP C 212 28.50 -54.73 40.31
C ASP C 212 28.68 -53.51 41.19
N GLU C 213 28.96 -53.74 42.48
CA GLU C 213 29.12 -52.63 43.42
C GLU C 213 30.34 -51.77 43.07
N ASP C 214 31.46 -52.41 42.73
CA ASP C 214 32.67 -51.65 42.40
C ASP C 214 32.53 -50.89 41.09
N GLU C 215 31.53 -51.22 40.26
CA GLU C 215 31.29 -50.52 39.02
C GLU C 215 30.24 -49.42 39.16
N ILE C 216 29.71 -49.20 40.36
CA ILE C 216 28.68 -48.18 40.55
C ILE C 216 29.24 -46.79 40.25
N ASN C 217 30.43 -46.50 40.78
CA ASN C 217 31.04 -45.20 40.52
C ASN C 217 31.53 -45.11 39.08
N ASP C 218 32.14 -46.18 38.56
CA ASP C 218 32.62 -46.17 37.18
C ASP C 218 31.46 -46.09 36.19
N ASN C 219 30.43 -46.89 36.40
CA ASN C 219 29.26 -46.92 35.52
C ASN C 219 28.05 -46.43 36.31
N VAL C 220 27.60 -45.22 36.00
CA VAL C 220 26.42 -44.67 36.66
C VAL C 220 25.20 -45.45 36.21
N ILE C 221 24.41 -45.92 37.18
CA ILE C 221 23.23 -46.72 36.91
C ILE C 221 22.01 -45.83 37.13
N PHE C 222 21.20 -45.70 36.09
CA PHE C 222 20.03 -44.82 36.14
C PHE C 222 18.75 -45.64 36.11
N MET C 223 17.72 -45.09 36.72
CA MET C 223 16.43 -45.76 36.83
C MET C 223 15.70 -45.73 35.49
N ILE C 224 15.01 -46.82 35.19
CA ILE C 224 14.14 -46.92 34.03
C ILE C 224 12.69 -47.13 34.45
N THR C 225 12.43 -48.22 35.17
CA THR C 225 11.13 -48.48 35.78
C THR C 225 11.33 -48.84 37.24
N LYS C 226 10.26 -49.29 37.91
CA LYS C 226 10.39 -49.69 39.31
C LYS C 226 11.28 -50.90 39.48
N ASN C 227 11.51 -51.67 38.42
CA ASN C 227 12.37 -52.85 38.47
C ASN C 227 13.50 -52.82 37.46
N ILE C 228 13.27 -52.30 36.26
CA ILE C 228 14.28 -52.28 35.21
C ILE C 228 15.21 -51.09 35.41
N SER C 229 16.51 -51.34 35.28
CA SER C 229 17.54 -50.33 35.44
C SER C 229 18.38 -50.22 34.17
N LEU C 230 19.07 -49.10 34.04
CA LEU C 230 19.89 -48.81 32.87
C LEU C 230 21.36 -48.77 33.27
N VAL C 231 22.21 -49.42 32.47
CA VAL C 231 23.65 -49.46 32.68
C VAL C 231 24.30 -48.60 31.61
N VAL C 232 25.04 -47.58 32.03
CA VAL C 232 25.72 -46.66 31.13
C VAL C 232 27.02 -46.21 31.79
N ASP C 233 27.99 -45.81 30.97
CA ASP C 233 29.29 -45.43 31.49
C ASP C 233 29.33 -43.94 31.82
N LYS C 234 30.05 -43.61 32.91
CA LYS C 234 30.22 -42.21 33.28
C LYS C 234 31.08 -41.47 32.27
N ASN C 235 32.09 -42.13 31.70
CA ASN C 235 32.91 -41.49 30.68
C ASN C 235 32.08 -41.10 29.48
N PHE C 236 31.14 -41.96 29.07
CA PHE C 236 30.20 -41.58 28.02
C PHE C 236 29.30 -40.45 28.48
N PHE C 237 28.93 -40.43 29.76
CA PHE C 237 28.09 -39.38 30.33
C PHE C 237 28.83 -38.06 30.48
N SER C 238 30.14 -38.04 30.29
CA SER C 238 30.91 -36.81 30.48
C SER C 238 30.48 -35.71 29.51
N ASN C 239 30.27 -36.06 28.24
CA ASN C 239 29.98 -35.07 27.22
C ASN C 239 28.49 -34.74 27.18
N LYS C 240 28.17 -33.45 27.11
CA LYS C 240 26.77 -33.01 27.10
C LYS C 240 26.04 -33.52 25.87
N ASN C 241 26.69 -33.47 24.71
CA ASN C 241 26.06 -33.96 23.49
C ASN C 241 25.72 -35.43 23.60
N ASN C 242 26.60 -36.21 24.23
CA ASN C 242 26.27 -37.60 24.53
C ASN C 242 25.12 -37.69 25.53
N GLN C 243 25.09 -36.81 26.53
CA GLN C 243 24.02 -36.81 27.51
C GLN C 243 22.67 -36.51 26.90
N ILE C 244 22.65 -35.83 25.74
CA ILE C 244 21.38 -35.53 25.08
C ILE C 244 20.64 -36.83 24.74
N ILE C 245 21.37 -37.82 24.21
CA ILE C 245 20.76 -39.09 23.85
C ILE C 245 20.21 -39.79 25.09
N ILE C 246 20.97 -39.78 26.19
CA ILE C 246 20.50 -40.42 27.42
C ILE C 246 19.23 -39.76 27.93
N ALA C 247 19.21 -38.42 27.94
CA ALA C 247 18.02 -37.71 28.40
C ALA C 247 16.81 -38.03 27.53
N THR C 248 16.99 -38.03 26.21
CA THR C 248 15.86 -38.32 25.33
C THR C 248 15.38 -39.76 25.50
N LEU C 249 16.32 -40.70 25.66
CA LEU C 249 15.95 -42.10 25.86
C LEU C 249 15.17 -42.29 27.15
N LEU C 250 15.59 -41.63 28.22
CA LEU C 250 14.85 -41.74 29.47
C LEU C 250 13.51 -41.03 29.40
N ASN C 251 13.40 -39.98 28.59
CA ASN C 251 12.12 -39.31 28.41
C ASN C 251 11.14 -40.13 27.59
N CYS C 252 11.64 -40.95 26.66
CA CYS C 252 10.74 -41.71 25.80
C CYS C 252 9.94 -42.74 26.59
N PHE C 253 10.59 -43.47 27.49
CA PHE C 253 9.93 -44.57 28.19
C PHE C 253 8.93 -44.05 29.22
N ASN C 254 7.97 -44.91 29.57
CA ASN C 254 6.97 -44.64 30.57
C ASN C 254 7.04 -45.69 31.68
N THR C 255 6.19 -45.52 32.69
CA THR C 255 6.19 -46.44 33.83
C THR C 255 5.79 -47.85 33.43
N ARG C 256 4.76 -47.98 32.59
CA ARG C 256 4.29 -49.28 32.15
C ARG C 256 5.19 -49.81 31.03
N ILE C 257 5.69 -51.03 31.21
CA ILE C 257 6.60 -51.63 30.23
C ILE C 257 6.61 -53.13 30.46
N LYS C 258 7.03 -53.88 29.44
CA LYS C 258 7.26 -55.30 29.52
C LYS C 258 8.61 -55.62 28.90
N ILE C 259 9.30 -56.61 29.47
CA ILE C 259 10.65 -56.94 29.02
C ILE C 259 10.64 -57.37 27.55
N ASP C 260 9.68 -58.21 27.17
CA ASP C 260 9.59 -58.66 25.79
C ASP C 260 8.99 -57.62 24.85
N LYS C 261 8.35 -56.58 25.40
CA LYS C 261 7.80 -55.53 24.55
C LYS C 261 8.88 -54.62 24.01
N ILE C 262 10.06 -54.59 24.66
CA ILE C 262 11.13 -53.72 24.21
C ILE C 262 11.62 -54.12 22.83
N TYR C 263 11.82 -55.43 22.62
CA TYR C 263 12.35 -55.89 21.34
C TYR C 263 11.30 -55.87 20.23
N GLU C 264 10.03 -55.63 20.56
CA GLU C 264 8.97 -55.61 19.55
C GLU C 264 8.77 -54.20 19.03
N LYS C 265 8.86 -54.03 17.71
CA LYS C 265 8.67 -52.72 17.10
C LYS C 265 7.25 -52.23 17.25
N ASP C 266 6.27 -53.14 17.12
CA ASP C 266 4.87 -52.74 17.19
C ASP C 266 4.52 -52.14 18.54
N TYR C 267 5.25 -52.50 19.59
CA TYR C 267 4.92 -52.05 20.94
C TYR C 267 4.90 -50.53 21.02
N TRP C 268 5.86 -49.86 20.38
CA TRP C 268 5.83 -48.41 20.30
C TRP C 268 5.38 -47.89 18.94
N VAL C 269 5.24 -48.74 17.92
CA VAL C 269 4.56 -48.31 16.71
C VAL C 269 3.12 -47.93 17.03
N LYS C 270 2.45 -48.76 17.83
CA LYS C 270 1.11 -48.42 18.28
C LYS C 270 1.11 -47.20 19.20
N LYS C 271 2.20 -47.00 19.95
CA LYS C 271 2.31 -45.80 20.76
C LYS C 271 2.38 -44.54 19.90
N LEU C 272 3.16 -44.60 18.82
CA LEU C 272 3.21 -43.48 17.88
C LEU C 272 1.84 -43.26 17.24
N GLY C 273 1.17 -44.35 16.88
CA GLY C 273 -0.19 -44.22 16.34
C GLY C 273 -1.12 -43.53 17.31
N GLY C 274 -1.10 -43.96 18.57
CA GLY C 274 -1.92 -43.31 19.58
C GLY C 274 -1.57 -41.85 19.75
N TYR C 275 -0.28 -41.52 19.64
CA TYR C 275 0.13 -40.13 19.61
C TYR C 275 -0.51 -39.39 18.43
N PHE C 276 -0.69 -40.08 17.31
CA PHE C 276 -1.25 -39.47 16.12
C PHE C 276 -2.76 -39.63 16.03
N THR C 277 -3.25 -40.86 16.04
CA THR C 277 -4.68 -41.14 15.97
C THR C 277 -5.17 -41.63 17.33
N THR C 278 -6.27 -41.05 17.81
CA THR C 278 -6.81 -41.41 19.11
C THR C 278 -7.57 -42.73 19.07
N ASN C 279 -8.21 -43.05 17.96
CA ASN C 279 -8.99 -44.28 17.87
C ASN C 279 -8.07 -45.50 17.96
N ASN C 280 -8.52 -46.50 18.71
CA ASN C 280 -7.69 -47.69 18.92
C ASN C 280 -7.66 -48.62 17.72
N SER C 281 -8.72 -48.61 16.89
CA SER C 281 -8.79 -49.54 15.77
C SER C 281 -7.69 -49.28 14.75
N ASN C 282 -7.44 -48.01 14.43
CA ASN C 282 -6.49 -47.65 13.39
C ASN C 282 -5.12 -47.29 13.94
N LYS C 283 -4.90 -47.45 15.25
CA LYS C 283 -3.65 -47.01 15.87
C LYS C 283 -2.44 -47.55 15.14
N GLN C 284 -2.49 -48.82 14.72
CA GLN C 284 -1.43 -49.36 13.89
C GLN C 284 -1.37 -48.65 12.54
N GLU C 285 -2.46 -48.75 11.75
CA GLU C 285 -2.39 -48.44 10.33
C GLU C 285 -1.93 -47.00 10.10
N LYS C 286 -2.61 -46.05 10.74
CA LYS C 286 -2.26 -44.64 10.58
C LYS C 286 -0.79 -44.41 10.86
N GLY C 287 -0.28 -45.03 11.93
CA GLY C 287 1.13 -44.85 12.27
C GLY C 287 2.04 -45.24 11.12
N GLU C 288 1.77 -46.38 10.49
CA GLU C 288 2.57 -46.81 9.35
C GLU C 288 2.64 -45.71 8.30
N GLY C 289 1.51 -45.09 7.99
CA GLY C 289 1.50 -44.03 6.99
C GLY C 289 2.48 -42.93 7.33
N ILE C 290 2.50 -42.50 8.59
CA ILE C 290 3.42 -41.44 8.99
C ILE C 290 4.85 -41.83 8.65
N ILE C 291 5.23 -43.07 8.95
CA ILE C 291 6.59 -43.52 8.66
C ILE C 291 6.90 -43.31 7.19
N LEU C 292 5.98 -43.72 6.31
CA LEU C 292 6.20 -43.54 4.88
C LEU C 292 6.46 -42.07 4.57
N SER C 293 5.61 -41.18 5.09
CA SER C 293 5.79 -39.77 4.84
C SER C 293 7.13 -39.29 5.38
N PHE C 294 7.53 -39.79 6.55
CA PHE C 294 8.78 -39.35 7.13
C PHE C 294 9.98 -39.77 6.29
N GLU C 295 9.83 -40.75 5.41
CA GLU C 295 10.92 -41.14 4.54
C GLU C 295 10.95 -40.36 3.23
N ARG C 296 9.97 -39.49 3.00
CA ARG C 296 9.91 -38.70 1.78
C ARG C 296 9.99 -37.20 2.04
N ILE C 297 10.29 -36.79 3.27
CA ILE C 297 10.41 -35.37 3.56
C ILE C 297 11.58 -34.76 2.81
N LEU C 298 12.72 -35.45 2.77
CA LEU C 298 13.89 -34.94 2.09
C LEU C 298 13.87 -35.33 0.61
N ASP C 299 14.18 -34.37 -0.25
CA ASP C 299 14.23 -34.57 -1.69
C ASP C 299 15.68 -34.50 -2.18
N GLU C 300 15.84 -34.58 -3.51
CA GLU C 300 17.17 -34.66 -4.10
C GLU C 300 17.90 -33.33 -4.06
N TRP C 301 17.19 -32.21 -4.23
CA TRP C 301 17.84 -30.91 -4.29
C TRP C 301 18.50 -30.57 -2.96
N THR C 302 17.82 -30.82 -1.85
CA THR C 302 18.42 -30.60 -0.54
C THR C 302 19.63 -31.50 -0.33
N LYS C 303 19.62 -32.69 -0.92
CA LYS C 303 20.79 -33.55 -0.87
C LYS C 303 21.97 -32.92 -1.61
N LYS C 304 21.71 -32.39 -2.81
CA LYS C 304 22.79 -31.81 -3.60
C LYS C 304 23.33 -30.53 -2.97
N ILE C 305 22.47 -29.74 -2.33
CA ILE C 305 22.90 -28.43 -1.83
C ILE C 305 23.82 -28.57 -0.64
N LEU C 306 23.52 -29.49 0.27
CA LEU C 306 24.24 -29.57 1.55
C LEU C 306 25.73 -29.85 1.33
N ARG C 307 26.55 -29.25 2.19
CA ARG C 307 28.00 -29.35 2.08
C ARG C 307 28.60 -30.45 2.93
N THR C 308 27.78 -31.22 3.65
CA THR C 308 28.30 -32.31 4.47
C THR C 308 28.80 -33.44 3.57
N GLU C 309 29.61 -34.32 4.16
CA GLU C 309 30.19 -35.43 3.40
C GLU C 309 29.11 -36.45 3.05
N GLU C 310 29.51 -37.41 2.21
CA GLU C 310 28.56 -38.39 1.69
C GLU C 310 27.99 -39.28 2.80
N LYS C 311 28.83 -39.67 3.75
CA LYS C 311 28.41 -40.61 4.79
C LYS C 311 27.25 -40.06 5.61
N ASN C 312 27.17 -38.74 5.76
CA ASN C 312 26.08 -38.10 6.49
C ASN C 312 24.99 -37.58 5.56
N LYS C 313 24.84 -38.20 4.39
CA LYS C 313 23.87 -37.71 3.40
C LYS C 313 23.10 -38.83 2.73
N GLU C 314 23.07 -40.03 3.33
CA GLU C 314 22.42 -41.16 2.69
C GLU C 314 20.91 -40.98 2.62
N ASP C 315 20.28 -40.60 3.74
CA ASP C 315 18.83 -40.44 3.79
C ASP C 315 18.48 -39.57 5.00
N ILE C 316 17.19 -39.52 5.32
CA ILE C 316 16.70 -38.65 6.38
C ILE C 316 17.28 -39.07 7.72
N TYR C 317 17.34 -40.37 8.00
CA TYR C 317 17.83 -40.84 9.29
C TYR C 317 19.28 -40.44 9.51
N SER C 318 20.12 -40.58 8.47
CA SER C 318 21.52 -40.19 8.60
C SER C 318 21.64 -38.69 8.82
N VAL C 319 20.81 -37.89 8.14
CA VAL C 319 20.83 -36.46 8.35
C VAL C 319 20.47 -36.11 9.78
N VAL C 320 19.43 -36.76 10.32
CA VAL C 320 19.03 -36.51 11.70
C VAL C 320 20.14 -36.90 12.67
N ARG C 321 20.78 -38.04 12.42
CA ARG C 321 21.87 -38.49 13.29
C ARG C 321 23.02 -37.48 13.28
N TRP C 322 23.42 -37.02 12.09
CA TRP C 322 24.51 -36.05 12.02
C TRP C 322 24.13 -34.73 12.65
N MET C 323 22.88 -34.30 12.49
CA MET C 323 22.44 -33.05 13.11
C MET C 323 22.43 -33.15 14.63
N ILE C 324 21.99 -34.29 15.17
CA ILE C 324 21.87 -34.42 16.62
C ILE C 324 23.21 -34.74 17.28
N ASN C 325 24.18 -35.27 16.53
CA ASN C 325 25.49 -35.54 17.13
C ASN C 325 26.20 -34.25 17.51
N ASN C 326 26.07 -33.21 16.70
CA ASN C 326 26.78 -31.94 16.89
C ASN C 326 25.82 -30.81 17.19
N TYR C 327 24.85 -31.05 18.07
CA TYR C 327 23.82 -30.05 18.36
C TYR C 327 24.42 -28.80 18.99
N LEU C 328 25.36 -28.98 19.91
CA LEU C 328 25.90 -27.84 20.66
C LEU C 328 26.65 -26.88 19.75
N ALA C 329 27.54 -27.42 18.91
CA ALA C 329 28.31 -26.55 18.01
C ALA C 329 27.40 -25.83 17.02
N LEU C 330 26.39 -26.52 16.51
CA LEU C 330 25.45 -25.89 15.58
C LEU C 330 24.68 -24.77 16.26
N VAL C 331 24.23 -24.99 17.50
CA VAL C 331 23.46 -23.95 18.19
C VAL C 331 24.34 -22.81 18.66
N LYS C 332 25.65 -23.03 18.81
CA LYS C 332 26.54 -21.96 19.23
C LYS C 332 26.88 -20.98 18.12
N GLN C 333 26.64 -21.35 16.86
CA GLN C 333 26.97 -20.47 15.75
C GLN C 333 26.00 -19.29 15.68
N ASP C 334 26.42 -18.26 14.95
CA ASP C 334 25.61 -17.08 14.74
C ASP C 334 24.75 -17.26 13.49
N ASN C 335 24.08 -16.19 13.06
CA ASN C 335 23.18 -16.27 11.91
C ASN C 335 23.52 -15.24 10.85
N MET C 336 23.95 -14.05 11.27
CA MET C 336 24.11 -12.94 10.35
C MET C 336 25.31 -13.10 9.43
N ASN C 337 26.18 -14.07 9.70
CA ASN C 337 27.37 -14.26 8.88
C ASN C 337 26.98 -14.66 7.46
N LEU C 338 27.77 -14.22 6.49
CA LEU C 338 27.51 -14.49 5.08
C LEU C 338 28.11 -15.79 4.58
N ALA C 339 28.90 -16.49 5.40
CA ALA C 339 29.56 -17.69 4.92
C ALA C 339 28.60 -18.83 4.63
N ASN C 340 27.37 -18.75 5.13
CA ASN C 340 26.40 -19.83 4.94
C ASN C 340 25.12 -19.34 4.28
N LYS C 341 25.27 -18.51 3.23
CA LYS C 341 24.12 -18.00 2.51
C LYS C 341 24.36 -18.15 1.01
N ARG C 342 23.26 -18.17 0.25
CA ARG C 342 23.32 -18.39 -1.18
C ARG C 342 22.28 -17.53 -1.87
N ILE C 343 22.31 -17.54 -3.20
CA ILE C 343 21.43 -16.74 -4.04
C ILE C 343 20.74 -17.64 -5.05
N ARG C 344 19.42 -17.48 -5.18
CA ARG C 344 18.62 -18.24 -6.11
C ARG C 344 18.00 -17.32 -7.16
N LEU C 345 17.76 -17.88 -8.34
CA LEU C 345 17.23 -17.13 -9.48
C LEU C 345 16.01 -17.79 -10.12
N TYR C 346 15.97 -19.11 -10.18
CA TYR C 346 14.86 -19.83 -10.82
C TYR C 346 14.03 -20.66 -9.87
N GLU C 347 14.61 -21.18 -8.79
CA GLU C 347 13.86 -22.00 -7.85
C GLU C 347 12.75 -21.20 -7.19
N TYR C 348 12.94 -19.89 -7.01
CA TYR C 348 11.86 -19.05 -6.50
C TYR C 348 10.90 -18.63 -7.59
N LEU C 349 11.16 -18.99 -8.84
CA LEU C 349 10.22 -18.78 -9.94
C LEU C 349 9.38 -20.01 -10.23
N LEU C 350 9.88 -21.21 -9.97
CA LEU C 350 9.15 -22.43 -10.23
C LEU C 350 8.28 -22.88 -9.05
N HIS C 351 7.93 -21.95 -8.15
CA HIS C 351 7.16 -22.31 -6.97
C HIS C 351 5.74 -22.80 -7.27
N PRO C 352 4.94 -22.12 -8.10
CA PRO C 352 3.53 -22.52 -8.22
C PRO C 352 3.33 -23.95 -8.70
N LEU C 353 4.20 -24.44 -9.59
CA LEU C 353 4.06 -25.82 -10.04
C LEU C 353 4.26 -26.79 -8.88
N LEU C 354 5.25 -26.53 -8.03
CA LEU C 354 5.46 -27.38 -6.86
C LEU C 354 4.27 -27.32 -5.92
N ILE C 355 3.72 -26.12 -5.70
CA ILE C 355 2.57 -25.99 -4.81
C ILE C 355 1.39 -26.78 -5.36
N LYS C 356 1.13 -26.65 -6.66
CA LYS C 356 0.02 -27.38 -7.27
C LYS C 356 0.22 -28.89 -7.20
N PHE C 357 1.44 -29.35 -7.43
CA PHE C 357 1.70 -30.79 -7.36
C PHE C 357 1.51 -31.32 -5.95
N SER C 358 1.95 -30.56 -4.94
CA SER C 358 1.76 -30.99 -3.56
C SER C 358 0.28 -31.05 -3.21
N LYS C 359 -0.49 -30.02 -3.60
CA LYS C 359 -1.92 -30.03 -3.33
C LYS C 359 -2.60 -31.21 -4.02
N GLY C 360 -2.18 -31.53 -5.25
CA GLY C 360 -2.75 -32.66 -5.94
C GLY C 360 -2.41 -33.99 -5.31
N THR C 361 -1.16 -34.14 -4.84
CA THR C 361 -0.74 -35.43 -4.31
C THR C 361 -1.32 -35.70 -2.93
N TYR C 362 -1.56 -34.66 -2.13
CA TYR C 362 -2.14 -34.89 -0.80
C TYR C 362 -3.55 -35.47 -0.90
N ARG C 363 -4.34 -34.99 -1.87
CA ARG C 363 -5.71 -35.48 -2.03
C ARG C 363 -5.72 -36.98 -2.32
N VAL C 364 -4.86 -37.42 -3.23
CA VAL C 364 -4.82 -38.85 -3.56
C VAL C 364 -4.15 -39.64 -2.45
N LEU C 365 -3.32 -39.01 -1.62
CA LEU C 365 -2.76 -39.73 -0.48
C LEU C 365 -3.82 -39.95 0.60
N ASN C 366 -4.80 -39.05 0.70
CA ASN C 366 -5.85 -39.15 1.71
C ASN C 366 -7.15 -39.74 1.15
N ASN C 367 -7.06 -40.68 0.22
CA ASN C 367 -8.25 -41.32 -0.35
C ASN C 367 -8.46 -42.69 0.27
N ARG C 368 -9.72 -43.07 0.43
CA ARG C 368 -10.09 -44.32 1.08
C ARG C 368 -11.21 -45.01 0.31
N ASN C 369 -11.12 -46.34 0.27
CA ASN C 369 -12.12 -47.24 -0.32
C ASN C 369 -12.65 -46.72 -1.66
N SER C 370 -11.73 -46.58 -2.61
CA SER C 370 -12.10 -46.17 -3.96
C SER C 370 -11.02 -46.63 -4.93
N ASN C 371 -11.36 -46.60 -6.21
CA ASN C 371 -10.39 -46.93 -7.24
C ASN C 371 -9.36 -45.81 -7.37
N LYS C 372 -8.08 -46.19 -7.37
CA LYS C 372 -7.02 -45.19 -7.38
C LYS C 372 -6.82 -44.57 -8.75
N PHE C 373 -7.08 -45.32 -9.82
CA PHE C 373 -6.70 -44.88 -11.16
C PHE C 373 -7.42 -43.59 -11.54
N GLU C 374 -8.71 -43.47 -11.21
CA GLU C 374 -9.45 -42.26 -11.57
C GLU C 374 -8.87 -41.03 -10.87
N LYS C 375 -8.57 -41.15 -9.58
CA LYS C 375 -7.99 -40.01 -8.86
C LYS C 375 -6.61 -39.67 -9.40
N ILE C 376 -5.79 -40.69 -9.70
CA ILE C 376 -4.47 -40.44 -10.26
C ILE C 376 -4.59 -39.71 -11.60
N LYS C 377 -5.58 -40.09 -12.41
CA LYS C 377 -5.81 -39.38 -13.67
C LYS C 377 -6.23 -37.94 -13.41
N THR C 378 -7.09 -37.71 -12.41
CA THR C 378 -7.52 -36.35 -12.11
C THR C 378 -6.38 -35.49 -11.59
N ILE C 379 -5.35 -36.11 -11.03
CA ILE C 379 -4.17 -35.33 -10.60
C ILE C 379 -3.55 -34.61 -11.78
N PHE C 380 -3.35 -35.32 -12.88
CA PHE C 380 -2.70 -34.78 -14.07
C PHE C 380 -3.68 -34.25 -15.10
N SER C 381 -4.98 -34.33 -14.85
CA SER C 381 -5.96 -33.95 -15.86
C SER C 381 -5.89 -32.46 -16.17
N ASN C 382 -5.71 -31.63 -15.17
CA ASN C 382 -5.74 -30.17 -15.34
C ASN C 382 -4.32 -29.64 -15.41
N ILE C 383 -3.87 -29.34 -16.63
CA ILE C 383 -2.61 -28.63 -16.85
C ILE C 383 -2.85 -27.59 -17.94
N GLN C 384 -2.94 -26.33 -17.54
CA GLN C 384 -3.21 -25.24 -18.48
C GLN C 384 -1.90 -24.76 -19.09
N GLU C 385 -1.95 -24.44 -20.39
CA GLU C 385 -0.77 -23.97 -21.08
C GLU C 385 -0.34 -22.58 -20.62
N GLY C 386 -1.20 -21.87 -19.90
CA GLY C 386 -0.83 -20.58 -19.35
C GLY C 386 -0.81 -20.58 -17.84
N PHE C 387 -0.48 -21.73 -17.26
CA PHE C 387 -0.47 -21.86 -15.80
C PHE C 387 0.66 -21.05 -15.17
N LEU C 388 1.90 -21.35 -15.57
CA LEU C 388 3.06 -20.71 -14.95
C LEU C 388 3.04 -19.20 -15.16
N VAL C 389 2.74 -18.76 -16.38
CA VAL C 389 2.76 -17.33 -16.69
C VAL C 389 1.74 -16.59 -15.83
N LYS C 390 0.50 -17.10 -15.80
CA LYS C 390 -0.54 -16.44 -15.03
C LYS C 390 -0.23 -16.42 -13.54
N LYS C 391 0.25 -17.54 -13.00
CA LYS C 391 0.55 -17.58 -11.58
C LYS C 391 1.73 -16.68 -11.22
N ILE C 392 2.72 -16.58 -12.12
CA ILE C 392 3.87 -15.73 -11.85
C ILE C 392 3.46 -14.26 -11.88
N ILE C 393 2.70 -13.86 -12.89
CA ILE C 393 2.35 -12.45 -13.03
C ILE C 393 1.36 -12.03 -11.94
N ASN C 394 0.35 -12.85 -11.68
CA ASN C 394 -0.70 -12.47 -10.74
C ASN C 394 -0.16 -12.30 -9.32
N ASN C 395 0.74 -13.18 -8.89
CA ASN C 395 1.28 -13.13 -7.54
C ASN C 395 2.43 -12.13 -7.40
N GLU C 396 2.77 -11.41 -8.47
CA GLU C 396 3.82 -10.39 -8.44
C GLU C 396 5.16 -10.99 -8.02
N LEU C 397 5.46 -12.19 -8.53
CA LEU C 397 6.77 -12.77 -8.30
C LEU C 397 7.86 -11.98 -8.99
N LEU C 398 7.63 -11.58 -10.24
CA LEU C 398 8.56 -10.73 -10.97
C LEU C 398 8.30 -9.27 -10.65
N ARG C 399 9.34 -8.45 -10.78
CA ARG C 399 9.26 -7.03 -10.48
C ARG C 399 9.12 -6.25 -11.78
N TYR C 400 8.13 -5.37 -11.82
CA TYR C 400 7.90 -4.55 -13.01
C TYR C 400 9.09 -3.64 -13.28
N ASP C 401 9.44 -3.51 -14.55
CA ASP C 401 10.56 -2.67 -14.94
C ASP C 401 10.11 -1.20 -14.95
N ASN C 402 10.53 -0.45 -13.94
CA ASN C 402 10.21 0.97 -13.83
C ASN C 402 11.51 1.72 -13.58
N SER C 403 12.21 2.05 -14.66
CA SER C 403 13.46 2.81 -14.59
C SER C 403 13.44 3.90 -15.65
N VAL C 404 14.21 4.96 -15.40
CA VAL C 404 14.23 6.10 -16.30
C VAL C 404 15.62 6.38 -16.87
N ASN C 405 16.69 5.92 -16.22
CA ASN C 405 18.05 6.19 -16.66
C ASN C 405 18.56 5.03 -17.51
N SER C 406 19.61 5.32 -18.29
CA SER C 406 20.25 4.29 -19.08
C SER C 406 21.37 3.57 -18.34
N ILE C 407 21.70 4.03 -17.13
CA ILE C 407 22.72 3.37 -16.32
C ILE C 407 22.07 2.18 -15.63
N SER C 408 22.23 0.98 -16.22
CA SER C 408 21.54 -0.20 -15.73
C SER C 408 22.43 -1.17 -14.97
N LEU C 409 23.76 -1.00 -15.00
CA LEU C 409 24.64 -1.95 -14.35
C LEU C 409 24.44 -1.97 -12.83
N PHE C 410 24.49 -0.80 -12.20
CA PHE C 410 24.33 -0.72 -10.75
C PHE C 410 22.87 -0.71 -10.30
N THR C 411 21.94 -0.51 -11.22
CA THR C 411 20.55 -0.30 -10.83
C THR C 411 19.75 -1.60 -10.79
N LEU C 412 19.83 -2.40 -11.86
CA LEU C 412 18.97 -3.57 -11.99
C LEU C 412 19.70 -4.85 -12.36
N ILE C 413 20.88 -4.77 -12.99
CA ILE C 413 21.61 -5.98 -13.33
C ILE C 413 22.07 -6.70 -12.07
N LEU C 414 22.59 -5.97 -11.10
CA LEU C 414 23.07 -6.51 -9.84
C LEU C 414 22.21 -5.96 -8.71
N ARG C 415 21.08 -6.61 -8.44
CA ARG C 415 20.20 -6.22 -7.36
C ARG C 415 19.66 -7.46 -6.69
N TYR C 416 19.70 -7.49 -5.35
CA TYR C 416 19.24 -8.63 -4.57
C TYR C 416 18.25 -8.16 -3.52
N THR C 417 17.19 -8.94 -3.35
CA THR C 417 16.15 -8.65 -2.37
C THR C 417 15.99 -9.84 -1.43
N GLN C 418 15.79 -9.55 -0.15
CA GLN C 418 15.61 -10.59 0.86
C GLN C 418 14.15 -11.01 1.02
N SER C 419 13.22 -10.32 0.37
CA SER C 419 11.81 -10.64 0.50
C SER C 419 11.37 -11.59 -0.61
N GLY C 420 10.15 -12.11 -0.47
CA GLY C 420 9.60 -13.02 -1.45
C GLY C 420 9.12 -14.31 -0.82
N PRO C 421 9.01 -15.37 -1.63
CA PRO C 421 8.62 -16.68 -1.10
C PRO C 421 9.66 -17.20 -0.12
N GLN C 422 9.16 -17.83 0.95
CA GLN C 422 10.01 -18.44 1.98
C GLN C 422 11.00 -17.44 2.57
N SER C 423 10.55 -16.18 2.73
CA SER C 423 11.41 -15.12 3.20
C SER C 423 11.10 -14.82 4.66
N PRO C 424 12.05 -15.02 5.58
CA PRO C 424 11.82 -14.62 6.97
C PRO C 424 11.58 -13.13 7.14
N PHE C 425 12.10 -12.31 6.23
CA PHE C 425 11.91 -10.87 6.32
C PHE C 425 10.44 -10.51 6.18
N SER C 426 9.97 -9.63 7.07
CA SER C 426 8.58 -9.18 7.05
C SER C 426 8.51 -7.84 7.78
N SER C 427 7.85 -6.86 7.15
CA SER C 427 7.77 -5.53 7.74
C SER C 427 7.00 -5.53 9.04
N ASN C 428 5.88 -6.26 9.10
CA ASN C 428 5.06 -6.27 10.31
C ASN C 428 5.70 -7.08 11.43
N SER C 429 6.62 -8.00 11.11
CA SER C 429 7.25 -8.81 12.14
C SER C 429 8.21 -8.01 13.00
N THR C 430 8.76 -6.91 12.48
CA THR C 430 9.68 -6.03 13.20
C THR C 430 10.89 -6.81 13.72
N ASN C 431 11.61 -7.39 12.76
CA ASN C 431 12.86 -8.11 13.03
C ASN C 431 14.01 -7.18 12.63
N ASN C 432 14.40 -6.31 13.57
CA ASN C 432 15.45 -5.34 13.28
C ASN C 432 16.81 -5.99 13.11
N LYS C 433 17.00 -7.22 13.58
CA LYS C 433 18.29 -7.87 13.43
C LYS C 433 18.63 -8.13 11.97
N LEU C 434 17.64 -8.51 11.17
CA LEU C 434 17.90 -8.86 9.77
C LEU C 434 18.27 -7.63 8.94
N ARG C 435 17.81 -6.44 9.35
CA ARG C 435 18.08 -5.24 8.59
C ARG C 435 19.42 -4.60 8.90
N GLY C 436 20.19 -5.17 9.81
CA GLY C 436 21.48 -4.61 10.20
C GLY C 436 22.58 -5.03 9.26
N LEU C 437 23.82 -4.85 9.72
CA LEU C 437 25.01 -5.18 8.96
C LEU C 437 25.92 -6.09 9.78
N HIS C 438 26.78 -6.81 9.07
CA HIS C 438 27.75 -7.71 9.67
C HIS C 438 29.11 -7.46 9.04
N PRO C 439 30.19 -7.67 9.79
CA PRO C 439 31.53 -7.47 9.21
C PRO C 439 31.82 -8.36 8.01
N SER C 440 31.08 -9.45 7.83
CA SER C 440 31.27 -10.29 6.65
C SER C 440 30.68 -9.65 5.39
N TYR C 441 29.81 -8.65 5.53
CA TYR C 441 29.26 -7.99 4.35
C TYR C 441 30.34 -7.30 3.55
N LEU C 442 31.27 -6.64 4.23
CA LEU C 442 32.33 -5.89 3.54
C LEU C 442 33.20 -6.84 2.73
N GLY C 443 33.43 -6.47 1.46
CA GLY C 443 34.22 -7.26 0.55
C GLY C 443 33.41 -8.10 -0.43
N ARG C 444 32.13 -8.34 -0.14
CA ARG C 444 31.29 -9.11 -1.02
C ARG C 444 29.88 -8.54 -1.19
N LEU C 445 29.60 -7.36 -0.65
CA LEU C 445 28.28 -6.74 -0.78
C LEU C 445 28.43 -5.25 -0.62
N GLY C 446 27.38 -4.52 -1.02
CA GLY C 446 27.37 -3.07 -0.92
C GLY C 446 26.79 -2.63 0.41
N LEU C 447 27.56 -1.83 1.15
CA LEU C 447 27.15 -1.33 2.45
C LEU C 447 26.43 0.01 2.37
N THR C 448 26.28 0.57 1.17
CA THR C 448 25.73 1.91 1.00
C THR C 448 24.37 1.92 0.35
N SER C 449 24.21 1.26 -0.79
CA SER C 449 22.97 1.35 -1.56
C SER C 449 21.85 0.62 -0.83
N THR C 450 20.87 1.39 -0.36
CA THR C 450 19.69 0.83 0.30
C THR C 450 18.45 1.55 -0.19
N SER C 451 17.36 0.81 -0.33
CA SER C 451 16.10 1.41 -0.75
C SER C 451 15.56 2.30 0.37
N ALA C 452 15.21 3.54 0.03
CA ALA C 452 14.73 4.47 1.04
C ALA C 452 13.34 4.08 1.56
N GLY C 453 12.55 3.39 0.73
CA GLY C 453 11.22 3.00 1.17
C GLY C 453 11.24 2.01 2.32
N ASP C 454 12.10 0.99 2.23
CA ASP C 454 12.24 -0.02 3.27
C ASP C 454 13.70 -0.40 3.39
N PRO C 455 14.41 0.15 4.37
CA PRO C 455 15.85 -0.12 4.48
C PRO C 455 16.13 -1.59 4.75
N GLY C 456 17.22 -2.07 4.17
CA GLY C 456 17.69 -3.42 4.41
C GLY C 456 17.08 -4.49 3.53
N ALA C 457 16.02 -4.18 2.79
CA ALA C 457 15.35 -5.15 1.95
C ALA C 457 15.88 -5.18 0.52
N SER C 458 16.81 -4.29 0.16
CA SER C 458 17.36 -4.25 -1.19
C SER C 458 18.73 -3.60 -1.14
N GLY C 459 19.71 -4.25 -1.74
CA GLY C 459 21.07 -3.75 -1.80
C GLY C 459 21.60 -3.79 -3.22
N SER C 460 22.87 -4.16 -3.34
CA SER C 460 23.52 -4.27 -4.64
C SER C 460 24.81 -5.04 -4.48
N LEU C 461 25.01 -6.04 -5.33
CA LEU C 461 26.22 -6.85 -5.26
C LEU C 461 27.44 -6.04 -5.68
N THR C 462 28.58 -6.37 -5.10
CA THR C 462 29.83 -5.73 -5.48
C THR C 462 30.26 -6.23 -6.85
N PRO C 463 30.57 -5.33 -7.80
CA PRO C 463 30.96 -5.80 -9.14
C PRO C 463 32.21 -6.65 -9.17
N PHE C 464 33.10 -6.52 -8.18
CA PHE C 464 34.34 -7.28 -8.15
C PHE C 464 34.17 -8.66 -7.50
N LEU C 465 32.94 -9.04 -7.16
CA LEU C 465 32.70 -10.33 -6.52
C LEU C 465 33.05 -11.46 -7.46
N GLU C 466 33.73 -12.48 -6.94
CA GLU C 466 34.07 -13.68 -7.70
C GLU C 466 33.45 -14.88 -7.00
N LEU C 467 32.27 -15.29 -7.46
CA LEU C 467 31.63 -16.48 -6.91
C LEU C 467 32.44 -17.71 -7.26
N PRO C 468 32.78 -18.57 -6.30
CA PRO C 468 33.52 -19.79 -6.62
C PRO C 468 32.73 -20.68 -7.57
N GLU C 469 33.45 -21.32 -8.49
CA GLU C 469 32.82 -22.15 -9.50
C GLU C 469 32.42 -23.50 -8.92
N ASN C 470 31.34 -24.06 -9.47
CA ASN C 470 30.84 -25.38 -9.11
C ASN C 470 30.53 -25.46 -7.61
N SER C 471 29.76 -24.49 -7.13
CA SER C 471 29.29 -24.48 -5.75
C SER C 471 27.84 -24.07 -5.64
N TYR C 472 27.11 -23.97 -6.76
CA TYR C 472 25.70 -23.64 -6.78
C TYR C 472 25.42 -22.31 -6.10
N MET C 473 26.12 -21.27 -6.55
CA MET C 473 25.94 -19.89 -6.08
C MET C 473 26.15 -19.79 -4.57
N HIS C 474 27.31 -20.26 -4.12
CA HIS C 474 27.72 -20.16 -2.73
C HIS C 474 28.84 -19.14 -2.61
N PHE C 475 28.70 -18.23 -1.63
CA PHE C 475 29.72 -17.20 -1.44
C PHE C 475 31.06 -17.81 -1.07
N THR C 476 31.05 -18.81 -0.19
CA THR C 476 32.25 -19.50 0.23
C THR C 476 32.15 -20.98 -0.12
N GLU C 477 33.15 -21.75 0.31
CA GLU C 477 33.16 -23.19 0.12
C GLU C 477 33.11 -23.96 1.42
N GLU C 478 33.28 -23.29 2.57
CA GLU C 478 33.20 -23.93 3.86
C GLU C 478 32.26 -23.14 4.76
N PRO C 479 31.56 -23.82 5.67
CA PRO C 479 30.63 -23.11 6.56
C PRO C 479 31.37 -22.23 7.55
N GLU C 480 30.59 -21.41 8.27
CA GLU C 480 31.17 -20.51 9.25
C GLU C 480 31.87 -21.27 10.37
N ILE C 481 31.26 -22.36 10.83
CA ILE C 481 31.86 -23.23 11.83
C ILE C 481 32.48 -24.43 11.13
N ASN C 482 33.76 -24.67 11.39
CA ASN C 482 34.46 -25.74 10.69
C ASN C 482 33.90 -27.11 11.03
N LEU C 483 33.57 -27.33 12.31
CA LEU C 483 33.07 -28.62 12.78
C LEU C 483 34.06 -29.75 12.46
N ASN C 484 35.34 -29.44 12.56
CA ASN C 484 36.39 -30.40 12.25
C ASN C 484 37.37 -30.56 13.41
N LYS D 3 25.82 65.20 13.58
CA LYS D 3 24.41 64.94 13.30
C LYS D 3 23.64 64.65 14.58
N THR D 4 22.42 65.15 14.66
CA THR D 4 21.55 64.92 15.82
C THR D 4 20.11 65.10 15.38
N TYR D 5 19.35 64.01 15.38
CA TYR D 5 17.95 64.03 14.98
C TYR D 5 17.07 63.88 16.21
N ASN D 6 16.08 64.77 16.34
CA ASN D 6 15.14 64.70 17.45
C ASN D 6 14.12 63.62 17.16
N LEU D 7 14.26 62.47 17.82
CA LEU D 7 13.43 61.30 17.49
C LEU D 7 11.97 61.56 17.81
N ASN D 8 11.67 62.30 18.88
CA ASN D 8 10.28 62.61 19.20
C ASN D 8 9.64 63.43 18.10
N ASP D 9 10.36 64.40 17.55
CA ASP D 9 9.82 65.19 16.44
C ASP D 9 9.65 64.34 15.19
N ILE D 10 10.63 63.50 14.87
CA ILE D 10 10.57 62.71 13.64
C ILE D 10 9.45 61.68 13.72
N LEU D 11 9.26 61.07 14.89
CA LEU D 11 8.23 60.04 15.03
C LEU D 11 6.84 60.62 14.81
N LEU D 12 6.66 61.92 15.04
CA LEU D 12 5.38 62.59 14.84
C LEU D 12 5.49 63.71 13.80
N SER D 13 6.51 63.66 12.94
CA SER D 13 6.72 64.72 11.96
C SER D 13 5.74 64.66 10.79
N ASN D 14 5.15 63.50 10.53
CA ASN D 14 4.26 63.18 9.41
C ASN D 14 5.02 63.05 8.09
N GLU D 15 6.34 63.17 8.10
CA GLU D 15 7.18 62.81 6.96
C GLU D 15 7.87 61.47 7.19
N TYR D 16 7.14 60.52 7.78
CA TYR D 16 7.71 59.23 8.14
C TYR D 16 8.22 58.49 6.91
N GLU D 17 7.44 58.49 5.82
CA GLU D 17 7.85 57.74 4.64
C GLU D 17 9.04 58.40 3.94
N LYS D 18 9.08 59.73 3.93
CA LYS D 18 10.15 60.43 3.22
C LYS D 18 11.49 60.21 3.91
N ILE D 19 11.54 60.41 5.23
CA ILE D 19 12.81 60.31 5.95
C ILE D 19 13.30 58.87 6.00
N LYS D 20 12.40 57.92 6.26
CA LYS D 20 12.80 56.52 6.34
C LYS D 20 13.33 56.03 4.99
N GLU D 21 12.66 56.40 3.90
CA GLU D 21 13.10 55.96 2.58
C GLU D 21 14.46 56.55 2.21
N ASP D 22 14.70 57.81 2.56
CA ASP D 22 15.98 58.44 2.25
C ASP D 22 17.13 57.76 2.99
N ILE D 23 16.93 57.45 4.27
CA ILE D 23 17.97 56.80 5.05
C ILE D 23 18.18 55.37 4.57
N LYS D 24 17.10 54.68 4.22
CA LYS D 24 17.21 53.29 3.77
C LYS D 24 17.98 53.17 2.46
N GLU D 25 18.17 54.26 1.73
CA GLU D 25 18.85 54.24 0.44
C GLU D 25 20.31 54.67 0.53
N GLU D 26 20.63 55.61 1.41
CA GLU D 26 22.01 56.09 1.51
C GLU D 26 22.95 55.01 2.03
N ILE D 27 22.48 54.21 2.99
CA ILE D 27 23.33 53.15 3.54
C ILE D 27 23.68 52.13 2.49
N ILE D 28 22.69 51.70 1.71
CA ILE D 28 22.94 50.69 0.68
C ILE D 28 23.78 51.28 -0.45
N ASN D 29 23.51 52.52 -0.83
CA ASN D 29 24.24 53.14 -1.94
C ASN D 29 25.73 53.25 -1.63
N ASP D 30 26.06 53.63 -0.40
CA ASP D 30 27.47 53.79 -0.05
C ASP D 30 28.17 52.45 0.16
N MET D 31 27.44 51.44 0.61
CA MET D 31 28.06 50.15 0.89
C MET D 31 28.57 49.44 -0.35
N ALA D 32 28.03 49.77 -1.53
CA ALA D 32 28.40 49.10 -2.77
C ALA D 32 29.53 49.78 -3.51
N SER D 33 30.37 50.55 -2.80
CA SER D 33 31.50 51.23 -3.44
C SER D 33 32.84 50.77 -2.88
N LYS D 34 32.98 50.71 -1.55
CA LYS D 34 34.26 50.41 -0.93
C LYS D 34 34.53 48.91 -0.97
N LYS D 35 35.63 48.52 -0.33
CA LYS D 35 36.05 47.13 -0.24
C LYS D 35 36.32 46.79 1.22
N VAL D 36 36.23 45.50 1.53
CA VAL D 36 36.49 45.01 2.88
C VAL D 36 37.88 44.37 2.92
N LYS D 37 38.56 44.53 4.05
CA LYS D 37 39.90 44.01 4.23
C LYS D 37 39.96 43.20 5.52
N TYR D 38 40.71 42.09 5.47
CA TYR D 38 40.82 41.16 6.60
C TYR D 38 42.29 40.94 6.91
N SER D 39 42.66 41.10 8.17
CA SER D 39 44.06 40.92 8.58
C SER D 39 44.30 39.57 9.25
N ASN D 40 43.25 38.90 9.73
CA ASN D 40 43.31 37.59 10.36
C ASN D 40 44.13 37.57 11.64
N THR D 41 44.62 38.71 12.10
CA THR D 41 45.37 38.80 13.33
C THR D 41 44.42 39.11 14.49
N SER D 42 44.99 39.43 15.65
CA SER D 42 44.16 39.77 16.80
C SER D 42 43.43 41.09 16.59
N GLU D 43 44.08 42.05 15.93
CA GLU D 43 43.50 43.37 15.71
C GLU D 43 42.48 43.29 14.57
N PHE D 44 41.93 44.44 14.19
CA PHE D 44 40.95 44.52 13.11
C PHE D 44 41.43 45.54 12.08
N ALA D 45 41.23 45.20 10.81
CA ALA D 45 41.59 46.11 9.73
C ALA D 45 40.77 47.39 9.80
N LYS D 46 41.41 48.50 9.46
CA LYS D 46 40.79 49.83 9.55
C LYS D 46 39.82 50.02 8.38
N ASN D 47 38.75 49.23 8.40
CA ASN D 47 37.71 49.37 7.39
C ASN D 47 36.96 50.68 7.57
N ASP D 48 36.59 51.29 6.45
CA ASP D 48 35.81 52.51 6.45
C ASP D 48 34.42 52.22 5.90
N PHE D 49 33.40 52.53 6.68
CA PHE D 49 32.02 52.30 6.28
C PHE D 49 31.12 53.35 6.91
N LEU D 50 30.04 53.67 6.21
CA LEU D 50 29.00 54.51 6.79
C LEU D 50 28.16 53.74 7.80
N LYS D 51 28.23 52.42 7.77
CA LYS D 51 27.41 51.59 8.66
C LYS D 51 27.76 51.81 10.13
N ASP D 52 28.97 52.25 10.42
CA ASP D 52 29.44 52.43 11.80
C ASP D 52 29.93 53.85 11.99
N GLU D 53 29.01 54.75 12.33
CA GLU D 53 29.34 56.13 12.68
C GLU D 53 28.53 56.54 13.89
N PHE D 54 29.12 57.39 14.74
CA PHE D 54 28.50 57.77 16.00
C PHE D 54 27.70 59.05 15.81
N ILE D 55 26.42 59.02 16.18
CA ILE D 55 25.55 60.18 16.13
C ILE D 55 24.72 60.20 17.42
N ASP D 56 24.52 61.40 17.96
CA ASP D 56 23.80 61.55 19.22
C ASP D 56 22.30 61.53 18.99
N LEU D 57 21.60 60.67 19.73
CA LEU D 57 20.15 60.58 19.69
C LEU D 57 19.58 61.25 20.92
N VAL D 58 18.55 62.07 20.72
CA VAL D 58 17.93 62.83 21.81
C VAL D 58 16.47 62.41 21.94
N VAL D 59 16.08 62.04 23.16
CA VAL D 59 14.70 61.78 23.51
C VAL D 59 14.40 62.48 24.83
N ASP D 60 13.40 63.36 24.82
CA ASP D 60 13.01 64.13 26.01
C ASP D 60 14.19 64.91 26.58
N GLY D 61 15.13 65.30 25.73
CA GLY D 61 16.31 66.05 26.13
C GLY D 61 17.50 65.21 26.52
N GLU D 62 17.30 63.92 26.79
CA GLU D 62 18.41 63.06 27.17
C GLU D 62 19.28 62.73 25.97
N THR D 63 20.51 62.33 26.24
CA THR D 63 21.48 61.99 25.20
C THR D 63 21.79 60.50 25.27
N TYR D 64 21.62 59.82 24.14
CA TYR D 64 21.93 58.39 24.03
C TYR D 64 22.80 58.19 22.80
N GLU D 65 24.11 58.05 23.02
CA GLU D 65 25.06 57.92 21.91
C GLU D 65 24.86 56.57 21.23
N ILE D 66 24.39 56.61 19.99
CA ILE D 66 24.09 55.40 19.23
C ILE D 66 24.73 55.49 17.85
N THR D 67 24.93 54.33 17.23
CA THR D 67 25.55 54.28 15.91
C THR D 67 24.50 54.51 14.83
N TYR D 68 24.99 54.85 13.63
CA TYR D 68 24.09 55.09 12.51
C TYR D 68 23.33 53.83 12.13
N GLY D 69 23.99 52.67 12.19
CA GLY D 69 23.33 51.43 11.86
C GLY D 69 22.16 51.11 12.78
N ASN D 70 22.26 51.51 14.05
CA ASN D 70 21.17 51.26 14.97
C ASN D 70 20.01 52.23 14.76
N LEU D 71 20.29 53.43 14.25
CA LEU D 71 19.24 54.43 14.10
C LEU D 71 18.19 53.99 13.10
N ILE D 72 18.62 53.42 11.96
CA ILE D 72 17.67 52.99 10.94
C ILE D 72 16.84 51.83 11.47
N THR D 73 17.45 50.91 12.21
CA THR D 73 16.68 49.80 12.77
C THR D 73 15.68 50.27 13.81
N LEU D 74 15.91 51.43 14.43
CA LEU D 74 14.97 51.95 15.41
C LEU D 74 13.69 52.44 14.74
N LEU D 75 13.81 53.22 13.68
CA LEU D 75 12.63 53.78 13.02
C LEU D 75 11.77 52.68 12.41
N ILE D 76 12.39 51.65 11.84
CA ILE D 76 11.64 50.56 11.24
C ILE D 76 10.81 49.83 12.29
N VAL D 77 11.40 49.59 13.46
CA VAL D 77 10.75 48.81 14.51
C VAL D 77 9.85 49.65 15.40
N ALA D 78 9.86 50.98 15.26
CA ALA D 78 9.05 51.87 16.09
C ALA D 78 7.88 52.46 15.32
N ARG D 79 7.36 51.72 14.33
CA ARG D 79 6.19 52.19 13.59
C ARG D 79 4.94 52.39 14.44
N PRO D 80 4.55 51.48 15.35
CA PRO D 80 3.22 51.59 15.97
C PRO D 80 2.99 52.90 16.72
N PHE D 81 4.03 53.54 17.24
CA PHE D 81 3.84 54.82 17.92
C PHE D 81 3.29 55.87 16.97
N ASN D 82 3.81 55.92 15.74
CA ASN D 82 3.32 56.87 14.76
C ASN D 82 1.86 56.61 14.40
N HIS D 83 1.50 55.33 14.23
CA HIS D 83 0.14 55.00 13.80
C HIS D 83 -0.89 55.40 14.86
N PHE D 84 -0.57 55.21 16.13
CA PHE D 84 -1.48 55.56 17.21
C PHE D 84 -1.33 56.99 17.69
N LYS D 85 -0.37 57.74 17.14
CA LYS D 85 -0.17 59.15 17.48
C LYS D 85 0.10 59.32 18.97
N VAL D 86 1.04 58.52 19.49
CA VAL D 86 1.42 58.56 20.90
C VAL D 86 2.93 58.77 20.96
N PRO D 87 3.41 59.69 21.78
CA PRO D 87 4.87 59.90 21.90
C PRO D 87 5.55 58.70 22.53
N MET D 88 6.84 58.56 22.22
CA MET D 88 7.68 57.47 22.70
C MET D 88 8.54 57.95 23.85
N THR D 89 8.64 57.12 24.90
CA THR D 89 9.46 57.41 26.06
C THR D 89 10.57 56.39 26.18
N GLU D 90 11.53 56.70 27.05
CA GLU D 90 12.72 55.86 27.22
C GLU D 90 12.42 54.51 27.84
N ASP D 91 11.22 54.32 28.41
CA ASP D 91 10.90 53.05 29.07
C ASP D 91 10.94 51.89 28.08
N LEU D 92 10.40 52.09 26.88
CA LEU D 92 10.38 51.04 25.87
C LEU D 92 11.71 50.89 25.14
N LEU D 93 12.64 51.82 25.33
CA LEU D 93 13.93 51.72 24.67
C LEU D 93 14.71 50.52 25.21
N PHE D 94 15.49 49.88 24.34
CA PHE D 94 16.28 48.73 24.72
C PHE D 94 17.54 48.70 23.86
N ASP D 95 18.56 47.99 24.35
CA ASP D 95 19.81 47.88 23.61
C ASP D 95 19.61 47.01 22.38
N LEU D 96 20.03 47.52 21.22
CA LEU D 96 19.85 46.84 19.94
C LEU D 96 21.04 46.00 19.53
N SER D 97 22.08 45.92 20.36
CA SER D 97 23.28 45.18 19.98
C SER D 97 22.99 43.71 19.80
N ASP D 98 22.21 43.12 20.70
CA ASP D 98 21.86 41.71 20.62
C ASP D 98 20.57 41.53 19.83
N LEU D 99 20.17 40.27 19.64
CA LEU D 99 18.97 39.95 18.87
C LEU D 99 17.90 39.24 19.69
N LYS D 100 18.27 38.51 20.74
CA LYS D 100 17.26 37.88 21.58
C LYS D 100 16.44 38.90 22.36
N GLU D 101 16.95 40.12 22.51
CA GLU D 101 16.20 41.18 23.19
C GLU D 101 15.00 41.64 22.37
N TYR D 102 14.95 41.32 21.08
CA TYR D 102 13.85 41.77 20.24
C TYR D 102 12.53 41.14 20.67
N GLN D 103 12.54 39.86 21.03
CA GLN D 103 11.32 39.20 21.48
C GLN D 103 10.79 39.82 22.76
N ASN D 104 11.67 40.38 23.59
CA ASN D 104 11.20 41.06 24.78
C ASN D 104 10.59 42.42 24.45
N TYR D 105 10.98 43.02 23.33
CA TYR D 105 10.39 44.29 22.93
C TYR D 105 8.95 44.11 22.44
N TYR D 106 8.72 43.09 21.60
CA TYR D 106 7.37 42.86 21.07
C TYR D 106 6.39 42.55 22.19
N THR D 107 6.78 41.70 23.13
CA THR D 107 5.89 41.35 24.23
C THR D 107 5.69 42.49 25.21
N THR D 108 6.54 43.51 25.18
CA THR D 108 6.28 44.72 25.95
C THR D 108 5.43 45.71 25.18
N LEU D 109 5.10 45.39 23.93
CA LEU D 109 4.22 46.26 23.15
C LEU D 109 2.78 45.76 23.18
N LEU D 110 2.59 44.44 23.12
CA LEU D 110 1.24 43.89 23.15
C LEU D 110 0.54 44.21 24.47
N GLU D 111 1.19 43.90 25.59
CA GLU D 111 0.57 44.13 26.89
C GLU D 111 0.42 45.61 27.21
N HIS D 112 1.21 46.48 26.58
CA HIS D 112 1.09 47.90 26.84
C HIS D 112 -0.18 48.49 26.25
N PHE D 113 -0.61 47.99 25.09
CA PHE D 113 -1.81 48.46 24.42
C PHE D 113 -3.00 47.53 24.64
N GLY D 114 -2.91 46.62 25.60
CA GLY D 114 -4.04 45.78 25.98
C GLY D 114 -4.51 44.77 24.97
N TYR D 115 -3.57 44.17 24.22
CA TYR D 115 -3.87 43.05 23.33
C TYR D 115 -4.98 43.39 22.34
N SER D 116 -5.02 44.66 21.92
CA SER D 116 -6.07 45.11 21.02
C SER D 116 -5.94 44.45 19.66
N ASN D 117 -7.07 44.32 18.96
CA ASN D 117 -7.05 43.75 17.62
C ASN D 117 -6.31 44.66 16.64
N GLU D 118 -6.28 45.96 16.92
CA GLU D 118 -5.59 46.89 16.03
C GLU D 118 -4.07 46.71 16.12
N ILE D 119 -3.55 46.49 17.32
CA ILE D 119 -2.10 46.41 17.49
C ILE D 119 -1.55 45.13 16.88
N LYS D 120 -2.38 44.10 16.73
CA LYS D 120 -1.92 42.87 16.08
C LYS D 120 -1.63 43.12 14.60
N SER D 121 -2.47 43.91 13.93
CA SER D 121 -2.24 44.23 12.52
C SER D 121 -0.97 45.04 12.33
N ILE D 122 -0.71 46.01 13.21
CA ILE D 122 0.47 46.85 13.08
C ILE D 122 1.74 46.03 13.24
N ILE D 123 1.77 45.14 14.23
CA ILE D 123 2.95 44.30 14.45
C ILE D 123 3.15 43.36 13.26
N LYS D 124 2.05 42.87 12.67
CA LYS D 124 2.16 42.05 11.48
C LYS D 124 2.79 42.83 10.31
N ASP D 125 2.63 44.16 10.30
CA ASP D 125 3.26 44.96 9.26
C ASP D 125 4.74 45.13 9.49
N VAL D 126 5.17 45.22 10.76
CA VAL D 126 6.58 45.44 11.07
C VAL D 126 7.42 44.25 10.62
N ILE D 127 6.91 43.04 10.82
CA ILE D 127 7.66 41.84 10.45
C ILE D 127 7.93 41.82 8.95
N SER D 128 6.92 42.17 8.15
CA SER D 128 7.10 42.17 6.69
C SER D 128 8.13 43.18 6.25
N GLU D 129 8.10 44.39 6.84
CA GLU D 129 9.01 45.44 6.40
C GLU D 129 10.43 45.19 6.89
N LEU D 130 10.58 44.56 8.06
CA LEU D 130 11.91 44.30 8.59
C LEU D 130 12.67 43.28 7.75
N ALA D 131 11.96 42.26 7.25
CA ALA D 131 12.62 41.22 6.48
C ALA D 131 12.97 41.69 5.07
N ILE D 132 12.12 42.51 4.46
CA ILE D 132 12.36 42.96 3.09
C ILE D 132 13.64 43.79 3.03
N PHE D 133 13.80 44.72 3.98
CA PHE D 133 15.01 45.53 4.01
C PHE D 133 16.22 44.72 4.44
N SER D 134 15.99 43.60 5.13
CA SER D 134 17.11 42.73 5.50
C SER D 134 17.70 42.04 4.28
N GLY D 135 16.86 41.74 3.28
CA GLY D 135 17.35 41.05 2.11
C GLY D 135 18.34 41.86 1.31
N ASP D 136 18.14 43.18 1.26
CA ASP D 136 19.03 44.03 0.48
C ASP D 136 20.44 44.06 1.06
N ILE D 137 20.57 43.93 2.38
CA ILE D 137 21.89 43.96 3.00
C ILE D 137 22.71 42.74 2.59
N ASN D 138 22.05 41.58 2.47
CA ASN D 138 22.77 40.36 2.12
C ASN D 138 23.39 40.45 0.72
N VAL D 139 22.65 41.02 -0.24
CA VAL D 139 23.16 41.11 -1.60
C VAL D 139 24.35 42.07 -1.67
N THR D 140 24.20 43.26 -1.07
CA THR D 140 25.24 44.26 -1.17
C THR D 140 26.50 43.85 -0.40
N PHE D 141 26.33 43.23 0.76
CA PHE D 141 27.49 42.83 1.56
C PHE D 141 28.02 41.46 1.15
N GLY D 142 27.13 40.49 0.97
CA GLY D 142 27.54 39.16 0.54
C GLY D 142 28.07 38.30 1.66
N ASN D 143 27.64 37.03 1.69
CA ASN D 143 28.12 36.06 2.66
C ASN D 143 28.61 34.84 1.90
N THR D 144 29.88 34.48 2.10
CA THR D 144 30.51 33.40 1.36
C THR D 144 31.18 32.42 2.31
N VAL D 145 31.26 31.16 1.88
CA VAL D 145 31.99 30.13 2.59
C VAL D 145 33.06 29.60 1.64
N SER D 146 34.32 29.66 2.07
CA SER D 146 35.44 29.28 1.24
C SER D 146 36.41 28.40 2.02
N ILE D 147 36.96 27.39 1.35
CA ILE D 147 37.93 26.50 1.99
C ILE D 147 39.24 27.24 2.26
N LYS D 148 39.59 28.21 1.42
CA LYS D 148 40.82 28.98 1.62
C LYS D 148 40.77 29.81 2.88
N SER D 149 39.58 30.13 3.39
CA SER D 149 39.47 30.92 4.61
C SER D 149 40.13 30.21 5.80
N LEU D 150 39.91 28.90 5.92
CA LEU D 150 40.53 28.14 6.99
C LEU D 150 42.04 28.05 6.79
N ILE D 151 42.48 27.83 5.54
CA ILE D 151 43.91 27.65 5.28
C ILE D 151 44.68 28.93 5.58
N ASP D 152 44.13 30.08 5.18
CA ASP D 152 44.83 31.34 5.41
C ASP D 152 44.97 31.63 6.89
N LEU D 153 43.95 31.31 7.68
CA LEU D 153 44.03 31.52 9.12
C LEU D 153 45.11 30.67 9.78
N GLY D 154 45.48 29.54 9.17
CA GLY D 154 46.44 28.66 9.79
C GLY D 154 47.81 29.29 9.95
N ASN D 155 48.28 30.00 8.92
CA ASN D 155 49.62 30.57 8.97
C ASN D 155 49.74 31.63 10.07
N LYS D 156 48.72 32.48 10.22
CA LYS D 156 48.84 33.61 11.14
C LYS D 156 48.74 33.16 12.59
N VAL D 157 47.83 32.24 12.90
CA VAL D 157 47.60 31.77 14.26
C VAL D 157 48.26 30.42 14.43
N LYS D 158 49.28 30.35 15.28
CA LYS D 158 50.01 29.09 15.46
C LYS D 158 49.17 28.06 16.23
N ARG D 159 48.37 28.52 17.20
CA ARG D 159 47.60 27.58 18.01
C ARG D 159 46.61 26.79 17.18
N PHE D 160 46.19 27.34 16.03
CA PHE D 160 45.23 26.63 15.19
C PHE D 160 45.88 25.47 14.43
N ARG D 161 47.17 25.59 14.09
CA ARG D 161 47.83 24.53 13.35
C ARG D 161 47.90 23.23 14.16
N GLU D 162 48.18 23.33 15.45
CA GLU D 162 48.24 22.15 16.30
C GLU D 162 46.87 21.47 16.39
N LEU D 163 45.81 22.28 16.47
CA LEU D 163 44.46 21.73 16.58
C LEU D 163 44.05 20.97 15.32
N LEU D 164 44.44 21.48 14.14
CA LEU D 164 44.04 20.84 12.90
C LEU D 164 44.67 19.45 12.77
N HIS D 165 45.93 19.31 13.11
CA HIS D 165 46.62 18.01 13.09
C HIS D 165 46.76 17.53 14.53
N TYR D 166 45.72 16.86 15.02
CA TYR D 166 45.71 16.35 16.39
C TYR D 166 45.19 14.92 16.37
N ARG D 167 46.01 13.99 16.81
CA ARG D 167 45.66 12.59 16.90
C ARG D 167 45.73 12.14 18.36
N LEU D 168 44.77 11.31 18.75
CA LEU D 168 44.71 10.85 20.13
C LEU D 168 45.98 10.07 20.48
N PRO D 169 46.69 10.45 21.54
CA PRO D 169 47.85 9.65 21.95
C PRO D 169 47.43 8.24 22.35
N ASN D 170 48.28 7.28 22.01
CA ASN D 170 47.99 5.86 22.25
C ASN D 170 48.98 5.23 23.22
N ASP D 171 49.75 6.04 23.94
CA ASP D 171 50.70 5.54 24.92
C ASP D 171 50.16 5.57 26.35
N GLU D 172 48.92 6.00 26.55
CA GLU D 172 48.32 6.07 27.87
C GLU D 172 46.93 5.44 27.83
N ALA D 173 46.57 4.78 28.93
CA ALA D 173 45.26 4.16 29.03
C ALA D 173 44.19 5.21 29.31
N LEU D 174 43.12 5.17 28.52
CA LEU D 174 42.03 6.14 28.62
C LEU D 174 40.70 5.42 28.65
N GLU D 175 39.83 5.80 29.58
CA GLU D 175 38.48 5.28 29.62
C GLU D 175 37.61 5.98 28.58
N PHE D 176 36.36 5.54 28.48
CA PHE D 176 35.41 6.22 27.61
C PHE D 176 34.91 7.53 28.19
N ASN D 177 35.21 7.81 29.47
CA ASN D 177 34.87 9.09 30.05
C ASN D 177 35.94 10.13 29.74
N ASP D 178 37.21 9.69 29.69
CA ASP D 178 38.30 10.61 29.39
C ASP D 178 38.28 11.04 27.92
N ILE D 179 37.81 10.17 27.02
CA ILE D 179 37.74 10.53 25.61
C ILE D 179 36.80 11.71 25.40
N GLU D 180 35.64 11.69 26.05
CA GLU D 180 34.71 12.80 25.93
C GLU D 180 35.28 14.08 26.51
N ALA D 181 36.10 13.97 27.57
CA ALA D 181 36.71 15.16 28.15
C ALA D 181 37.68 15.81 27.17
N ILE D 182 38.47 15.01 26.44
CA ILE D 182 39.44 15.57 25.51
C ILE D 182 38.75 16.32 24.39
N ILE D 183 37.69 15.73 23.81
CA ILE D 183 37.01 16.37 22.69
C ILE D 183 36.38 17.68 23.13
N LYS D 184 35.72 17.70 24.28
CA LYS D 184 35.12 18.94 24.77
C LYS D 184 36.18 19.97 25.10
N LYS D 185 37.32 19.53 25.65
CA LYS D 185 38.40 20.46 25.96
C LYS D 185 38.94 21.12 24.70
N ASN D 186 39.12 20.35 23.63
CA ASN D 186 39.65 20.92 22.39
C ASN D 186 38.60 21.75 21.67
N LEU D 187 37.35 21.27 21.65
CA LEU D 187 36.29 22.01 20.94
C LEU D 187 36.04 23.36 21.58
N ASP D 188 36.11 23.44 22.91
CA ASP D 188 35.89 24.71 23.59
C ASP D 188 36.96 25.73 23.20
N GLU D 189 38.22 25.29 23.11
CA GLU D 189 39.29 26.20 22.74
C GLU D 189 39.16 26.70 21.31
N ILE D 190 38.57 25.88 20.42
CA ILE D 190 38.42 26.29 19.03
C ILE D 190 37.50 27.50 18.92
N MET D 191 36.38 27.48 19.64
CA MET D 191 35.44 28.59 19.56
C MET D 191 35.99 29.87 20.16
N LYS D 192 36.96 29.78 21.07
CA LYS D 192 37.57 31.00 21.61
C LYS D 192 38.47 31.67 20.60
N ILE D 193 39.28 30.89 19.89
CA ILE D 193 40.24 31.46 18.95
C ILE D 193 39.52 32.03 17.73
N LEU D 194 38.56 31.27 17.19
CA LEU D 194 37.86 31.72 15.98
C LEU D 194 37.07 32.99 16.23
N SER D 195 36.33 33.05 17.34
CA SER D 195 35.45 34.19 17.59
C SER D 195 36.25 35.44 17.94
N GLU D 196 37.33 35.28 18.71
CA GLU D 196 38.07 36.45 19.18
C GLU D 196 38.78 37.17 18.06
N THR D 197 39.35 36.42 17.12
CA THR D 197 40.18 37.01 16.07
C THR D 197 39.36 37.19 14.79
N ASP D 198 39.80 38.14 13.97
CA ASP D 198 39.13 38.43 12.70
C ASP D 198 39.36 37.31 11.70
N ASN D 199 38.35 37.02 10.89
CA ASN D 199 38.41 35.96 9.89
C ASN D 199 37.15 36.04 9.03
N MET D 200 37.08 35.15 8.04
CA MET D 200 35.91 35.08 7.17
C MET D 200 34.66 34.71 7.97
N LEU D 201 34.79 33.76 8.89
CA LEU D 201 33.66 33.16 9.58
C LEU D 201 33.29 33.89 10.87
N ARG D 202 33.83 35.08 11.10
CA ARG D 202 33.56 35.79 12.34
C ARG D 202 32.07 36.07 12.51
N TYR D 203 31.42 36.55 11.45
CA TYR D 203 30.00 36.85 11.52
C TYR D 203 29.13 35.61 11.51
N TYR D 204 29.68 34.46 11.11
CA TYR D 204 28.92 33.23 11.13
C TYR D 204 28.80 32.65 12.53
N ILE D 205 29.75 32.97 13.41
CA ILE D 205 29.77 32.36 14.74
C ILE D 205 29.12 33.28 15.77
N ASP D 206 29.39 34.59 15.68
CA ASP D 206 28.86 35.53 16.67
C ASP D 206 27.34 35.53 16.67
N SER D 207 26.71 35.52 15.49
CA SER D 207 25.27 35.44 15.43
C SER D 207 24.77 34.06 15.84
N GLY D 208 25.59 33.03 15.66
CA GLY D 208 25.20 31.68 16.04
C GLY D 208 24.02 31.15 15.26
N ALA D 209 23.99 31.37 13.95
CA ALA D 209 22.90 30.94 13.07
C ALA D 209 23.50 30.28 11.83
N GLY D 210 23.70 28.97 11.90
CA GLY D 210 24.21 28.24 10.76
C GLY D 210 25.38 27.33 11.07
N ILE D 211 26.08 27.60 12.16
CA ILE D 211 27.26 26.82 12.56
C ILE D 211 26.95 26.26 13.95
N ASN D 212 26.43 25.04 14.00
CA ASN D 212 26.19 24.38 15.27
C ASN D 212 27.51 24.01 15.93
N SER D 213 27.60 24.22 17.23
CA SER D 213 28.86 24.03 17.94
C SER D 213 29.33 22.59 17.88
N LYS D 214 28.42 21.63 18.09
CA LYS D 214 28.83 20.23 18.09
C LYS D 214 29.14 19.73 16.68
N GLN D 215 28.30 20.08 15.71
CA GLN D 215 28.49 19.57 14.35
C GLN D 215 29.76 20.11 13.72
N PHE D 216 30.07 21.38 13.96
CA PHE D 216 31.25 21.98 13.33
C PHE D 216 32.54 21.39 13.86
N GLY D 217 32.53 20.87 15.09
CA GLY D 217 33.73 20.26 15.63
C GLY D 217 34.17 19.02 14.88
N GLN D 218 33.21 18.26 14.35
CA GLN D 218 33.55 17.03 13.63
C GLN D 218 34.33 17.31 12.36
N VAL D 219 34.05 18.44 11.70
CA VAL D 219 34.77 18.77 10.47
C VAL D 219 36.24 19.02 10.76
N LEU D 220 36.55 19.75 11.83
CA LEU D 220 37.92 20.14 12.15
C LEU D 220 38.60 19.15 13.08
N SER D 221 38.02 18.92 14.26
CA SER D 221 38.63 18.01 15.22
C SER D 221 38.14 16.58 15.00
N LEU D 222 38.66 15.68 15.82
CA LEU D 222 38.35 14.26 15.68
C LEU D 222 36.89 13.99 16.04
N VAL D 223 36.38 12.86 15.56
CA VAL D 223 34.97 12.54 15.77
C VAL D 223 34.76 11.99 17.17
N GLY D 224 35.41 10.87 17.50
CA GLY D 224 35.24 10.26 18.80
C GLY D 224 34.76 8.82 18.74
N SER D 225 33.54 8.58 19.23
CA SER D 225 32.97 7.24 19.27
C SER D 225 31.54 7.29 18.75
N LYS D 226 31.07 6.14 18.25
CA LYS D 226 29.73 6.05 17.68
C LYS D 226 29.02 4.82 18.23
N PRO D 227 27.70 4.89 18.34
CA PRO D 227 26.93 3.72 18.83
C PRO D 227 26.68 2.70 17.73
N ASP D 228 25.93 1.64 18.05
CA ASP D 228 25.63 0.60 17.07
C ASP D 228 24.13 0.36 16.97
N LEU D 229 23.74 -0.70 16.27
CA LEU D 229 22.33 -0.98 16.05
C LEU D 229 21.57 -1.28 17.34
N PHE D 230 22.26 -1.67 18.40
CA PHE D 230 21.63 -2.01 19.67
C PHE D 230 22.10 -1.10 20.81
N GLY D 231 22.63 0.08 20.49
CA GLY D 231 23.01 1.05 21.49
C GLY D 231 24.35 0.80 22.16
N LYS D 232 24.89 -0.41 22.08
CA LYS D 232 26.18 -0.70 22.70
C LYS D 232 27.27 0.13 22.04
N ILE D 233 28.16 0.68 22.86
CA ILE D 233 29.22 1.53 22.35
C ILE D 233 30.26 0.70 21.63
N ILE D 234 30.55 1.06 20.39
CA ILE D 234 31.58 0.34 19.62
C ILE D 234 32.96 0.70 20.16
N PRO D 235 33.76 -0.28 20.60
CA PRO D 235 35.04 0.01 21.24
C PRO D 235 36.20 0.24 20.27
N TYR D 236 35.94 1.01 19.22
CA TYR D 236 36.96 1.38 18.24
C TYR D 236 36.80 2.84 17.89
N PRO D 237 37.29 3.75 18.74
CA PRO D 237 37.10 5.18 18.48
C PRO D 237 37.80 5.61 17.20
N ILE D 238 37.18 6.53 16.48
CA ILE D 238 37.79 7.06 15.27
C ILE D 238 38.88 8.06 15.65
N ASN D 239 40.04 7.92 15.04
CA ASN D 239 41.20 8.74 15.38
C ASN D 239 41.50 9.83 14.36
N THR D 240 40.72 9.94 13.30
CA THR D 240 40.97 10.92 12.24
C THR D 240 39.73 11.76 12.00
N SER D 241 39.94 13.06 11.80
CA SER D 241 38.84 13.98 11.52
C SER D 241 38.31 13.75 10.10
N PHE D 242 37.15 14.35 9.83
CA PHE D 242 36.52 14.18 8.53
C PHE D 242 37.38 14.77 7.42
N LEU D 243 37.93 15.97 7.64
CA LEU D 243 38.72 16.62 6.61
C LEU D 243 40.04 15.88 6.37
N ARG D 244 40.65 15.35 7.43
CA ARG D 244 41.95 14.70 7.30
C ARG D 244 41.87 13.37 6.57
N GLY D 245 40.69 12.78 6.45
CA GLY D 245 40.52 11.51 5.78
C GLY D 245 40.01 10.43 6.71
N LEU D 246 39.65 9.31 6.10
CA LEU D 246 39.10 8.16 6.81
C LEU D 246 39.80 6.88 6.36
N ASP D 247 39.67 5.84 7.16
CA ASP D 247 40.26 4.54 6.90
C ASP D 247 39.15 3.50 6.76
N VAL D 248 39.52 2.32 6.25
CA VAL D 248 38.52 1.30 5.94
C VAL D 248 37.83 0.81 7.21
N ARG D 249 38.59 0.56 8.27
CA ARG D 249 37.99 0.14 9.53
C ARG D 249 37.08 1.24 10.08
N SER D 250 37.52 2.50 9.99
CA SER D 250 36.67 3.60 10.39
C SER D 250 35.47 3.74 9.47
N PHE D 251 35.63 3.40 8.19
CA PHE D 251 34.53 3.51 7.24
C PHE D 251 33.37 2.61 7.63
N TYR D 252 33.66 1.38 8.07
CA TYR D 252 32.61 0.45 8.46
C TYR D 252 31.81 1.00 9.63
N ILE D 253 32.49 1.59 10.61
CA ILE D 253 31.79 2.15 11.78
C ILE D 253 30.86 3.27 11.35
N ASN D 254 31.31 4.10 10.40
CA ASN D 254 30.47 5.19 9.93
C ASN D 254 29.21 4.67 9.23
N ALA D 255 29.35 3.58 8.46
CA ALA D 255 28.20 3.03 7.76
C ALA D 255 27.14 2.53 8.72
N LEU D 256 27.54 2.03 9.90
CA LEU D 256 26.56 1.57 10.88
C LEU D 256 25.69 2.73 11.38
N GLY D 257 26.30 3.89 11.61
CA GLY D 257 25.54 5.03 12.09
C GLY D 257 24.50 5.51 11.09
N ALA D 258 24.87 5.55 9.80
CA ALA D 258 23.93 6.01 8.79
C ALA D 258 22.73 5.09 8.65
N ARG D 259 22.96 3.77 8.71
CA ARG D 259 21.86 2.83 8.55
C ARG D 259 20.86 2.95 9.70
N LYS D 260 21.34 3.23 10.91
CA LYS D 260 20.44 3.35 12.05
C LYS D 260 19.48 4.51 11.86
N ALA D 261 19.94 5.60 11.22
CA ALA D 261 19.06 6.73 10.97
C ALA D 261 17.90 6.35 10.06
N LEU D 262 18.18 5.58 8.99
CA LEU D 262 17.13 5.19 8.07
C LEU D 262 16.11 4.28 8.73
N ILE D 263 16.57 3.33 9.55
CA ILE D 263 15.65 2.42 10.21
C ILE D 263 14.76 3.17 11.20
N THR D 264 15.35 4.05 12.00
CA THR D 264 14.58 4.81 12.98
C THR D 264 13.59 5.73 12.30
N ASN D 265 14.03 6.45 11.27
CA ASN D 265 13.16 7.40 10.59
C ASN D 265 11.97 6.69 9.94
N TYR D 266 12.22 5.55 9.30
CA TYR D 266 11.14 4.81 8.65
C TYR D 266 10.14 4.28 9.68
N GLN D 267 10.63 3.77 10.81
CA GLN D 267 9.74 3.21 11.83
C GLN D 267 8.88 4.29 12.46
N GLN D 268 9.46 5.47 12.73
CA GLN D 268 8.69 6.54 13.35
C GLN D 268 7.60 7.06 12.42
N VAL D 269 7.88 7.07 11.11
CA VAL D 269 6.87 7.53 10.15
C VAL D 269 5.67 6.59 10.15
N ARG D 270 5.91 5.28 10.22
CA ARG D 270 4.82 4.31 10.20
C ARG D 270 3.91 4.49 11.42
N ASN D 271 4.50 4.71 12.59
CA ASN D 271 3.75 4.93 13.83
C ASN D 271 4.09 6.33 14.34
N SER D 272 3.34 7.31 13.87
CA SER D 272 3.50 8.70 14.29
C SER D 272 2.22 9.28 14.87
N GLY D 273 1.10 9.17 14.15
CA GLY D 273 -0.16 9.69 14.61
C GLY D 273 -0.94 8.78 15.52
N TYR D 274 -0.39 7.62 15.86
CA TYR D 274 -1.08 6.70 16.76
C TYR D 274 -1.26 7.31 18.15
N LEU D 275 -0.22 7.96 18.67
CA LEU D 275 -0.30 8.51 20.02
C LEU D 275 -1.23 9.71 20.09
N THR D 276 -1.10 10.64 19.14
CA THR D 276 -1.87 11.87 19.20
C THR D 276 -3.37 11.64 19.01
N ARG D 277 -3.76 10.51 18.43
CA ARG D 277 -5.18 10.23 18.28
C ARG D 277 -5.84 9.90 19.62
N LYS D 278 -5.13 9.16 20.47
CA LYS D 278 -5.71 8.74 21.74
C LYS D 278 -6.00 9.92 22.65
N ILE D 279 -5.02 10.82 22.82
CA ILE D 279 -5.20 11.94 23.73
C ILE D 279 -6.22 12.93 23.19
N SER D 280 -6.19 13.17 21.88
CA SER D 280 -7.09 14.17 21.29
C SER D 280 -8.55 13.78 21.42
N MET D 281 -8.87 12.49 21.24
CA MET D 281 -10.27 12.07 21.27
C MET D 281 -10.89 12.30 22.63
N LEU D 282 -10.15 12.03 23.70
CA LEU D 282 -10.71 12.16 25.04
C LEU D 282 -10.77 13.62 25.49
N LEU D 283 -9.63 14.30 25.52
CA LEU D 283 -9.54 15.65 26.07
C LEU D 283 -9.97 16.67 25.01
N MET D 284 -11.29 16.70 24.79
CA MET D 284 -11.88 17.64 23.83
C MET D 284 -13.13 18.34 24.35
N ASP D 285 -13.86 17.77 25.31
CA ASP D 285 -15.16 18.29 25.71
C ASP D 285 -15.06 19.40 26.75
N THR D 286 -13.87 19.77 27.19
CA THR D 286 -13.74 20.82 28.20
C THR D 286 -14.22 22.15 27.63
N LYS D 287 -14.74 22.98 28.54
CA LYS D 287 -15.32 24.27 28.16
C LYS D 287 -15.04 25.27 29.27
N LEU D 288 -15.04 26.55 28.91
CA LEU D 288 -14.76 27.62 29.84
C LEU D 288 -16.05 28.34 30.19
N ILE D 289 -16.32 28.50 31.48
CA ILE D 289 -17.41 29.34 31.96
C ILE D 289 -16.81 30.66 32.45
N ASP D 290 -17.65 31.68 32.62
CA ASP D 290 -17.17 32.99 33.03
C ASP D 290 -17.44 33.30 34.50
N LEU D 291 -17.82 32.31 35.31
CA LEU D 291 -18.03 32.55 36.72
C LEU D 291 -16.72 32.92 37.40
N ASP D 292 -16.79 33.86 38.36
CA ASP D 292 -15.58 34.34 39.01
C ASP D 292 -14.93 33.27 39.87
N ASP D 293 -15.71 32.60 40.72
CA ASP D 293 -15.19 31.57 41.60
C ASP D 293 -16.20 30.46 41.75
N CYS D 294 -15.75 29.21 41.59
CA CYS D 294 -16.63 28.06 41.73
C CYS D 294 -17.11 27.92 43.17
N GLY D 295 -16.19 27.94 44.12
CA GLY D 295 -16.52 27.77 45.53
C GLY D 295 -15.86 26.55 46.14
N SER D 296 -14.73 26.13 45.58
CA SER D 296 -14.02 24.98 46.10
C SER D 296 -13.48 25.27 47.50
N HIS D 297 -13.55 24.28 48.37
CA HIS D 297 -13.03 24.43 49.72
C HIS D 297 -11.51 24.54 49.69
N GLU D 298 -10.96 25.31 50.62
CA GLU D 298 -9.52 25.58 50.62
C GLU D 298 -8.71 24.33 50.94
N ASN D 299 -9.27 23.41 51.73
CA ASN D 299 -8.52 22.22 52.13
C ASN D 299 -8.24 21.29 50.95
N ASN D 300 -8.97 21.42 49.85
CA ASN D 300 -8.77 20.57 48.69
C ASN D 300 -7.84 21.20 47.66
N TYR D 301 -7.23 22.33 47.96
CA TYR D 301 -6.25 22.92 47.06
C TYR D 301 -5.07 21.98 46.87
N LEU D 302 -4.58 21.90 45.64
CA LEU D 302 -3.42 21.06 45.36
C LEU D 302 -2.18 21.62 46.03
N SER D 303 -1.34 20.73 46.53
CA SER D 303 -0.08 21.10 47.17
C SER D 303 1.08 20.57 46.33
N ILE D 304 2.06 21.43 46.07
CA ILE D 304 3.20 21.08 45.24
C ILE D 304 4.48 21.43 45.98
N ASN D 305 5.57 20.76 45.58
CA ASN D 305 6.88 20.98 46.15
C ASN D 305 7.80 21.59 45.10
N VAL D 306 8.45 22.69 45.46
CA VAL D 306 9.34 23.41 44.56
C VAL D 306 10.76 23.29 45.09
N GLU D 307 11.66 22.77 44.27
CA GLU D 307 13.07 22.64 44.62
C GLU D 307 13.96 23.48 43.73
N ASN D 308 13.84 23.35 42.41
CA ASN D 308 14.66 24.09 41.46
C ASN D 308 13.90 25.31 40.96
N LYS D 309 14.66 26.33 40.56
CA LYS D 309 14.06 27.55 40.04
C LYS D 309 13.28 27.30 38.75
N ASP D 310 13.59 26.22 38.03
CA ASP D 310 12.89 25.94 36.78
C ASP D 310 11.41 25.65 37.04
N VAL D 311 11.11 24.95 38.12
CA VAL D 311 9.71 24.66 38.45
C VAL D 311 8.94 25.94 38.71
N LEU D 312 9.59 26.92 39.34
CA LEU D 312 8.94 28.21 39.55
C LEU D 312 8.55 28.85 38.22
N LYS D 313 9.39 28.68 37.20
CA LYS D 313 9.07 29.21 35.87
C LYS D 313 7.83 28.53 35.29
N ARG D 314 7.60 27.26 35.65
CA ARG D 314 6.42 26.56 35.16
C ARG D 314 5.13 27.04 35.80
N PHE D 315 5.21 27.85 36.86
CA PHE D 315 4.03 28.36 37.56
C PHE D 315 4.05 29.88 37.43
N SER D 316 3.47 30.40 36.35
CA SER D 316 3.41 31.82 36.10
C SER D 316 1.97 32.25 35.92
N LYS D 317 1.64 33.44 36.42
CA LYS D 317 0.30 34.03 36.33
C LYS D 317 -0.76 33.11 36.94
N ARG D 318 -0.45 32.50 38.09
CA ARG D 318 -1.38 31.65 38.80
C ARG D 318 -1.39 32.01 40.28
N SER D 319 -2.52 31.74 40.93
CA SER D 319 -2.66 32.09 42.33
C SER D 319 -1.87 31.12 43.21
N TYR D 320 -1.53 31.58 44.41
CA TYR D 320 -0.91 30.75 45.44
C TYR D 320 -1.36 31.24 46.80
N LEU D 321 -1.25 30.38 47.79
CA LEU D 321 -1.73 30.67 49.14
C LEU D 321 -0.58 31.08 50.03
N ASN D 322 -0.82 32.09 50.86
CA ASN D 322 0.17 32.62 51.79
C ASN D 322 -0.42 32.62 53.19
N ASN D 323 0.46 32.72 54.19
CA ASN D 323 0.02 32.70 55.57
C ASN D 323 -0.89 33.89 55.89
N ASN D 324 -0.52 35.08 55.40
CA ASN D 324 -1.32 36.27 55.62
C ASN D 324 -2.12 36.70 54.39
N GLY D 325 -1.63 36.43 53.19
CA GLY D 325 -2.34 36.75 51.96
C GLY D 325 -3.05 35.54 51.42
N GLU D 326 -4.25 35.76 50.87
CA GLU D 326 -5.08 34.69 50.34
C GLU D 326 -5.25 34.87 48.84
N LEU D 327 -4.90 33.82 48.08
CA LEU D 327 -5.06 33.79 46.63
C LEU D 327 -4.35 34.97 45.97
N VAL D 328 -3.13 35.25 46.41
CA VAL D 328 -2.34 36.32 45.80
C VAL D 328 -1.58 35.76 44.60
N GLU D 329 -1.33 36.62 43.63
CA GLU D 329 -0.61 36.22 42.43
C GLU D 329 0.84 35.88 42.77
N ILE D 330 1.39 34.93 42.03
CA ILE D 330 2.75 34.45 42.26
C ILE D 330 3.73 35.40 41.59
N ASP D 331 4.92 35.53 42.18
CA ASP D 331 5.98 36.39 41.66
C ASP D 331 7.11 35.52 41.13
N ILE D 332 7.30 35.53 39.82
CA ILE D 332 8.39 34.74 39.22
C ILE D 332 9.74 35.29 39.65
N ASN D 333 9.90 36.61 39.62
CA ASN D 333 11.19 37.22 39.92
C ASN D 333 11.60 36.97 41.36
N ASP D 334 10.66 37.04 42.30
CA ASP D 334 10.98 36.79 43.69
C ASP D 334 11.39 35.33 43.89
N GLU D 335 12.53 35.13 44.55
CA GLU D 335 13.09 33.80 44.77
C GLU D 335 12.89 33.32 46.20
N SER D 336 12.15 34.06 47.02
CA SER D 336 11.90 33.65 48.39
C SER D 336 10.99 32.44 48.50
N LEU D 337 10.28 32.08 47.42
CA LEU D 337 9.38 30.95 47.46
C LEU D 337 10.09 29.61 47.31
N ILE D 338 11.37 29.61 46.92
CA ILE D 338 12.08 28.36 46.69
C ILE D 338 12.28 27.62 48.01
N GLY D 339 12.31 26.29 47.93
CA GLY D 339 12.59 25.45 49.07
C GLY D 339 11.41 25.13 49.96
N GLN D 340 10.21 25.64 49.64
CA GLN D 340 9.04 25.41 50.47
C GLN D 340 7.88 24.95 49.60
N VAL D 341 6.93 24.27 50.23
CA VAL D 341 5.74 23.80 49.55
C VAL D 341 4.69 24.92 49.53
N ILE D 342 3.77 24.85 48.57
CA ILE D 342 2.76 25.88 48.38
C ILE D 342 1.43 25.23 48.03
N LYS D 343 0.36 25.99 48.18
CA LYS D 343 -1.00 25.56 47.88
C LYS D 343 -1.47 26.30 46.63
N ILE D 344 -1.52 25.60 45.51
CA ILE D 344 -1.86 26.19 44.21
C ILE D 344 -3.23 25.64 43.78
N PRO D 345 -4.26 26.48 43.71
CA PRO D 345 -5.54 26.02 43.14
C PRO D 345 -5.34 25.57 41.71
N SER D 346 -6.01 24.50 41.33
CA SER D 346 -5.79 23.85 40.04
C SER D 346 -7.10 23.32 39.50
N PRO D 347 -7.19 23.14 38.18
CA PRO D 347 -8.44 22.62 37.59
C PRO D 347 -8.81 21.22 38.04
N THR D 348 -7.85 20.42 38.51
CA THR D 348 -8.17 19.04 38.91
C THR D 348 -9.15 18.99 40.06
N THR D 349 -9.27 20.06 40.85
CA THR D 349 -10.21 20.13 41.95
C THR D 349 -11.24 21.23 41.73
N CYS D 350 -11.56 21.52 40.48
CA CYS D 350 -12.59 22.50 40.17
C CYS D 350 -13.96 21.97 40.57
N ALA D 351 -14.91 22.88 40.74
CA ALA D 351 -16.21 22.52 41.30
C ALA D 351 -17.35 22.61 40.30
N SER D 352 -17.33 23.57 39.38
CA SER D 352 -18.44 23.78 38.47
C SER D 352 -18.68 22.58 37.59
N ASN D 353 -19.95 22.22 37.41
CA ASN D 353 -20.34 21.08 36.59
C ASN D 353 -20.20 21.36 35.09
N GLU D 354 -19.99 22.61 34.70
CA GLU D 354 -19.87 22.95 33.29
C GLU D 354 -18.41 23.03 32.86
N GLY D 355 -17.61 23.79 33.59
CA GLY D 355 -16.21 23.95 33.23
C GLY D 355 -15.46 24.78 34.26
N VAL D 356 -14.18 24.99 33.97
CA VAL D 356 -13.32 25.73 34.88
C VAL D 356 -13.74 27.19 34.92
N CYS D 357 -13.55 27.83 36.06
CA CYS D 357 -13.93 29.22 36.26
C CYS D 357 -12.70 30.11 36.02
N ARG D 358 -12.82 31.40 36.34
CA ARG D 358 -11.72 32.35 36.14
C ARG D 358 -10.62 32.18 37.20
N LYS D 359 -11.01 32.00 38.46
CA LYS D 359 -10.02 31.89 39.53
C LYS D 359 -9.18 30.64 39.38
N CYS D 360 -9.81 29.50 39.09
CA CYS D 360 -9.08 28.24 38.99
C CYS D 360 -8.10 28.26 37.84
N TYR D 361 -8.52 28.80 36.69
CA TYR D 361 -7.67 28.77 35.50
C TYR D 361 -6.51 29.76 35.63
N GLY D 362 -6.78 30.94 36.16
CA GLY D 362 -5.74 31.94 36.34
C GLY D 362 -6.01 33.23 35.60
N LYS D 363 -4.96 33.97 35.27
CA LYS D 363 -5.09 35.21 34.53
C LYS D 363 -4.94 35.04 33.02
N LEU D 364 -4.72 33.82 32.55
CA LEU D 364 -4.67 33.57 31.11
C LEU D 364 -6.05 33.52 30.48
N PHE D 365 -7.10 33.84 31.23
CA PHE D 365 -8.47 33.71 30.72
C PHE D 365 -8.70 34.65 29.54
N ASP D 366 -8.20 35.87 29.64
CA ASP D 366 -8.42 36.85 28.57
C ASP D 366 -7.73 36.42 27.28
N ILE D 367 -6.54 35.83 27.39
CA ILE D 367 -5.76 35.49 26.20
C ILE D 367 -6.46 34.40 25.39
N ASN D 368 -6.94 33.36 26.07
CA ASN D 368 -7.54 32.19 25.42
C ASN D 368 -9.04 32.14 25.62
N LYS D 369 -9.68 33.30 25.72
CA LYS D 369 -11.13 33.32 25.91
C LYS D 369 -11.87 32.83 24.67
N ASP D 370 -11.46 33.30 23.50
CA ASP D 370 -12.21 32.98 22.28
C ASP D 370 -12.01 31.53 21.85
N LEU D 371 -10.77 31.06 21.87
CA LEU D 371 -10.47 29.73 21.37
C LEU D 371 -10.82 28.66 22.40
N ASN D 372 -10.87 27.41 21.93
CA ASN D 372 -11.12 26.29 22.81
C ASN D 372 -9.94 26.06 23.74
N ILE D 373 -10.23 25.63 24.96
CA ILE D 373 -9.17 25.44 25.95
C ILE D 373 -8.56 24.04 25.89
N GLY D 374 -9.40 23.00 25.74
CA GLY D 374 -8.87 21.65 25.77
C GLY D 374 -7.92 21.35 24.64
N MET D 375 -8.24 21.81 23.42
CA MET D 375 -7.46 21.45 22.26
C MET D 375 -6.09 22.13 22.23
N ILE D 376 -5.91 23.23 22.94
CA ILE D 376 -4.60 23.86 22.98
C ILE D 376 -3.61 22.98 23.73
N ALA D 377 -4.07 22.32 24.79
CA ALA D 377 -3.17 21.54 25.63
C ALA D 377 -2.61 20.33 24.89
N VAL D 378 -3.45 19.61 24.16
CA VAL D 378 -3.01 18.36 23.54
C VAL D 378 -2.03 18.62 22.41
N LEU D 379 -2.25 19.67 21.62
CA LEU D 379 -1.33 20.01 20.55
C LEU D 379 -0.05 20.65 21.06
N LEU D 380 -0.11 21.32 22.21
CA LEU D 380 1.07 21.96 22.77
C LEU D 380 2.05 20.95 23.36
N LEU D 381 1.63 19.71 23.57
CA LEU D 381 2.46 18.69 24.21
C LEU D 381 2.90 17.60 23.26
N THR D 382 2.00 17.04 22.46
CA THR D 382 2.38 15.95 21.56
C THR D 382 3.41 16.40 20.53
N ASP D 383 3.20 17.58 19.94
CA ASP D 383 4.11 18.05 18.90
C ASP D 383 5.55 18.19 19.38
N PRO D 384 5.83 18.87 20.51
CA PRO D 384 7.22 18.87 20.99
C PRO D 384 7.75 17.49 21.33
N LEU D 385 6.88 16.60 21.81
CA LEU D 385 7.34 15.26 22.18
C LEU D 385 7.82 14.48 20.97
N THR D 386 7.08 14.56 19.85
CA THR D 386 7.47 13.81 18.66
C THR D 386 8.72 14.41 18.02
N GLN D 387 8.83 15.73 18.01
CA GLN D 387 9.99 16.38 17.39
C GLN D 387 11.28 16.00 18.11
N ARG D 388 11.26 15.98 19.44
CA ARG D 388 12.44 15.58 20.20
C ARG D 388 12.80 14.12 19.95
N LEU D 389 11.79 13.25 19.84
CA LEU D 389 12.05 11.85 19.56
C LEU D 389 12.71 11.63 18.21
N LEU D 390 12.63 12.61 17.30
CA LEU D 390 13.26 12.52 15.99
C LEU D 390 14.57 13.31 15.93
N SER D 391 14.51 14.62 16.24
CA SER D 391 15.67 15.47 16.07
C SER D 391 16.79 15.10 17.05
N ALA D 392 16.44 14.88 18.32
CA ALA D 392 17.46 14.56 19.32
C ALA D 392 18.05 13.18 19.07
N LYS D 393 17.23 12.23 18.62
CA LYS D 393 17.76 10.89 18.32
C LYS D 393 18.70 10.92 17.13
N HIS D 394 18.50 11.86 16.20
CA HIS D 394 19.41 12.01 15.07
C HIS D 394 20.83 12.32 15.52
N LEU D 395 21.01 12.88 16.71
CA LEU D 395 22.34 13.12 17.28
C LEU D 395 22.93 11.78 17.70
N LEU D 396 23.73 11.17 16.83
CA LEU D 396 24.26 9.84 17.08
C LEU D 396 25.21 9.84 18.27
N GLU D 397 26.05 10.87 18.39
CA GLU D 397 27.02 10.93 19.47
C GLU D 397 26.31 10.94 20.83
N THR D 398 26.80 10.10 21.75
CA THR D 398 26.17 9.93 23.05
C THR D 398 27.21 10.11 24.14
N ARG D 399 26.73 10.46 25.34
CA ARG D 399 27.60 10.70 26.48
C ARG D 399 27.93 9.39 27.20
N SER D 400 28.86 9.48 28.14
CA SER D 400 29.29 8.34 28.93
C SER D 400 29.23 8.68 30.41
N SER D 401 29.10 7.65 31.24
CA SER D 401 29.00 7.80 32.68
C SER D 401 30.22 7.19 33.37
N LYS D 402 30.64 7.81 34.46
CA LYS D 402 31.78 7.32 35.22
C LYS D 402 31.42 6.03 35.95
N ILE D 403 32.44 5.20 36.17
CA ILE D 403 32.28 3.91 36.84
C ILE D 403 33.30 3.81 37.97
N ASP D 404 32.81 3.54 39.18
CA ASP D 404 33.68 3.38 40.35
C ASP D 404 34.04 1.91 40.48
N TRP D 405 35.25 1.56 40.03
CA TRP D 405 35.66 0.16 40.04
C TRP D 405 36.02 -0.32 41.44
N GLY D 406 36.55 0.56 42.28
CA GLY D 406 36.95 0.17 43.63
C GLY D 406 38.42 0.36 43.91
N THR D 407 38.80 0.32 45.18
CA THR D 407 40.19 0.57 45.56
C THR D 407 41.11 -0.54 45.04
N ASN D 408 40.75 -1.80 45.30
CA ASN D 408 41.61 -2.90 44.90
C ASN D 408 41.58 -3.10 43.40
N PHE D 409 40.47 -2.74 42.74
CA PHE D 409 40.40 -2.80 41.29
C PHE D 409 41.42 -1.85 40.65
N GLU D 410 41.51 -0.63 41.18
CA GLU D 410 42.41 0.35 40.60
C GLU D 410 43.87 0.00 40.87
N GLU D 411 44.16 -0.54 42.05
CA GLU D 411 45.54 -0.82 42.41
C GLU D 411 46.13 -1.99 41.63
N ASN D 412 45.28 -2.82 41.00
CA ASN D 412 45.76 -4.01 40.32
C ASN D 412 45.49 -4.05 38.83
N PHE D 413 44.44 -3.37 38.35
CA PHE D 413 44.08 -3.42 36.93
C PHE D 413 43.84 -2.01 36.43
N ILE D 414 44.62 -1.58 35.43
CA ILE D 414 44.41 -0.31 34.75
C ILE D 414 43.58 -0.63 33.51
N VAL D 415 42.29 -0.27 33.56
CA VAL D 415 41.39 -0.61 32.47
C VAL D 415 41.57 0.36 31.32
N ASN D 416 41.80 -0.19 30.13
CA ASN D 416 41.84 0.59 28.89
C ASN D 416 40.71 0.12 28.00
N ARG D 417 39.85 1.05 27.59
CA ARG D 417 38.63 0.78 26.83
C ARG D 417 37.98 -0.54 27.26
N ASN D 418 37.76 -1.44 26.30
CA ASN D 418 37.18 -2.75 26.60
C ASN D 418 38.27 -3.80 26.78
N LEU D 419 39.16 -3.53 27.73
CA LEU D 419 40.25 -4.45 28.04
C LEU D 419 40.68 -4.24 29.48
N ILE D 420 41.36 -5.26 30.02
CA ILE D 420 41.84 -5.25 31.40
C ILE D 420 43.25 -5.82 31.41
N TYR D 421 44.17 -5.16 32.12
CA TYR D 421 45.55 -5.61 32.22
C TYR D 421 46.02 -5.52 33.67
N PRO D 422 46.66 -6.55 34.20
CA PRO D 422 47.15 -6.49 35.57
C PRO D 422 48.54 -5.90 35.66
N LYS D 423 48.87 -5.41 36.86
CA LYS D 423 50.20 -4.87 37.10
C LYS D 423 51.26 -5.97 37.05
N VAL D 424 51.03 -7.05 37.79
CA VAL D 424 52.00 -8.13 37.93
C VAL D 424 51.30 -9.44 37.59
N TYR D 425 51.93 -10.25 36.73
CA TYR D 425 51.34 -11.50 36.29
C TYR D 425 51.55 -12.65 37.27
N ASN D 426 52.36 -12.46 38.30
CA ASN D 426 52.59 -13.53 39.27
C ASN D 426 51.32 -13.88 40.04
N GLY D 427 50.57 -12.86 40.46
CA GLY D 427 49.34 -13.07 41.20
C GLY D 427 48.29 -13.85 40.42
N THR D 428 47.70 -14.87 41.05
CA THR D 428 46.70 -15.70 40.42
C THR D 428 45.31 -15.24 40.85
N VAL D 429 44.28 -15.97 40.44
CA VAL D 429 42.90 -15.65 40.75
C VAL D 429 42.18 -16.92 41.17
N ILE D 430 41.40 -16.84 42.25
CA ILE D 430 40.63 -17.97 42.76
C ILE D 430 39.15 -17.66 42.57
N ILE D 431 38.44 -18.56 41.89
CA ILE D 431 37.03 -18.37 41.56
C ILE D 431 36.27 -19.64 41.93
N LYS D 432 35.16 -19.49 42.65
CA LYS D 432 34.33 -20.62 43.01
C LYS D 432 33.46 -21.05 41.84
N GLU D 433 32.88 -22.24 41.97
CA GLU D 433 32.05 -22.78 40.89
C GLU D 433 30.76 -21.98 40.71
N ASP D 434 30.16 -21.55 41.81
CA ASP D 434 28.88 -20.85 41.76
C ASP D 434 28.99 -19.42 41.24
N ASP D 435 30.21 -18.89 41.09
CA ASP D 435 30.36 -17.51 40.64
C ASP D 435 29.85 -17.34 39.21
N PHE D 436 30.14 -18.30 38.34
CA PHE D 436 29.73 -18.19 36.94
C PHE D 436 28.22 -18.19 36.80
N LYS D 437 27.71 -17.33 35.92
CA LYS D 437 26.29 -17.26 35.62
C LYS D 437 26.09 -17.18 34.12
N GLU D 438 24.92 -17.63 33.67
CA GLU D 438 24.59 -17.62 32.26
C GLU D 438 24.26 -16.19 31.81
N ASP D 439 24.84 -15.78 30.69
CA ASP D 439 24.61 -14.45 30.16
C ASP D 439 23.23 -14.35 29.52
N GLU D 440 22.63 -13.16 29.60
CA GLU D 440 21.31 -12.95 29.04
C GLU D 440 21.31 -13.09 27.52
N GLU D 441 22.35 -12.56 26.86
CA GLU D 441 22.36 -12.48 25.40
C GLU D 441 23.27 -13.52 24.76
N THR D 442 24.54 -13.56 25.15
CA THR D 442 25.51 -14.45 24.53
C THR D 442 25.61 -15.81 25.21
N GLU D 443 24.92 -16.01 26.33
CA GLU D 443 24.89 -17.28 27.06
C GLU D 443 26.28 -17.68 27.56
N GLU D 444 27.25 -16.78 27.46
CA GLU D 444 28.58 -17.07 27.95
C GLU D 444 28.64 -16.89 29.47
N GLN D 445 29.70 -17.43 30.06
CA GLN D 445 29.88 -17.31 31.51
C GLN D 445 30.33 -15.90 31.86
N VAL D 446 29.61 -15.27 32.78
CA VAL D 446 29.92 -13.92 33.26
C VAL D 446 30.11 -14.01 34.78
N PHE D 447 31.28 -13.64 35.25
CA PHE D 447 31.59 -13.66 36.69
C PHE D 447 31.60 -12.22 37.19
N ASP D 448 30.45 -11.76 37.69
CA ASP D 448 30.33 -10.37 38.12
C ASP D 448 31.25 -10.07 39.31
N THR D 449 31.31 -10.97 40.28
CA THR D 449 32.12 -10.77 41.48
C THR D 449 33.10 -11.92 41.64
N PHE D 450 34.32 -11.58 42.05
CA PHE D 450 35.35 -12.57 42.30
C PHE D 450 36.37 -11.98 43.27
N THR D 451 37.19 -12.86 43.83
CA THR D 451 38.30 -12.46 44.70
C THR D 451 39.59 -12.98 44.12
N LEU D 452 40.52 -12.08 43.83
CA LEU D 452 41.80 -12.47 43.25
C LEU D 452 42.63 -13.24 44.28
N LYS D 453 43.42 -14.19 43.78
CA LYS D 453 44.34 -14.95 44.62
C LYS D 453 45.73 -14.34 44.53
N SER D 454 45.87 -13.18 45.16
CA SER D 454 47.14 -12.45 45.18
C SER D 454 48.09 -13.07 46.20
N GLY D 455 48.47 -14.31 45.93
CA GLY D 455 49.32 -15.05 46.86
C GLY D 455 48.61 -15.24 48.19
N ASN D 456 49.33 -14.99 49.28
CA ASN D 456 48.73 -15.10 50.61
C ASN D 456 47.63 -14.06 50.80
N ARG D 457 47.84 -12.85 50.30
CA ARG D 457 46.85 -11.79 50.43
C ARG D 457 45.70 -12.00 49.45
N PHE D 458 44.55 -11.41 49.77
CA PHE D 458 43.39 -11.48 48.90
C PHE D 458 42.44 -10.34 49.25
N ILE D 459 41.90 -9.69 48.23
CA ILE D 459 40.91 -8.64 48.38
C ILE D 459 39.75 -8.93 47.43
N SER D 460 38.53 -8.88 47.96
CA SER D 460 37.35 -9.14 47.15
C SER D 460 37.17 -8.02 46.11
N ILE D 461 36.59 -8.38 44.98
CA ILE D 461 36.35 -7.43 43.89
C ILE D 461 34.85 -7.37 43.63
N SER D 462 34.30 -6.15 43.59
CA SER D 462 32.89 -5.92 43.27
C SER D 462 32.85 -5.13 41.96
N SER D 463 32.85 -5.84 40.84
CA SER D 463 32.83 -5.19 39.54
C SER D 463 31.43 -4.65 39.26
N PRO D 464 31.28 -3.34 39.04
CA PRO D 464 29.93 -2.81 38.73
C PRO D 464 29.33 -3.38 37.47
N MET D 465 30.15 -3.70 36.47
CA MET D 465 29.66 -4.17 35.18
C MET D 465 29.96 -5.65 34.99
N ARG D 466 29.32 -6.23 33.98
CA ARG D 466 29.53 -7.63 33.67
C ARG D 466 30.91 -7.85 33.06
N LEU D 467 31.46 -9.04 33.29
CA LEU D 467 32.80 -9.40 32.82
C LEU D 467 32.72 -10.64 31.94
N PHE D 468 33.48 -10.63 30.85
CA PHE D 468 33.59 -11.76 29.94
C PHE D 468 35.00 -12.33 30.03
N LEU D 469 35.10 -13.63 30.27
CA LEU D 469 36.39 -14.27 30.41
C LEU D 469 37.14 -14.27 29.09
N ASN D 470 38.48 -14.25 29.18
CA ASN D 470 39.31 -14.25 27.98
C ASN D 470 39.12 -15.54 27.20
N LYS D 471 39.03 -15.40 25.88
CA LYS D 471 38.84 -16.57 25.02
C LYS D 471 40.05 -17.49 25.06
N ASP D 472 41.25 -16.92 25.09
CA ASP D 472 42.47 -17.73 25.07
C ASP D 472 42.58 -18.57 26.34
N LEU D 473 42.39 -17.95 27.50
CA LEU D 473 42.54 -18.66 28.76
C LEU D 473 41.44 -19.70 28.99
N LYS D 474 40.25 -19.47 28.44
CA LYS D 474 39.16 -20.41 28.62
C LYS D 474 39.42 -21.75 27.94
N LYS D 475 40.29 -21.78 26.92
CA LYS D 475 40.58 -23.03 26.24
C LYS D 475 41.24 -24.03 27.17
N GLN D 476 42.20 -23.58 27.98
CA GLN D 476 42.84 -24.46 28.96
C GLN D 476 42.02 -24.62 30.23
N LEU D 477 40.99 -23.80 30.42
CA LEU D 477 40.17 -23.88 31.62
C LEU D 477 39.38 -25.19 31.67
N ASP D 478 39.04 -25.74 30.50
CA ASP D 478 38.15 -26.91 30.46
C ASP D 478 38.74 -28.10 31.21
N GLU D 479 40.05 -28.32 31.07
CA GLU D 479 40.71 -29.46 31.70
C GLU D 479 41.75 -29.05 32.73
N SER D 480 42.68 -28.17 32.37
CA SER D 480 43.78 -27.85 33.28
C SER D 480 43.29 -26.99 34.44
N PHE D 481 42.76 -25.80 34.14
CA PHE D 481 42.32 -24.88 35.18
C PHE D 481 41.03 -25.32 35.87
N TYR D 482 40.34 -26.32 35.33
CA TYR D 482 39.11 -26.82 35.95
C TYR D 482 39.46 -27.49 37.27
N ASN D 483 39.01 -26.91 38.38
CA ASN D 483 39.31 -27.40 39.72
C ASN D 483 38.00 -27.66 40.45
N ILE D 484 37.47 -28.87 40.29
CA ILE D 484 36.27 -29.29 41.00
C ILE D 484 36.61 -29.97 42.32
N GLU D 485 37.86 -30.39 42.52
CA GLU D 485 38.24 -31.06 43.76
C GLU D 485 38.09 -30.12 44.95
N GLU D 486 38.52 -28.86 44.80
CA GLU D 486 38.41 -27.87 45.85
C GLU D 486 37.19 -26.97 45.70
N MET D 487 36.31 -27.27 44.73
CA MET D 487 35.12 -26.46 44.45
C MET D 487 35.48 -25.00 44.16
N GLN D 488 36.68 -24.77 43.65
CA GLN D 488 37.16 -23.40 43.42
C GLN D 488 38.17 -23.43 42.27
N PHE D 489 37.83 -22.75 41.17
CA PHE D 489 38.73 -22.69 40.04
C PHE D 489 40.00 -21.93 40.39
N GLU D 490 41.12 -22.36 39.82
CA GLU D 490 42.40 -21.68 39.97
C GLU D 490 42.86 -21.23 38.59
N ILE D 491 43.11 -19.93 38.46
CA ILE D 491 43.56 -19.34 37.21
C ILE D 491 44.91 -18.69 37.44
N PRO D 492 46.01 -19.41 37.15
CA PRO D 492 47.35 -18.82 37.32
C PRO D 492 47.66 -17.86 36.19
N LEU D 493 47.75 -16.57 36.52
CA LEU D 493 48.05 -15.55 35.52
C LEU D 493 49.48 -15.67 34.98
N ASN D 494 50.36 -16.38 35.67
CA ASN D 494 51.70 -16.62 35.12
C ASN D 494 51.62 -17.41 33.83
N LYS D 495 50.62 -18.29 33.69
CA LYS D 495 50.40 -18.99 32.43
C LYS D 495 50.07 -18.00 31.32
N LEU D 496 49.24 -17.00 31.62
CA LEU D 496 48.95 -15.95 30.66
C LEU D 496 50.20 -15.15 30.36
N ASP D 497 50.42 -14.84 29.08
CA ASP D 497 51.59 -14.10 28.67
C ASP D 497 51.42 -12.60 28.96
N GLU D 498 52.55 -11.90 29.00
CA GLU D 498 52.52 -10.47 29.28
C GLU D 498 51.90 -9.71 28.11
N GLY D 499 51.18 -8.64 28.46
CA GLY D 499 50.51 -7.83 27.45
C GLY D 499 49.42 -8.55 26.70
N ASP D 500 48.61 -9.37 27.39
CA ASP D 500 47.55 -10.13 26.77
C ASP D 500 46.20 -9.78 27.41
N SER D 501 45.14 -9.98 26.63
CA SER D 501 43.80 -9.70 27.12
C SER D 501 43.41 -10.66 28.23
N PHE D 502 42.70 -10.15 29.22
CA PHE D 502 42.24 -10.95 30.35
C PHE D 502 40.73 -10.97 30.51
N ALA D 503 40.07 -9.82 30.35
CA ALA D 503 38.62 -9.75 30.55
C ALA D 503 38.06 -8.56 29.78
N THR D 504 37.03 -8.82 29.00
CA THR D 504 36.38 -7.79 28.19
C THR D 504 34.99 -7.50 28.75
N PHE D 505 34.68 -6.21 28.88
CA PHE D 505 33.38 -5.78 29.39
C PHE D 505 32.72 -4.86 28.39
N ILE D 506 31.40 -4.97 28.28
CA ILE D 506 30.61 -4.13 27.38
C ILE D 506 29.82 -3.12 28.21
N MET D 507 29.61 -1.95 27.64
CA MET D 507 28.91 -0.87 28.33
C MET D 507 27.82 -0.31 27.44
N ASP D 508 26.67 -0.02 28.05
CA ASP D 508 25.53 0.57 27.36
C ASP D 508 25.49 2.07 27.66
N ASN D 509 25.41 2.87 26.60
CA ASN D 509 25.39 4.32 26.77
C ASN D 509 24.05 4.77 27.36
N ASN D 510 24.07 5.94 27.99
CA ASN D 510 22.87 6.53 28.57
C ASN D 510 22.09 7.22 27.45
N GLU D 511 21.00 6.60 27.02
CA GLU D 511 20.23 7.12 25.90
C GLU D 511 19.57 8.44 26.30
N LEU D 512 19.71 9.45 25.43
CA LEU D 512 19.07 10.74 25.68
C LEU D 512 17.55 10.67 25.55
N SER D 513 17.04 9.70 24.80
CA SER D 513 15.60 9.53 24.62
C SER D 513 14.96 8.70 25.73
N LYS D 514 15.75 8.19 26.68
CA LYS D 514 15.18 7.40 27.77
C LYS D 514 14.19 8.19 28.63
N PRO D 515 14.48 9.43 29.06
CA PRO D 515 13.47 10.16 29.85
C PRO D 515 12.17 10.40 29.10
N LEU D 516 12.23 10.63 27.80
CA LEU D 516 11.01 10.88 27.02
C LEU D 516 10.11 9.65 26.98
N ARG D 517 10.71 8.47 26.85
CA ARG D 517 9.91 7.24 26.78
C ARG D 517 9.13 7.01 28.06
N GLU D 518 9.75 7.27 29.22
CA GLU D 518 9.08 7.03 30.49
C GLU D 518 7.83 7.87 30.64
N ILE D 519 7.78 9.05 30.00
CA ILE D 519 6.57 9.86 30.01
C ILE D 519 5.43 9.11 29.33
N LYS D 520 5.71 8.50 28.18
CA LYS D 520 4.69 7.70 27.51
C LYS D 520 4.28 6.50 28.36
N ASP D 521 5.25 5.83 28.99
CA ASP D 521 4.94 4.66 29.79
C ASP D 521 4.09 5.01 31.02
N LEU D 522 4.21 6.24 31.53
CA LEU D 522 3.41 6.64 32.67
C LEU D 522 1.92 6.58 32.35
N ILE D 523 1.54 7.01 31.14
CA ILE D 523 0.13 7.10 30.79
C ILE D 523 -0.48 5.71 30.61
N GLU D 524 0.23 4.80 29.99
CA GLU D 524 -0.34 3.52 29.58
C GLU D 524 0.04 2.34 30.47
N THR D 525 1.32 2.20 30.83
CA THR D 525 1.80 0.95 31.41
C THR D 525 1.22 0.65 32.79
N ASN D 526 0.63 1.62 33.47
CA ASN D 526 0.05 1.43 34.81
C ASN D 526 1.11 0.99 35.82
N LYS D 527 2.38 1.32 35.55
CA LYS D 527 3.46 0.91 36.45
C LYS D 527 3.44 1.73 37.74
N TYR D 528 3.26 3.05 37.62
CA TYR D 528 3.31 3.95 38.76
C TYR D 528 1.99 4.66 39.04
N ILE D 529 1.12 4.77 38.04
CA ILE D 529 -0.06 5.61 38.16
C ILE D 529 -1.13 4.96 39.05
N LYS D 530 -1.10 3.63 39.18
CA LYS D 530 -2.19 2.94 39.87
C LYS D 530 -2.14 3.17 41.38
N ASP D 531 -0.96 3.13 41.98
CA ASP D 531 -0.83 3.07 43.44
C ASP D 531 -0.44 4.42 44.05
N HIS D 532 -0.95 5.52 43.51
CA HIS D 532 -0.63 6.84 44.04
C HIS D 532 -1.80 7.78 43.84
N ASN D 533 -1.81 8.84 44.63
CA ASN D 533 -2.87 9.84 44.60
C ASN D 533 -2.50 10.96 43.64
N VAL D 534 -3.42 11.91 43.46
CA VAL D 534 -3.20 13.00 42.52
C VAL D 534 -2.07 13.92 42.98
N ASN D 535 -1.96 14.13 44.30
CA ASN D 535 -0.92 15.02 44.81
C ASN D 535 0.48 14.51 44.52
N GLU D 536 0.63 13.21 44.24
CA GLU D 536 1.93 12.67 43.90
C GLU D 536 2.16 12.60 42.39
N VAL D 537 1.12 12.34 41.60
CA VAL D 537 1.29 12.18 40.17
C VAL D 537 1.71 13.49 39.53
N VAL D 538 1.02 14.59 39.84
CA VAL D 538 1.37 15.87 39.25
C VAL D 538 2.75 16.32 39.72
N ASN D 539 3.10 16.02 40.98
CA ASN D 539 4.47 16.26 41.43
C ASN D 539 5.44 15.38 40.67
N TYR D 540 5.08 14.13 40.42
CA TYR D 540 5.90 13.25 39.61
C TYR D 540 5.90 13.70 38.15
N PHE D 541 4.76 14.19 37.66
CA PHE D 541 4.66 14.60 36.26
C PHE D 541 5.60 15.75 35.94
N ILE D 542 5.68 16.73 36.83
CA ILE D 542 6.55 17.89 36.60
C ILE D 542 8.01 17.46 36.54
N TYR D 543 8.39 16.53 37.41
CA TYR D 543 9.78 16.07 37.45
C TYR D 543 10.19 15.45 36.12
N LEU D 544 9.25 14.82 35.41
CA LEU D 544 9.56 14.26 34.10
C LEU D 544 9.79 15.36 33.07
N LEU D 545 8.94 16.40 33.09
CA LEU D 545 9.08 17.47 32.11
C LEU D 545 10.28 18.36 32.41
N ASN D 546 10.69 18.43 33.69
CA ASN D 546 11.81 19.29 34.05
C ASN D 546 13.10 18.84 33.37
N GLU D 547 13.44 17.56 33.50
CA GLU D 547 14.66 17.05 32.90
C GLU D 547 14.52 16.82 31.39
N SER D 548 13.29 16.70 30.90
CA SER D 548 13.08 16.48 29.46
C SER D 548 13.49 17.70 28.65
N GLY D 549 13.19 18.90 29.16
CA GLY D 549 13.47 20.12 28.45
C GLY D 549 12.30 20.76 27.75
N ILE D 550 11.10 20.18 27.86
CA ILE D 550 9.93 20.75 27.22
C ILE D 550 9.44 21.95 28.02
N ASN D 551 9.17 23.05 27.33
CA ASN D 551 8.68 24.28 27.95
C ASN D 551 7.17 24.33 27.79
N ILE D 552 6.45 23.93 28.83
CA ILE D 552 4.99 23.90 28.83
C ILE D 552 4.49 24.43 30.17
N GLN D 553 3.53 25.34 30.11
CA GLN D 553 2.95 25.88 31.34
C GLN D 553 2.17 24.80 32.08
N SER D 554 2.06 24.99 33.41
CA SER D 554 1.46 23.95 34.24
C SER D 554 -0.02 23.75 33.92
N VAL D 555 -0.72 24.81 33.53
CA VAL D 555 -2.15 24.69 33.26
C VAL D 555 -2.41 23.78 32.06
N HIS D 556 -1.56 23.83 31.04
CA HIS D 556 -1.78 23.02 29.84
C HIS D 556 -1.33 21.58 30.03
N SER D 557 -0.65 21.25 31.13
CA SER D 557 -0.26 19.89 31.44
C SER D 557 -1.18 19.22 32.44
N GLU D 558 -1.78 19.99 33.35
CA GLU D 558 -2.65 19.42 34.37
C GLU D 558 -4.03 19.05 33.84
N LEU D 559 -4.50 19.71 32.78
CA LEU D 559 -5.81 19.39 32.23
C LEU D 559 -5.91 17.92 31.83
N ILE D 560 -4.80 17.31 31.44
CA ILE D 560 -4.80 15.87 31.13
C ILE D 560 -5.15 15.07 32.38
N ILE D 561 -4.61 15.45 33.53
CA ILE D 561 -4.91 14.76 34.77
C ILE D 561 -6.39 14.91 35.12
N ARG D 562 -6.96 16.07 34.83
CA ARG D 562 -8.36 16.31 35.18
C ARG D 562 -9.29 15.33 34.49
N GLU D 563 -9.02 15.03 33.22
CA GLU D 563 -9.85 14.06 32.50
C GLU D 563 -9.41 12.62 32.73
N MET D 564 -8.15 12.40 33.11
CA MET D 564 -7.72 11.05 33.44
C MET D 564 -8.41 10.54 34.70
N MET D 565 -8.54 11.40 35.71
CA MET D 565 -9.21 10.99 36.94
C MET D 565 -10.70 10.85 36.71
N LYS D 566 -11.30 9.87 37.38
CA LYS D 566 -12.72 9.58 37.27
C LYS D 566 -13.33 9.58 38.67
N LEU D 567 -14.44 10.30 38.83
CA LEU D 567 -15.15 10.39 40.10
C LEU D 567 -16.32 9.42 40.09
N ASP D 568 -16.37 8.54 41.09
CA ASP D 568 -17.41 7.52 41.13
C ASP D 568 -18.80 8.14 41.32
N ASP D 569 -18.90 9.18 42.14
CA ASP D 569 -20.19 9.82 42.39
C ASP D 569 -20.76 10.50 41.16
N SER D 570 -19.92 10.81 40.17
CA SER D 570 -20.35 11.48 38.94
C SER D 570 -21.07 12.79 39.23
N ASP D 571 -20.56 13.53 40.22
CA ASP D 571 -21.14 14.83 40.57
C ASP D 571 -20.02 15.68 41.15
N ARG D 572 -19.56 16.66 40.37
CA ARG D 572 -18.44 17.48 40.78
C ARG D 572 -18.79 18.38 41.96
N THR D 573 -20.08 18.54 42.27
CA THR D 573 -20.48 19.39 43.39
C THR D 573 -20.09 18.77 44.73
N GLN D 574 -19.71 17.49 44.71
CA GLN D 574 -19.31 16.79 45.93
C GLN D 574 -18.03 17.38 46.50
N PHE D 575 -17.25 18.06 45.66
CA PHE D 575 -16.02 18.69 46.12
C PHE D 575 -16.26 19.83 47.09
N LYS D 576 -17.51 20.30 47.22
CA LYS D 576 -17.80 21.39 48.15
C LYS D 576 -17.66 20.94 49.60
N ASN D 577 -17.83 19.65 49.87
CA ASN D 577 -17.72 19.13 51.23
C ASN D 577 -16.26 19.08 51.67
N ASP D 578 -16.06 18.84 52.96
CA ASP D 578 -14.71 18.86 53.51
C ASP D 578 -13.86 17.72 52.96
N LYS D 579 -14.42 16.52 52.90
CA LYS D 579 -13.65 15.34 52.53
C LYS D 579 -13.41 15.29 51.03
N MET D 580 -12.45 14.45 50.63
CA MET D 580 -12.11 14.25 49.24
C MET D 580 -12.81 12.98 48.75
N PRO D 581 -13.80 13.09 47.86
CA PRO D 581 -14.51 11.88 47.41
C PRO D 581 -13.59 10.89 46.72
N ASP D 582 -13.93 9.61 46.86
CA ASP D 582 -13.11 8.55 46.29
C ASP D 582 -13.00 8.68 44.78
N TYR D 583 -11.82 8.41 44.25
CA TYR D 583 -11.56 8.53 42.82
C TYR D 583 -10.55 7.47 42.43
N GLU D 584 -10.62 7.05 41.17
CA GLU D 584 -9.72 6.04 40.62
C GLU D 584 -9.15 6.57 39.30
N ILE D 585 -7.86 6.34 39.09
CA ILE D 585 -7.21 6.79 37.87
C ILE D 585 -7.16 5.61 36.91
N PHE D 586 -7.17 5.92 35.61
CA PHE D 586 -7.24 4.89 34.59
C PHE D 586 -6.24 5.20 33.47
N ARG D 587 -5.85 4.14 32.76
CA ARG D 587 -5.07 4.29 31.54
C ARG D 587 -5.89 5.06 30.50
N ILE D 588 -5.20 5.88 29.70
CA ILE D 588 -5.89 6.75 28.75
C ILE D 588 -6.71 5.94 27.76
N THR D 589 -6.31 4.70 27.49
CA THR D 589 -7.12 3.86 26.61
C THR D 589 -8.38 3.39 27.33
N ASP D 590 -8.25 2.96 28.58
CA ASP D 590 -9.40 2.49 29.34
C ASP D 590 -10.19 3.64 29.96
N ALA D 591 -9.62 4.84 30.04
CA ALA D 591 -10.37 5.97 30.58
C ALA D 591 -11.49 6.37 29.63
N ASN D 592 -11.23 6.34 28.32
CA ASN D 592 -12.25 6.71 27.35
C ASN D 592 -13.33 5.65 27.24
N LEU D 593 -12.93 4.38 27.16
CA LEU D 593 -13.90 3.30 26.96
C LEU D 593 -14.85 3.20 28.14
N LYS D 594 -14.32 3.24 29.36
CA LYS D 594 -15.13 3.17 30.57
C LYS D 594 -15.65 4.53 31.00
N GLY D 595 -15.71 5.49 30.09
CA GLY D 595 -16.26 6.80 30.38
C GLY D 595 -17.77 6.79 30.42
N ASP D 596 -18.36 7.91 30.02
CA ASP D 596 -19.81 8.06 30.02
C ASP D 596 -20.37 8.56 28.70
N SER D 597 -19.54 8.80 27.70
CA SER D 597 -20.01 9.27 26.40
C SER D 597 -20.19 8.09 25.45
N LEU D 598 -20.99 8.32 24.40
CA LEU D 598 -21.28 7.31 23.39
C LEU D 598 -20.59 7.59 22.07
N SER D 599 -20.56 8.86 21.63
CA SER D 599 -19.94 9.19 20.35
C SER D 599 -18.45 8.88 20.36
N ARG D 600 -17.77 9.20 21.46
CA ARG D 600 -16.33 8.97 21.52
C ARG D 600 -15.98 7.49 21.56
N SER D 601 -16.83 6.68 22.17
CA SER D 601 -16.51 5.26 22.34
C SER D 601 -16.53 4.52 21.01
N LEU D 602 -17.50 4.81 20.14
CA LEU D 602 -17.64 4.07 18.90
C LEU D 602 -16.58 4.44 17.89
N LEU D 603 -16.06 5.66 17.95
CA LEU D 603 -15.13 6.17 16.95
C LEU D 603 -13.67 5.99 17.35
N PHE D 604 -13.40 5.29 18.45
CA PHE D 604 -12.05 5.19 18.97
C PHE D 604 -11.37 3.87 18.58
N GLU D 605 -11.91 2.74 19.04
CA GLU D 605 -11.33 1.43 18.80
C GLU D 605 -12.24 0.37 19.41
N GLN D 606 -11.89 -0.89 19.16
CA GLN D 606 -12.56 -2.04 19.78
C GLN D 606 -14.05 -2.03 19.49
N VAL D 607 -14.38 -2.06 18.20
CA VAL D 607 -15.77 -2.01 17.78
C VAL D 607 -16.50 -3.27 18.21
N LYS D 608 -15.89 -4.43 18.00
CA LYS D 608 -16.56 -5.69 18.32
C LYS D 608 -16.79 -5.85 19.82
N LYS D 609 -15.81 -5.46 20.64
CA LYS D 609 -15.93 -5.65 22.07
C LYS D 609 -17.02 -4.77 22.67
N GLN D 610 -17.18 -3.55 22.16
CA GLN D 610 -18.18 -2.65 22.71
C GLN D 610 -19.59 -3.03 22.31
N LEU D 611 -19.76 -3.66 21.14
CA LEU D 611 -21.09 -3.92 20.62
C LEU D 611 -21.60 -5.32 20.93
N THR D 612 -20.72 -6.30 21.12
CA THR D 612 -21.13 -7.68 21.35
C THR D 612 -21.35 -7.96 22.83
N THR D 613 -20.32 -7.78 23.65
CA THR D 613 -20.42 -8.00 25.08
C THR D 613 -20.69 -6.68 25.80
N LEU D 614 -20.69 -6.72 27.13
CA LEU D 614 -20.97 -5.56 27.96
C LEU D 614 -19.94 -5.40 29.07
N ASP D 615 -18.68 -5.72 28.79
CA ASP D 615 -17.62 -5.49 29.77
C ASP D 615 -17.48 -4.01 30.09
N TYR D 616 -17.57 -3.15 29.07
CA TYR D 616 -17.52 -1.72 29.27
C TYR D 616 -18.89 -1.10 29.48
N ASP D 617 -19.96 -1.89 29.33
CA ASP D 617 -21.34 -1.42 29.56
C ASP D 617 -21.68 -0.24 28.66
N THR D 618 -21.67 -0.51 27.34
CA THR D 618 -21.96 0.53 26.36
C THR D 618 -23.40 1.01 26.42
N PHE D 619 -24.31 0.21 26.97
CA PHE D 619 -25.73 0.53 26.92
C PHE D 619 -26.14 1.62 27.91
N ASN D 620 -25.24 2.04 28.79
CA ASN D 620 -25.60 3.03 29.80
C ASN D 620 -24.68 4.24 29.76
N LYS D 621 -24.43 4.77 28.57
CA LYS D 621 -23.60 5.98 28.39
C LYS D 621 -24.41 6.98 27.57
N THR D 622 -24.94 8.00 28.24
CA THR D 622 -25.81 8.98 27.61
C THR D 622 -25.28 10.40 27.69
N LYS D 623 -24.03 10.60 28.11
CA LYS D 623 -23.49 11.93 28.26
C LYS D 623 -23.34 12.61 26.89
N SER D 624 -23.74 13.88 26.82
CA SER D 624 -23.63 14.63 25.59
C SER D 624 -22.17 14.95 25.28
N SER D 625 -21.91 15.27 24.01
CA SER D 625 -20.57 15.61 23.57
C SER D 625 -20.66 16.59 22.41
N ILE D 626 -19.55 17.28 22.16
CA ILE D 626 -19.52 18.24 21.07
C ILE D 626 -19.30 17.52 19.74
N LEU D 627 -18.88 16.26 19.78
CA LEU D 627 -18.63 15.49 18.58
C LEU D 627 -19.85 14.69 18.14
N ASP D 628 -20.94 14.72 18.89
CA ASP D 628 -22.13 13.93 18.54
C ASP D 628 -22.78 14.41 17.25
N LYS D 629 -22.46 15.63 16.79
CA LYS D 629 -23.10 16.15 15.59
C LYS D 629 -22.78 15.30 14.36
N LEU D 630 -21.60 14.66 14.34
CA LEU D 630 -21.24 13.82 13.21
C LEU D 630 -22.16 12.61 13.10
N LEU D 631 -22.51 12.01 14.23
CA LEU D 631 -23.37 10.83 14.24
C LEU D 631 -24.81 11.18 13.90
N MET E 1 29.56 -5.39 20.75
CA MET E 1 29.87 -6.08 19.50
C MET E 1 31.35 -5.97 19.15
N ASP E 2 32.10 -7.04 19.40
CA ASP E 2 33.54 -7.08 19.17
C ASP E 2 33.90 -7.80 17.88
N ASP E 3 32.92 -8.04 17.01
CA ASP E 3 33.18 -8.72 15.75
C ASP E 3 33.98 -7.88 14.77
N ILE E 4 34.16 -6.58 15.05
CA ILE E 4 34.93 -5.70 14.18
C ILE E 4 36.38 -6.15 14.11
N SER E 5 36.86 -6.82 15.15
CA SER E 5 38.28 -7.17 15.25
C SER E 5 38.77 -8.02 14.08
N VAL E 6 37.88 -8.73 13.39
CA VAL E 6 38.32 -9.53 12.24
C VAL E 6 38.76 -8.63 11.10
N ILE E 7 38.14 -7.46 10.94
CA ILE E 7 38.49 -6.55 9.86
C ILE E 7 39.90 -6.03 10.08
N LYS E 8 40.76 -6.17 9.06
CA LYS E 8 42.13 -5.71 9.13
C LYS E 8 42.41 -4.86 7.89
N ASN E 9 43.02 -3.70 8.10
CA ASN E 9 43.29 -2.77 7.01
C ASN E 9 44.55 -3.13 6.22
N GLU E 10 45.30 -4.15 6.65
CA GLU E 10 46.53 -4.51 5.96
C GLU E 10 46.25 -5.02 4.55
N ASP E 11 45.24 -5.89 4.41
CA ASP E 11 44.96 -6.48 3.10
C ASP E 11 44.22 -5.51 2.19
N TYR E 12 43.32 -4.69 2.74
CA TYR E 12 42.57 -3.72 1.95
C TYR E 12 43.46 -2.51 1.71
N GLU E 13 44.46 -2.69 0.84
CA GLU E 13 45.43 -1.64 0.53
C GLU E 13 45.48 -1.48 -0.99
N GLY E 14 45.21 -0.26 -1.45
CA GLY E 14 45.33 0.05 -2.87
C GLY E 14 44.41 -0.76 -3.76
N SER E 15 43.17 -0.96 -3.35
CA SER E 15 42.21 -1.71 -4.17
C SER E 15 40.80 -1.33 -3.73
N HIS E 16 39.97 -0.94 -4.68
CA HIS E 16 38.59 -0.54 -4.40
C HIS E 16 37.63 -1.71 -4.65
N ARG E 17 37.81 -2.76 -3.86
CA ARG E 17 36.99 -3.96 -3.98
C ARG E 17 35.81 -3.98 -3.01
N PHE E 18 35.60 -2.90 -2.26
CA PHE E 18 34.57 -2.85 -1.23
C PHE E 18 33.59 -1.71 -1.46
N LEU E 19 33.45 -1.26 -2.70
CA LEU E 19 32.58 -0.13 -3.04
C LEU E 19 31.63 -0.54 -4.15
N ALA E 20 30.34 -0.33 -3.92
CA ALA E 20 29.30 -0.57 -4.92
C ALA E 20 28.47 0.69 -5.08
N GLU E 21 28.38 1.20 -6.31
CA GLU E 21 27.67 2.41 -6.69
C GLU E 21 28.36 3.69 -6.20
N GLU E 22 29.41 3.58 -5.41
CA GLU E 22 30.19 4.73 -4.99
C GLU E 22 31.43 4.95 -5.84
N LEU E 23 31.66 4.12 -6.85
CA LEU E 23 32.82 4.30 -7.72
C LEU E 23 32.73 5.59 -8.52
N LEU E 24 31.51 6.06 -8.80
CA LEU E 24 31.36 7.27 -9.58
C LEU E 24 31.69 8.51 -8.77
N MET E 25 31.25 8.56 -7.52
CA MET E 25 31.40 9.77 -6.72
C MET E 25 32.82 9.85 -6.17
N PRO E 26 33.54 10.95 -6.41
CA PRO E 26 34.93 11.04 -5.98
C PRO E 26 35.05 11.55 -4.55
N ASN E 27 36.25 11.35 -3.98
CA ASN E 27 36.56 11.72 -2.61
C ASN E 27 35.52 11.14 -1.64
N ALA E 28 35.27 9.84 -1.77
CA ALA E 28 34.25 9.18 -0.97
C ALA E 28 34.64 9.01 0.48
N ASN E 29 35.91 9.25 0.83
CA ASN E 29 36.36 9.12 2.21
C ASN E 29 36.38 10.46 2.95
N LYS E 30 35.53 11.41 2.54
CA LYS E 30 35.42 12.68 3.22
C LYS E 30 34.02 12.95 3.75
N THR E 31 32.99 12.70 2.95
CA THR E 31 31.62 12.91 3.37
C THR E 31 31.18 11.79 4.32
N ASP E 32 30.15 12.10 5.12
CA ASP E 32 29.62 11.14 6.06
C ASP E 32 28.78 10.08 5.34
N GLY E 33 28.19 9.17 6.10
CA GLY E 33 27.38 8.12 5.51
C GLY E 33 25.96 8.54 5.19
N ASN E 34 25.36 9.38 6.02
CA ASN E 34 23.97 9.77 5.81
C ASN E 34 23.79 10.51 4.49
N ARG E 35 24.72 11.40 4.16
CA ARG E 35 24.63 12.10 2.88
C ARG E 35 25.09 11.21 1.72
N SER E 36 26.06 10.33 1.95
CA SER E 36 26.54 9.46 0.88
C SER E 36 25.47 8.48 0.43
N THR E 37 24.68 7.95 1.38
CA THR E 37 23.67 6.96 1.02
C THR E 37 22.55 7.56 0.17
N MET E 38 22.40 8.88 0.16
CA MET E 38 21.43 9.52 -0.73
C MET E 38 21.90 9.52 -2.18
N PHE E 39 23.21 9.47 -2.41
CA PHE E 39 23.73 9.50 -3.77
C PHE E 39 23.27 8.29 -4.57
N CYS E 40 23.10 7.13 -3.92
CA CYS E 40 22.65 5.96 -4.64
C CYS E 40 21.26 6.16 -5.20
N SER E 41 20.33 6.66 -4.39
CA SER E 41 18.99 6.94 -4.88
C SER E 41 19.01 8.05 -5.93
N HIS E 42 19.85 9.06 -5.73
CA HIS E 42 19.93 10.15 -6.70
C HIS E 42 20.39 9.64 -8.06
N LEU E 43 21.37 8.75 -8.08
CA LEU E 43 21.78 8.13 -9.33
C LEU E 43 20.71 7.22 -9.89
N ALA E 44 19.94 6.55 -9.01
CA ALA E 44 18.85 5.71 -9.48
C ALA E 44 17.76 6.51 -10.17
N GLN E 45 17.56 7.76 -9.76
CA GLN E 45 16.56 8.64 -10.38
C GLN E 45 17.29 9.81 -11.05
N ALA E 46 17.65 9.62 -12.32
CA ALA E 46 18.34 10.66 -13.08
C ALA E 46 17.95 10.53 -14.55
N VAL E 47 17.15 11.48 -15.03
CA VAL E 47 16.65 11.46 -16.40
C VAL E 47 17.77 11.81 -17.37
N THR E 48 17.53 11.57 -18.65
CA THR E 48 18.54 11.80 -19.68
C THR E 48 18.60 13.27 -20.08
N LEU E 49 19.80 13.74 -20.40
CA LEU E 49 20.04 15.12 -20.82
C LEU E 49 20.42 15.13 -22.30
N GLN E 50 19.90 16.11 -23.03
CA GLN E 50 20.19 16.20 -24.45
C GLN E 50 21.66 16.51 -24.69
N LYS E 51 22.18 17.54 -24.05
CA LYS E 51 23.58 17.95 -24.25
C LYS E 51 24.46 17.39 -23.13
N ALA E 52 24.56 16.06 -23.11
CA ALA E 52 25.37 15.39 -22.12
C ALA E 52 26.86 15.66 -22.37
N GLU E 53 27.61 15.80 -21.29
CA GLU E 53 29.04 16.06 -21.34
C GLU E 53 29.76 15.15 -20.37
N PRO E 54 31.01 14.78 -20.68
CA PRO E 54 31.82 14.03 -19.72
C PRO E 54 32.26 14.91 -18.57
N PRO E 55 32.31 14.38 -17.35
CA PRO E 55 32.69 15.21 -16.21
C PRO E 55 34.12 15.69 -16.31
N LEU E 56 34.35 16.89 -15.77
CA LEU E 56 35.69 17.47 -15.79
C LEU E 56 36.63 16.75 -14.82
N VAL E 57 36.16 16.48 -13.61
CA VAL E 57 36.93 15.74 -12.62
C VAL E 57 36.38 14.32 -12.63
N TYR E 58 37.08 13.41 -13.29
CA TYR E 58 36.63 12.04 -13.50
C TYR E 58 37.36 11.09 -12.57
N THR E 59 36.66 10.03 -12.19
CA THR E 59 37.18 9.02 -11.27
C THR E 59 37.82 7.85 -12.00
N ASN E 60 37.91 7.90 -13.32
CA ASN E 60 38.55 6.86 -14.14
C ASN E 60 37.85 5.52 -14.04
N PHE E 61 36.60 5.50 -13.57
CA PHE E 61 35.85 4.27 -13.42
C PHE E 61 34.55 4.24 -14.21
N GLU E 62 34.09 5.36 -14.75
CA GLU E 62 32.82 5.41 -15.47
C GLU E 62 32.91 4.82 -16.87
N ASN E 63 34.10 4.76 -17.46
CA ASN E 63 34.22 4.23 -18.82
C ASN E 63 33.87 2.76 -18.87
N GLN E 64 34.42 1.96 -17.95
CA GLN E 64 34.08 0.55 -17.90
C GLN E 64 32.62 0.33 -17.55
N VAL E 65 32.07 1.16 -16.67
CA VAL E 65 30.65 1.06 -16.32
C VAL E 65 29.79 1.30 -17.56
N GLY E 66 30.13 2.31 -18.36
CA GLY E 66 29.41 2.56 -19.59
C GLY E 66 29.55 1.41 -20.58
N LYS E 67 30.75 0.84 -20.69
CA LYS E 67 30.96 -0.26 -21.62
C LYS E 67 30.12 -1.47 -21.24
N TYR E 68 30.07 -1.81 -19.95
CA TYR E 68 29.38 -3.01 -19.51
C TYR E 68 27.88 -2.83 -19.36
N SER E 69 27.35 -1.62 -19.58
CA SER E 69 25.91 -1.38 -19.58
C SER E 69 25.43 -1.47 -21.03
N THR E 70 24.73 -2.54 -21.36
CA THR E 70 24.36 -2.85 -22.74
C THR E 70 22.94 -2.40 -23.07
N ALA E 71 22.31 -1.62 -22.20
CA ALA E 71 20.93 -1.20 -22.40
C ALA E 71 20.80 0.07 -23.24
N GLY E 72 21.91 0.64 -23.70
CA GLY E 72 21.85 1.88 -24.45
C GLY E 72 22.50 1.84 -25.81
N TYR E 73 23.37 0.86 -26.05
CA TYR E 73 24.07 0.75 -27.32
C TYR E 73 24.03 -0.69 -27.78
N ARG E 74 24.12 -0.88 -29.09
CA ARG E 74 24.06 -2.21 -29.70
C ARG E 74 25.16 -2.33 -30.74
N LYS E 75 26.11 -3.22 -30.50
CA LYS E 75 27.23 -3.46 -31.41
C LYS E 75 27.04 -4.77 -32.15
N ALA E 76 27.98 -5.05 -33.05
CA ALA E 76 27.91 -6.26 -33.85
C ALA E 76 28.68 -7.39 -33.16
N ASN E 77 27.96 -8.48 -32.85
CA ASN E 77 28.60 -9.63 -32.21
C ASN E 77 29.64 -10.27 -33.11
N SER E 78 29.33 -10.40 -34.40
CA SER E 78 30.25 -11.01 -35.35
C SER E 78 30.23 -10.21 -36.64
N ASN E 79 31.26 -10.42 -37.46
CA ASN E 79 31.38 -9.73 -38.74
C ASN E 79 30.21 -10.10 -39.64
N TYR E 80 29.48 -9.08 -40.11
CA TYR E 80 28.30 -9.28 -40.93
C TYR E 80 28.57 -8.83 -42.37
N LYS E 81 27.57 -9.01 -43.22
CA LYS E 81 27.59 -8.49 -44.59
C LYS E 81 26.15 -8.20 -45.00
N VAL E 82 25.88 -6.95 -45.36
CA VAL E 82 24.51 -6.51 -45.60
C VAL E 82 23.94 -7.27 -46.79
N ILE E 83 22.75 -7.85 -46.60
CA ILE E 83 22.06 -8.54 -47.69
C ILE E 83 21.05 -7.60 -48.31
N GLU E 84 20.08 -7.14 -47.52
CA GLU E 84 19.05 -6.25 -48.06
C GLU E 84 18.59 -5.27 -46.98
N LYS E 85 17.94 -4.21 -47.42
CA LYS E 85 17.29 -3.26 -46.52
C LYS E 85 15.97 -2.83 -47.14
N ILE E 86 14.91 -2.80 -46.34
CA ILE E 86 13.60 -2.41 -46.82
C ILE E 86 13.02 -1.34 -45.91
N TYR E 87 12.14 -0.53 -46.47
CA TYR E 87 11.50 0.59 -45.79
C TYR E 87 10.13 0.17 -45.26
N LYS E 88 9.67 0.88 -44.24
CA LYS E 88 8.35 0.63 -43.67
C LYS E 88 7.57 1.92 -43.52
N ASN E 89 8.29 3.04 -43.37
CA ASN E 89 7.66 4.32 -43.09
C ASN E 89 8.63 5.43 -43.52
N ASP E 90 8.35 6.66 -43.11
CA ASP E 90 9.24 7.77 -43.43
C ASP E 90 10.60 7.60 -42.76
N TYR E 91 10.60 7.15 -41.50
CA TYR E 91 11.83 6.96 -40.75
C TYR E 91 12.18 5.51 -40.50
N ASN E 92 11.26 4.75 -39.92
CA ASN E 92 11.58 3.38 -39.49
C ASN E 92 11.73 2.46 -40.70
N TYR E 93 12.82 1.71 -40.73
CA TYR E 93 13.04 0.70 -41.75
C TYR E 93 13.91 -0.41 -41.17
N VAL E 94 13.85 -1.58 -41.80
CA VAL E 94 14.56 -2.73 -41.30
C VAL E 94 15.55 -3.20 -42.36
N LEU E 95 16.48 -4.05 -41.94
CA LEU E 95 17.46 -4.60 -42.86
C LEU E 95 17.80 -6.02 -42.43
N ILE E 96 18.04 -6.88 -43.43
CA ILE E 96 18.40 -8.27 -43.22
C ILE E 96 19.87 -8.44 -43.60
N VAL E 97 20.64 -9.00 -42.67
CA VAL E 97 22.09 -9.11 -42.80
C VAL E 97 22.47 -10.57 -42.59
N GLN E 98 23.63 -10.95 -43.12
CA GLN E 98 24.09 -12.33 -43.11
C GLN E 98 25.50 -12.40 -42.55
N ASP E 99 25.78 -13.48 -41.81
CA ASP E 99 27.11 -13.68 -41.25
C ASP E 99 28.10 -14.08 -42.34
N GLN E 100 29.37 -13.98 -42.03
CA GLN E 100 30.44 -14.46 -42.89
C GLN E 100 31.21 -15.63 -42.28
N GLU E 101 30.81 -16.08 -41.09
CA GLU E 101 31.51 -17.17 -40.41
C GLU E 101 30.62 -18.35 -40.03
N THR E 102 29.31 -18.20 -40.02
CA THR E 102 28.40 -19.29 -39.69
C THR E 102 27.28 -19.51 -40.70
N GLY E 103 26.97 -18.53 -41.54
CA GLY E 103 25.92 -18.67 -42.52
C GLY E 103 24.53 -18.32 -42.05
N GLU E 104 24.37 -17.93 -40.79
CA GLU E 104 23.06 -17.57 -40.27
C GLU E 104 22.66 -16.17 -40.75
N TYR E 105 21.39 -15.83 -40.54
CA TYR E 105 20.84 -14.55 -40.96
C TYR E 105 20.21 -13.86 -39.76
N THR E 106 20.31 -12.53 -39.72
CA THR E 106 19.79 -11.74 -38.62
C THR E 106 19.18 -10.46 -39.18
N LEU E 107 18.43 -9.75 -38.34
CA LEU E 107 17.78 -8.52 -38.74
C LEU E 107 18.16 -7.39 -37.80
N PHE E 108 18.24 -6.17 -38.36
CA PHE E 108 18.47 -4.97 -37.59
C PHE E 108 17.45 -3.92 -38.00
N GLU E 109 16.74 -3.37 -37.02
CA GLU E 109 15.66 -2.43 -37.25
C GLU E 109 16.02 -1.06 -36.71
N ARG E 110 15.93 -0.03 -37.56
CA ARG E 110 16.22 1.34 -37.16
C ARG E 110 14.96 1.99 -36.64
N ALA E 111 15.09 2.70 -35.52
CA ALA E 111 13.94 3.35 -34.91
C ALA E 111 14.20 4.83 -34.65
N GLU E 112 13.28 5.48 -33.95
CA GLU E 112 13.44 6.90 -33.63
C GLU E 112 13.02 7.21 -32.19
N CYS E 113 12.69 6.20 -31.39
CA CYS E 113 12.24 6.42 -30.03
C CYS E 113 12.40 5.13 -29.24
N GLU E 114 12.20 5.24 -27.93
CA GLU E 114 12.22 4.07 -27.06
C GLU E 114 11.36 4.37 -25.84
N PHE E 115 10.56 3.40 -25.41
CA PHE E 115 9.61 3.60 -24.32
C PHE E 115 10.16 2.93 -23.07
N LEU E 116 11.00 3.66 -22.34
CA LEU E 116 11.60 3.13 -21.13
C LEU E 116 10.52 2.82 -20.09
N THR E 117 9.55 3.71 -19.93
CA THR E 117 8.45 3.53 -19.00
C THR E 117 7.28 4.35 -19.49
N GLU E 118 6.27 4.53 -18.64
CA GLU E 118 5.02 5.14 -19.08
C GLU E 118 5.20 6.59 -19.53
N HIS E 119 6.25 7.27 -19.07
CA HIS E 119 6.36 8.66 -19.46
C HIS E 119 7.72 9.03 -20.05
N TYR E 120 8.81 8.48 -19.53
CA TYR E 120 10.14 8.92 -19.89
C TYR E 120 10.81 7.96 -20.88
N GLY E 121 11.59 8.53 -21.78
CA GLY E 121 12.33 7.75 -22.76
C GLY E 121 13.49 8.55 -23.31
N PHE E 122 13.95 8.17 -24.48
CA PHE E 122 15.02 8.89 -25.16
C PHE E 122 14.88 8.71 -26.66
N GLN E 123 15.75 9.39 -27.40
CA GLN E 123 15.76 9.37 -28.86
C GLN E 123 17.08 8.80 -29.35
N TRP E 124 17.00 7.82 -30.25
CA TRP E 124 18.20 7.18 -30.77
C TRP E 124 18.97 8.14 -31.66
N ASP E 125 20.28 8.22 -31.44
CA ASP E 125 21.16 9.01 -32.30
C ASP E 125 21.81 8.11 -33.34
N ASN E 126 20.94 7.54 -34.18
CA ASN E 126 21.35 6.56 -35.18
C ASN E 126 21.99 7.27 -36.35
N ASP E 127 23.33 7.20 -36.43
CA ASP E 127 24.09 7.85 -37.49
C ASP E 127 24.91 6.87 -38.31
N LYS E 128 25.65 5.96 -37.65
CA LYS E 128 26.48 5.02 -38.38
C LYS E 128 25.64 4.05 -39.21
N ILE E 129 24.52 3.59 -38.66
CA ILE E 129 23.69 2.61 -39.36
C ILE E 129 23.12 3.21 -40.65
N ASP E 130 22.77 4.50 -40.62
CA ASP E 130 22.24 5.14 -41.82
C ASP E 130 23.28 5.21 -42.92
N SER E 131 24.53 5.49 -42.56
CA SER E 131 25.59 5.53 -43.57
C SER E 131 25.84 4.17 -44.20
N LEU E 132 25.52 3.10 -43.48
CA LEU E 132 25.69 1.76 -44.02
C LEU E 132 24.64 1.49 -45.09
N LYS E 133 25.09 1.09 -46.28
CA LYS E 133 24.17 0.85 -47.39
C LYS E 133 24.86 0.04 -48.47
N LYS E 134 24.04 -0.68 -49.25
CA LYS E 134 24.47 -1.33 -50.48
C LYS E 134 25.61 -2.33 -50.24
N ASP E 135 25.30 -3.36 -49.43
CA ASP E 135 26.16 -4.53 -49.27
C ASP E 135 27.56 -4.15 -48.81
N ASP E 136 27.63 -3.48 -47.65
CA ASP E 136 28.91 -3.16 -47.06
C ASP E 136 29.33 -4.23 -46.05
N THR E 137 30.42 -3.95 -45.34
CA THR E 137 30.98 -4.89 -44.37
C THR E 137 30.94 -4.26 -42.98
N ILE E 138 30.45 -5.01 -42.01
CA ILE E 138 30.39 -4.58 -40.62
C ILE E 138 31.43 -5.34 -39.83
N GLU E 139 32.26 -4.62 -39.08
CA GLU E 139 33.35 -5.22 -38.33
C GLU E 139 32.88 -5.60 -36.92
N LYS E 140 33.83 -6.11 -36.12
CA LYS E 140 33.49 -6.62 -34.80
C LYS E 140 33.18 -5.50 -33.81
N ASP E 141 33.97 -4.44 -33.82
CA ASP E 141 33.88 -3.40 -32.81
C ASP E 141 32.92 -2.27 -33.16
N THR E 142 32.37 -2.26 -34.37
CA THR E 142 31.51 -1.16 -34.78
C THR E 142 30.24 -1.13 -33.94
N VAL E 143 29.73 0.08 -33.72
CA VAL E 143 28.48 0.31 -32.99
C VAL E 143 27.47 0.86 -33.98
N LEU E 144 26.29 0.24 -34.04
CA LEU E 144 25.28 0.66 -35.01
C LEU E 144 24.66 1.99 -34.60
N TYR E 145 24.00 2.03 -33.45
CA TYR E 145 23.40 3.26 -32.96
C TYR E 145 23.56 3.31 -31.45
N LYS E 146 23.49 4.53 -30.91
CA LYS E 146 23.76 4.75 -29.50
C LYS E 146 22.82 5.81 -28.96
N ASN E 147 22.69 5.82 -27.63
CA ASN E 147 21.86 6.81 -26.96
C ASN E 147 22.54 8.18 -27.02
N THR E 148 21.86 9.19 -26.46
CA THR E 148 22.40 10.54 -26.44
C THR E 148 23.50 10.71 -25.39
N CYS E 149 23.55 9.84 -24.38
CA CYS E 149 24.56 9.97 -23.34
C CYS E 149 25.96 9.71 -23.89
N TYR E 150 26.14 8.60 -24.60
CA TYR E 150 27.45 8.24 -25.13
C TYR E 150 27.89 9.23 -26.19
N ASP E 151 29.16 9.63 -26.13
CA ASP E 151 29.72 10.56 -27.08
C ASP E 151 30.29 9.80 -28.28
N GLU E 152 31.07 10.49 -29.11
CA GLU E 152 31.58 9.89 -30.34
C GLU E 152 32.50 8.71 -30.05
N ASN E 153 33.35 8.81 -29.04
CA ASN E 153 34.39 7.82 -28.79
C ASN E 153 34.13 7.00 -27.53
N MET E 154 32.87 6.62 -27.29
CA MET E 154 32.44 5.70 -26.24
C MET E 154 32.63 6.27 -24.84
N ASN E 155 33.06 7.52 -24.70
CA ASN E 155 33.22 8.10 -23.37
C ASN E 155 31.85 8.37 -22.77
N PHE E 156 31.67 7.96 -21.51
CA PHE E 156 30.39 8.09 -20.86
C PHE E 156 30.17 9.53 -20.39
N GLY E 157 28.92 9.86 -20.06
CA GLY E 157 28.58 11.16 -19.55
C GLY E 157 27.12 11.27 -19.15
N TYR E 158 26.85 11.77 -17.94
CA TYR E 158 25.49 11.79 -17.42
C TYR E 158 25.17 13.11 -16.73
N GLY E 159 25.78 14.20 -17.16
CA GLY E 159 25.52 15.49 -16.55
C GLY E 159 26.19 16.60 -17.32
N VAL E 160 26.20 17.79 -16.73
CA VAL E 160 26.78 18.97 -17.35
C VAL E 160 27.73 19.64 -16.38
N ASN E 161 28.61 20.49 -16.92
CA ASN E 161 29.53 21.29 -16.13
C ASN E 161 29.04 22.72 -16.15
N LEU E 162 28.81 23.29 -14.96
CA LEU E 162 28.27 24.63 -14.84
C LEU E 162 29.14 25.46 -13.91
N ASN E 163 29.35 26.72 -14.28
CA ASN E 163 30.03 27.66 -13.40
C ASN E 163 29.15 27.94 -12.18
N ALA E 164 29.73 27.81 -11.00
CA ALA E 164 28.98 27.92 -9.76
C ALA E 164 29.76 28.75 -8.74
N ALA E 165 29.02 29.30 -7.79
CA ALA E 165 29.60 30.06 -6.69
C ALA E 165 28.70 29.93 -5.48
N TYR E 166 29.26 30.17 -4.31
CA TYR E 166 28.49 30.17 -3.06
C TYR E 166 28.13 31.61 -2.73
N PHE E 167 26.85 31.92 -2.70
CA PHE E 167 26.38 33.29 -2.57
C PHE E 167 24.96 33.29 -2.04
N SER E 168 24.53 34.44 -1.54
CA SER E 168 23.17 34.66 -1.09
C SER E 168 22.53 35.76 -1.91
N TYR E 169 21.35 35.49 -2.43
CA TYR E 169 20.67 36.39 -3.36
C TYR E 169 19.28 36.72 -2.83
N LYS E 170 19.17 37.83 -2.11
CA LYS E 170 17.88 38.38 -1.66
C LYS E 170 17.07 37.35 -0.87
N ASN E 171 17.76 36.51 -0.09
CA ASN E 171 17.13 35.44 0.70
C ASN E 171 16.26 34.52 -0.16
N GLU E 172 16.51 34.48 -1.47
CA GLU E 172 15.82 33.54 -2.33
C GLU E 172 16.43 32.15 -2.27
N THR E 173 17.54 31.98 -1.58
CA THR E 173 18.21 30.69 -1.43
C THR E 173 18.05 30.12 -0.03
N LEU E 174 17.00 30.50 0.70
CA LEU E 174 16.76 29.95 2.02
C LEU E 174 16.45 28.46 1.92
N GLU E 175 16.84 27.73 2.97
CA GLU E 175 16.70 26.27 3.04
C GLU E 175 17.49 25.68 1.88
N ASP E 176 16.87 25.07 0.89
CA ASP E 176 17.55 24.49 -0.27
C ASP E 176 16.91 25.05 -1.53
N ALA E 177 17.40 26.20 -1.97
CA ALA E 177 16.90 26.84 -3.18
C ALA E 177 18.08 27.28 -4.05
N ILE E 178 17.84 27.32 -5.36
CA ILE E 178 18.88 27.62 -6.34
C ILE E 178 18.31 28.60 -7.36
N VAL E 179 19.07 29.65 -7.66
CA VAL E 179 18.80 30.51 -8.81
C VAL E 179 19.72 30.08 -9.93
N ILE E 180 19.30 30.31 -11.17
CA ILE E 180 20.04 29.82 -12.33
C ILE E 180 19.86 30.80 -13.48
N SER E 181 20.95 31.06 -14.20
CA SER E 181 20.90 31.99 -15.32
C SER E 181 20.16 31.39 -16.50
N GLU E 182 19.77 32.25 -17.44
CA GLU E 182 19.03 31.80 -18.61
C GLU E 182 19.88 30.93 -19.54
N SER E 183 21.18 31.24 -19.65
CA SER E 183 22.04 30.46 -20.53
C SER E 183 22.18 29.02 -20.03
N ALA E 184 22.32 28.84 -18.72
CA ALA E 184 22.39 27.49 -18.17
C ALA E 184 21.09 26.74 -18.39
N ALA E 185 19.96 27.43 -18.23
CA ALA E 185 18.66 26.80 -18.50
C ALA E 185 18.56 26.37 -19.95
N LYS E 186 19.04 27.21 -20.87
CA LYS E 186 19.06 26.83 -22.28
C LYS E 186 19.95 25.61 -22.50
N LYS E 187 21.09 25.55 -21.84
CA LYS E 187 21.99 24.41 -21.96
C LYS E 187 21.33 23.12 -21.45
N LEU E 188 20.62 23.20 -20.34
CA LEU E 188 19.99 22.03 -19.73
C LEU E 188 18.70 21.71 -20.50
N GLY E 189 18.46 20.42 -20.76
CA GLY E 189 17.28 19.97 -21.44
C GLY E 189 16.88 18.57 -21.03
N THR E 190 15.72 18.14 -21.53
CA THR E 190 15.19 16.81 -21.23
C THR E 190 14.31 16.36 -22.38
N PHE E 191 14.09 15.05 -22.46
CA PHE E 191 13.23 14.44 -23.46
C PHE E 191 12.00 13.83 -22.81
N SER E 192 10.99 13.56 -23.63
CA SER E 192 9.75 12.94 -23.16
C SER E 192 9.04 12.32 -24.35
N VAL E 193 8.67 11.05 -24.22
CA VAL E 193 7.95 10.32 -25.27
C VAL E 193 6.87 9.49 -24.60
N ASN E 194 5.67 9.51 -25.19
CA ASN E 194 4.53 8.78 -24.63
C ASN E 194 3.71 8.15 -25.75
N LYS E 195 3.07 7.03 -25.41
CA LYS E 195 2.24 6.29 -26.34
C LYS E 195 0.78 6.39 -25.91
N VAL E 196 -0.09 6.66 -26.89
CA VAL E 196 -1.52 6.81 -26.64
C VAL E 196 -2.28 5.84 -27.53
N LYS E 197 -3.29 5.19 -26.94
CA LYS E 197 -4.12 4.19 -27.61
C LYS E 197 -5.53 4.77 -27.74
N VAL E 198 -5.87 5.23 -28.93
CA VAL E 198 -7.22 5.71 -29.20
C VAL E 198 -8.05 4.54 -29.69
N SER E 199 -9.36 4.64 -29.56
CA SER E 199 -10.28 3.56 -29.92
C SER E 199 -11.44 4.12 -30.73
N VAL E 200 -11.90 3.34 -31.70
CA VAL E 200 -13.02 3.72 -32.56
C VAL E 200 -13.94 2.51 -32.71
N ASN E 201 -15.24 2.74 -32.57
CA ASN E 201 -16.23 1.70 -32.77
C ASN E 201 -16.99 1.94 -34.07
N THR E 202 -17.94 1.05 -34.37
CA THR E 202 -18.75 1.21 -35.57
C THR E 202 -19.61 2.46 -35.50
N ASN E 203 -20.19 2.74 -34.33
CA ASN E 203 -21.07 3.90 -34.20
C ASN E 203 -20.29 5.21 -34.24
N ASP E 204 -19.11 5.22 -33.62
CA ASP E 204 -18.37 6.46 -33.46
C ASP E 204 -17.78 6.94 -34.78
N ILE E 205 -17.52 8.25 -34.85
CA ILE E 205 -16.87 8.87 -35.99
C ILE E 205 -15.77 9.81 -35.47
N LEU E 206 -15.01 10.36 -36.40
CA LEU E 206 -13.92 11.27 -36.08
C LEU E 206 -14.19 12.64 -36.69
N LEU E 207 -14.02 13.69 -35.90
CA LEU E 207 -14.31 15.03 -36.37
C LEU E 207 -13.21 15.53 -37.31
N ASN E 208 -13.58 16.47 -38.17
CA ASN E 208 -12.65 17.04 -39.15
C ASN E 208 -11.87 18.18 -38.49
N LEU E 209 -10.96 17.79 -37.60
CA LEU E 209 -10.19 18.80 -36.87
C LEU E 209 -9.17 19.49 -37.79
N TYR E 210 -8.44 18.73 -38.58
CA TYR E 210 -7.42 19.27 -39.46
C TYR E 210 -7.91 19.22 -40.91
N GLY E 211 -7.77 20.34 -41.62
CA GLY E 211 -8.11 20.40 -43.01
C GLY E 211 -9.59 20.65 -43.26
N ASP E 212 -9.91 20.92 -44.51
CA ASP E 212 -11.28 21.20 -44.93
C ASP E 212 -11.96 19.89 -45.37
N ASN E 213 -13.12 20.01 -46.00
CA ASN E 213 -13.89 18.84 -46.39
C ASN E 213 -13.22 18.04 -47.51
N GLU E 214 -12.39 18.67 -48.32
CA GLU E 214 -11.70 17.95 -49.39
C GLU E 214 -10.78 16.87 -48.84
N ASN E 215 -10.04 17.19 -47.79
CA ASN E 215 -9.14 16.25 -47.13
C ASN E 215 -9.62 16.06 -45.70
N TYR E 216 -10.43 15.02 -45.47
CA TYR E 216 -11.04 14.76 -44.17
C TYR E 216 -9.99 14.16 -43.23
N LYS E 217 -8.99 14.98 -42.90
CA LYS E 217 -7.87 14.53 -42.07
C LYS E 217 -8.34 14.42 -40.63
N GLY E 218 -8.70 13.20 -40.22
CA GLY E 218 -9.15 13.00 -38.85
C GLY E 218 -8.04 13.17 -37.84
N PHE E 219 -6.85 12.71 -38.17
CA PHE E 219 -5.69 12.73 -37.29
C PHE E 219 -4.51 13.36 -38.00
N PRO E 220 -3.52 13.87 -37.27
CA PRO E 220 -2.35 14.48 -37.90
C PRO E 220 -1.61 13.50 -38.80
N ASP E 221 -0.73 14.05 -39.62
CA ASP E 221 0.00 13.27 -40.62
C ASP E 221 1.18 12.55 -39.95
N ILE E 222 2.07 11.98 -40.77
CA ILE E 222 3.16 11.19 -40.22
C ILE E 222 4.18 12.08 -39.52
N GLY E 223 4.51 13.22 -40.11
CA GLY E 223 5.57 14.05 -39.57
C GLY E 223 5.13 15.39 -39.01
N GLU E 224 3.84 15.69 -39.11
CA GLU E 224 3.34 16.97 -38.64
C GLU E 224 3.31 17.01 -37.12
N HIS E 225 3.12 18.21 -36.58
CA HIS E 225 3.04 18.43 -35.14
C HIS E 225 1.61 18.78 -34.76
N ILE E 226 1.18 18.29 -33.60
CA ILE E 226 -0.19 18.47 -33.16
C ILE E 226 -0.38 19.88 -32.63
N LYS E 227 -1.64 20.32 -32.58
CA LYS E 227 -1.98 21.67 -32.16
C LYS E 227 -3.06 21.62 -31.08
N ASN E 228 -3.04 22.62 -30.20
CA ASN E 228 -4.02 22.81 -29.13
C ASN E 228 -4.08 21.62 -28.17
N GLN E 229 -3.06 20.77 -28.19
CA GLN E 229 -2.96 19.62 -27.27
C GLN E 229 -4.18 18.70 -27.40
N ILE E 230 -4.71 18.57 -28.61
CA ILE E 230 -5.83 17.68 -28.90
C ILE E 230 -5.41 16.80 -30.07
N ILE E 231 -5.33 15.49 -29.84
CA ILE E 231 -4.86 14.59 -30.90
C ILE E 231 -6.03 14.16 -31.79
N ALA E 232 -7.18 13.84 -31.19
CA ALA E 232 -8.37 13.43 -31.93
C ALA E 232 -9.54 13.38 -30.97
N SER E 233 -10.71 13.74 -31.47
CA SER E 233 -11.94 13.73 -30.68
C SER E 233 -13.01 12.96 -31.43
N ARG E 234 -13.67 12.04 -30.73
CA ARG E 234 -14.71 11.20 -31.33
C ARG E 234 -16.05 11.50 -30.67
N ARG E 235 -17.09 11.54 -31.49
CA ARG E 235 -18.44 11.85 -31.04
C ARG E 235 -19.36 10.65 -31.28
N ARG E 236 -20.12 10.27 -30.25
CA ARG E 236 -21.08 9.19 -30.40
C ARG E 236 -22.17 9.58 -31.38
N PHE E 237 -22.63 8.59 -32.15
CA PHE E 237 -23.68 8.79 -33.14
C PHE E 237 -24.81 7.80 -32.90
N ASP E 238 -26.04 8.30 -32.90
CA ASP E 238 -27.22 7.49 -32.65
C ASP E 238 -28.08 7.43 -33.90
N TYR E 239 -28.67 6.26 -34.15
CA TYR E 239 -29.48 6.06 -35.33
C TYR E 239 -30.77 6.86 -35.28
N ASN E 240 -31.34 7.02 -34.08
CA ASN E 240 -32.65 7.63 -33.96
C ASN E 240 -32.63 9.11 -34.34
N THR E 241 -31.69 9.88 -33.78
CA THR E 241 -31.66 11.33 -33.97
C THR E 241 -30.27 11.73 -34.41
N ALA E 242 -30.12 12.01 -35.71
CA ALA E 242 -28.86 12.53 -36.24
C ALA E 242 -29.03 13.72 -37.16
N LEU E 243 -30.26 14.11 -37.48
CA LEU E 243 -30.47 15.25 -38.39
C LEU E 243 -29.92 16.53 -37.80
N TYR E 244 -30.16 16.78 -36.52
CA TYR E 244 -29.72 18.00 -35.85
C TYR E 244 -28.39 17.83 -35.15
N GLU E 245 -27.75 16.67 -35.28
CA GLU E 245 -26.48 16.40 -34.60
C GLU E 245 -25.27 16.51 -35.49
N LEU E 246 -25.36 16.09 -36.75
CA LEU E 246 -24.23 16.10 -37.68
C LEU E 246 -24.33 17.25 -38.68
N LYS E 247 -24.84 18.40 -38.24
CA LYS E 247 -24.98 19.54 -39.15
C LYS E 247 -23.63 20.18 -39.44
N ASN E 248 -22.76 20.26 -38.43
CA ASN E 248 -21.46 20.91 -38.57
C ASN E 248 -20.43 20.10 -37.79
N LEU E 249 -19.49 19.48 -38.51
CA LEU E 249 -18.47 18.64 -37.90
C LEU E 249 -17.16 19.35 -37.65
N ASN E 250 -17.08 20.66 -37.93
CA ASN E 250 -15.84 21.41 -37.76
C ASN E 250 -15.72 22.04 -36.38
N GLU E 251 -16.69 21.83 -35.50
CA GLU E 251 -16.68 22.43 -34.17
C GLU E 251 -17.06 21.39 -33.14
N MET E 252 -16.58 21.59 -31.91
CA MET E 252 -16.87 20.67 -30.82
C MET E 252 -18.31 20.85 -30.33
N ARG E 253 -18.86 19.79 -29.78
CA ARG E 253 -20.22 19.77 -29.25
C ARG E 253 -20.20 19.60 -27.73
N ASP E 254 -21.39 19.49 -27.15
CA ASP E 254 -21.50 19.37 -25.70
C ASP E 254 -21.03 18.01 -25.22
N SER E 255 -21.44 16.94 -25.90
CA SER E 255 -21.10 15.57 -25.50
C SER E 255 -20.02 15.04 -26.43
N ASP E 256 -18.78 15.32 -26.08
CA ASP E 256 -17.61 14.86 -26.83
C ASP E 256 -16.67 14.12 -25.91
N THR E 257 -15.76 13.34 -26.51
CA THR E 257 -14.75 12.59 -25.79
C THR E 257 -13.41 12.82 -26.47
N PRO E 258 -12.78 13.97 -26.24
CA PRO E 258 -11.49 14.26 -26.87
C PRO E 258 -10.34 13.60 -26.15
N PHE E 259 -9.22 13.49 -26.87
CA PHE E 259 -7.98 12.91 -26.34
C PHE E 259 -6.89 13.97 -26.35
N PHE E 260 -6.20 14.11 -25.22
CA PHE E 260 -5.21 15.16 -25.03
C PHE E 260 -3.82 14.56 -25.05
N ALA E 261 -2.92 15.17 -25.82
CA ALA E 261 -1.51 14.81 -25.83
C ALA E 261 -0.73 15.99 -26.39
N ASP E 262 0.57 16.00 -26.14
CA ASP E 262 1.43 17.09 -26.57
C ASP E 262 2.73 16.52 -27.12
N GLY E 263 3.25 17.14 -28.17
CA GLY E 263 4.52 16.76 -28.76
C GLY E 263 4.43 16.69 -30.27
N LYS E 264 5.31 15.89 -30.86
CA LYS E 264 5.33 15.66 -32.30
C LYS E 264 5.15 14.18 -32.55
N ILE E 265 4.17 13.83 -33.38
CA ILE E 265 3.85 12.43 -33.65
C ILE E 265 4.88 11.86 -34.61
N VAL E 266 5.45 10.70 -34.26
CA VAL E 266 6.50 10.08 -35.05
C VAL E 266 6.08 8.74 -35.63
N ASP E 267 5.30 7.95 -34.88
CA ASP E 267 4.98 6.60 -35.31
C ASP E 267 3.50 6.28 -35.06
N ILE E 268 2.88 5.64 -36.05
CA ILE E 268 1.50 5.18 -35.96
C ILE E 268 1.44 3.72 -36.41
N GLU E 269 0.38 3.04 -36.00
CA GLU E 269 0.11 1.69 -36.45
C GLU E 269 -1.37 1.39 -36.21
N ILE E 270 -2.03 0.81 -37.21
CA ILE E 270 -3.48 0.65 -37.18
C ILE E 270 -3.82 -0.83 -37.33
N PHE E 271 -4.69 -1.31 -36.45
CA PHE E 271 -5.19 -2.67 -36.50
C PHE E 271 -6.71 -2.63 -36.69
N SER E 272 -7.20 -3.38 -37.66
CA SER E 272 -8.59 -3.32 -38.07
C SER E 272 -9.26 -4.68 -37.92
N ASN E 273 -10.58 -4.65 -37.72
CA ASN E 273 -11.38 -5.87 -37.59
C ASN E 273 -12.62 -5.85 -38.47
N VAL E 274 -12.71 -4.95 -39.45
CA VAL E 274 -13.89 -4.84 -40.30
C VAL E 274 -13.52 -5.28 -41.72
N PRO E 275 -14.46 -5.81 -42.49
CA PRO E 275 -14.16 -6.15 -43.88
C PRO E 275 -13.80 -4.91 -44.69
N GLU E 276 -12.85 -5.07 -45.61
CA GLU E 276 -12.37 -3.93 -46.38
C GLU E 276 -13.42 -3.40 -47.35
N GLU E 277 -14.34 -4.26 -47.80
CA GLU E 277 -15.37 -3.82 -48.75
C GLU E 277 -16.29 -2.80 -48.10
N GLU E 278 -16.64 -3.00 -46.83
CA GLU E 278 -17.48 -2.03 -46.14
C GLU E 278 -16.71 -0.76 -45.80
N LEU E 279 -15.40 -0.87 -45.57
CA LEU E 279 -14.59 0.30 -45.25
C LEU E 279 -14.25 1.13 -46.49
N LYS E 280 -14.35 0.54 -47.68
CA LYS E 280 -13.97 1.27 -48.89
C LYS E 280 -14.95 2.39 -49.23
N VAL E 281 -16.19 2.30 -48.76
CA VAL E 281 -17.21 3.25 -49.19
C VAL E 281 -17.33 4.44 -48.23
N GLN E 282 -17.10 4.23 -46.94
CA GLN E 282 -17.28 5.31 -45.96
C GLN E 282 -16.32 6.46 -46.24
N LYS E 283 -16.88 7.65 -46.50
CA LYS E 283 -16.07 8.80 -46.87
C LYS E 283 -15.33 9.39 -45.67
N TYR E 284 -15.99 9.44 -44.51
CA TYR E 284 -15.33 10.05 -43.35
C TYR E 284 -14.15 9.22 -42.86
N ASN E 285 -14.22 7.90 -43.02
CA ASN E 285 -13.10 7.03 -42.68
C ASN E 285 -12.18 6.90 -43.89
N GLU E 286 -11.56 8.03 -44.24
CA GLU E 286 -10.72 8.13 -45.42
C GLU E 286 -9.24 7.98 -45.11
N GLN E 287 -8.70 8.80 -44.20
CA GLN E 287 -7.27 8.78 -43.94
C GLN E 287 -6.81 7.41 -43.49
N VAL E 288 -7.59 6.75 -42.63
CA VAL E 288 -7.25 5.40 -42.20
C VAL E 288 -7.09 4.49 -43.41
N LEU E 289 -8.05 4.56 -44.34
CA LEU E 289 -7.99 3.72 -45.54
C LEU E 289 -6.69 3.93 -46.29
N TYR E 290 -6.12 5.13 -46.21
CA TYR E 290 -4.78 5.34 -46.74
C TYR E 290 -3.76 4.51 -45.99
N TYR E 291 -3.57 4.82 -44.69
CA TYR E 291 -2.43 4.28 -43.96
C TYR E 291 -2.46 2.76 -43.94
N ILE E 292 -3.62 2.17 -43.63
CA ILE E 292 -3.76 0.72 -43.61
C ILE E 292 -3.21 0.13 -44.91
N ASN E 293 -3.67 0.67 -46.04
CA ASN E 293 -3.21 0.15 -47.33
C ASN E 293 -1.69 0.19 -47.40
N LYS E 294 -1.10 1.36 -47.10
CA LYS E 294 0.34 1.49 -47.13
C LYS E 294 0.98 0.41 -46.25
N GLN E 295 0.46 0.24 -45.05
CA GLN E 295 1.00 -0.76 -44.14
C GLN E 295 1.00 -2.13 -44.81
N LYS E 296 -0.14 -2.53 -45.37
CA LYS E 296 -0.22 -3.84 -46.01
C LYS E 296 0.83 -3.96 -47.11
N GLU E 297 1.03 -2.89 -47.87
CA GLU E 297 2.03 -2.92 -48.93
C GLU E 297 3.37 -3.37 -48.38
N PHE E 298 3.80 -2.74 -47.27
CA PHE E 298 5.08 -3.11 -46.68
C PHE E 298 5.15 -4.61 -46.42
N SER E 299 4.10 -5.16 -45.81
CA SER E 299 4.10 -6.59 -45.52
C SER E 299 4.28 -7.39 -46.80
N ASN E 300 3.52 -7.05 -47.83
CA ASN E 300 3.63 -7.78 -49.09
C ASN E 300 5.08 -7.77 -49.57
N ASN E 301 5.75 -6.63 -49.42
CA ASN E 301 7.14 -6.53 -49.87
C ASN E 301 7.99 -7.65 -49.27
N VAL E 302 7.90 -7.85 -47.96
CA VAL E 302 8.76 -8.85 -47.34
C VAL E 302 8.41 -10.23 -47.87
N TYR E 303 7.12 -10.49 -48.10
CA TYR E 303 6.72 -11.80 -48.59
C TYR E 303 7.25 -12.07 -49.99
N GLN E 304 7.63 -11.02 -50.72
CA GLN E 304 8.21 -11.19 -52.05
C GLN E 304 9.71 -10.93 -52.05
N LYS E 305 10.29 -10.59 -50.91
CA LYS E 305 11.70 -10.21 -50.86
C LYS E 305 12.61 -11.33 -50.38
N LEU E 306 12.34 -11.89 -49.19
CA LEU E 306 13.18 -12.95 -48.64
C LEU E 306 12.47 -14.29 -48.59
N LYS E 307 11.41 -14.47 -49.40
CA LYS E 307 10.75 -15.76 -49.45
C LYS E 307 11.66 -16.85 -49.99
N LYS E 308 12.72 -16.48 -50.71
CA LYS E 308 13.67 -17.47 -51.19
C LYS E 308 14.62 -17.91 -50.09
N ILE E 309 14.71 -17.12 -49.01
CA ILE E 309 15.68 -17.43 -47.96
C ILE E 309 15.13 -18.45 -46.98
N VAL E 310 14.04 -18.11 -46.29
CA VAL E 310 13.51 -19.00 -45.26
C VAL E 310 12.88 -20.23 -45.88
N GLU E 311 12.08 -20.06 -46.93
CA GLU E 311 11.42 -21.20 -47.56
C GLU E 311 12.37 -22.07 -48.35
N GLY E 312 13.61 -21.64 -48.55
CA GLY E 312 14.58 -22.42 -49.28
C GLY E 312 15.13 -23.57 -48.45
N LYS E 313 16.07 -24.30 -49.07
CA LYS E 313 16.66 -25.46 -48.41
C LYS E 313 17.60 -25.08 -47.27
N ASP E 314 18.17 -23.88 -47.30
CA ASP E 314 19.10 -23.47 -46.26
C ASP E 314 18.40 -23.39 -44.91
N ASN E 315 17.42 -22.50 -44.77
CA ASN E 315 16.63 -22.33 -43.56
C ASN E 315 17.46 -21.96 -42.34
N ASN E 316 18.73 -21.58 -42.54
CA ASN E 316 19.59 -21.19 -41.43
C ASN E 316 19.28 -19.76 -41.04
N VAL E 317 18.25 -19.62 -40.20
CA VAL E 317 17.79 -18.31 -39.76
C VAL E 317 17.72 -18.29 -38.23
N SER E 318 17.91 -17.10 -37.67
CA SER E 318 17.80 -16.94 -36.24
C SER E 318 16.32 -16.92 -35.82
N ASP E 319 16.10 -17.04 -34.50
CA ASP E 319 14.74 -17.08 -33.99
C ASP E 319 14.01 -15.77 -34.25
N LYS E 320 14.70 -14.64 -34.07
CA LYS E 320 14.07 -13.34 -34.26
C LYS E 320 13.59 -13.16 -35.68
N LEU E 321 14.43 -13.50 -36.66
CA LEU E 321 14.06 -13.32 -38.06
C LEU E 321 12.86 -14.19 -38.41
N LEU E 322 12.86 -15.45 -37.96
CA LEU E 322 11.74 -16.33 -38.26
C LEU E 322 10.45 -15.84 -37.62
N HIS E 323 10.52 -15.38 -36.37
CA HIS E 323 9.33 -14.87 -35.71
C HIS E 323 8.79 -13.64 -36.42
N PHE E 324 9.67 -12.73 -36.82
CA PHE E 324 9.23 -11.54 -37.54
C PHE E 324 8.62 -11.90 -38.89
N TYR E 325 9.23 -12.87 -39.59
CA TYR E 325 8.70 -13.28 -40.89
C TYR E 325 7.31 -13.88 -40.74
N ASN E 326 7.12 -14.75 -39.75
CA ASN E 326 5.78 -15.32 -39.53
C ASN E 326 4.78 -14.24 -39.16
N ASN E 327 5.17 -13.31 -38.28
CA ASN E 327 4.27 -12.24 -37.88
C ASN E 327 3.85 -11.38 -39.07
N CYS E 328 4.81 -11.07 -39.95
CA CYS E 328 4.49 -10.23 -41.10
C CYS E 328 3.71 -10.99 -42.18
N LYS E 329 3.91 -12.30 -42.28
CA LYS E 329 3.12 -13.07 -43.23
C LYS E 329 1.73 -13.41 -42.70
N MET E 330 1.49 -13.21 -41.40
CA MET E 330 0.15 -13.40 -40.86
C MET E 330 -0.85 -12.44 -41.51
N ARG E 331 -0.45 -11.18 -41.71
CA ARG E 331 -1.41 -10.14 -42.05
C ARG E 331 -1.96 -10.29 -43.47
N ILE E 332 -1.11 -10.62 -44.44
CA ILE E 332 -1.50 -10.60 -45.85
C ILE E 332 -2.51 -11.71 -46.14
N ASP E 333 -2.69 -12.64 -45.20
CA ASP E 333 -3.59 -13.75 -45.41
C ASP E 333 -5.04 -13.29 -45.16
N GLU E 334 -5.99 -14.21 -45.30
CA GLU E 334 -7.40 -13.90 -45.27
C GLU E 334 -8.05 -14.50 -44.02
N ASN E 335 -9.20 -13.94 -43.65
CA ASN E 335 -10.01 -14.43 -42.54
C ASN E 335 -9.23 -14.45 -41.24
N ILE E 336 -8.66 -13.30 -40.88
CA ILE E 336 -7.89 -13.14 -39.66
C ILE E 336 -8.55 -12.04 -38.83
N SER E 337 -8.81 -12.34 -37.56
CA SER E 337 -9.41 -11.38 -36.63
C SER E 337 -8.54 -11.27 -35.39
N TYR E 338 -8.16 -10.05 -35.04
CA TYR E 338 -7.33 -9.83 -33.86
C TYR E 338 -8.18 -9.81 -32.60
N THR E 339 -7.50 -9.85 -31.45
CA THR E 339 -8.15 -9.77 -30.16
C THR E 339 -7.34 -8.88 -29.24
N TYR E 340 -8.01 -8.23 -28.31
CA TYR E 340 -7.37 -7.32 -27.37
C TYR E 340 -7.91 -7.60 -25.97
N GLN E 341 -7.00 -7.79 -25.01
CA GLN E 341 -7.35 -8.13 -23.63
C GLN E 341 -8.27 -9.34 -23.58
N ASN E 342 -7.95 -10.35 -24.39
CA ASN E 342 -8.73 -11.58 -24.48
C ASN E 342 -10.20 -11.29 -24.83
N SER E 343 -10.40 -10.32 -25.72
CA SER E 343 -11.73 -9.99 -26.20
C SER E 343 -11.63 -9.55 -27.65
N LYS E 344 -12.72 -9.72 -28.39
CA LYS E 344 -12.77 -9.39 -29.81
C LYS E 344 -13.45 -8.03 -29.96
N PHE E 345 -12.64 -7.00 -30.20
CA PHE E 345 -13.18 -5.67 -30.44
C PHE E 345 -13.85 -5.61 -31.81
N SER E 346 -14.78 -4.66 -31.97
CA SER E 346 -15.51 -4.53 -33.23
C SER E 346 -14.83 -3.54 -34.17
N GLY E 347 -14.66 -2.30 -33.70
CA GLY E 347 -14.03 -1.30 -34.52
C GLY E 347 -12.51 -1.32 -34.41
N PHE E 348 -11.86 -0.65 -35.34
CA PHE E 348 -10.40 -0.65 -35.39
C PHE E 348 -9.81 0.20 -34.27
N ILE E 349 -8.59 -0.16 -33.87
CA ILE E 349 -7.84 0.53 -32.84
C ILE E 349 -6.43 0.78 -33.35
N MET E 350 -5.94 2.01 -33.19
CA MET E 350 -4.61 2.36 -33.67
C MET E 350 -3.67 2.61 -32.48
N GLU E 351 -2.46 3.03 -32.81
CA GLU E 351 -1.43 3.36 -31.82
C GLU E 351 -0.79 4.67 -32.24
N PHE E 352 -0.44 5.52 -31.27
CA PHE E 352 0.34 6.70 -31.56
C PHE E 352 1.52 6.81 -30.59
N THR E 353 2.69 7.15 -31.14
CA THR E 353 3.87 7.45 -30.33
C THR E 353 4.25 8.90 -30.57
N ILE E 354 4.32 9.69 -29.50
CA ILE E 354 4.51 11.13 -29.58
C ILE E 354 5.75 11.51 -28.80
N LEU E 355 6.62 12.30 -29.42
CA LEU E 355 7.88 12.74 -28.84
C LEU E 355 7.86 14.25 -28.63
N GLU E 356 8.45 14.69 -27.53
CA GLU E 356 8.43 16.11 -27.18
C GLU E 356 9.65 16.44 -26.34
N GLU E 357 10.13 17.68 -26.48
CA GLU E 357 11.26 18.18 -25.71
C GLU E 357 10.73 19.13 -24.64
N GLU E 358 11.05 18.84 -23.38
CA GLU E 358 10.61 19.67 -22.26
C GLU E 358 11.78 20.45 -21.70
N PRO E 359 11.76 21.78 -21.75
CA PRO E 359 12.85 22.58 -21.20
C PRO E 359 12.76 22.66 -19.68
N LEU E 360 13.82 23.20 -19.10
CA LEU E 360 13.86 23.39 -17.65
C LEU E 360 12.88 24.48 -17.24
N ASN E 361 12.08 24.20 -16.21
CA ASN E 361 11.07 25.12 -15.73
C ASN E 361 11.16 25.21 -14.20
N LYS E 362 10.57 26.28 -13.67
CA LYS E 362 10.57 26.50 -12.24
C LYS E 362 9.89 25.34 -11.51
N GLY E 363 10.47 24.92 -10.39
CA GLY E 363 9.96 23.83 -9.60
C GLY E 363 10.70 22.53 -9.75
N SER E 364 11.60 22.42 -10.72
CA SER E 364 12.38 21.20 -10.91
C SER E 364 13.52 21.15 -9.90
N LYS E 365 14.19 20.00 -9.83
CA LYS E 365 15.26 19.76 -8.88
C LYS E 365 16.53 19.36 -9.62
N ILE E 366 17.66 19.89 -9.18
CA ILE E 366 18.97 19.53 -9.71
C ILE E 366 19.92 19.33 -8.54
N THR E 367 20.73 18.26 -8.60
CA THR E 367 21.66 17.93 -7.54
C THR E 367 23.04 17.70 -8.12
N GLY E 368 24.04 17.88 -7.26
CA GLY E 368 25.41 17.56 -7.60
C GLY E 368 25.73 16.10 -7.31
N ARG E 369 27.02 15.78 -7.37
CA ARG E 369 27.47 14.41 -7.13
C ARG E 369 27.45 14.06 -5.65
N TYR E 370 27.79 15.00 -4.77
CA TYR E 370 27.89 14.74 -3.35
C TYR E 370 26.55 14.86 -2.63
N GLY E 371 25.44 14.79 -3.36
CA GLY E 371 24.13 14.86 -2.75
C GLY E 371 23.77 16.19 -2.12
N ASN E 372 24.18 17.30 -2.75
CA ASN E 372 23.75 18.63 -2.30
C ASN E 372 22.48 19.01 -3.07
N LYS E 373 21.40 18.32 -2.69
CA LYS E 373 20.13 18.45 -3.40
C LYS E 373 19.54 19.84 -3.25
N GLY E 374 19.00 20.36 -4.35
CA GLY E 374 18.40 21.68 -4.35
C GLY E 374 17.17 21.72 -5.22
N VAL E 375 16.49 22.86 -5.20
CA VAL E 375 15.27 23.08 -5.97
C VAL E 375 15.38 24.42 -6.69
N ILE E 376 15.04 24.43 -7.98
CA ILE E 376 15.04 25.67 -8.75
C ILE E 376 13.91 26.56 -8.26
N SER E 377 14.23 27.82 -7.98
CA SER E 377 13.26 28.77 -7.44
C SER E 377 12.92 29.89 -8.41
N LYS E 378 13.92 30.56 -8.97
CA LYS E 378 13.69 31.71 -9.83
C LYS E 378 14.86 31.87 -10.80
N ILE E 379 14.55 31.87 -12.09
CA ILE E 379 15.56 32.04 -13.12
C ILE E 379 15.63 33.52 -13.48
N LEU E 380 16.81 33.95 -13.91
CA LEU E 380 17.10 35.35 -14.20
C LEU E 380 17.76 35.47 -15.56
N PRO E 381 17.65 36.62 -16.21
CA PRO E 381 18.51 36.91 -17.36
C PRO E 381 19.96 36.99 -16.92
N ASP E 382 20.87 36.65 -17.83
CA ASP E 382 22.28 36.54 -17.48
C ASP E 382 22.88 37.88 -17.05
N ASP E 383 22.25 39.00 -17.40
CA ASP E 383 22.79 40.30 -17.04
C ASP E 383 22.78 40.50 -15.52
N GLN E 384 21.71 40.06 -14.85
CA GLN E 384 21.57 40.34 -13.42
C GLN E 384 22.61 39.60 -12.58
N MET E 385 23.06 38.44 -13.02
CA MET E 385 23.92 37.61 -12.20
C MET E 385 25.28 38.28 -11.97
N PRO E 386 25.95 37.97 -10.85
CA PRO E 386 27.22 38.65 -10.54
C PRO E 386 28.29 38.35 -11.58
N THR E 387 29.13 39.36 -11.82
CA THR E 387 30.22 39.25 -12.78
C THR E 387 31.47 39.88 -12.17
N VAL E 388 32.62 39.46 -12.67
CA VAL E 388 33.91 39.99 -12.25
C VAL E 388 34.35 41.04 -13.27
N ALA E 389 34.69 42.24 -12.79
CA ALA E 389 35.04 43.33 -13.67
C ALA E 389 36.31 44.06 -13.24
N GLU E 390 37.22 43.37 -12.56
CA GLU E 390 38.46 43.99 -12.10
C GLU E 390 39.71 43.22 -12.51
N GLY E 391 39.64 41.88 -12.55
CA GLY E 391 40.80 41.08 -12.85
C GLY E 391 41.15 41.04 -14.32
N ARG E 392 42.19 40.25 -14.63
CA ARG E 392 42.63 40.12 -16.01
C ARG E 392 41.55 39.51 -16.89
N PHE E 393 40.88 38.47 -16.39
CA PHE E 393 39.84 37.77 -17.15
C PHE E 393 38.46 38.29 -16.77
N LYS E 394 38.21 39.56 -17.08
CA LYS E 394 36.90 40.13 -16.83
C LYS E 394 35.89 39.56 -17.82
N GLY E 395 34.75 39.12 -17.31
CA GLY E 395 33.72 38.56 -18.16
C GLY E 395 33.10 37.29 -17.63
N LEU E 396 33.84 36.53 -16.84
CA LEU E 396 33.32 35.29 -16.28
C LEU E 396 32.12 35.58 -15.39
N LYS E 397 31.05 34.81 -15.57
CA LYS E 397 29.81 35.01 -14.84
C LYS E 397 29.34 33.68 -14.26
N ALA E 398 29.03 33.68 -12.97
CA ALA E 398 28.50 32.47 -12.34
C ALA E 398 27.11 32.16 -12.90
N ASP E 399 26.81 30.86 -12.99
CA ASP E 399 25.55 30.41 -13.56
C ASP E 399 24.55 29.95 -12.51
N ILE E 400 25.00 29.43 -11.38
CA ILE E 400 24.12 28.99 -10.31
C ILE E 400 24.68 29.46 -8.98
N CYS E 401 23.80 29.89 -8.09
CA CYS E 401 24.18 30.31 -6.74
C CYS E 401 23.57 29.35 -5.73
N LEU E 402 24.40 28.79 -4.88
CA LEU E 402 23.98 27.79 -3.90
C LEU E 402 23.89 28.41 -2.51
N ASN E 403 23.19 27.71 -1.62
CA ASN E 403 23.00 28.18 -0.26
C ASN E 403 24.30 28.06 0.52
N PRO E 404 24.84 29.16 1.07
CA PRO E 404 26.09 29.05 1.84
C PRO E 404 25.85 28.71 3.30
N LEU E 405 24.60 28.82 3.75
CA LEU E 405 24.29 28.58 5.16
C LEU E 405 24.50 27.13 5.56
N GLY E 406 24.03 26.19 4.74
CA GLY E 406 24.01 24.79 5.14
C GLY E 406 25.09 23.94 4.53
N VAL E 407 26.33 24.44 4.46
CA VAL E 407 27.41 23.64 3.91
C VAL E 407 28.15 22.89 5.01
N PHE E 408 28.53 23.59 6.09
CA PHE E 408 29.19 22.92 7.21
C PHE E 408 28.17 22.16 8.06
N ASN E 409 26.94 22.70 8.18
CA ASN E 409 25.92 22.03 8.96
C ASN E 409 25.51 20.70 8.34
N ARG E 410 25.72 20.54 7.04
CA ARG E 410 25.33 19.31 6.34
C ARG E 410 26.40 18.22 6.41
N LEU E 411 27.60 18.55 6.90
CA LEU E 411 28.67 17.57 7.09
C LEU E 411 29.07 16.89 5.78
N ASN E 412 29.56 17.70 4.84
CA ASN E 412 30.08 17.17 3.58
C ASN E 412 31.05 18.16 2.94
N PRO E 413 32.33 18.11 3.31
CA PRO E 413 33.30 19.09 2.79
C PRO E 413 33.87 18.78 1.41
N SER E 414 33.28 17.84 0.66
CA SER E 414 33.85 17.49 -0.64
C SER E 414 33.63 18.60 -1.67
N GLN E 415 32.49 19.28 -1.60
CA GLN E 415 32.19 20.31 -2.58
C GLN E 415 33.21 21.43 -2.57
N LEU E 416 33.67 21.82 -1.37
CA LEU E 416 34.70 22.84 -1.27
C LEU E 416 35.98 22.40 -1.97
N ILE E 417 36.36 21.14 -1.77
CA ILE E 417 37.58 20.62 -2.40
C ILE E 417 37.45 20.66 -3.92
N GLU E 418 36.28 20.22 -4.43
CA GLU E 418 36.09 20.22 -5.89
C GLU E 418 36.13 21.64 -6.45
N GLN E 419 35.45 22.58 -5.80
CA GLN E 419 35.46 23.96 -6.29
C GLN E 419 36.86 24.55 -6.25
N GLU E 420 37.61 24.27 -5.18
CA GLU E 420 38.98 24.78 -5.09
C GLU E 420 39.85 24.19 -6.20
N LEU E 421 39.68 22.90 -6.49
CA LEU E 421 40.45 22.27 -7.55
C LEU E 421 40.13 22.90 -8.90
N ASN E 422 38.85 23.14 -9.17
CA ASN E 422 38.50 23.74 -10.46
C ASN E 422 38.97 25.19 -10.54
N TRP E 423 38.99 25.90 -9.43
CA TRP E 423 39.49 27.28 -9.43
C TRP E 423 40.99 27.31 -9.69
N ILE E 424 41.75 26.41 -9.05
CA ILE E 424 43.18 26.35 -9.31
C ILE E 424 43.44 25.93 -10.76
N ALA E 425 42.60 25.05 -11.31
CA ALA E 425 42.73 24.70 -12.71
C ALA E 425 42.50 25.90 -13.61
N LYS E 426 41.50 26.72 -13.30
CA LYS E 426 41.24 27.92 -14.08
C LYS E 426 42.45 28.85 -14.05
N PHE E 427 43.01 29.07 -12.86
CA PHE E 427 44.16 29.97 -12.75
C PHE E 427 45.36 29.44 -13.52
N ILE E 428 45.67 28.15 -13.39
CA ILE E 428 46.83 27.61 -14.09
C ILE E 428 46.60 27.62 -15.60
N ARG E 429 45.36 27.38 -16.04
CA ARG E 429 45.05 27.43 -17.46
C ARG E 429 45.24 28.83 -18.03
N LYS E 430 44.77 29.85 -17.31
CA LYS E 430 44.96 31.22 -17.78
C LYS E 430 46.44 31.58 -17.81
N ASP E 431 47.20 31.16 -16.80
CA ASP E 431 48.63 31.44 -16.78
C ASP E 431 49.34 30.78 -17.97
N MET E 432 48.97 29.54 -18.29
CA MET E 432 49.54 28.89 -19.45
C MET E 432 49.14 29.59 -20.74
N GLU E 433 47.88 30.02 -20.84
CA GLU E 433 47.39 30.66 -22.07
C GLU E 433 48.05 32.01 -22.30
N GLU E 434 48.44 32.71 -21.24
CA GLU E 434 48.95 34.07 -21.39
C GLU E 434 50.16 34.12 -22.32
N ALA E 435 51.13 33.24 -22.10
CA ALA E 435 52.34 33.26 -22.92
C ALA E 435 53.01 31.90 -22.86
N GLY E 436 53.93 31.67 -23.79
CA GLY E 436 54.69 30.43 -23.83
C GLY E 436 54.52 29.67 -25.13
N SER E 437 55.63 29.23 -25.72
CA SER E 437 55.59 28.45 -26.94
C SER E 437 55.30 26.98 -26.60
N ASN E 438 55.00 26.20 -27.64
CA ASN E 438 54.67 24.80 -27.47
C ASN E 438 55.85 23.98 -26.93
N GLU E 439 57.08 24.50 -27.03
CA GLU E 439 58.23 23.76 -26.55
C GLU E 439 58.18 23.56 -25.03
N GLU E 440 57.77 24.60 -24.30
CA GLU E 440 57.74 24.55 -22.84
C GLU E 440 56.33 24.60 -22.26
N LYS E 441 55.31 24.85 -23.09
CA LYS E 441 53.94 24.97 -22.58
C LYS E 441 53.55 23.75 -21.76
N VAL E 442 53.79 22.55 -22.30
CA VAL E 442 53.40 21.33 -21.61
C VAL E 442 54.06 21.24 -20.23
N SER E 443 55.29 21.76 -20.11
CA SER E 443 55.96 21.75 -18.81
C SER E 443 55.14 22.48 -17.77
N ILE E 444 54.61 23.66 -18.13
CA ILE E 444 53.77 24.42 -17.21
C ILE E 444 52.59 23.59 -16.76
N LEU E 445 52.06 22.74 -17.64
CA LEU E 445 51.00 21.83 -17.26
C LEU E 445 51.52 20.76 -16.31
N LEU E 446 52.64 20.13 -16.67
CA LEU E 446 53.08 18.92 -15.96
C LEU E 446 53.34 19.21 -14.49
N ASP E 447 53.97 20.35 -14.20
CA ASP E 447 54.23 20.73 -12.82
C ASP E 447 52.94 20.69 -12.01
N PHE E 448 51.87 21.29 -12.53
CA PHE E 448 50.61 21.28 -11.79
C PHE E 448 50.09 19.87 -11.60
N LEU E 449 50.23 19.02 -12.62
CA LEU E 449 49.79 17.64 -12.49
C LEU E 449 50.70 16.83 -11.57
N ASN E 450 51.88 17.35 -11.25
CA ASN E 450 52.80 16.60 -10.41
C ASN E 450 52.36 16.60 -8.95
N ARG E 451 51.65 17.64 -8.52
CA ARG E 451 51.26 17.80 -7.12
C ARG E 451 49.81 17.42 -6.86
N VAL E 452 49.10 16.83 -7.83
CA VAL E 452 47.70 16.48 -7.64
C VAL E 452 47.54 14.97 -7.65
N ASN E 453 48.03 14.31 -8.70
CA ASN E 453 47.90 12.86 -8.84
C ASN E 453 49.15 12.34 -9.53
N LYS E 454 50.02 11.69 -8.76
CA LYS E 454 51.30 11.25 -9.30
C LYS E 454 51.13 10.16 -10.36
N GLU E 455 50.02 9.43 -10.34
CA GLU E 455 49.81 8.37 -11.31
C GLU E 455 49.58 8.93 -12.71
N GLU E 456 48.98 10.12 -12.81
CA GLU E 456 48.62 10.68 -14.11
C GLU E 456 49.81 11.22 -14.87
N THR E 457 50.93 11.52 -14.19
CA THR E 457 52.06 12.15 -14.86
C THR E 457 52.67 11.25 -15.93
N GLU E 458 52.79 9.95 -15.62
CA GLU E 458 53.41 9.02 -16.57
C GLU E 458 52.59 8.93 -17.85
N LEU E 459 51.27 8.77 -17.71
CA LEU E 459 50.40 8.70 -18.89
C LEU E 459 50.40 10.03 -19.64
N MET E 460 50.41 11.15 -18.91
CA MET E 460 50.55 12.45 -19.55
C MET E 460 51.79 12.50 -20.42
N GLU E 461 52.94 12.12 -19.87
CA GLU E 461 54.19 12.19 -20.63
C GLU E 461 54.15 11.25 -21.83
N GLU E 462 53.65 10.02 -21.64
CA GLU E 462 53.60 9.08 -22.75
C GLU E 462 52.72 9.60 -23.88
N PHE E 463 51.51 10.07 -23.54
CA PHE E 463 50.60 10.56 -24.56
C PHE E 463 51.16 11.79 -25.27
N ILE E 464 51.80 12.70 -24.51
CA ILE E 464 52.32 13.91 -25.11
C ILE E 464 53.47 13.59 -26.07
N ASN E 465 54.39 12.72 -25.67
CA ASN E 465 55.49 12.37 -26.56
C ASN E 465 55.08 11.43 -27.68
N SER E 466 53.90 10.81 -27.59
CA SER E 466 53.47 9.90 -28.65
C SER E 466 53.09 10.64 -29.92
N LEU E 467 52.44 11.79 -29.78
CA LEU E 467 51.89 12.50 -30.93
C LEU E 467 52.98 13.27 -31.67
N ASN E 468 52.59 13.82 -32.82
CA ASN E 468 53.45 14.67 -33.63
C ASN E 468 53.16 16.14 -33.32
N LYS E 469 53.75 17.04 -34.11
CA LYS E 469 53.70 18.47 -33.78
C LYS E 469 52.30 19.04 -33.95
N THR E 470 51.67 18.77 -35.10
CA THR E 470 50.38 19.39 -35.40
C THR E 470 49.30 18.93 -34.44
N GLU E 471 49.24 17.62 -34.16
CA GLU E 471 48.25 17.11 -33.23
C GLU E 471 48.52 17.60 -31.81
N LEU E 472 49.80 17.75 -31.45
CA LEU E 472 50.11 18.32 -30.14
C LEU E 472 49.63 19.75 -30.03
N GLU E 473 49.83 20.54 -31.08
CA GLU E 473 49.33 21.92 -31.08
C GLU E 473 47.81 21.96 -30.97
N GLU E 474 47.13 21.09 -31.71
CA GLU E 474 45.68 21.05 -31.65
C GLU E 474 45.20 20.65 -30.25
N PHE E 475 45.87 19.67 -29.63
CA PHE E 475 45.49 19.25 -28.28
C PHE E 475 45.74 20.37 -27.27
N LEU E 476 46.84 21.10 -27.40
CA LEU E 476 47.09 22.22 -26.51
C LEU E 476 46.05 23.32 -26.69
N ASN E 477 45.67 23.60 -27.94
CA ASN E 477 44.62 24.59 -28.15
C ASN E 477 43.30 24.13 -27.53
N ASP E 478 42.98 22.84 -27.66
CA ASP E 478 41.74 22.32 -27.08
C ASP E 478 41.75 22.41 -25.56
N ILE E 479 42.87 22.07 -24.94
CA ILE E 479 42.95 22.15 -23.48
C ILE E 479 42.93 23.61 -23.03
N ILE E 480 43.44 24.52 -23.85
CA ILE E 480 43.33 25.95 -23.55
C ILE E 480 41.87 26.38 -23.57
N GLU E 481 41.12 25.92 -24.57
CA GLU E 481 39.73 26.35 -24.71
C GLU E 481 38.86 25.80 -23.58
N ASN E 482 38.83 24.48 -23.44
CA ASN E 482 37.88 23.86 -22.50
C ASN E 482 38.39 23.89 -21.07
N GLY E 483 39.51 23.23 -20.80
CA GLY E 483 40.07 23.19 -19.48
C GLY E 483 40.80 21.88 -19.23
N ILE E 484 41.74 21.93 -18.29
CA ILE E 484 42.57 20.79 -17.93
C ILE E 484 41.75 19.79 -17.12
N PRO E 485 41.63 18.54 -17.58
CA PRO E 485 40.95 17.51 -16.77
C PRO E 485 41.85 17.09 -15.62
N ILE E 486 41.24 16.88 -14.44
CA ILE E 486 41.95 16.44 -13.25
C ILE E 486 41.35 15.13 -12.77
N CYS E 487 42.19 14.12 -12.57
CA CYS E 487 41.73 12.79 -12.18
C CYS E 487 42.18 12.46 -10.78
N GLN E 488 41.27 11.91 -9.98
CA GLN E 488 41.61 11.41 -8.66
C GLN E 488 40.59 10.36 -8.24
N LYS E 489 41.06 9.33 -7.56
CA LYS E 489 40.28 8.15 -7.24
C LYS E 489 39.38 8.38 -6.03
N PRO E 490 38.30 7.60 -5.88
CA PRO E 490 37.33 7.86 -4.79
C PRO E 490 37.89 7.64 -3.39
N PHE E 491 38.51 6.49 -3.15
CA PHE E 491 38.91 6.12 -1.80
C PHE E 491 40.42 6.13 -1.60
N PHE E 492 41.17 5.38 -2.40
CA PHE E 492 42.62 5.26 -2.24
C PHE E 492 43.31 5.99 -3.37
N GLY E 493 43.94 7.11 -3.04
CA GLY E 493 44.64 7.93 -4.01
C GLY E 493 43.86 9.19 -4.35
N ASN E 494 44.18 10.28 -3.66
CA ASN E 494 43.51 11.56 -3.86
C ASN E 494 44.20 12.62 -3.01
N ILE E 495 43.75 13.86 -3.09
CA ILE E 495 44.30 14.93 -2.27
C ILE E 495 43.51 15.00 -0.97
N GLY E 496 44.21 15.29 0.12
CA GLY E 496 43.57 15.40 1.41
C GLY E 496 43.59 16.82 1.94
N LEU E 497 44.45 17.08 2.92
CA LEU E 497 44.61 18.40 3.50
C LEU E 497 46.02 18.94 3.34
N ASP E 498 47.03 18.14 3.65
CA ASP E 498 48.42 18.60 3.54
C ASP E 498 48.78 18.92 2.10
N GLU E 499 48.31 18.10 1.16
CA GLU E 499 48.56 18.38 -0.26
C GLU E 499 47.93 19.71 -0.68
N LEU E 500 46.71 19.97 -0.23
CA LEU E 500 46.08 21.26 -0.53
C LEU E 500 46.86 22.41 0.10
N TRP E 501 47.33 22.23 1.32
CA TRP E 501 48.13 23.26 1.99
C TRP E 501 49.38 23.57 1.18
N GLU E 502 50.10 22.52 0.76
CA GLU E 502 51.31 22.73 -0.02
C GLU E 502 51.01 23.39 -1.37
N LEU E 503 49.94 22.95 -2.03
CA LEU E 503 49.57 23.52 -3.32
C LEU E 503 49.25 25.00 -3.18
N TYR E 504 48.50 25.38 -2.14
CA TYR E 504 48.23 26.79 -1.91
C TYR E 504 49.50 27.56 -1.61
N ASN E 505 50.40 26.98 -0.80
CA ASN E 505 51.62 27.69 -0.42
C ASN E 505 52.52 27.94 -1.62
N HIS E 506 52.63 26.97 -2.53
CA HIS E 506 53.55 27.11 -3.65
C HIS E 506 53.15 28.26 -4.57
N TYR E 507 51.86 28.38 -4.87
CA TYR E 507 51.36 29.45 -5.74
C TYR E 507 51.03 30.65 -4.88
N ASP E 508 51.85 31.69 -4.98
CA ASP E 508 51.71 32.89 -4.15
C ASP E 508 51.05 34.05 -4.86
N HIS E 509 50.74 33.92 -6.16
CA HIS E 509 50.18 35.02 -6.94
C HIS E 509 48.66 34.93 -7.08
N ILE E 510 48.00 34.18 -6.21
CA ILE E 510 46.57 33.91 -6.34
C ILE E 510 45.79 34.69 -5.29
N ASP E 511 44.75 35.38 -5.74
CA ASP E 511 43.85 36.14 -4.87
C ASP E 511 42.41 35.90 -5.32
N TYR E 512 41.48 36.10 -4.38
CA TYR E 512 40.07 35.93 -4.70
C TYR E 512 39.64 36.95 -5.74
N PHE E 513 38.62 36.59 -6.52
CA PHE E 513 38.07 37.52 -7.50
C PHE E 513 37.27 38.61 -6.78
N LYS E 514 37.41 39.83 -7.27
CA LYS E 514 36.66 40.98 -6.73
C LYS E 514 35.52 41.27 -7.69
N CYS E 515 34.29 40.99 -7.24
CA CYS E 515 33.11 41.20 -8.07
C CYS E 515 32.74 42.69 -8.06
N GLU E 516 31.62 43.00 -8.71
CA GLU E 516 31.13 44.37 -8.81
C GLU E 516 29.89 44.54 -7.95
N GLY E 517 29.89 45.59 -7.13
CA GLY E 517 28.78 45.83 -6.22
C GLY E 517 28.61 44.75 -5.17
N ILE E 518 29.70 44.15 -4.72
CA ILE E 518 29.67 43.09 -3.71
C ILE E 518 30.51 43.44 -2.50
N SER E 519 31.72 43.97 -2.71
CA SER E 519 32.62 44.36 -1.63
C SER E 519 32.94 43.18 -0.71
N THR E 520 33.04 41.98 -1.30
CA THR E 520 33.43 40.79 -0.58
C THR E 520 34.14 39.87 -1.56
N PRO E 521 35.34 39.40 -1.24
CA PRO E 521 36.04 38.50 -2.15
C PRO E 521 35.23 37.23 -2.41
N LEU E 522 35.32 36.73 -3.64
CA LEU E 522 34.49 35.61 -4.07
C LEU E 522 35.30 34.71 -5.00
N ILE E 523 34.93 33.44 -5.03
CA ILE E 523 35.55 32.44 -5.90
C ILE E 523 34.45 31.74 -6.70
N ILE E 524 34.69 31.57 -7.99
CA ILE E 524 33.77 30.87 -8.89
C ILE E 524 34.47 29.66 -9.48
N GLY E 525 33.84 28.50 -9.37
CA GLY E 525 34.41 27.28 -9.90
C GLY E 525 33.49 26.63 -10.90
N GLU E 526 33.77 25.38 -11.29
CA GLU E 526 32.90 24.61 -12.16
C GLU E 526 32.53 23.32 -11.45
N ILE E 527 31.23 23.01 -11.43
CA ILE E 527 30.74 21.82 -10.75
C ILE E 527 29.84 21.02 -11.68
N TYR E 528 29.65 19.75 -11.31
CA TYR E 528 28.89 18.80 -12.11
C TYR E 528 27.44 18.77 -11.64
N MET E 529 26.51 18.86 -12.58
CA MET E 529 25.09 18.87 -12.28
C MET E 529 24.37 17.79 -13.05
N VAL E 530 23.47 17.09 -12.36
CA VAL E 530 22.63 16.05 -12.93
C VAL E 530 21.18 16.36 -12.60
N ARG E 531 20.30 16.29 -13.60
CA ARG E 531 18.88 16.52 -13.36
C ARG E 531 18.28 15.32 -12.63
N LEU E 532 17.09 15.53 -12.08
CA LEU E 532 16.37 14.51 -11.34
C LEU E 532 14.98 14.29 -11.93
N LYS E 533 14.37 13.17 -11.55
CA LYS E 533 13.09 12.78 -12.14
C LYS E 533 11.95 13.63 -11.62
N HIS E 534 12.00 14.03 -10.35
CA HIS E 534 10.87 14.70 -9.72
C HIS E 534 10.49 15.97 -10.48
N GLU E 535 9.20 16.12 -10.77
CA GLU E 535 8.67 17.24 -11.52
C GLU E 535 7.38 17.72 -10.89
N PRO E 536 7.06 19.00 -11.05
CA PRO E 536 5.82 19.52 -10.45
C PRO E 536 4.55 19.06 -11.17
N HIS E 537 4.62 18.80 -12.47
CA HIS E 537 3.44 18.42 -13.23
C HIS E 537 3.09 16.94 -13.08
N SER E 538 3.91 16.15 -12.40
CA SER E 538 3.63 14.75 -12.19
C SER E 538 2.81 14.49 -10.93
N LYS E 539 2.59 15.52 -10.10
CA LYS E 539 1.80 15.37 -8.89
C LYS E 539 0.75 16.44 -8.71
N PHE E 540 0.76 17.49 -9.52
CA PHE E 540 -0.26 18.53 -9.42
C PHE E 540 -1.63 17.96 -9.77
N SER E 541 -2.64 18.37 -9.01
CA SER E 541 -3.99 17.85 -9.20
C SER E 541 -5.01 18.87 -8.71
N ALA E 542 -6.16 18.90 -9.38
CA ALA E 542 -7.26 19.77 -9.01
C ALA E 542 -8.55 19.09 -9.41
N ARG E 543 -9.65 19.48 -8.74
CA ARG E 543 -10.92 18.79 -8.94
C ARG E 543 -12.07 19.74 -8.65
N SER E 544 -12.97 19.91 -9.62
CA SER E 544 -14.20 20.67 -9.42
C SER E 544 -15.39 19.74 -9.20
N THR E 545 -15.74 18.92 -10.20
CA THR E 545 -16.81 17.93 -10.05
C THR E 545 -16.55 16.82 -11.07
N SER E 546 -15.99 15.71 -10.60
CA SER E 546 -15.73 14.56 -11.43
C SER E 546 -16.79 13.49 -11.17
N PHE E 547 -16.57 12.30 -11.73
CA PHE E 547 -17.51 11.20 -11.53
C PHE E 547 -17.59 10.81 -10.06
N MET E 548 -18.78 10.42 -9.63
CA MET E 548 -19.03 10.04 -8.25
C MET E 548 -19.07 8.52 -8.12
N ASN E 549 -18.71 8.05 -6.93
CA ASN E 549 -18.73 6.62 -6.65
C ASN E 549 -20.17 6.10 -6.64
N LEU E 550 -20.30 4.78 -6.58
CA LEU E 550 -21.62 4.16 -6.60
C LEU E 550 -22.45 4.57 -5.39
N ARG E 551 -21.82 4.63 -4.21
CA ARG E 551 -22.54 5.05 -3.02
C ARG E 551 -23.02 6.50 -3.12
N GLY E 552 -22.17 7.37 -3.63
CA GLY E 552 -22.53 8.77 -3.77
C GLY E 552 -21.38 9.71 -3.44
N LEU E 553 -20.41 9.22 -2.70
CA LEU E 553 -19.24 10.02 -2.35
C LEU E 553 -18.33 10.17 -3.57
N PRO E 554 -17.58 11.26 -3.66
CA PRO E 554 -16.60 11.38 -4.75
C PRO E 554 -15.49 10.36 -4.61
N ALA E 555 -14.95 9.94 -5.75
CA ALA E 555 -13.95 8.89 -5.77
C ALA E 555 -13.02 9.09 -6.96
N LYS E 556 -11.86 8.42 -6.90
CA LYS E 556 -10.87 8.50 -7.96
C LYS E 556 -11.41 7.91 -9.26
N SER E 557 -11.13 8.60 -10.37
CA SER E 557 -11.54 8.16 -11.70
C SER E 557 -10.30 7.90 -12.55
N LYS E 558 -10.36 6.85 -13.36
CA LYS E 558 -9.24 6.45 -14.22
C LYS E 558 -9.48 7.00 -15.62
N ASN E 559 -9.10 8.25 -15.81
CA ASN E 559 -9.20 8.89 -17.12
C ASN E 559 -7.84 9.46 -17.52
N PHE E 560 -7.09 9.96 -16.54
CA PHE E 560 -5.76 10.49 -16.82
C PHE E 560 -4.81 9.40 -17.31
N LYS E 561 -5.01 8.16 -16.86
CA LYS E 561 -4.14 7.07 -17.30
C LYS E 561 -4.30 6.78 -18.77
N GLU E 562 -5.47 7.05 -19.35
CA GLU E 562 -5.73 6.83 -20.76
C GLU E 562 -5.69 8.12 -21.57
N HIS E 563 -5.11 9.18 -21.00
CA HIS E 563 -4.90 10.45 -21.70
C HIS E 563 -6.22 11.06 -22.19
N LYS E 564 -7.25 10.98 -21.36
CA LYS E 564 -8.53 11.60 -21.64
C LYS E 564 -8.69 12.96 -20.97
N ASP E 565 -7.73 13.38 -20.16
CA ASP E 565 -7.83 14.66 -19.47
C ASP E 565 -6.43 15.14 -19.10
N LEU E 566 -6.34 16.44 -18.79
CA LEU E 566 -5.07 17.07 -18.46
C LEU E 566 -4.64 16.77 -17.03
N TYR E 567 -5.45 17.20 -16.06
CA TYR E 567 -5.11 17.05 -14.65
C TYR E 567 -5.58 15.70 -14.13
N SER E 568 -4.86 15.18 -13.14
CA SER E 568 -5.30 13.99 -12.42
C SER E 568 -6.39 14.41 -11.44
N LYS E 569 -7.64 14.32 -11.89
CA LYS E 569 -8.78 14.85 -11.13
C LYS E 569 -9.07 13.93 -9.94
N THR E 570 -8.19 14.01 -8.94
CA THR E 570 -8.29 13.20 -7.74
C THR E 570 -8.52 14.09 -6.53
N PRO E 571 -9.58 13.87 -5.76
CA PRO E 571 -9.81 14.70 -4.58
C PRO E 571 -8.83 14.36 -3.46
N VAL E 572 -8.63 15.32 -2.57
CA VAL E 572 -7.79 15.12 -1.38
C VAL E 572 -8.70 14.86 -0.19
N ARG E 573 -8.41 13.79 0.53
CA ARG E 573 -9.23 13.41 1.68
C ARG E 573 -8.79 14.16 2.93
N ILE E 574 -9.76 14.41 3.80
CA ILE E 574 -9.50 15.04 5.10
C ILE E 574 -9.20 13.93 6.10
N GLY E 575 -8.04 14.03 6.75
CA GLY E 575 -7.56 12.97 7.60
C GLY E 575 -8.23 12.94 8.96
N ASN E 576 -7.76 12.01 9.79
CA ASN E 576 -8.33 11.82 11.12
C ASN E 576 -8.11 13.06 11.99
N MET E 577 -6.91 13.61 11.97
CA MET E 577 -6.60 14.78 12.79
C MET E 577 -7.00 16.09 12.14
N GLU E 578 -7.31 16.10 10.83
CA GLU E 578 -7.70 17.34 10.18
C GLU E 578 -9.00 17.88 10.74
N ILE E 579 -9.98 17.00 10.95
CA ILE E 579 -11.26 17.42 11.51
C ILE E 579 -11.07 17.99 12.91
N SER E 580 -10.24 17.32 13.72
CA SER E 580 -10.00 17.79 15.08
C SER E 580 -9.31 19.15 15.08
N ASN E 581 -8.29 19.32 14.24
CA ASN E 581 -7.58 20.59 14.17
C ASN E 581 -8.49 21.71 13.66
N LEU E 582 -9.43 21.38 12.77
CA LEU E 582 -10.45 22.35 12.38
C LEU E 582 -11.36 22.67 13.57
N SER E 583 -11.69 21.66 14.37
CA SER E 583 -12.50 21.85 15.56
C SER E 583 -11.74 22.52 16.69
N LEU E 584 -10.46 22.84 16.49
CA LEU E 584 -9.75 23.69 17.45
C LEU E 584 -10.54 24.96 17.76
N THR E 585 -11.09 25.59 16.72
CA THR E 585 -11.99 26.71 16.93
C THR E 585 -13.28 26.22 17.58
N ASN E 586 -13.85 27.06 18.45
CA ASN E 586 -15.06 26.67 19.16
C ASN E 586 -16.25 26.46 18.24
N GLU E 587 -16.20 27.01 17.03
CA GLU E 587 -17.30 26.84 16.08
C GLU E 587 -17.31 25.43 15.53
N MET E 588 -18.48 24.80 15.50
CA MET E 588 -18.63 23.44 15.00
C MET E 588 -19.70 23.38 13.93
N GLY E 589 -20.72 24.23 14.08
CA GLY E 589 -21.80 24.24 13.10
C GLY E 589 -21.32 24.61 11.71
N SER E 590 -20.35 25.53 11.62
CA SER E 590 -19.79 25.90 10.33
C SER E 590 -19.06 24.72 9.70
N ILE E 591 -18.30 23.97 10.51
CA ILE E 591 -17.61 22.80 9.99
C ILE E 591 -18.62 21.78 9.46
N MET E 592 -19.68 21.55 10.24
CA MET E 592 -20.70 20.59 9.81
C MET E 592 -21.37 21.03 8.51
N ASP E 593 -21.70 22.32 8.42
CA ASP E 593 -22.34 22.82 7.20
C ASP E 593 -21.40 22.67 6.01
N MET E 594 -20.13 22.98 6.19
CA MET E 594 -19.17 22.86 5.09
C MET E 594 -19.07 21.42 4.62
N LEU E 595 -18.90 20.48 5.56
CA LEU E 595 -18.77 19.08 5.17
C LEU E 595 -20.04 18.57 4.48
N ASN E 596 -21.20 18.88 5.05
CA ASN E 596 -22.45 18.40 4.49
C ASN E 596 -22.69 18.96 3.09
N SER E 597 -22.43 20.26 2.89
CA SER E 597 -22.68 20.87 1.60
C SER E 597 -21.58 20.58 0.59
N TYR E 598 -20.43 20.06 1.03
CA TYR E 598 -19.36 19.77 0.08
C TYR E 598 -19.40 18.31 -0.39
N SER E 599 -19.50 17.35 0.55
CA SER E 599 -19.37 15.96 0.10
C SER E 599 -20.31 14.98 0.81
N ASN E 600 -21.39 15.45 1.43
CA ASN E 600 -22.29 14.53 2.12
C ASN E 600 -23.70 14.53 1.54
N ASN E 601 -24.32 15.70 1.43
CA ASN E 601 -25.73 15.79 1.05
C ASN E 601 -25.87 16.17 -0.42
N GLU E 602 -26.64 15.38 -1.17
CA GLU E 602 -26.81 15.65 -2.59
C GLU E 602 -27.66 16.90 -2.82
N THR E 603 -28.78 17.03 -2.11
CA THR E 603 -29.65 18.19 -2.28
C THR E 603 -28.92 19.47 -1.89
N ASN E 604 -28.17 19.43 -0.78
CA ASN E 604 -27.41 20.60 -0.38
C ASN E 604 -26.34 20.94 -1.41
N ARG E 605 -25.68 19.93 -1.98
CA ARG E 605 -24.67 20.17 -3.00
C ARG E 605 -25.28 20.84 -4.23
N ARG E 606 -26.43 20.32 -4.69
CA ARG E 606 -27.07 20.91 -5.86
C ARG E 606 -27.55 22.32 -5.57
N GLU E 607 -28.10 22.56 -4.38
CA GLU E 607 -28.55 23.90 -4.03
C GLU E 607 -27.39 24.88 -3.98
N LEU E 608 -26.26 24.46 -3.40
CA LEU E 608 -25.09 25.33 -3.36
C LEU E 608 -24.58 25.62 -4.76
N ILE E 609 -24.54 24.60 -5.63
CA ILE E 609 -24.04 24.80 -6.99
C ILE E 609 -24.93 25.81 -7.73
N MET E 610 -26.24 25.65 -7.63
CA MET E 610 -27.15 26.58 -8.29
C MET E 610 -27.01 27.98 -7.73
N GLN E 611 -27.03 28.12 -6.41
CA GLN E 611 -26.96 29.44 -5.78
C GLN E 611 -25.65 30.13 -6.10
N LEU E 612 -24.57 29.36 -6.28
CA LEU E 612 -23.29 29.95 -6.66
C LEU E 612 -23.29 30.37 -8.13
N LEU E 613 -23.88 29.55 -9.00
CA LEU E 613 -23.84 29.87 -10.43
C LEU E 613 -24.71 31.07 -10.77
N THR E 614 -25.94 31.11 -10.27
CA THR E 614 -26.85 32.22 -10.56
C THR E 614 -26.98 33.10 -9.32
N GLY E 615 -27.01 34.42 -9.54
CA GLY E 615 -27.08 35.36 -8.44
C GLY E 615 -26.08 36.49 -8.56
N ASN E 616 -25.42 36.83 -7.45
CA ASN E 616 -24.44 37.91 -7.43
C ASN E 616 -23.04 37.32 -7.38
N PRO E 617 -22.18 37.61 -8.37
CA PRO E 617 -20.85 36.98 -8.37
C PRO E 617 -19.88 37.63 -7.41
N PHE E 618 -20.00 38.95 -7.23
CA PHE E 618 -19.08 39.66 -6.34
C PHE E 618 -19.29 39.28 -4.88
N ASP E 619 -20.54 39.29 -4.43
CA ASP E 619 -20.88 38.99 -3.05
C ASP E 619 -21.83 37.79 -3.02
N THR E 620 -21.49 36.80 -2.21
CA THR E 620 -22.27 35.57 -2.11
C THR E 620 -22.88 35.47 -0.72
N ASN E 621 -24.16 35.12 -0.66
CA ASN E 621 -24.92 35.02 0.59
C ASN E 621 -25.75 33.75 0.60
N ILE E 622 -25.12 32.61 0.29
CA ILE E 622 -25.84 31.36 0.19
C ILE E 622 -26.55 31.03 1.50
N ASP E 623 -27.62 30.23 1.39
CA ASP E 623 -28.41 29.79 2.54
C ASP E 623 -28.70 28.30 2.36
N LEU E 624 -28.00 27.47 3.12
CA LEU E 624 -28.17 26.02 3.00
C LEU E 624 -29.50 25.59 3.58
N SER E 625 -29.99 24.44 3.11
CA SER E 625 -31.23 23.86 3.57
C SER E 625 -30.94 22.77 4.60
N ASP E 626 -32.01 22.13 5.10
CA ASP E 626 -31.91 21.07 6.08
C ASP E 626 -32.55 19.81 5.51
N VAL E 627 -31.72 18.87 5.09
CA VAL E 627 -32.17 17.58 4.55
C VAL E 627 -31.26 16.50 5.10
N GLU E 628 -31.84 15.36 5.46
CA GLU E 628 -31.07 14.27 6.04
C GLU E 628 -29.96 13.83 5.08
N SER E 629 -28.74 13.71 5.62
CA SER E 629 -27.59 13.42 4.79
C SER E 629 -27.53 11.94 4.42
N GLY E 630 -26.71 11.64 3.42
CA GLY E 630 -26.58 10.26 2.97
C GLY E 630 -25.88 9.38 3.99
N THR E 631 -24.83 9.90 4.63
CA THR E 631 -24.07 9.09 5.57
C THR E 631 -24.94 8.65 6.75
N SER E 632 -25.84 9.51 7.19
CA SER E 632 -26.77 9.13 8.24
C SER E 632 -27.64 7.95 7.81
N LYS E 633 -28.12 7.98 6.57
CA LYS E 633 -28.93 6.87 6.08
C LYS E 633 -28.11 5.59 5.98
N ILE E 634 -26.87 5.69 5.51
CA ILE E 634 -26.01 4.50 5.42
C ILE E 634 -25.80 3.90 6.80
N LEU E 635 -25.47 4.75 7.79
CA LEU E 635 -25.21 4.25 9.13
C LEU E 635 -26.46 3.65 9.74
N LYS E 636 -27.61 4.29 9.54
CA LYS E 636 -28.86 3.75 10.08
C LYS E 636 -29.17 2.39 9.45
N SER E 637 -28.99 2.24 8.14
CA SER E 637 -29.25 0.96 7.50
C SER E 637 -28.31 -0.12 8.03
N LEU E 638 -27.02 0.20 8.15
CA LEU E 638 -26.08 -0.80 8.65
C LEU E 638 -26.39 -1.21 10.08
N PHE E 639 -26.70 -0.23 10.94
CA PHE E 639 -26.98 -0.55 12.34
C PHE E 639 -28.28 -1.34 12.48
N THR E 640 -29.32 -0.98 11.73
CA THR E 640 -30.54 -1.77 11.80
C THR E 640 -30.36 -3.14 11.17
N CYS E 641 -29.39 -3.31 10.28
CA CYS E 641 -29.00 -4.65 9.86
C CYS E 641 -28.36 -5.41 11.01
N LEU E 642 -27.51 -4.74 11.79
CA LEU E 642 -26.93 -5.39 12.97
C LEU E 642 -27.99 -5.72 14.01
N GLY E 643 -28.92 -4.81 14.26
CA GLY E 643 -29.96 -5.03 15.24
C GLY E 643 -30.02 -3.96 16.31
N LEU E 644 -29.29 -2.87 16.12
CA LEU E 644 -29.25 -1.77 17.06
C LEU E 644 -29.60 -0.46 16.36
N SER E 645 -30.17 0.46 17.12
CA SER E 645 -30.57 1.76 16.59
C SER E 645 -30.09 2.86 17.53
N ILE E 646 -29.84 4.03 16.95
CA ILE E 646 -29.44 5.21 17.72
C ILE E 646 -30.67 6.05 17.98
N ASP E 647 -31.00 6.25 19.24
CA ASP E 647 -32.18 7.01 19.64
C ASP E 647 -31.75 8.30 20.34
N ASP E 648 -32.41 9.40 19.97
CA ASP E 648 -32.11 10.70 20.56
C ASP E 648 -32.76 10.81 21.93
N VAL E 649 -32.50 11.93 22.60
CA VAL E 649 -33.03 12.21 23.93
C VAL E 649 -32.65 11.11 24.91
#